data_6IFO
#
_entry.id   6IFO
#
_cell.length_a   106.155
_cell.length_b   214.567
_cell.length_c   131.971
_cell.angle_alpha   90.00
_cell.angle_beta   102.89
_cell.angle_gamma   90.00
#
_symmetry.space_group_name_H-M   'P 1 21 1'
#
loop_
_entity.id
_entity.type
_entity.pdbx_description
1 polymer 'CRISPR-associated endonuclease Cas9/Csn1'
2 polymer 'RNA (99-MER)'
3 polymer AcrIIA2
#
loop_
_entity_poly.entity_id
_entity_poly.type
_entity_poly.pdbx_seq_one_letter_code
_entity_poly.pdbx_strand_id
1 'polypeptide(L)'
;SMDKKYSIGLDIGTNSVGWAVITDEYKVPSKKFKVLGNTDRHSIKKNLIGALLFDSGETAEATRLKRTARRRYTRRKNRI
CYLQEIFSNEMAKVDDSFFHRLEESFLVEEDKKHERHPIFGNIVDEVAYHEKYPTIYHLRKKLVDSTDKADLRLIYLALA
HMIKFRGHFLIEGDLNPDNSDVDKLFIQLVQTYNQLFEENPINASGVDAKAILSARLSKSRRLENLIAQLPGEKKNGLFG
NLIALSLGLTPNFKSNFDLAEDAKLQLSKDTYDDDLDNLLAQIGDQYADLFLAAKNLSDAILLSDILRVNTEITKAPLSA
SMIKRYDEHHQDLTLLKALVRQQLPEKYKEIFFDQSKNGYAGYIDGGASQEEFYKFIKPILEKMDGTEELLVKLNREDLL
RKQRTFDNGSIPHQIHLGELHAILRRQEDFYPFLKDNREKIEKILTFRIPYYVGPLARGNSRFAWMTRKSEETITPWNFE
EVVDKGASAQSFIERMTNFDKNLPNEKVLPKHSLLYEYFTVYNELTKVKYVTEGMRKPAFLSGEQKKAIVDLLFKTNRKV
TVKQLKEDYFKKIECFDSVEISGVEDRFNASLGTYHDLLKIIKDKDFLDNEENEDILEDIVLTLTLFEDREMIEERLKTY
AHLFDDKVMKQLKRRRYTGWGRLSRKLINGIRDKQSGKTILDFLKSDGFANRNFMQLIHDDSLTFKEDIQKAQVSGQGDS
LHEHIANLAGSPAIKKGILQTVKVVDELVKVMGRHKPENIVIEMARENQTTQKGQKNSRERMKRIEEGIKELGSQILKEH
PVENTQLQNEKLYLYYLQNGRDMYVDQELDINRLSDYDVDHIVPQSFLKDDSIDNKVLTRSDKNRGKSDNVPSEEVVKKM
KNYWRQLLNAKLITQRKFDNLTKAERGGLSELDKAGFIKRQLVETRQITKHVAQILDSRMNTKYDENDKLIREVKVITLK
SKLVSDFRKDFQFYKVREINNYHHAHDAYLNAVVGTALIKKYPKLESEFVYGDYKVYDVRKMIAKSEQEIGKATAKYFFY
SNIMNFFKTEITLANGEIRKRPLIETNGETGEIVWDKGRDFATVRKVLSMPQVNIVKKTEVQTGGFSKESILPKRNSDKL
IARKKDWDPKKYGGFDSPTVAYSVLVVAKVEKGKSKKLKSVKELLGITIMERSSFEKNPIDFLEAKGYKEVKKDLIIKLP
KYSLFELENGRKRMLASAGELQKGNELALPSKYVNFLYLASHYEKLKGSPEDNEQKQLFVEQHKHYLDEIIEQISEFSKR
VILADANLDKVLSAYNKHRDKPIREQAENIIHLFTLTNLGAPAAFKYFDTTIDRKRYTSTKEVLDATLIHQSITGLYETR
IDLSQLGGD
;
A,B
2 'polyribonucleotide'
;GGAAAUUAGGUGCGCUUGGCGUUUUAGAGCUAGAAAUAGCAAGUUAAAAUAAGGCUAGUCCGUUAUCAACUUGAAAAAGU
GGCACCGAGUCGGUGCUUC
;
C,D
3 'polypeptide(L)'
;MTLTRAQKKYAEAMHEFINMVDDFEESTPDFAKEVLHDSDYVVITKNEKYAVALCSLSTDECEYDTNLYLDEKLVDYSTV
DVNGVTYYINIVETNDIDDLEIATDEDEMKSGNQEIILKSELK
;
F,E
#
# COMPACT_ATOMS: atom_id res chain seq x y z
N SER A 1 10.73 78.61 -1.20
CA SER A 1 11.05 77.86 -2.44
C SER A 1 10.51 78.58 -3.68
N MET A 2 11.02 78.15 -4.82
CA MET A 2 10.75 78.71 -6.18
C MET A 2 10.17 77.65 -7.16
N ASP A 3 10.34 76.37 -6.84
CA ASP A 3 10.42 75.32 -7.85
C ASP A 3 9.04 75.00 -8.38
N LYS A 4 8.78 75.33 -9.65
CA LYS A 4 7.52 75.00 -10.33
C LYS A 4 7.75 73.86 -11.32
N LYS A 5 8.83 73.10 -11.11
CA LYS A 5 9.00 71.82 -11.73
C LYS A 5 8.36 70.81 -10.81
N TYR A 6 7.71 69.84 -11.41
CA TYR A 6 6.97 68.88 -10.66
C TYR A 6 6.79 67.69 -11.55
N SER A 7 6.71 66.53 -10.94
CA SER A 7 6.37 65.32 -11.65
C SER A 7 5.14 64.69 -11.00
N ILE A 8 4.47 63.86 -11.78
CA ILE A 8 3.22 63.26 -11.39
C ILE A 8 3.37 61.76 -11.28
N GLY A 9 2.68 61.19 -10.30
CA GLY A 9 2.68 59.75 -10.13
C GLY A 9 1.30 59.26 -10.36
N LEU A 10 1.18 58.00 -10.75
CA LEU A 10 -0.11 57.46 -11.07
C LEU A 10 -0.13 55.95 -10.86
N ASP A 11 -1.17 55.46 -10.23
CA ASP A 11 -1.36 54.04 -10.18
C ASP A 11 -2.74 53.80 -10.64
N ILE A 12 -2.81 53.32 -11.85
CA ILE A 12 -4.03 53.15 -12.62
C ILE A 12 -4.69 51.82 -12.28
N GLY A 13 -6.01 51.78 -12.12
CA GLY A 13 -6.71 50.55 -11.68
C GLY A 13 -8.04 50.30 -12.38
N THR A 14 -8.76 49.25 -11.96
CA THR A 14 -10.14 48.99 -12.43
C THR A 14 -11.18 49.57 -11.51
N ASN A 15 -10.76 49.90 -10.29
CA ASN A 15 -11.60 50.55 -9.31
C ASN A 15 -10.93 51.70 -8.62
N SER A 16 -9.77 52.16 -9.11
CA SER A 16 -9.04 53.22 -8.45
C SER A 16 -7.99 53.81 -9.32
N VAL A 17 -7.72 55.08 -9.13
CA VAL A 17 -6.54 55.69 -9.72
C VAL A 17 -5.90 56.54 -8.64
N GLY A 18 -4.79 56.06 -8.11
CA GLY A 18 -3.99 56.86 -7.20
C GLY A 18 -3.13 57.80 -7.99
N TRP A 19 -2.95 58.97 -7.43
CA TRP A 19 -2.19 60.00 -8.09
C TRP A 19 -1.47 60.81 -7.03
N ALA A 20 -0.32 61.36 -7.41
CA ALA A 20 0.44 62.20 -6.54
C ALA A 20 1.26 63.19 -7.37
N VAL A 21 1.52 64.34 -6.76
CA VAL A 21 2.41 65.35 -7.31
C VAL A 21 3.61 65.43 -6.40
N ILE A 22 4.81 65.41 -7.00
CA ILE A 22 6.00 65.66 -6.23
C ILE A 22 6.84 66.77 -6.85
N THR A 23 7.77 67.28 -6.03
CA THR A 23 8.81 68.28 -6.39
C THR A 23 10.15 67.54 -6.63
N ASP A 24 11.19 68.27 -7.05
CA ASP A 24 12.52 67.65 -7.24
C ASP A 24 13.07 66.99 -5.97
N GLU A 25 12.60 67.46 -4.81
CA GLU A 25 13.03 66.95 -3.51
C GLU A 25 12.15 65.84 -2.94
N TYR A 26 11.29 65.26 -3.77
CA TYR A 26 10.43 64.13 -3.37
C TYR A 26 9.42 64.52 -2.31
N LYS A 27 9.09 65.81 -2.23
CA LYS A 27 8.08 66.29 -1.30
C LYS A 27 6.75 66.31 -2.01
N VAL A 28 5.67 66.24 -1.24
CA VAL A 28 4.33 66.40 -1.77
C VAL A 28 3.84 67.80 -1.39
N PRO A 29 3.67 68.68 -2.40
CA PRO A 29 3.33 70.07 -2.08
C PRO A 29 1.97 70.27 -1.44
N SER A 30 1.78 71.48 -0.96
CA SER A 30 0.67 71.85 -0.13
C SER A 30 0.16 73.15 -0.76
N LYS A 31 -1.16 73.27 -0.92
CA LYS A 31 -1.78 74.52 -1.40
C LYS A 31 -3.18 74.76 -0.78
N LYS A 32 -3.51 76.04 -0.56
CA LYS A 32 -4.90 76.48 -0.30
C LYS A 32 -5.67 76.51 -1.62
N PHE A 33 -6.93 76.11 -1.55
CA PHE A 33 -7.74 75.99 -2.75
C PHE A 33 -9.07 76.69 -2.57
N LYS A 34 -9.42 77.48 -3.57
CA LYS A 34 -10.61 78.28 -3.48
C LYS A 34 -11.84 77.37 -3.33
N VAL A 35 -12.60 77.61 -2.25
CA VAL A 35 -13.80 76.84 -1.89
C VAL A 35 -15.02 77.64 -2.27
N LEU A 36 -15.64 77.29 -3.38
CA LEU A 36 -16.83 77.98 -3.83
C LEU A 36 -17.99 77.51 -2.97
N GLY A 37 -19.04 78.32 -2.89
CA GLY A 37 -20.23 77.96 -2.12
C GLY A 37 -20.78 79.06 -1.22
N ASN A 38 -21.85 78.71 -0.51
CA ASN A 38 -22.64 79.62 0.32
C ASN A 38 -22.32 79.54 1.81
N THR A 39 -21.38 78.66 2.16
CA THR A 39 -20.97 78.53 3.54
C THR A 39 -20.01 79.68 3.77
N ASP A 40 -19.40 79.69 4.94
CA ASP A 40 -18.46 80.74 5.34
C ASP A 40 -17.01 80.39 4.97
N ARG A 41 -16.67 79.10 4.94
CA ARG A 41 -15.35 78.63 4.46
C ARG A 41 -15.08 79.04 3.00
N HIS A 42 -14.09 79.89 2.79
CA HIS A 42 -13.77 80.34 1.43
C HIS A 42 -12.40 79.92 0.87
N SER A 43 -11.58 79.22 1.66
CA SER A 43 -10.43 78.43 1.14
C SER A 43 -9.92 77.41 2.19
N ILE A 44 -9.37 76.29 1.71
CA ILE A 44 -8.69 75.29 2.56
C ILE A 44 -7.48 74.72 1.86
N LYS A 45 -6.60 74.13 2.67
CA LYS A 45 -5.39 73.52 2.16
C LYS A 45 -5.59 72.06 1.95
N LYS A 46 -4.87 71.57 0.96
CA LYS A 46 -4.89 70.18 0.62
C LYS A 46 -3.51 69.77 0.10
N ASN A 47 -3.05 68.61 0.53
CA ASN A 47 -1.86 68.02 -0.01
C ASN A 47 -2.16 67.49 -1.40
N LEU A 48 -1.21 67.68 -2.32
CA LEU A 48 -1.32 67.20 -3.71
C LEU A 48 -1.08 65.69 -3.86
N ILE A 49 -2.06 64.95 -3.37
CA ILE A 49 -2.05 63.53 -3.44
C ILE A 49 -3.48 63.08 -3.17
N GLY A 50 -3.83 61.94 -3.71
CA GLY A 50 -5.17 61.41 -3.54
C GLY A 50 -5.40 60.26 -4.47
N ALA A 51 -6.67 59.85 -4.55
CA ALA A 51 -7.03 58.73 -5.42
C ALA A 51 -8.50 58.73 -5.74
N LEU A 52 -8.81 58.49 -7.00
CA LEU A 52 -10.16 58.41 -7.46
C LEU A 52 -10.62 56.98 -7.53
N LEU A 53 -11.71 56.76 -6.83
CA LEU A 53 -12.39 55.49 -6.75
C LEU A 53 -13.66 55.52 -7.58
N PHE A 54 -14.03 54.38 -8.13
CA PHE A 54 -15.20 54.26 -9.01
C PHE A 54 -15.62 52.82 -9.26
N ASP A 55 -16.92 52.59 -9.42
CA ASP A 55 -17.42 51.27 -9.77
C ASP A 55 -16.86 50.85 -11.10
N SER A 56 -16.65 49.54 -11.25
CA SER A 56 -15.99 49.02 -12.45
C SER A 56 -16.84 49.32 -13.66
N GLY A 57 -16.19 49.33 -14.82
CA GLY A 57 -16.86 49.41 -16.11
C GLY A 57 -17.23 48.03 -16.65
N GLU A 58 -18.49 47.88 -17.10
CA GLU A 58 -19.09 46.58 -17.44
C GLU A 58 -19.24 46.42 -18.97
N THR A 59 -19.21 45.15 -19.37
CA THR A 59 -19.14 44.77 -20.76
C THR A 59 -20.51 45.00 -21.44
N ALA A 60 -20.50 45.20 -22.74
CA ALA A 60 -21.74 45.22 -23.52
C ALA A 60 -22.43 43.89 -23.62
N GLU A 61 -21.70 42.80 -23.44
CA GLU A 61 -22.22 41.50 -23.81
C GLU A 61 -23.48 41.27 -23.04
N ALA A 62 -23.51 41.73 -21.80
CA ALA A 62 -24.66 41.46 -20.98
C ALA A 62 -25.86 42.05 -21.67
N THR A 63 -25.73 43.25 -22.19
CA THR A 63 -26.82 43.92 -22.89
C THR A 63 -27.21 43.20 -24.17
N ARG A 64 -26.21 42.75 -24.90
CA ARG A 64 -26.43 41.94 -26.11
C ARG A 64 -27.37 40.77 -25.86
N LEU A 65 -27.16 40.02 -24.80
CA LEU A 65 -28.01 38.86 -24.53
C LEU A 65 -29.43 39.30 -24.35
N LYS A 66 -29.62 40.44 -23.71
CA LYS A 66 -30.94 41.01 -23.55
C LYS A 66 -31.50 41.35 -24.92
N ARG A 67 -30.67 41.93 -25.78
CA ARG A 67 -31.10 42.38 -27.11
C ARG A 67 -31.62 41.25 -28.00
N THR A 68 -30.88 40.16 -28.08
CA THR A 68 -31.33 39.00 -28.85
C THR A 68 -32.55 38.39 -28.18
N ALA A 69 -32.48 38.19 -26.86
CA ALA A 69 -33.65 37.76 -26.10
C ALA A 69 -34.88 38.50 -26.59
N ARG A 70 -34.77 39.83 -26.59
CA ARG A 70 -35.81 40.72 -27.12
C ARG A 70 -36.12 40.49 -28.60
N ARG A 71 -35.10 40.28 -29.42
CA ARG A 71 -35.33 40.03 -30.83
C ARG A 71 -36.02 38.72 -31.10
N ARG A 72 -35.77 37.71 -30.28
CA ARG A 72 -36.32 36.39 -30.53
C ARG A 72 -37.80 36.43 -30.29
N TYR A 73 -38.17 36.81 -29.07
CA TYR A 73 -39.58 36.97 -28.68
C TYR A 73 -40.44 37.82 -29.62
N THR A 74 -39.87 38.87 -30.20
CA THR A 74 -40.60 39.75 -31.11
C THR A 74 -40.92 39.11 -32.45
N ARG A 75 -40.03 38.25 -32.92
CA ARG A 75 -40.20 37.64 -34.22
C ARG A 75 -40.96 36.34 -34.14
N ARG A 76 -41.05 35.77 -32.95
CA ARG A 76 -42.00 34.70 -32.71
C ARG A 76 -43.43 35.26 -32.72
N LYS A 77 -43.66 36.40 -32.06
CA LYS A 77 -44.98 36.99 -32.09
C LYS A 77 -45.45 37.26 -33.51
N ASN A 78 -44.50 37.49 -34.42
CA ASN A 78 -44.81 37.74 -35.83
C ASN A 78 -45.21 36.50 -36.64
N ARG A 79 -44.52 35.38 -36.39
CA ARG A 79 -44.94 34.10 -36.98
C ARG A 79 -46.44 33.90 -36.77
N ILE A 80 -46.87 33.93 -35.51
CA ILE A 80 -48.27 33.70 -35.20
C ILE A 80 -49.17 34.70 -35.97
N CYS A 81 -48.75 35.97 -36.04
CA CYS A 81 -49.50 36.97 -36.79
C CYS A 81 -49.59 36.66 -38.28
N TYR A 82 -48.59 36.00 -38.85
CA TYR A 82 -48.69 35.55 -40.24
C TYR A 82 -49.74 34.43 -40.41
N LEU A 83 -49.89 33.60 -39.37
CA LEU A 83 -50.88 32.51 -39.35
C LEU A 83 -52.29 33.06 -39.25
N GLN A 84 -52.54 33.88 -38.24
CA GLN A 84 -53.88 34.36 -37.97
C GLN A 84 -54.38 35.17 -39.14
N GLU A 85 -53.49 35.93 -39.75
CA GLU A 85 -53.86 36.75 -40.87
C GLU A 85 -54.38 35.88 -42.00
N ILE A 86 -53.69 34.78 -42.28
CA ILE A 86 -54.17 33.88 -43.32
C ILE A 86 -55.50 33.25 -42.93
N PHE A 87 -55.56 32.80 -41.69
CA PHE A 87 -56.73 32.17 -41.12
C PHE A 87 -57.92 33.10 -40.96
N SER A 88 -57.63 34.35 -40.64
CA SER A 88 -58.62 35.23 -40.04
C SER A 88 -59.85 35.42 -40.91
N ASN A 89 -59.66 35.57 -42.21
CA ASN A 89 -60.80 35.84 -43.06
C ASN A 89 -61.79 34.70 -42.99
N GLU A 90 -61.29 33.47 -43.08
CA GLU A 90 -62.14 32.30 -42.90
C GLU A 90 -62.68 32.14 -41.50
N MET A 91 -61.85 32.41 -40.51
CA MET A 91 -62.20 32.16 -39.13
C MET A 91 -63.39 33.01 -38.75
N ALA A 92 -63.42 34.22 -39.29
CA ALA A 92 -64.45 35.18 -38.95
C ALA A 92 -65.79 34.57 -39.29
N LYS A 93 -65.81 33.79 -40.36
CA LYS A 93 -67.01 33.09 -40.75
C LYS A 93 -67.43 32.12 -39.65
N VAL A 94 -66.45 31.49 -39.00
CA VAL A 94 -66.75 30.41 -38.06
C VAL A 94 -66.88 30.91 -36.64
N ASP A 95 -65.96 31.78 -36.23
CA ASP A 95 -66.09 32.48 -34.96
C ASP A 95 -65.82 33.97 -35.13
N ASP A 96 -66.73 34.82 -34.67
CA ASP A 96 -66.52 36.25 -34.80
C ASP A 96 -65.34 36.74 -34.01
N SER A 97 -65.21 36.22 -32.79
CA SER A 97 -64.21 36.70 -31.84
C SER A 97 -63.22 35.67 -31.36
N PHE A 98 -62.99 34.60 -32.12
CA PHE A 98 -62.15 33.52 -31.61
C PHE A 98 -60.74 34.00 -31.32
N PHE A 99 -60.16 34.72 -32.26
CA PHE A 99 -58.80 35.20 -32.06
C PHE A 99 -58.78 36.16 -30.91
N HIS A 100 -59.83 36.95 -30.79
CA HIS A 100 -59.87 37.96 -29.76
C HIS A 100 -59.81 37.33 -28.38
N ARG A 101 -60.49 36.21 -28.19
CA ARG A 101 -60.48 35.57 -26.88
C ARG A 101 -59.06 35.17 -26.53
N LEU A 102 -58.31 34.69 -27.50
CA LEU A 102 -56.91 34.32 -27.30
C LEU A 102 -56.10 35.53 -26.94
N GLU A 103 -56.43 36.64 -27.57
CA GLU A 103 -55.68 37.86 -27.39
C GLU A 103 -55.74 38.19 -25.91
N GLU A 104 -56.90 37.93 -25.33
CA GLU A 104 -57.17 38.28 -23.95
C GLU A 104 -57.17 37.10 -23.01
N SER A 105 -56.43 36.06 -23.34
CA SER A 105 -56.40 34.88 -22.50
C SER A 105 -55.87 35.22 -21.13
N PHE A 106 -54.88 36.09 -21.07
CA PHE A 106 -54.17 36.39 -19.84
C PHE A 106 -55.10 36.96 -18.77
N LEU A 107 -56.04 37.78 -19.21
CA LEU A 107 -56.78 38.71 -18.39
C LEU A 107 -57.71 37.97 -17.48
N VAL A 108 -58.06 38.58 -16.35
CA VAL A 108 -59.05 38.02 -15.42
C VAL A 108 -60.46 38.23 -15.99
N GLU A 109 -61.42 37.41 -15.53
CA GLU A 109 -62.84 37.51 -15.92
C GLU A 109 -63.41 38.93 -15.88
N GLU A 110 -62.94 39.73 -14.92
CA GLU A 110 -63.44 41.08 -14.72
C GLU A 110 -63.05 42.03 -15.84
N ASP A 111 -61.94 41.74 -16.52
CA ASP A 111 -61.40 42.62 -17.54
C ASP A 111 -61.57 42.10 -18.97
N LYS A 112 -61.97 40.84 -19.13
CA LYS A 112 -62.21 40.28 -20.46
C LYS A 112 -63.38 41.00 -21.11
N LYS A 113 -63.21 41.40 -22.37
CA LYS A 113 -64.30 41.97 -23.18
C LYS A 113 -65.04 40.89 -24.01
N HIS A 114 -64.73 39.60 -23.77
CA HIS A 114 -65.47 38.49 -24.39
C HIS A 114 -65.59 37.34 -23.39
N GLU A 115 -66.15 36.22 -23.86
CA GLU A 115 -66.44 35.10 -22.98
C GLU A 115 -65.18 34.43 -22.51
N ARG A 116 -65.21 34.00 -21.25
CA ARG A 116 -64.04 33.47 -20.54
C ARG A 116 -63.47 32.12 -20.98
N HIS A 117 -64.17 31.37 -21.83
CA HIS A 117 -63.63 30.12 -22.33
C HIS A 117 -63.07 30.34 -23.73
N PRO A 118 -61.74 30.15 -23.91
CA PRO A 118 -61.06 30.68 -25.10
C PRO A 118 -61.33 30.05 -26.46
N ILE A 119 -61.33 28.72 -26.52
CA ILE A 119 -61.39 28.04 -27.81
C ILE A 119 -62.81 28.10 -28.40
N PHE A 120 -63.79 27.71 -27.59
CA PHE A 120 -65.16 27.55 -28.03
C PHE A 120 -66.11 28.60 -27.49
N GLY A 121 -65.80 29.20 -26.34
CA GLY A 121 -66.66 30.25 -25.81
C GLY A 121 -67.85 29.81 -24.97
N ASN A 122 -68.06 28.51 -24.76
CA ASN A 122 -69.04 28.03 -23.76
C ASN A 122 -68.46 26.88 -22.98
N ILE A 123 -68.84 26.80 -21.72
CA ILE A 123 -68.22 25.85 -20.81
C ILE A 123 -68.47 24.39 -21.21
N VAL A 124 -69.57 24.13 -21.91
CA VAL A 124 -69.94 22.76 -22.30
C VAL A 124 -68.99 22.18 -23.34
N ASP A 125 -68.82 22.94 -24.43
CA ASP A 125 -67.91 22.56 -25.51
C ASP A 125 -66.46 22.49 -25.05
N GLU A 126 -66.01 23.48 -24.29
CA GLU A 126 -64.68 23.41 -23.71
C GLU A 126 -64.45 22.14 -22.86
N VAL A 127 -65.17 22.01 -21.74
CA VAL A 127 -64.94 20.86 -20.85
C VAL A 127 -64.94 19.54 -21.62
N ALA A 128 -65.82 19.44 -22.63
CA ALA A 128 -65.85 18.26 -23.50
C ALA A 128 -64.48 18.04 -24.15
N TYR A 129 -64.01 19.10 -24.81
CA TYR A 129 -62.74 19.08 -25.55
C TYR A 129 -61.55 18.65 -24.71
N HIS A 130 -61.47 19.13 -23.49
CA HIS A 130 -60.38 18.76 -22.61
C HIS A 130 -60.41 17.30 -22.14
N GLU A 131 -61.60 16.73 -21.97
CA GLU A 131 -61.69 15.28 -21.70
C GLU A 131 -61.36 14.48 -22.96
N LYS A 132 -61.68 15.01 -24.13
CA LYS A 132 -61.34 14.37 -25.38
C LYS A 132 -59.89 14.58 -25.84
N TYR A 133 -59.27 15.73 -25.50
CA TYR A 133 -57.88 16.05 -25.91
C TYR A 133 -57.10 16.59 -24.73
N PRO A 134 -56.68 15.69 -23.81
CA PRO A 134 -56.04 16.13 -22.58
C PRO A 134 -54.77 16.96 -22.79
N THR A 135 -54.10 16.79 -23.93
CA THR A 135 -52.98 17.66 -24.35
C THR A 135 -53.21 18.16 -25.76
N ILE A 136 -52.38 19.11 -26.16
CA ILE A 136 -52.31 19.52 -27.54
C ILE A 136 -51.87 18.40 -28.46
N TYR A 137 -51.12 17.42 -27.96
CA TYR A 137 -50.58 16.35 -28.80
C TYR A 137 -51.63 15.34 -29.20
N HIS A 138 -52.64 15.18 -28.36
CA HIS A 138 -53.81 14.38 -28.71
C HIS A 138 -54.53 15.02 -29.87
N LEU A 139 -54.67 16.33 -29.81
CA LEU A 139 -55.25 17.05 -30.93
C LEU A 139 -54.40 16.92 -32.17
N ARG A 140 -53.09 16.98 -32.01
CA ARG A 140 -52.20 16.97 -33.16
C ARG A 140 -52.21 15.62 -33.84
N LYS A 141 -52.15 14.55 -33.05
CA LYS A 141 -52.20 13.23 -33.62
C LYS A 141 -53.48 13.03 -34.43
N LYS A 142 -54.63 13.35 -33.83
CA LYS A 142 -55.93 13.16 -34.48
C LYS A 142 -55.98 13.87 -35.80
N LEU A 143 -55.51 15.10 -35.82
CA LEU A 143 -55.53 15.89 -37.05
C LEU A 143 -54.58 15.33 -38.12
N VAL A 144 -53.43 14.84 -37.67
CA VAL A 144 -52.42 14.24 -38.54
C VAL A 144 -52.92 12.96 -39.18
N ASP A 145 -53.62 12.14 -38.39
CA ASP A 145 -54.14 10.84 -38.84
C ASP A 145 -55.53 10.90 -39.47
N SER A 146 -56.52 11.39 -38.73
CA SER A 146 -57.92 11.31 -39.18
C SER A 146 -58.15 11.84 -40.58
N THR A 147 -59.23 11.32 -41.17
CA THR A 147 -59.69 11.69 -42.50
C THR A 147 -60.91 12.61 -42.47
N ASP A 148 -61.44 12.90 -41.29
CA ASP A 148 -62.58 13.79 -41.16
C ASP A 148 -62.12 15.22 -41.25
N LYS A 149 -63.02 16.04 -41.80
CA LYS A 149 -62.98 17.47 -41.69
C LYS A 149 -62.95 17.81 -40.21
N ALA A 150 -62.12 18.78 -39.87
CA ALA A 150 -61.93 19.18 -38.49
C ALA A 150 -62.38 20.62 -38.31
N ASP A 151 -62.84 20.97 -37.11
CA ASP A 151 -63.20 22.34 -36.79
C ASP A 151 -62.01 23.25 -37.04
N LEU A 152 -62.27 24.43 -37.61
CA LEU A 152 -61.16 25.31 -38.03
C LEU A 152 -60.35 25.99 -36.91
N ARG A 153 -60.91 26.14 -35.72
CA ARG A 153 -60.13 26.65 -34.58
C ARG A 153 -59.08 25.63 -34.16
N LEU A 154 -59.47 24.37 -34.21
CA LEU A 154 -58.62 23.28 -33.77
C LEU A 154 -57.47 23.04 -34.72
N ILE A 155 -57.73 23.22 -36.00
CA ILE A 155 -56.67 23.12 -36.97
C ILE A 155 -55.68 24.24 -36.70
N TYR A 156 -56.18 25.42 -36.35
CA TYR A 156 -55.32 26.56 -36.07
C TYR A 156 -54.43 26.21 -34.89
N LEU A 157 -55.04 25.87 -33.76
CA LEU A 157 -54.25 25.62 -32.55
C LEU A 157 -53.10 24.68 -32.82
N ALA A 158 -53.41 23.51 -33.40
CA ALA A 158 -52.39 22.53 -33.75
C ALA A 158 -51.26 23.23 -34.50
N LEU A 159 -51.62 23.90 -35.58
CA LEU A 159 -50.61 24.57 -36.41
C LEU A 159 -49.89 25.70 -35.67
N ALA A 160 -50.61 26.44 -34.85
CA ALA A 160 -49.97 27.51 -34.11
C ALA A 160 -49.05 26.99 -33.00
N HIS A 161 -49.19 25.74 -32.59
CA HIS A 161 -48.36 25.21 -31.53
C HIS A 161 -47.13 24.52 -32.08
N MET A 162 -47.16 24.18 -33.37
CA MET A 162 -45.97 23.69 -34.05
C MET A 162 -45.14 24.88 -34.48
N ILE A 163 -45.81 25.98 -34.81
CA ILE A 163 -45.14 27.18 -35.28
C ILE A 163 -44.55 27.98 -34.13
N LYS A 164 -45.31 28.13 -33.07
CA LYS A 164 -44.84 28.91 -31.92
C LYS A 164 -43.56 28.31 -31.34
N PHE A 165 -43.60 26.99 -31.14
CA PHE A 165 -42.51 26.20 -30.55
C PHE A 165 -42.06 25.21 -31.59
N ARG A 166 -41.14 25.68 -32.39
CA ARG A 166 -40.92 25.08 -33.66
C ARG A 166 -39.67 24.23 -33.70
N GLY A 167 -39.04 24.01 -32.55
CA GLY A 167 -37.85 23.17 -32.45
C GLY A 167 -36.63 23.73 -33.15
N HIS A 168 -35.56 22.95 -33.15
CA HIS A 168 -34.25 23.43 -33.56
C HIS A 168 -34.01 23.37 -35.06
N PHE A 169 -32.97 24.10 -35.48
CA PHE A 169 -32.50 24.11 -36.88
C PHE A 169 -31.04 23.66 -37.01
N LEU A 170 -30.55 22.91 -36.02
CA LEU A 170 -29.20 22.35 -36.07
C LEU A 170 -28.93 21.52 -37.34
N ILE A 171 -29.96 20.85 -37.86
CA ILE A 171 -29.80 19.96 -38.97
C ILE A 171 -30.36 20.59 -40.23
N GLU A 172 -29.53 20.61 -41.26
CA GLU A 172 -29.81 21.26 -42.53
C GLU A 172 -30.41 20.22 -43.49
N GLY A 173 -31.42 20.61 -44.27
CA GLY A 173 -32.07 19.70 -45.23
C GLY A 173 -33.05 18.73 -44.60
N ASP A 174 -33.36 17.65 -45.31
CA ASP A 174 -34.28 16.64 -44.76
C ASP A 174 -33.50 15.81 -43.79
N LEU A 175 -34.24 15.21 -42.88
CA LEU A 175 -33.63 14.28 -41.96
C LEU A 175 -33.21 13.03 -42.74
N ASN A 176 -32.08 12.47 -42.38
CA ASN A 176 -31.63 11.21 -42.94
C ASN A 176 -30.70 10.54 -41.95
N PRO A 177 -30.23 9.33 -42.24
CA PRO A 177 -29.44 8.65 -41.24
C PRO A 177 -28.10 9.30 -40.90
N ASP A 178 -27.43 9.85 -41.91
CA ASP A 178 -26.10 10.44 -41.71
C ASP A 178 -26.14 11.70 -40.83
N ASN A 179 -27.27 12.41 -40.80
CA ASN A 179 -27.42 13.55 -39.89
C ASN A 179 -28.29 13.30 -38.63
N SER A 180 -29.10 12.24 -38.61
CA SER A 180 -30.06 12.00 -37.52
C SER A 180 -29.95 10.68 -36.78
N ASP A 181 -29.49 9.63 -37.44
CA ASP A 181 -29.43 8.28 -36.83
C ASP A 181 -28.31 8.08 -35.82
N VAL A 182 -28.57 7.21 -34.86
CA VAL A 182 -27.72 7.09 -33.68
C VAL A 182 -26.40 6.40 -34.01
N ASP A 183 -26.48 5.34 -34.80
CA ASP A 183 -25.31 4.60 -35.29
C ASP A 183 -24.36 5.48 -36.12
N LYS A 184 -24.89 6.18 -37.13
CA LYS A 184 -24.07 7.03 -38.00
C LYS A 184 -23.27 8.03 -37.16
N LEU A 185 -23.99 8.73 -36.27
CA LEU A 185 -23.39 9.68 -35.35
C LEU A 185 -22.50 9.02 -34.30
N PHE A 186 -22.71 7.74 -34.06
CA PHE A 186 -21.76 6.93 -33.32
C PHE A 186 -20.50 6.73 -34.15
N ILE A 187 -20.66 6.39 -35.42
CA ILE A 187 -19.52 6.18 -36.31
C ILE A 187 -18.66 7.42 -36.41
N GLN A 188 -19.30 8.54 -36.75
CA GLN A 188 -18.60 9.81 -36.81
C GLN A 188 -17.80 10.06 -35.53
N LEU A 189 -18.34 9.63 -34.38
CA LEU A 189 -17.63 9.76 -33.10
C LEU A 189 -16.33 8.99 -33.05
N VAL A 190 -16.39 7.70 -33.37
CA VAL A 190 -15.21 6.87 -33.32
C VAL A 190 -14.21 7.25 -34.42
N GLN A 191 -14.75 7.61 -35.58
CA GLN A 191 -13.97 8.23 -36.64
C GLN A 191 -13.22 9.47 -36.17
N THR A 192 -13.93 10.34 -35.45
CA THR A 192 -13.32 11.51 -34.82
C THR A 192 -12.31 11.09 -33.74
N TYR A 193 -12.63 10.02 -33.00
CA TYR A 193 -11.70 9.48 -32.02
C TYR A 193 -10.43 8.93 -32.65
N ASN A 194 -10.57 8.10 -33.68
CA ASN A 194 -9.38 7.51 -34.30
C ASN A 194 -8.55 8.52 -35.10
N GLN A 195 -9.18 9.53 -35.65
CA GLN A 195 -8.43 10.52 -36.40
C GLN A 195 -7.47 11.14 -35.43
N LEU A 196 -7.98 11.40 -34.23
CA LEU A 196 -7.19 11.90 -33.13
C LEU A 196 -6.14 10.90 -32.71
N PHE A 197 -6.49 9.62 -32.75
CA PHE A 197 -5.68 8.57 -32.15
C PHE A 197 -5.34 7.45 -33.12
N GLU A 198 -4.46 7.74 -34.06
CA GLU A 198 -4.02 6.74 -35.02
C GLU A 198 -3.29 5.63 -34.28
N GLU A 199 -2.52 6.01 -33.27
CA GLU A 199 -1.72 5.05 -32.53
C GLU A 199 -2.56 4.01 -31.83
N ASN A 200 -3.68 4.42 -31.27
CA ASN A 200 -4.51 3.51 -30.49
C ASN A 200 -5.96 3.53 -30.96
N PRO A 201 -6.19 2.88 -32.18
CA PRO A 201 -7.58 3.01 -32.65
C PRO A 201 -8.59 2.22 -31.85
N ILE A 202 -9.83 2.67 -31.91
CA ILE A 202 -11.03 1.88 -31.55
C ILE A 202 -11.59 1.25 -32.84
N ASN A 203 -11.87 -0.05 -32.83
CA ASN A 203 -12.60 -0.72 -33.92
C ASN A 203 -13.89 -1.29 -33.33
N ALA A 204 -15.01 -0.85 -33.88
CA ALA A 204 -16.34 -1.26 -33.41
C ALA A 204 -17.19 -1.76 -34.56
N SER A 205 -16.55 -2.39 -35.56
CA SER A 205 -17.22 -2.80 -36.80
C SER A 205 -18.44 -3.71 -36.58
N GLY A 206 -18.29 -4.78 -35.80
CA GLY A 206 -19.43 -5.59 -35.36
C GLY A 206 -20.41 -4.92 -34.39
N VAL A 207 -19.94 -3.93 -33.62
CA VAL A 207 -20.71 -3.41 -32.48
C VAL A 207 -22.04 -2.77 -32.91
N ASP A 208 -23.14 -3.21 -32.31
CA ASP A 208 -24.48 -2.61 -32.53
C ASP A 208 -24.83 -1.49 -31.53
N ALA A 209 -24.42 -0.28 -31.90
CA ALA A 209 -24.55 0.90 -31.04
C ALA A 209 -26.01 1.35 -30.85
N LYS A 210 -26.73 1.43 -31.96
CA LYS A 210 -28.11 1.87 -31.96
C LYS A 210 -28.90 1.14 -30.88
N ALA A 211 -28.82 -0.19 -30.90
CA ALA A 211 -29.59 -1.00 -29.98
C ALA A 211 -29.16 -0.82 -28.54
N ILE A 212 -27.84 -0.87 -28.30
CA ILE A 212 -27.29 -0.76 -26.94
C ILE A 212 -27.78 0.56 -26.34
N LEU A 213 -27.45 1.66 -27.01
CA LEU A 213 -27.79 2.98 -26.49
C LEU A 213 -29.28 3.27 -26.42
N SER A 214 -29.99 2.87 -27.47
CA SER A 214 -31.40 3.18 -27.65
C SER A 214 -32.32 2.58 -26.58
N ALA A 215 -31.97 1.40 -26.10
CA ALA A 215 -32.85 0.60 -25.26
C ALA A 215 -33.16 1.30 -23.96
N ARG A 216 -34.30 0.98 -23.37
CA ARG A 216 -34.77 1.67 -22.19
C ARG A 216 -34.14 1.11 -20.92
N LEU A 217 -32.98 1.63 -20.58
CA LEU A 217 -32.23 1.23 -19.41
C LEU A 217 -31.58 2.47 -18.82
N SER A 218 -31.17 2.40 -17.56
CA SER A 218 -30.57 3.56 -16.93
C SER A 218 -29.32 3.95 -17.67
N LYS A 219 -29.11 5.24 -17.81
CA LYS A 219 -27.97 5.78 -18.54
C LYS A 219 -26.72 4.96 -18.23
N SER A 220 -26.50 4.74 -16.93
CA SER A 220 -25.30 4.03 -16.44
C SER A 220 -25.21 2.58 -16.90
N ARG A 221 -26.34 1.91 -17.11
CA ARG A 221 -26.32 0.55 -17.65
C ARG A 221 -25.86 0.56 -19.09
N ARG A 222 -26.48 1.44 -19.87
CA ARG A 222 -26.15 1.56 -21.28
C ARG A 222 -24.66 1.87 -21.44
N LEU A 223 -24.12 2.65 -20.51
CA LEU A 223 -22.69 2.96 -20.54
C LEU A 223 -21.82 1.71 -20.37
N GLU A 224 -22.22 0.81 -19.47
CA GLU A 224 -21.49 -0.47 -19.23
C GLU A 224 -21.60 -1.44 -20.40
N ASN A 225 -22.80 -1.52 -20.98
CA ASN A 225 -23.05 -2.44 -22.09
C ASN A 225 -22.30 -2.04 -23.34
N LEU A 226 -22.03 -0.75 -23.51
CA LEU A 226 -21.26 -0.31 -24.64
C LEU A 226 -19.77 -0.60 -24.44
N ILE A 227 -19.18 -0.13 -23.33
CA ILE A 227 -17.76 -0.40 -23.00
C ILE A 227 -17.51 -1.91 -22.91
N ALA A 228 -18.56 -2.67 -22.59
CA ALA A 228 -18.53 -4.12 -22.68
C ALA A 228 -18.22 -4.70 -24.08
N GLN A 229 -18.47 -3.95 -25.14
CA GLN A 229 -18.15 -4.46 -26.47
C GLN A 229 -16.76 -4.07 -26.94
N LEU A 230 -16.09 -3.21 -26.18
CA LEU A 230 -14.82 -2.61 -26.58
C LEU A 230 -13.69 -3.02 -25.64
N PRO A 231 -13.19 -4.27 -25.81
CA PRO A 231 -12.10 -4.70 -24.94
C PRO A 231 -10.93 -3.74 -25.12
N GLY A 232 -10.27 -3.41 -24.02
CA GLY A 232 -9.23 -2.39 -24.01
C GLY A 232 -9.72 -0.95 -23.86
N GLU A 233 -11.01 -0.78 -23.58
CA GLU A 233 -11.50 0.50 -23.10
C GLU A 233 -12.04 0.37 -21.69
N LYS A 234 -11.54 1.23 -20.82
CA LYS A 234 -11.95 1.33 -19.41
C LYS A 234 -13.22 2.16 -19.40
N LYS A 235 -14.15 1.78 -18.53
CA LYS A 235 -15.40 2.49 -18.30
C LYS A 235 -15.27 3.98 -18.07
N ASN A 236 -14.21 4.38 -17.37
CA ASN A 236 -13.87 5.79 -17.26
C ASN A 236 -12.64 6.16 -18.11
N GLY A 237 -12.50 5.49 -19.26
CA GLY A 237 -11.48 5.83 -20.24
C GLY A 237 -11.81 7.17 -20.89
N LEU A 238 -11.04 7.58 -21.89
CA LEU A 238 -11.39 8.80 -22.61
C LEU A 238 -12.55 8.53 -23.53
N PHE A 239 -12.58 7.33 -24.12
CA PHE A 239 -13.71 6.92 -24.93
C PHE A 239 -14.95 6.61 -24.11
N GLY A 240 -14.78 6.02 -22.92
CA GLY A 240 -15.89 5.72 -22.02
C GLY A 240 -16.57 6.94 -21.42
N ASN A 241 -15.77 7.89 -20.95
CA ASN A 241 -16.31 9.17 -20.50
C ASN A 241 -16.96 10.01 -21.61
N LEU A 242 -16.56 9.78 -22.86
CA LEU A 242 -17.22 10.41 -24.02
C LEU A 242 -18.64 9.89 -24.30
N ILE A 243 -18.86 8.61 -24.07
CA ILE A 243 -20.20 8.06 -24.18
C ILE A 243 -21.04 8.47 -22.98
N ALA A 244 -20.42 8.45 -21.80
CA ALA A 244 -21.05 8.93 -20.59
C ALA A 244 -21.61 10.32 -20.82
N LEU A 245 -20.78 11.22 -21.33
CA LEU A 245 -21.24 12.56 -21.72
C LEU A 245 -22.40 12.45 -22.70
N SER A 246 -22.26 11.55 -23.69
CA SER A 246 -23.32 11.33 -24.69
C SER A 246 -24.67 10.90 -24.13
N LEU A 247 -24.68 10.21 -22.99
CA LEU A 247 -25.91 9.77 -22.35
C LEU A 247 -26.48 10.78 -21.38
N GLY A 248 -25.72 11.82 -21.07
CA GLY A 248 -26.14 12.94 -20.23
C GLY A 248 -25.55 12.92 -18.84
N LEU A 249 -24.55 12.06 -18.62
CA LEU A 249 -23.96 11.90 -17.31
C LEU A 249 -22.91 12.99 -17.11
N THR A 250 -22.23 12.90 -15.98
CA THR A 250 -21.24 13.84 -15.59
C THR A 250 -19.89 13.12 -15.45
N PRO A 251 -19.19 12.87 -16.56
CA PRO A 251 -17.86 12.26 -16.47
C PRO A 251 -16.76 13.23 -16.06
N ASN A 252 -15.76 12.73 -15.36
CA ASN A 252 -14.60 13.52 -15.00
C ASN A 252 -13.44 13.25 -15.95
N PHE A 253 -13.23 14.18 -16.88
CA PHE A 253 -12.10 14.10 -17.82
C PHE A 253 -10.74 14.40 -17.20
N LYS A 254 -10.67 14.58 -15.89
CA LYS A 254 -9.44 14.92 -15.19
C LYS A 254 -8.34 13.90 -15.41
N SER A 255 -8.65 12.68 -15.00
CA SER A 255 -7.72 11.56 -15.07
C SER A 255 -7.28 11.30 -16.50
N ASN A 256 -8.22 11.49 -17.42
CA ASN A 256 -8.03 11.15 -18.84
C ASN A 256 -6.90 11.96 -19.48
N PHE A 257 -6.69 13.19 -18.99
CA PHE A 257 -5.68 14.08 -19.53
C PHE A 257 -4.67 14.55 -18.50
N ASP A 258 -4.64 13.90 -17.32
CA ASP A 258 -3.69 14.26 -16.25
C ASP A 258 -3.80 15.70 -15.78
N LEU A 259 -5.03 16.14 -15.56
CA LEU A 259 -5.28 17.52 -15.17
C LEU A 259 -5.05 17.73 -13.70
N ALA A 260 -4.69 18.96 -13.35
CA ALA A 260 -4.53 19.37 -11.96
C ALA A 260 -5.88 19.55 -11.30
N GLU A 261 -6.77 20.25 -11.98
CA GLU A 261 -8.13 20.49 -11.50
C GLU A 261 -9.09 19.68 -12.34
N ASP A 262 -10.06 19.05 -11.67
CA ASP A 262 -10.98 18.14 -12.34
C ASP A 262 -11.89 18.85 -13.34
N ALA A 263 -12.30 18.08 -14.35
CA ALA A 263 -13.07 18.59 -15.46
C ALA A 263 -14.35 17.77 -15.60
N LYS A 264 -15.27 17.95 -14.65
CA LYS A 264 -16.58 17.34 -14.71
C LYS A 264 -17.46 18.10 -15.70
N LEU A 265 -17.94 17.39 -16.73
CA LEU A 265 -18.72 18.00 -17.80
C LEU A 265 -20.04 17.27 -17.95
N GLN A 266 -21.10 18.04 -18.15
CA GLN A 266 -22.45 17.52 -18.16
C GLN A 266 -23.18 18.24 -19.24
N LEU A 267 -23.73 17.50 -20.20
CA LEU A 267 -24.32 18.15 -21.36
C LEU A 267 -25.56 18.98 -21.10
N SER A 268 -26.26 18.70 -20.01
CA SER A 268 -27.44 19.49 -19.64
C SER A 268 -27.13 20.78 -18.90
N LYS A 269 -25.90 20.97 -18.45
CA LYS A 269 -25.55 22.22 -17.81
C LYS A 269 -25.44 23.35 -18.81
N ASP A 270 -26.01 24.49 -18.47
CA ASP A 270 -25.89 25.71 -19.26
C ASP A 270 -24.43 26.13 -19.36
N THR A 271 -23.68 25.92 -18.29
CA THR A 271 -22.28 26.35 -18.20
C THR A 271 -21.36 25.38 -18.87
N TYR A 272 -21.90 24.25 -19.34
CA TYR A 272 -21.14 23.29 -20.12
C TYR A 272 -20.31 24.01 -21.18
N ASP A 273 -20.95 24.91 -21.92
CA ASP A 273 -20.31 25.57 -23.04
C ASP A 273 -18.95 26.16 -22.69
N ASP A 274 -18.86 27.03 -21.68
CA ASP A 274 -17.53 27.51 -21.27
C ASP A 274 -16.83 26.61 -20.25
N ASP A 275 -17.55 25.68 -19.63
CA ASP A 275 -16.89 24.55 -18.97
C ASP A 275 -16.09 23.76 -20.02
N LEU A 276 -16.65 23.58 -21.22
CA LEU A 276 -15.94 22.92 -22.30
C LEU A 276 -14.76 23.76 -22.75
N ASP A 277 -14.99 25.06 -22.92
CA ASP A 277 -13.92 25.98 -23.30
C ASP A 277 -12.77 26.01 -22.28
N ASN A 278 -13.10 25.82 -21.00
CA ASN A 278 -12.09 25.65 -19.93
C ASN A 278 -11.20 24.46 -20.18
N LEU A 279 -11.81 23.32 -20.49
CA LEU A 279 -11.06 22.10 -20.82
C LEU A 279 -10.29 22.23 -22.11
N LEU A 280 -10.92 22.84 -23.10
CA LEU A 280 -10.33 22.91 -24.42
C LEU A 280 -9.05 23.69 -24.39
N ALA A 281 -9.02 24.76 -23.61
CA ALA A 281 -7.86 25.60 -23.58
C ALA A 281 -6.68 24.81 -23.10
N GLN A 282 -6.89 24.00 -22.07
CA GLN A 282 -5.82 23.16 -21.58
C GLN A 282 -5.37 22.12 -22.59
N ILE A 283 -6.33 21.46 -23.22
CA ILE A 283 -6.01 20.35 -24.11
C ILE A 283 -6.03 20.69 -25.59
N GLY A 284 -6.29 21.95 -25.91
CA GLY A 284 -6.16 22.42 -27.27
C GLY A 284 -7.39 22.33 -28.13
N ASP A 285 -7.36 23.07 -29.23
CA ASP A 285 -8.45 23.20 -30.17
C ASP A 285 -8.76 21.89 -30.85
N GLN A 286 -7.79 21.00 -30.88
CA GLN A 286 -7.89 19.79 -31.68
C GLN A 286 -9.07 18.92 -31.26
N TYR A 287 -9.33 18.84 -29.96
CA TYR A 287 -10.36 17.90 -29.47
C TYR A 287 -11.80 18.38 -29.60
N ALA A 288 -12.01 19.65 -29.91
CA ALA A 288 -13.35 20.22 -30.06
C ALA A 288 -14.25 19.36 -30.94
N ASP A 289 -13.70 18.80 -32.01
CA ASP A 289 -14.47 17.95 -32.92
C ASP A 289 -14.99 16.68 -32.27
N LEU A 290 -14.32 16.22 -31.22
CA LEU A 290 -14.75 15.05 -30.49
C LEU A 290 -16.02 15.38 -29.73
N PHE A 291 -15.91 16.35 -28.84
CA PHE A 291 -17.02 16.75 -27.97
C PHE A 291 -18.24 17.25 -28.71
N LEU A 292 -18.07 17.61 -29.96
CA LEU A 292 -19.17 18.01 -30.82
C LEU A 292 -19.78 16.80 -31.48
N ALA A 293 -18.96 15.81 -31.82
CA ALA A 293 -19.49 14.53 -32.27
C ALA A 293 -20.21 13.81 -31.12
N ALA A 294 -19.74 14.02 -29.89
CA ALA A 294 -20.47 13.57 -28.72
C ALA A 294 -21.80 14.28 -28.58
N LYS A 295 -21.80 15.59 -28.83
CA LYS A 295 -23.02 16.37 -28.61
C LYS A 295 -24.12 15.93 -29.55
N ASN A 296 -23.77 15.73 -30.81
CA ASN A 296 -24.76 15.36 -31.80
C ASN A 296 -25.36 14.02 -31.47
N LEU A 297 -24.52 13.13 -30.97
CA LEU A 297 -24.97 11.83 -30.51
C LEU A 297 -25.94 12.04 -29.37
N SER A 298 -25.64 13.03 -28.54
CA SER A 298 -26.47 13.31 -27.39
C SER A 298 -27.85 13.69 -27.86
N ASP A 299 -27.92 14.48 -28.92
CA ASP A 299 -29.21 14.81 -29.50
C ASP A 299 -29.82 13.54 -30.02
N ALA A 300 -29.01 12.69 -30.63
CA ALA A 300 -29.54 11.52 -31.29
C ALA A 300 -30.23 10.57 -30.34
N ILE A 301 -29.63 10.34 -29.18
CA ILE A 301 -30.25 9.50 -28.18
C ILE A 301 -31.53 10.08 -27.60
N LEU A 302 -31.50 11.37 -27.29
CA LEU A 302 -32.63 11.99 -26.63
C LEU A 302 -33.82 11.96 -27.56
N LEU A 303 -33.56 12.32 -28.80
CA LEU A 303 -34.56 12.26 -29.86
C LEU A 303 -35.04 10.85 -30.13
N SER A 304 -34.11 9.90 -30.08
CA SER A 304 -34.46 8.49 -30.15
C SER A 304 -35.41 8.09 -29.00
N ASP A 305 -35.11 8.55 -27.80
CA ASP A 305 -35.94 8.24 -26.64
C ASP A 305 -37.24 9.06 -26.57
N ILE A 306 -37.33 10.18 -27.26
CA ILE A 306 -38.58 10.95 -27.28
C ILE A 306 -39.54 10.32 -28.28
N LEU A 307 -39.08 10.04 -29.49
CA LEU A 307 -39.93 9.35 -30.43
C LEU A 307 -39.83 7.89 -30.18
N ARG A 308 -40.86 7.33 -29.55
CA ARG A 308 -40.87 5.94 -29.18
C ARG A 308 -42.10 5.44 -29.87
N VAL A 309 -42.00 5.36 -31.19
CA VAL A 309 -43.10 4.92 -32.02
C VAL A 309 -42.58 3.91 -33.03
N ASN A 310 -43.46 3.10 -33.57
CA ASN A 310 -43.14 2.34 -34.76
C ASN A 310 -43.80 3.16 -35.83
N THR A 311 -43.00 3.63 -36.78
CA THR A 311 -43.45 4.56 -37.78
C THR A 311 -44.43 3.89 -38.72
N GLU A 312 -45.29 4.72 -39.28
CA GLU A 312 -46.31 4.35 -40.25
C GLU A 312 -47.63 4.03 -39.55
N ILE A 313 -47.59 3.85 -38.24
CA ILE A 313 -48.83 3.84 -37.49
C ILE A 313 -49.36 5.25 -37.62
N THR A 314 -48.45 6.20 -37.55
CA THR A 314 -48.76 7.61 -37.69
C THR A 314 -47.66 8.41 -38.37
N LYS A 315 -48.06 9.51 -38.98
CA LYS A 315 -47.17 10.50 -39.53
C LYS A 315 -46.82 11.52 -38.45
N ALA A 316 -47.16 11.18 -37.20
CA ALA A 316 -46.96 12.01 -36.02
C ALA A 316 -46.24 11.22 -34.92
N PRO A 317 -45.00 10.78 -35.20
CA PRO A 317 -44.29 10.05 -34.17
C PRO A 317 -44.22 10.81 -32.86
N LEU A 318 -43.97 12.11 -32.96
CA LEU A 318 -43.76 12.92 -31.80
C LEU A 318 -44.99 12.97 -30.92
N SER A 319 -46.08 13.45 -31.49
CA SER A 319 -47.32 13.62 -30.75
C SER A 319 -47.76 12.28 -30.17
N ALA A 320 -47.66 11.23 -30.96
CA ALA A 320 -48.05 9.89 -30.51
C ALA A 320 -47.27 9.39 -29.31
N SER A 321 -46.00 9.77 -29.28
CA SER A 321 -45.14 9.33 -28.21
C SER A 321 -45.36 10.14 -26.93
N MET A 322 -45.74 11.41 -27.07
CA MET A 322 -46.10 12.22 -25.92
C MET A 322 -47.37 11.74 -25.29
N ILE A 323 -48.27 11.28 -26.14
CA ILE A 323 -49.50 10.70 -25.67
C ILE A 323 -49.14 9.47 -24.87
N LYS A 324 -48.37 8.55 -25.44
CA LYS A 324 -47.90 7.41 -24.67
C LYS A 324 -47.43 7.90 -23.29
N ARG A 325 -46.49 8.85 -23.27
CA ARG A 325 -45.97 9.40 -22.02
C ARG A 325 -47.08 9.89 -21.12
N TYR A 326 -48.09 10.51 -21.70
CA TYR A 326 -49.27 10.88 -20.93
C TYR A 326 -49.90 9.65 -20.28
N ASP A 327 -50.26 8.67 -21.09
CA ASP A 327 -50.93 7.48 -20.57
C ASP A 327 -50.05 6.86 -19.53
N GLU A 328 -48.77 6.71 -19.82
CA GLU A 328 -47.88 6.08 -18.86
C GLU A 328 -47.90 6.83 -17.53
N HIS A 329 -47.85 8.16 -17.59
CA HIS A 329 -47.94 9.00 -16.38
C HIS A 329 -49.23 8.72 -15.61
N HIS A 330 -50.33 8.53 -16.33
CA HIS A 330 -51.59 8.26 -15.68
C HIS A 330 -51.56 6.95 -14.90
N GLN A 331 -51.21 5.88 -15.61
CA GLN A 331 -51.14 4.53 -15.06
C GLN A 331 -50.35 4.54 -13.78
N ASP A 332 -49.14 5.04 -13.90
CA ASP A 332 -48.16 4.91 -12.85
C ASP A 332 -48.62 5.73 -11.60
N LEU A 333 -49.21 6.89 -11.86
CA LEU A 333 -49.74 7.73 -10.79
C LEU A 333 -50.84 7.01 -10.01
N THR A 334 -51.75 6.39 -10.75
CA THR A 334 -52.90 5.77 -10.11
C THR A 334 -52.39 4.69 -9.13
N LEU A 335 -51.58 3.75 -9.66
CA LEU A 335 -50.94 2.71 -8.85
C LEU A 335 -50.26 3.30 -7.63
N LEU A 336 -49.46 4.33 -7.88
CA LEU A 336 -48.70 4.96 -6.82
C LEU A 336 -49.59 5.36 -5.66
N LYS A 337 -50.67 6.08 -5.96
CA LYS A 337 -51.64 6.45 -4.94
C LYS A 337 -52.23 5.22 -4.23
N ALA A 338 -52.49 4.16 -5.00
CA ALA A 338 -52.85 2.86 -4.44
C ALA A 338 -51.80 2.41 -3.41
N LEU A 339 -50.57 2.26 -3.88
CA LEU A 339 -49.44 1.82 -3.05
C LEU A 339 -49.10 2.70 -1.84
N VAL A 340 -49.59 3.95 -1.82
CA VAL A 340 -49.42 4.82 -0.65
C VAL A 340 -50.62 4.80 0.27
N ARG A 341 -51.81 4.63 -0.29
CA ARG A 341 -53.00 4.46 0.55
C ARG A 341 -52.82 3.23 1.45
N GLN A 342 -52.44 2.13 0.81
CA GLN A 342 -52.16 0.86 1.45
C GLN A 342 -51.03 0.89 2.49
N GLN A 343 -49.85 1.40 2.13
CA GLN A 343 -48.64 1.17 2.94
C GLN A 343 -48.21 2.35 3.80
N LEU A 344 -48.23 3.58 3.27
CA LEU A 344 -47.86 4.80 4.05
C LEU A 344 -48.94 5.89 4.04
N PRO A 345 -50.15 5.59 4.54
CA PRO A 345 -51.23 6.59 4.43
C PRO A 345 -51.14 7.88 5.26
N GLU A 346 -50.18 8.02 6.17
CA GLU A 346 -50.01 9.29 6.94
C GLU A 346 -49.33 10.32 6.08
N LYS A 347 -48.56 9.84 5.12
CA LYS A 347 -47.79 10.71 4.25
C LYS A 347 -48.52 11.05 2.91
N TYR A 348 -49.73 10.54 2.77
CA TYR A 348 -50.52 10.77 1.57
C TYR A 348 -50.85 12.24 1.41
N LYS A 349 -51.22 12.89 2.51
CA LYS A 349 -51.59 14.28 2.47
C LYS A 349 -50.44 15.18 2.07
N GLU A 350 -49.27 14.95 2.66
CA GLU A 350 -48.13 15.80 2.35
C GLU A 350 -47.70 15.65 0.91
N ILE A 351 -47.62 14.41 0.46
CA ILE A 351 -47.09 14.13 -0.85
C ILE A 351 -47.95 14.66 -1.97
N PHE A 352 -49.25 14.49 -1.85
CA PHE A 352 -50.16 14.89 -2.91
C PHE A 352 -50.89 16.20 -2.67
N PHE A 353 -50.83 16.72 -1.45
CA PHE A 353 -51.55 17.94 -1.13
C PHE A 353 -50.70 19.16 -0.76
N ASP A 354 -49.43 18.95 -0.43
CA ASP A 354 -48.64 20.06 0.07
C ASP A 354 -47.71 20.58 -1.00
N GLN A 355 -47.87 21.85 -1.35
CA GLN A 355 -47.06 22.46 -2.40
C GLN A 355 -45.86 23.15 -1.82
N SER A 356 -45.72 23.10 -0.50
CA SER A 356 -44.50 23.62 0.11
C SER A 356 -43.39 22.61 -0.11
N LYS A 357 -43.76 21.34 -0.01
CA LYS A 357 -42.86 20.22 -0.13
C LYS A 357 -42.42 19.92 -1.57
N ASN A 358 -41.40 19.08 -1.68
CA ASN A 358 -40.80 18.70 -2.95
C ASN A 358 -41.57 17.55 -3.56
N GLY A 359 -42.69 17.22 -2.95
CA GLY A 359 -43.49 16.09 -3.37
C GLY A 359 -44.31 16.46 -4.56
N TYR A 360 -45.25 15.60 -4.95
CA TYR A 360 -45.92 15.73 -6.21
C TYR A 360 -46.57 17.09 -6.29
N ALA A 361 -47.11 17.57 -5.18
CA ALA A 361 -47.78 18.86 -5.20
C ALA A 361 -46.84 19.98 -5.59
N GLY A 362 -45.63 19.97 -5.06
CA GLY A 362 -44.61 20.95 -5.46
C GLY A 362 -44.16 20.77 -6.91
N TYR A 363 -44.04 19.51 -7.34
CA TYR A 363 -43.68 19.15 -8.71
C TYR A 363 -44.63 19.83 -9.71
N ILE A 364 -45.93 19.71 -9.50
CA ILE A 364 -46.90 20.34 -10.41
C ILE A 364 -47.10 21.81 -10.08
N ASP A 365 -47.53 22.06 -8.84
CA ASP A 365 -48.02 23.38 -8.40
C ASP A 365 -46.94 24.28 -7.76
N GLY A 366 -45.89 23.66 -7.21
CA GLY A 366 -44.86 24.38 -6.45
C GLY A 366 -43.55 24.55 -7.20
N GLY A 367 -43.57 24.35 -8.52
CA GLY A 367 -42.41 24.62 -9.35
C GLY A 367 -41.18 23.78 -9.06
N ALA A 368 -41.40 22.58 -8.52
CA ALA A 368 -40.31 21.62 -8.36
C ALA A 368 -39.91 21.12 -9.75
N SER A 369 -38.63 20.82 -9.88
CA SER A 369 -38.13 20.18 -11.09
C SER A 369 -38.42 18.71 -10.98
N GLN A 370 -38.32 18.05 -12.12
CA GLN A 370 -38.32 16.60 -12.10
C GLN A 370 -37.21 16.06 -11.21
N GLU A 371 -36.05 16.71 -11.25
CA GLU A 371 -34.88 16.24 -10.50
C GLU A 371 -35.11 16.30 -8.99
N GLU A 372 -35.53 17.46 -8.48
CA GLU A 372 -35.90 17.64 -7.06
C GLU A 372 -36.94 16.60 -6.60
N PHE A 373 -37.87 16.29 -7.50
CA PHE A 373 -39.02 15.47 -7.17
C PHE A 373 -38.64 14.02 -6.94
N TYR A 374 -38.00 13.40 -7.93
CA TYR A 374 -37.45 12.05 -7.78
C TYR A 374 -36.70 11.89 -6.50
N LYS A 375 -35.84 12.83 -6.20
CA LYS A 375 -35.06 12.78 -5.00
C LYS A 375 -35.87 12.92 -3.74
N PHE A 376 -37.09 13.43 -3.85
CA PHE A 376 -38.05 13.39 -2.73
C PHE A 376 -38.67 12.00 -2.55
N ILE A 377 -39.24 11.44 -3.61
CA ILE A 377 -40.01 10.18 -3.49
C ILE A 377 -39.19 8.90 -3.57
N LYS A 378 -37.91 9.07 -3.90
CA LYS A 378 -36.97 7.96 -3.96
C LYS A 378 -36.84 7.20 -2.63
N PRO A 379 -36.61 7.91 -1.51
CA PRO A 379 -36.63 7.20 -0.22
C PRO A 379 -37.97 6.53 0.09
N ILE A 380 -39.04 7.20 -0.31
CA ILE A 380 -40.39 6.76 -0.01
C ILE A 380 -40.78 5.52 -0.83
N LEU A 381 -40.44 5.51 -2.12
CA LEU A 381 -40.64 4.29 -2.93
C LEU A 381 -39.87 3.09 -2.38
N GLU A 382 -38.63 3.38 -1.99
CA GLU A 382 -37.72 2.37 -1.44
C GLU A 382 -38.25 1.69 -0.17
N LYS A 383 -38.97 2.43 0.66
CA LYS A 383 -39.61 1.88 1.85
C LYS A 383 -40.76 0.91 1.58
N MET A 384 -41.30 0.87 0.35
CA MET A 384 -42.56 0.19 0.11
C MET A 384 -42.47 -1.04 -0.80
N ASP A 385 -43.44 -1.93 -0.62
CA ASP A 385 -43.61 -3.08 -1.46
C ASP A 385 -44.35 -2.65 -2.71
N GLY A 386 -44.06 -3.32 -3.82
CA GLY A 386 -44.80 -3.09 -5.08
C GLY A 386 -44.34 -1.87 -5.85
N THR A 387 -43.21 -1.29 -5.44
CA THR A 387 -42.63 -0.12 -6.08
C THR A 387 -41.65 -0.49 -7.18
N GLU A 388 -41.41 -1.80 -7.39
CA GLU A 388 -40.31 -2.32 -8.24
C GLU A 388 -40.29 -1.71 -9.62
N GLU A 389 -41.47 -1.62 -10.21
CA GLU A 389 -41.61 -1.01 -11.52
C GLU A 389 -41.32 0.47 -11.48
N LEU A 390 -41.82 1.14 -10.45
CA LEU A 390 -41.71 2.60 -10.33
C LEU A 390 -40.25 3.03 -10.15
N LEU A 391 -39.54 2.35 -9.26
CA LEU A 391 -38.09 2.56 -9.10
C LEU A 391 -37.31 2.39 -10.40
N VAL A 392 -37.72 1.42 -11.23
CA VAL A 392 -37.08 1.21 -12.53
C VAL A 392 -37.25 2.45 -13.46
N LYS A 393 -38.48 2.98 -13.51
CA LYS A 393 -38.75 4.19 -14.29
C LYS A 393 -38.00 5.38 -13.71
N LEU A 394 -37.90 5.43 -12.37
CA LEU A 394 -37.22 6.53 -11.69
C LEU A 394 -35.76 6.53 -12.01
N ASN A 395 -35.11 5.39 -11.78
CA ASN A 395 -33.70 5.27 -12.05
C ASN A 395 -33.36 5.26 -13.55
N ARG A 396 -34.37 5.08 -14.39
CA ARG A 396 -34.24 5.31 -15.81
C ARG A 396 -34.57 6.77 -16.12
N GLU A 397 -34.98 7.51 -15.09
CA GLU A 397 -35.39 8.89 -15.27
C GLU A 397 -36.64 9.01 -16.12
N ASP A 398 -37.51 8.01 -16.07
CA ASP A 398 -38.72 7.99 -16.90
C ASP A 398 -40.05 7.98 -16.16
N LEU A 399 -40.08 8.48 -14.94
CA LEU A 399 -41.29 8.37 -14.13
C LEU A 399 -42.11 9.65 -14.10
N LEU A 400 -43.40 9.52 -14.42
CA LEU A 400 -44.35 10.63 -14.34
C LEU A 400 -43.92 11.89 -15.08
N ARG A 401 -43.50 11.72 -16.33
CA ARG A 401 -42.91 12.82 -17.07
C ARG A 401 -43.94 13.72 -17.71
N LYS A 402 -43.65 15.01 -17.72
CA LYS A 402 -44.46 16.01 -18.39
C LYS A 402 -43.98 16.13 -19.87
N GLN A 403 -44.84 16.66 -20.74
CA GLN A 403 -44.59 16.66 -22.19
C GLN A 403 -43.76 17.88 -22.65
N ARG A 404 -44.01 19.03 -22.04
CA ARG A 404 -43.11 20.17 -22.20
C ARG A 404 -42.06 20.09 -21.08
N THR A 405 -40.79 20.00 -21.47
CA THR A 405 -39.71 19.74 -20.51
C THR A 405 -38.34 20.06 -21.13
N PHE A 406 -37.32 20.09 -20.27
CA PHE A 406 -35.94 20.43 -20.66
C PHE A 406 -35.31 19.64 -21.83
N ASP A 407 -35.74 18.40 -22.06
CA ASP A 407 -35.17 17.56 -23.14
C ASP A 407 -35.35 18.08 -24.57
N ASN A 408 -36.47 18.77 -24.79
CA ASN A 408 -37.00 19.02 -26.13
C ASN A 408 -36.16 19.94 -26.98
N GLY A 409 -35.09 20.48 -26.44
CA GLY A 409 -34.09 21.13 -27.25
C GLY A 409 -33.75 20.27 -28.46
N SER A 410 -33.68 18.96 -28.22
CA SER A 410 -33.23 17.97 -29.20
C SER A 410 -34.26 17.54 -30.25
N ILE A 411 -35.32 18.31 -30.41
CA ILE A 411 -36.38 17.96 -31.32
C ILE A 411 -36.30 18.86 -32.55
N PRO A 412 -35.93 18.31 -33.72
CA PRO A 412 -35.73 19.13 -34.92
C PRO A 412 -36.98 19.64 -35.59
N HIS A 413 -36.93 20.91 -36.00
CA HIS A 413 -38.07 21.52 -36.66
C HIS A 413 -38.59 20.69 -37.84
N GLN A 414 -37.76 19.85 -38.43
CA GLN A 414 -38.25 18.97 -39.50
C GLN A 414 -39.37 18.05 -39.03
N ILE A 415 -39.31 17.63 -37.78
CA ILE A 415 -40.31 16.71 -37.26
C ILE A 415 -41.62 17.41 -37.09
N HIS A 416 -41.55 18.58 -36.48
CA HIS A 416 -42.68 19.44 -36.44
C HIS A 416 -43.24 19.71 -37.85
N LEU A 417 -42.34 20.00 -38.77
CA LEU A 417 -42.77 20.22 -40.14
C LEU A 417 -43.55 19.01 -40.68
N GLY A 418 -43.12 17.79 -40.33
CA GLY A 418 -43.81 16.58 -40.77
C GLY A 418 -45.27 16.54 -40.42
N GLU A 419 -45.57 16.79 -39.14
CA GLU A 419 -46.94 16.85 -38.66
C GLU A 419 -47.68 18.08 -39.22
N LEU A 420 -47.02 19.23 -39.21
CA LEU A 420 -47.58 20.43 -39.86
C LEU A 420 -48.05 20.12 -41.28
N HIS A 421 -47.17 19.44 -42.04
CA HIS A 421 -47.42 19.12 -43.45
C HIS A 421 -48.53 18.15 -43.65
N ALA A 422 -48.68 17.22 -42.71
CA ALA A 422 -49.75 16.20 -42.76
C ALA A 422 -51.11 16.82 -42.57
N ILE A 423 -51.24 17.61 -41.51
CA ILE A 423 -52.51 18.20 -41.16
C ILE A 423 -53.04 19.01 -42.33
N LEU A 424 -52.17 19.74 -43.01
CA LEU A 424 -52.63 20.52 -44.15
C LEU A 424 -53.14 19.61 -45.27
N ARG A 425 -52.44 18.50 -45.50
CA ARG A 425 -52.83 17.61 -46.59
C ARG A 425 -54.13 16.85 -46.28
N ARG A 426 -54.48 16.63 -45.01
CA ARG A 426 -55.82 16.10 -44.66
C ARG A 426 -56.95 17.08 -44.96
N GLN A 427 -56.73 18.34 -44.61
CA GLN A 427 -57.80 19.34 -44.59
C GLN A 427 -57.95 20.13 -45.87
N GLU A 428 -56.89 20.23 -46.68
CA GLU A 428 -56.92 21.15 -47.80
C GLU A 428 -58.05 20.91 -48.82
N ASP A 429 -58.71 19.75 -48.78
CA ASP A 429 -59.96 19.52 -49.54
C ASP A 429 -61.22 20.04 -48.88
N PHE A 430 -61.23 20.09 -47.56
CA PHE A 430 -62.35 20.66 -46.83
C PHE A 430 -62.29 22.18 -46.71
N TYR A 431 -61.13 22.78 -46.95
CA TYR A 431 -60.95 24.22 -46.82
C TYR A 431 -60.00 24.69 -47.92
N PRO A 432 -60.56 25.12 -49.08
CA PRO A 432 -59.67 25.50 -50.21
C PRO A 432 -58.60 26.53 -49.85
N PHE A 433 -58.85 27.44 -48.92
CA PHE A 433 -57.83 28.42 -48.60
C PHE A 433 -56.57 27.81 -47.96
N LEU A 434 -56.69 26.61 -47.44
CA LEU A 434 -55.52 25.91 -46.94
C LEU A 434 -54.77 25.19 -48.04
N LYS A 435 -55.47 24.66 -49.02
CA LYS A 435 -54.82 24.18 -50.25
C LYS A 435 -53.98 25.30 -50.86
N ASP A 436 -54.57 26.48 -50.91
CA ASP A 436 -53.99 27.63 -51.58
C ASP A 436 -52.87 28.31 -50.77
N ASN A 437 -52.83 28.14 -49.44
CA ASN A 437 -51.72 28.71 -48.63
C ASN A 437 -50.81 27.65 -48.03
N ARG A 438 -50.92 26.38 -48.47
CA ARG A 438 -50.15 25.28 -47.89
C ARG A 438 -48.66 25.58 -47.87
N GLU A 439 -48.19 26.18 -48.95
CA GLU A 439 -46.78 26.45 -49.14
C GLU A 439 -46.36 27.71 -48.37
N LYS A 440 -47.28 28.67 -48.28
CA LYS A 440 -47.10 29.85 -47.41
C LYS A 440 -46.92 29.44 -45.95
N ILE A 441 -47.79 28.58 -45.44
CA ILE A 441 -47.75 28.13 -44.03
C ILE A 441 -46.46 27.37 -43.73
N GLU A 442 -46.21 26.32 -44.49
CA GLU A 442 -44.97 25.59 -44.32
C GLU A 442 -43.77 26.55 -44.30
N LYS A 443 -43.76 27.53 -45.18
CA LYS A 443 -42.71 28.55 -45.17
C LYS A 443 -42.65 29.29 -43.83
N ILE A 444 -43.79 29.62 -43.24
CA ILE A 444 -43.79 30.30 -41.94
C ILE A 444 -42.98 29.54 -40.91
N LEU A 445 -43.06 28.21 -40.96
CA LEU A 445 -42.37 27.38 -40.00
C LEU A 445 -40.87 27.27 -40.31
N THR A 446 -40.56 27.00 -41.57
CA THR A 446 -39.20 26.60 -41.96
C THR A 446 -38.24 27.77 -42.26
N PHE A 447 -38.76 28.91 -42.71
CA PHE A 447 -37.91 30.08 -43.02
C PHE A 447 -37.22 30.62 -41.77
N ARG A 448 -35.97 31.01 -41.92
CA ARG A 448 -35.16 31.48 -40.82
C ARG A 448 -34.38 32.65 -41.36
N ILE A 449 -34.17 33.68 -40.55
CA ILE A 449 -33.34 34.78 -40.99
C ILE A 449 -31.88 34.36 -40.99
N PRO A 450 -31.13 34.78 -42.10
CA PRO A 450 -29.78 34.22 -42.14
C PRO A 450 -28.85 34.84 -41.12
N TYR A 451 -27.78 34.16 -40.78
CA TYR A 451 -26.84 34.67 -39.81
C TYR A 451 -26.25 35.95 -40.35
N TYR A 452 -25.86 35.95 -41.62
CA TYR A 452 -25.26 37.12 -42.23
C TYR A 452 -26.18 38.33 -42.39
N VAL A 453 -27.42 38.07 -42.74
CA VAL A 453 -28.35 39.14 -43.07
C VAL A 453 -28.62 40.11 -41.92
N GLY A 454 -28.80 39.61 -40.70
CA GLY A 454 -28.96 40.47 -39.54
C GLY A 454 -30.33 41.09 -39.42
N PRO A 455 -30.51 41.99 -38.47
CA PRO A 455 -31.77 42.72 -38.38
C PRO A 455 -32.21 43.28 -39.72
N LEU A 456 -33.51 43.19 -39.97
CA LEU A 456 -34.07 43.67 -41.21
C LEU A 456 -34.50 45.11 -40.99
N ALA A 457 -33.53 46.01 -40.92
CA ALA A 457 -33.79 47.39 -40.59
C ALA A 457 -33.88 48.26 -41.82
N ARG A 458 -34.26 49.51 -41.60
CA ARG A 458 -34.35 50.51 -42.64
C ARG A 458 -33.71 51.79 -42.14
N GLY A 459 -32.42 51.72 -41.86
CA GLY A 459 -31.64 52.91 -41.54
C GLY A 459 -31.79 53.44 -40.14
N ASN A 460 -32.59 52.76 -39.32
CA ASN A 460 -32.74 53.19 -37.94
C ASN A 460 -32.07 52.27 -36.94
N SER A 461 -31.30 51.31 -37.44
CA SER A 461 -30.56 50.42 -36.56
C SER A 461 -29.05 50.56 -36.71
N ARG A 462 -28.40 50.85 -35.60
CA ARG A 462 -26.95 50.87 -35.48
C ARG A 462 -26.29 49.54 -35.75
N PHE A 463 -26.92 48.45 -35.32
CA PHE A 463 -26.46 47.08 -35.59
C PHE A 463 -26.54 46.52 -37.01
N ALA A 464 -27.63 46.81 -37.72
CA ALA A 464 -27.89 46.18 -38.99
C ALA A 464 -27.00 46.64 -40.13
N TRP A 465 -26.70 45.73 -41.05
CA TRP A 465 -25.93 46.06 -42.24
C TRP A 465 -26.60 45.69 -43.54
N MET A 466 -27.79 45.12 -43.47
CA MET A 466 -28.39 44.49 -44.62
C MET A 466 -28.76 45.47 -45.70
N THR A 467 -28.80 45.00 -46.94
CA THR A 467 -29.13 45.85 -48.08
C THR A 467 -30.41 45.42 -48.78
N ARG A 468 -31.34 46.36 -48.93
CA ARG A 468 -32.61 46.07 -49.57
C ARG A 468 -32.42 46.01 -51.07
N LYS A 469 -33.33 45.27 -51.69
CA LYS A 469 -33.46 45.18 -53.13
C LYS A 469 -34.72 45.91 -53.53
N SER A 470 -35.61 46.14 -52.58
CA SER A 470 -36.79 46.94 -52.85
C SER A 470 -37.35 47.51 -51.56
N GLU A 471 -38.04 48.63 -51.65
CA GLU A 471 -38.62 49.25 -50.47
C GLU A 471 -40.00 48.73 -50.15
N GLU A 472 -40.07 47.50 -49.64
CA GLU A 472 -41.34 46.94 -49.21
C GLU A 472 -41.08 46.12 -47.98
N THR A 473 -42.11 45.90 -47.17
CA THR A 473 -41.92 45.14 -45.96
C THR A 473 -41.53 43.72 -46.31
N ILE A 474 -40.56 43.20 -45.56
CA ILE A 474 -39.96 41.91 -45.79
C ILE A 474 -40.80 40.88 -45.06
N THR A 475 -41.19 39.85 -45.81
CA THR A 475 -41.95 38.76 -45.30
C THR A 475 -41.26 37.47 -45.70
N PRO A 476 -41.38 36.44 -44.86
CA PRO A 476 -40.69 35.19 -45.16
C PRO A 476 -40.88 34.63 -46.60
N TRP A 477 -41.86 35.16 -47.34
CA TRP A 477 -42.18 34.70 -48.69
C TRP A 477 -41.37 35.49 -49.71
N ASN A 478 -41.39 36.82 -49.58
CA ASN A 478 -40.72 37.72 -50.52
C ASN A 478 -39.25 37.94 -50.24
N PHE A 479 -38.72 37.23 -49.25
CA PHE A 479 -37.43 37.55 -48.68
C PHE A 479 -36.33 37.50 -49.72
N GLU A 480 -36.22 36.36 -50.39
CA GLU A 480 -35.18 36.17 -51.39
C GLU A 480 -35.25 37.20 -52.51
N GLU A 481 -36.44 37.78 -52.71
CA GLU A 481 -36.66 38.77 -53.75
C GLU A 481 -36.80 40.20 -53.25
N VAL A 482 -36.69 40.43 -51.95
CA VAL A 482 -36.59 41.79 -51.41
C VAL A 482 -35.20 42.14 -50.87
N VAL A 483 -34.51 41.14 -50.37
CA VAL A 483 -33.20 41.34 -49.78
C VAL A 483 -32.12 40.95 -50.76
N ASP A 484 -31.09 41.76 -50.86
CA ASP A 484 -29.99 41.43 -51.75
C ASP A 484 -29.10 40.53 -50.96
N LYS A 485 -29.24 39.23 -51.19
CA LYS A 485 -28.53 38.28 -50.36
C LYS A 485 -27.03 38.46 -50.53
N GLY A 486 -26.58 38.61 -51.76
CA GLY A 486 -25.17 38.75 -51.99
C GLY A 486 -24.57 39.99 -51.39
N ALA A 487 -25.22 41.13 -51.61
CA ALA A 487 -24.68 42.37 -51.09
C ALA A 487 -24.68 42.35 -49.57
N SER A 488 -25.77 41.88 -49.01
CA SER A 488 -25.94 41.85 -47.57
C SER A 488 -24.90 40.97 -46.93
N ALA A 489 -24.61 39.85 -47.58
CA ALA A 489 -23.57 38.98 -47.09
C ALA A 489 -22.27 39.73 -47.12
N GLN A 490 -22.04 40.47 -48.20
CA GLN A 490 -20.74 41.08 -48.40
C GLN A 490 -20.43 42.06 -47.29
N SER A 491 -21.41 42.86 -46.92
CA SER A 491 -21.28 43.73 -45.75
C SER A 491 -21.16 42.94 -44.45
N PHE A 492 -21.63 41.69 -44.45
CA PHE A 492 -21.43 40.77 -43.33
C PHE A 492 -19.96 40.50 -43.10
N ILE A 493 -19.28 40.11 -44.16
CA ILE A 493 -17.89 39.69 -44.07
C ILE A 493 -17.08 40.81 -43.45
N GLU A 494 -17.29 42.02 -43.96
CA GLU A 494 -16.54 43.19 -43.53
C GLU A 494 -16.75 43.43 -42.04
N ARG A 495 -18.00 43.49 -41.58
CA ARG A 495 -18.26 43.76 -40.16
C ARG A 495 -17.75 42.75 -39.14
N MET A 496 -17.75 41.45 -39.50
CA MET A 496 -17.43 40.35 -38.58
C MET A 496 -16.02 39.83 -38.74
N THR A 497 -15.16 40.70 -39.22
CA THR A 497 -13.76 40.42 -39.24
C THR A 497 -13.14 41.36 -38.23
N ASN A 498 -12.28 40.79 -37.40
CA ASN A 498 -11.48 41.57 -36.49
C ASN A 498 -10.14 41.84 -37.15
N PHE A 499 -9.54 42.97 -36.78
CA PHE A 499 -8.28 43.36 -37.35
C PHE A 499 -7.12 42.97 -36.43
N ASP A 500 -5.92 42.98 -37.00
CA ASP A 500 -4.72 42.56 -36.32
C ASP A 500 -4.30 43.66 -35.33
N LYS A 501 -4.19 43.32 -34.06
CA LYS A 501 -3.95 44.32 -33.05
C LYS A 501 -2.64 44.97 -33.39
N ASN A 502 -1.67 44.16 -33.77
CA ASN A 502 -0.38 44.71 -34.11
C ASN A 502 -0.54 45.59 -35.34
N LEU A 503 -1.31 45.12 -36.30
CA LEU A 503 -1.40 45.80 -37.58
C LEU A 503 -2.84 45.96 -38.03
N PRO A 504 -3.60 46.94 -37.34
CA PRO A 504 -5.01 46.98 -37.74
C PRO A 504 -5.13 47.59 -39.11
N ASN A 505 -6.34 47.53 -39.65
CA ASN A 505 -6.62 47.81 -41.05
C ASN A 505 -6.42 46.54 -41.85
N GLU A 506 -5.91 45.50 -41.20
CA GLU A 506 -5.64 44.23 -41.82
C GLU A 506 -6.42 43.17 -41.09
N LYS A 507 -7.15 42.36 -41.82
CA LYS A 507 -8.02 41.39 -41.20
C LYS A 507 -7.23 40.27 -40.56
N VAL A 508 -7.83 39.64 -39.57
CA VAL A 508 -7.30 38.41 -38.95
C VAL A 508 -7.64 37.17 -39.75
N LEU A 509 -6.69 36.23 -39.85
CA LEU A 509 -6.90 34.97 -40.57
C LEU A 509 -7.91 34.12 -39.81
N PRO A 510 -8.59 33.16 -40.51
CA PRO A 510 -9.30 32.09 -39.81
C PRO A 510 -8.34 31.30 -38.99
N LYS A 511 -8.80 30.79 -37.87
CA LYS A 511 -7.91 30.10 -36.98
C LYS A 511 -7.41 28.83 -37.65
N HIS A 512 -8.16 28.31 -38.63
CA HIS A 512 -7.74 27.10 -39.33
C HIS A 512 -7.09 27.38 -40.69
N SER A 513 -6.52 28.57 -40.86
CA SER A 513 -5.76 28.89 -42.07
C SER A 513 -4.55 27.96 -42.13
N LEU A 514 -4.32 27.36 -43.30
CA LEU A 514 -3.15 26.52 -43.50
C LEU A 514 -1.93 27.35 -43.20
N LEU A 515 -1.95 28.61 -43.59
CA LEU A 515 -0.82 29.52 -43.37
C LEU A 515 -0.62 29.83 -41.90
N TYR A 516 -1.72 29.99 -41.17
CA TYR A 516 -1.65 30.18 -39.74
C TYR A 516 -1.11 28.91 -39.06
N GLU A 517 -1.45 27.77 -39.63
CA GLU A 517 -0.98 26.49 -39.10
C GLU A 517 0.49 26.22 -39.45
N TYR A 518 0.90 26.39 -40.72
CA TYR A 518 2.34 26.30 -41.09
C TYR A 518 3.12 27.24 -40.16
N PHE A 519 2.62 28.48 -40.02
CA PHE A 519 3.25 29.50 -39.16
C PHE A 519 3.43 29.03 -37.73
N THR A 520 2.36 28.48 -37.19
CA THR A 520 2.37 28.11 -35.80
C THR A 520 3.32 26.92 -35.53
N VAL A 521 3.40 25.97 -36.47
CA VAL A 521 4.33 24.82 -36.34
C VAL A 521 5.79 25.30 -36.51
N TYR A 522 6.06 26.15 -37.50
CA TYR A 522 7.43 26.69 -37.69
C TYR A 522 7.87 27.57 -36.52
N ASN A 523 6.95 28.08 -35.70
CA ASN A 523 7.33 28.87 -34.53
C ASN A 523 7.73 28.04 -33.33
N GLU A 524 7.03 26.92 -33.14
CA GLU A 524 7.34 25.96 -32.09
C GLU A 524 8.62 25.19 -32.44
N LEU A 525 8.73 24.78 -33.71
CA LEU A 525 9.90 24.04 -34.19
C LEU A 525 11.23 24.78 -34.03
N THR A 526 11.18 26.11 -33.98
CA THR A 526 12.39 26.91 -34.03
C THR A 526 13.17 26.99 -32.72
N LYS A 527 12.56 26.53 -31.62
CA LYS A 527 13.19 26.57 -30.31
C LYS A 527 13.61 25.24 -29.76
N VAL A 528 13.66 24.24 -30.63
CA VAL A 528 13.96 22.89 -30.20
C VAL A 528 15.46 22.58 -30.27
N LYS A 529 16.00 21.97 -29.20
CA LYS A 529 17.42 21.59 -29.12
C LYS A 529 17.69 20.08 -29.11
N TYR A 530 18.89 19.69 -29.53
CA TYR A 530 19.25 18.27 -29.60
C TYR A 530 20.72 17.99 -29.28
N VAL A 531 20.96 16.82 -28.71
CA VAL A 531 22.30 16.25 -28.49
C VAL A 531 22.35 14.77 -28.93
N THR A 532 23.20 14.52 -29.92
CA THR A 532 23.76 13.22 -30.21
C THR A 532 25.09 13.18 -29.46
N GLU A 533 25.78 12.05 -29.47
CA GLU A 533 27.07 11.95 -28.80
C GLU A 533 28.09 12.90 -29.44
N GLY A 534 29.00 13.42 -28.63
CA GLY A 534 29.92 14.44 -29.11
C GLY A 534 29.18 15.66 -29.65
N MET A 535 28.19 16.11 -28.90
CA MET A 535 27.26 17.13 -29.34
C MET A 535 27.63 18.60 -29.08
N ARG A 536 28.79 18.86 -28.49
CA ARG A 536 29.16 20.24 -28.16
C ARG A 536 28.15 20.81 -27.17
N LYS A 537 27.63 22.01 -27.42
CA LYS A 537 26.56 22.51 -26.52
C LYS A 537 25.21 22.09 -27.19
N PRO A 538 24.04 22.37 -26.56
CA PRO A 538 22.77 21.80 -27.09
C PRO A 538 22.21 22.50 -28.37
N ALA A 539 22.32 21.84 -29.53
CA ALA A 539 22.15 22.54 -30.84
C ALA A 539 20.68 22.78 -31.26
N PHE A 540 20.45 23.84 -32.02
CA PHE A 540 19.15 24.16 -32.65
C PHE A 540 18.97 23.43 -34.01
N LEU A 541 17.82 23.59 -34.64
CA LEU A 541 17.60 22.97 -35.95
C LEU A 541 18.10 23.79 -37.14
N SER A 542 18.71 23.14 -38.13
CA SER A 542 18.88 23.78 -39.44
C SER A 542 17.52 24.06 -40.08
N GLY A 543 17.44 25.13 -40.87
CA GLY A 543 16.31 25.39 -41.76
C GLY A 543 16.01 24.22 -42.68
N GLU A 544 17.06 23.57 -43.19
CA GLU A 544 16.91 22.40 -44.08
C GLU A 544 16.39 21.15 -43.36
N GLN A 545 16.76 21.01 -42.08
CA GLN A 545 16.24 19.96 -41.19
C GLN A 545 14.73 20.19 -40.97
N LYS A 546 14.41 21.42 -40.59
CA LYS A 546 13.04 21.85 -40.40
C LYS A 546 12.15 21.54 -41.62
N LYS A 547 12.60 21.98 -42.80
CA LYS A 547 11.85 21.77 -44.07
C LYS A 547 11.72 20.28 -44.53
N ALA A 548 12.64 19.43 -44.06
CA ALA A 548 12.50 17.97 -44.25
C ALA A 548 11.54 17.36 -43.21
N ILE A 549 11.59 17.85 -41.98
CA ILE A 549 10.75 17.32 -40.93
C ILE A 549 9.28 17.55 -41.21
N VAL A 550 8.96 18.78 -41.55
CA VAL A 550 7.59 19.14 -41.81
C VAL A 550 7.19 18.30 -42.99
N ASP A 551 8.11 18.16 -43.93
CA ASP A 551 7.85 17.39 -45.13
C ASP A 551 7.60 15.95 -44.79
N LEU A 552 8.33 15.39 -43.84
CA LEU A 552 8.15 13.98 -43.51
C LEU A 552 7.21 13.69 -42.34
N LEU A 553 7.44 14.28 -41.18
CA LEU A 553 6.50 14.07 -40.08
C LEU A 553 5.16 14.79 -40.14
N PHE A 554 5.21 16.10 -40.36
CA PHE A 554 4.01 16.95 -40.34
C PHE A 554 3.02 16.78 -41.47
N LYS A 555 3.55 16.65 -42.67
CA LYS A 555 2.75 16.36 -43.87
C LYS A 555 2.54 14.83 -44.05
N THR A 556 2.82 14.07 -43.00
CA THR A 556 2.47 12.67 -42.93
C THR A 556 1.68 12.34 -41.67
N ASN A 557 1.61 13.28 -40.73
CA ASN A 557 0.90 13.06 -39.49
C ASN A 557 0.05 14.25 -39.06
N ARG A 558 -1.11 13.97 -38.48
CA ARG A 558 -1.89 15.03 -37.88
C ARG A 558 -1.12 15.61 -36.70
N LYS A 559 -0.56 14.73 -35.88
CA LYS A 559 0.23 15.13 -34.72
C LYS A 559 1.52 14.32 -34.65
N VAL A 560 2.62 14.98 -34.30
CA VAL A 560 3.89 14.25 -34.24
C VAL A 560 4.51 14.20 -32.86
N THR A 561 4.76 12.98 -32.40
CA THR A 561 5.37 12.73 -31.11
C THR A 561 6.88 12.86 -31.15
N VAL A 562 7.49 13.02 -29.99
CA VAL A 562 8.93 13.09 -29.90
C VAL A 562 9.45 11.76 -30.39
N LYS A 563 8.73 10.69 -30.10
CA LYS A 563 9.24 9.37 -30.40
C LYS A 563 9.47 9.22 -31.89
N GLN A 564 8.54 9.69 -32.70
CA GLN A 564 8.77 9.67 -34.14
C GLN A 564 9.93 10.58 -34.47
N LEU A 565 9.95 11.76 -33.87
CA LEU A 565 11.02 12.68 -34.15
C LEU A 565 12.34 12.08 -33.70
N LYS A 566 12.33 11.50 -32.51
CA LYS A 566 13.54 10.87 -32.03
C LYS A 566 13.89 9.68 -32.90
N GLU A 567 12.88 8.88 -33.23
CA GLU A 567 13.12 7.64 -33.95
C GLU A 567 12.80 7.71 -35.42
N ASP A 568 11.65 8.28 -35.76
CA ASP A 568 11.22 8.27 -37.14
C ASP A 568 12.20 9.04 -38.00
N TYR A 569 12.69 10.16 -37.49
CA TYR A 569 13.57 10.99 -38.28
C TYR A 569 15.06 10.87 -37.94
N PHE A 570 15.41 11.07 -36.68
CA PHE A 570 16.82 11.19 -36.36
C PHE A 570 17.63 9.93 -36.63
N LYS A 571 17.15 8.79 -36.16
CA LYS A 571 17.82 7.53 -36.46
C LYS A 571 17.66 7.13 -37.92
N LYS A 572 16.44 7.24 -38.41
CA LYS A 572 16.12 6.81 -39.76
C LYS A 572 16.76 7.61 -40.87
N ILE A 573 16.75 8.93 -40.74
CA ILE A 573 17.17 9.79 -41.84
C ILE A 573 18.59 10.32 -41.74
N GLU A 574 18.96 10.78 -40.56
CA GLU A 574 20.29 11.33 -40.38
C GLU A 574 21.23 10.19 -40.01
N CYS A 575 20.69 8.98 -39.96
CA CYS A 575 21.51 7.83 -39.52
C CYS A 575 22.25 8.06 -38.18
N PHE A 576 21.46 8.47 -37.19
CA PHE A 576 21.86 8.56 -35.77
C PHE A 576 21.48 7.28 -35.00
N ASP A 577 21.98 7.15 -33.77
CA ASP A 577 21.68 5.99 -32.89
C ASP A 577 20.72 6.39 -31.75
N SER A 578 21.10 7.39 -30.97
CA SER A 578 20.22 7.95 -29.94
C SER A 578 20.49 9.45 -29.75
N VAL A 579 19.40 10.21 -29.90
CA VAL A 579 19.42 11.66 -29.94
C VAL A 579 18.57 12.15 -28.75
N GLU A 580 19.20 12.86 -27.82
CA GLU A 580 18.46 13.60 -26.79
C GLU A 580 17.71 14.80 -27.41
N ILE A 581 16.45 14.99 -27.06
CA ILE A 581 15.73 16.18 -27.51
C ILE A 581 15.32 17.07 -26.34
N SER A 582 15.52 18.38 -26.52
CA SER A 582 15.09 19.37 -25.52
C SER A 582 14.32 20.51 -26.17
N GLY A 583 13.51 21.23 -25.39
CA GLY A 583 12.72 22.34 -25.87
C GLY A 583 11.31 22.04 -26.32
N VAL A 584 10.95 20.77 -26.30
CA VAL A 584 9.57 20.34 -26.53
C VAL A 584 9.33 19.22 -25.53
N GLU A 585 8.10 18.90 -25.18
CA GLU A 585 7.95 17.79 -24.27
C GLU A 585 6.77 16.89 -24.60
N ASP A 586 7.06 15.62 -24.79
CA ASP A 586 6.04 14.63 -25.11
C ASP A 586 5.54 14.66 -26.55
N ARG A 587 4.98 15.77 -26.99
CA ARG A 587 4.41 15.84 -28.32
C ARG A 587 4.24 17.27 -28.79
N PHE A 588 3.99 17.47 -30.07
CA PHE A 588 3.81 18.85 -30.52
C PHE A 588 2.36 19.31 -30.30
N ASN A 589 2.22 20.58 -29.96
CA ASN A 589 0.92 21.20 -29.70
C ASN A 589 0.31 21.68 -31.01
N ALA A 590 1.13 22.22 -31.89
CA ALA A 590 0.62 22.73 -33.14
C ALA A 590 0.88 21.79 -34.28
N SER A 591 -0.16 21.43 -35.02
CA SER A 591 -0.03 20.54 -36.16
C SER A 591 -0.89 21.03 -37.31
N LEU A 592 -0.57 20.59 -38.52
CA LEU A 592 -1.26 21.07 -39.69
C LEU A 592 -2.56 20.32 -39.89
N GLY A 593 -3.54 20.64 -39.07
CA GLY A 593 -4.83 19.98 -39.16
C GLY A 593 -5.47 20.26 -40.48
N THR A 594 -5.37 21.51 -40.93
CA THR A 594 -6.05 21.93 -42.14
C THR A 594 -5.43 21.35 -43.39
N TYR A 595 -4.14 21.05 -43.34
CA TYR A 595 -3.48 20.30 -44.42
C TYR A 595 -4.03 18.86 -44.54
N HIS A 596 -4.20 18.18 -43.42
CA HIS A 596 -4.67 16.80 -43.44
C HIS A 596 -6.16 16.70 -43.78
N ASP A 597 -6.95 17.62 -43.22
CA ASP A 597 -8.38 17.71 -43.56
C ASP A 597 -8.58 17.89 -45.08
N LEU A 598 -7.73 18.69 -45.71
CA LEU A 598 -7.85 18.96 -47.14
C LEU A 598 -7.26 17.86 -48.03
N LEU A 599 -6.31 17.11 -47.48
CA LEU A 599 -5.74 15.99 -48.20
C LEU A 599 -6.73 14.83 -48.32
N LYS A 600 -7.48 14.60 -47.25
CA LYS A 600 -8.47 13.52 -47.18
C LYS A 600 -9.53 13.70 -48.25
N ILE A 601 -10.12 14.89 -48.25
CA ILE A 601 -11.22 15.22 -49.15
C ILE A 601 -10.72 15.39 -50.60
N ILE A 602 -9.60 16.07 -50.79
CA ILE A 602 -9.13 16.36 -52.15
C ILE A 602 -8.25 15.25 -52.79
N LYS A 603 -7.69 14.35 -51.97
CA LYS A 603 -6.89 13.19 -52.43
C LYS A 603 -5.88 13.49 -53.57
N ASP A 604 -5.23 14.67 -53.48
CA ASP A 604 -4.28 15.18 -54.48
C ASP A 604 -3.13 15.87 -53.74
N LYS A 605 -2.14 15.09 -53.33
CA LYS A 605 -1.05 15.57 -52.50
C LYS A 605 -0.27 16.67 -53.19
N ASP A 606 -0.09 16.55 -54.49
CA ASP A 606 0.68 17.53 -55.23
C ASP A 606 0.00 18.88 -55.09
N PHE A 607 -1.32 18.88 -55.12
CA PHE A 607 -2.07 20.12 -55.09
C PHE A 607 -1.86 20.90 -53.82
N LEU A 608 -1.86 20.22 -52.69
CA LEU A 608 -1.69 20.89 -51.41
C LEU A 608 -0.33 21.54 -51.34
N ASP A 609 0.66 20.84 -51.88
CA ASP A 609 2.05 21.23 -51.76
C ASP A 609 2.53 22.18 -52.84
N ASN A 610 1.67 22.51 -53.79
CA ASN A 610 2.12 23.33 -54.91
C ASN A 610 2.61 24.68 -54.44
N GLU A 611 1.90 25.30 -53.53
CA GLU A 611 2.32 26.53 -52.91
C GLU A 611 2.05 27.74 -53.79
N GLU A 612 1.50 27.46 -54.97
CA GLU A 612 0.83 28.48 -55.77
C GLU A 612 -0.69 28.29 -55.67
N ASN A 613 -1.07 27.16 -55.08
CA ASN A 613 -2.45 26.82 -54.78
C ASN A 613 -2.85 27.38 -53.43
N GLU A 614 -1.90 28.00 -52.75
CA GLU A 614 -2.12 28.49 -51.42
C GLU A 614 -3.23 29.50 -51.45
N ASP A 615 -3.28 30.32 -52.49
CA ASP A 615 -4.35 31.33 -52.52
C ASP A 615 -5.72 30.72 -52.66
N ILE A 616 -5.87 29.83 -53.65
CA ILE A 616 -7.12 29.12 -53.82
C ILE A 616 -7.48 28.44 -52.51
N LEU A 617 -6.49 27.79 -51.89
CA LEU A 617 -6.71 27.02 -50.68
C LEU A 617 -7.05 27.89 -49.47
N GLU A 618 -6.48 29.07 -49.39
CA GLU A 618 -6.80 29.96 -48.27
C GLU A 618 -8.15 30.66 -48.40
N ASP A 619 -8.61 30.94 -49.61
CA ASP A 619 -9.96 31.46 -49.78
C ASP A 619 -11.02 30.42 -49.38
N ILE A 620 -10.77 29.16 -49.74
CA ILE A 620 -11.67 28.05 -49.41
C ILE A 620 -11.93 28.06 -47.91
N VAL A 621 -10.87 27.82 -47.15
CA VAL A 621 -10.94 27.82 -45.69
C VAL A 621 -11.72 29.04 -45.22
N LEU A 622 -11.44 30.19 -45.84
CA LEU A 622 -12.05 31.43 -45.44
C LEU A 622 -13.57 31.37 -45.55
N THR A 623 -14.08 30.71 -46.57
CA THR A 623 -15.53 30.65 -46.72
C THR A 623 -16.15 29.65 -45.75
N LEU A 624 -15.49 28.51 -45.54
CA LEU A 624 -15.98 27.49 -44.61
C LEU A 624 -15.91 27.89 -43.13
N THR A 625 -15.15 28.94 -42.83
CA THR A 625 -15.13 29.55 -41.51
C THR A 625 -16.19 30.67 -41.44
N LEU A 626 -16.23 31.52 -42.46
CA LEU A 626 -17.20 32.61 -42.51
C LEU A 626 -18.63 32.13 -42.46
N PHE A 627 -18.93 31.07 -43.20
CA PHE A 627 -20.32 30.66 -43.35
C PHE A 627 -20.67 29.27 -42.86
N GLU A 628 -21.66 29.18 -42.00
CA GLU A 628 -22.44 27.98 -41.78
C GLU A 628 -23.31 27.62 -42.98
N ASP A 629 -23.89 28.65 -43.59
CA ASP A 629 -25.02 28.52 -44.47
C ASP A 629 -24.69 27.64 -45.66
N ARG A 630 -25.55 26.67 -45.96
CA ARG A 630 -25.37 25.80 -47.12
C ARG A 630 -25.51 26.50 -48.48
N GLU A 631 -26.50 27.37 -48.60
CA GLU A 631 -26.73 27.99 -49.89
C GLU A 631 -25.57 28.86 -50.26
N MET A 632 -25.11 29.65 -49.31
CA MET A 632 -24.06 30.63 -49.57
C MET A 632 -22.77 29.94 -49.93
N ILE A 633 -22.49 28.86 -49.23
CA ILE A 633 -21.21 28.12 -49.41
C ILE A 633 -21.13 27.60 -50.83
N GLU A 634 -22.28 27.12 -51.32
CA GLU A 634 -22.39 26.62 -52.69
C GLU A 634 -22.04 27.76 -53.69
N GLU A 635 -22.75 28.90 -53.57
CA GLU A 635 -22.47 30.15 -54.33
C GLU A 635 -21.02 30.55 -54.28
N ARG A 636 -20.41 30.36 -53.12
CA ARG A 636 -19.05 30.81 -52.90
C ARG A 636 -17.98 29.77 -53.19
N LEU A 637 -18.34 28.55 -53.61
CA LEU A 637 -17.35 27.62 -54.18
C LEU A 637 -17.53 27.37 -55.67
N LYS A 638 -18.43 28.11 -56.31
CA LYS A 638 -18.82 27.83 -57.69
C LYS A 638 -17.64 27.76 -58.65
N THR A 639 -16.64 28.62 -58.46
CA THR A 639 -15.55 28.76 -59.47
C THR A 639 -14.46 27.74 -59.34
N TYR A 640 -14.47 26.92 -58.29
CA TYR A 640 -13.55 25.79 -58.23
C TYR A 640 -14.26 24.49 -58.60
N ALA A 641 -15.45 24.59 -59.17
CA ALA A 641 -16.15 23.41 -59.64
C ALA A 641 -15.35 22.68 -60.73
N HIS A 642 -14.76 23.45 -61.64
CA HIS A 642 -13.97 22.85 -62.72
C HIS A 642 -12.79 22.04 -62.16
N LEU A 643 -12.10 22.60 -61.17
CA LEU A 643 -10.88 21.98 -60.66
C LEU A 643 -11.10 20.62 -60.04
N PHE A 644 -12.33 20.34 -59.59
CA PHE A 644 -12.58 19.21 -58.72
C PHE A 644 -13.77 18.37 -59.13
N ASP A 645 -13.71 17.10 -58.75
CA ASP A 645 -14.77 16.12 -58.97
C ASP A 645 -16.05 16.52 -58.24
N ASP A 646 -17.20 16.07 -58.72
CA ASP A 646 -18.47 16.27 -58.01
C ASP A 646 -18.62 15.31 -56.81
N LYS A 647 -17.70 14.34 -56.68
CA LYS A 647 -17.56 13.51 -55.47
C LYS A 647 -16.89 14.30 -54.34
N VAL A 648 -15.73 14.89 -54.65
CA VAL A 648 -15.02 15.80 -53.73
C VAL A 648 -15.80 17.09 -53.41
N MET A 649 -16.32 17.75 -54.45
CA MET A 649 -17.01 19.04 -54.31
C MET A 649 -18.10 19.01 -53.24
N LYS A 650 -19.00 18.03 -53.36
CA LYS A 650 -20.02 17.77 -52.34
C LYS A 650 -19.34 17.61 -50.98
N GLN A 651 -18.34 16.74 -50.94
CA GLN A 651 -17.62 16.47 -49.70
C GLN A 651 -16.93 17.72 -49.12
N LEU A 652 -16.51 18.64 -49.99
CA LEU A 652 -15.91 19.89 -49.54
C LEU A 652 -16.84 20.67 -48.64
N LYS A 653 -18.01 21.00 -49.18
CA LYS A 653 -18.98 21.81 -48.45
C LYS A 653 -19.41 21.16 -47.13
N ARG A 654 -19.33 19.83 -47.07
CA ARG A 654 -19.62 19.09 -45.83
C ARG A 654 -18.50 19.18 -44.78
N ARG A 655 -17.37 19.79 -45.15
CA ARG A 655 -16.38 20.21 -44.16
C ARG A 655 -16.68 21.64 -43.70
N ARG A 656 -16.85 21.87 -42.41
CA ARG A 656 -17.04 23.22 -41.84
C ARG A 656 -15.96 23.57 -40.83
N TYR A 657 -15.75 24.86 -40.61
CA TYR A 657 -14.72 25.36 -39.69
C TYR A 657 -15.21 26.53 -38.83
N THR A 658 -14.61 26.69 -37.65
CA THR A 658 -14.92 27.81 -36.74
C THR A 658 -13.63 28.36 -36.09
N GLY A 659 -13.54 29.69 -35.95
CA GLY A 659 -12.51 30.34 -35.10
C GLY A 659 -11.54 31.20 -35.86
N TRP A 660 -11.08 32.28 -35.22
CA TRP A 660 -10.12 33.20 -35.83
C TRP A 660 -8.87 33.32 -35.00
N GLY A 661 -7.74 33.57 -35.67
CA GLY A 661 -6.45 33.76 -35.01
C GLY A 661 -6.24 35.21 -34.64
N ARG A 662 -5.12 35.50 -33.98
CA ARG A 662 -4.75 36.87 -33.60
C ARG A 662 -4.13 37.68 -34.75
N LEU A 663 -3.64 37.02 -35.80
CA LEU A 663 -2.70 37.63 -36.75
C LEU A 663 -3.18 37.78 -38.18
N SER A 664 -2.57 38.72 -38.90
CA SER A 664 -2.85 38.96 -40.31
C SER A 664 -1.83 38.25 -41.18
N ARG A 665 -2.28 37.79 -42.35
CA ARG A 665 -1.38 37.27 -43.38
C ARG A 665 -0.21 38.22 -43.65
N LYS A 666 -0.52 39.53 -43.67
CA LYS A 666 0.48 40.58 -43.89
C LYS A 666 1.53 40.62 -42.78
N LEU A 667 1.10 40.29 -41.58
CA LEU A 667 2.03 40.13 -40.48
C LEU A 667 3.03 39.05 -40.77
N ILE A 668 2.50 37.85 -40.99
CA ILE A 668 3.31 36.67 -41.17
C ILE A 668 4.19 36.75 -42.42
N ASN A 669 3.65 37.21 -43.53
CA ASN A 669 4.48 37.32 -44.73
C ASN A 669 4.59 38.67 -45.42
N GLY A 670 3.57 39.50 -45.29
CA GLY A 670 3.53 40.70 -46.11
C GLY A 670 4.65 41.68 -45.87
N ILE A 671 4.96 41.92 -44.61
CA ILE A 671 6.03 42.83 -44.25
C ILE A 671 7.38 42.16 -44.41
N ARG A 672 8.43 42.94 -44.66
CA ARG A 672 9.77 42.39 -44.74
C ARG A 672 10.77 43.21 -43.96
N ASP A 673 11.83 42.52 -43.59
CA ASP A 673 13.00 43.16 -43.02
C ASP A 673 13.71 43.99 -44.11
N LYS A 674 13.97 45.26 -43.81
CA LYS A 674 14.68 46.17 -44.71
C LYS A 674 16.04 45.58 -45.12
N GLN A 675 16.88 45.23 -44.14
CA GLN A 675 18.24 44.72 -44.40
C GLN A 675 18.30 43.39 -45.19
N SER A 676 17.40 42.45 -44.87
CA SER A 676 17.44 41.07 -45.41
C SER A 676 16.39 40.74 -46.47
N GLY A 677 15.35 41.57 -46.55
CA GLY A 677 14.16 41.24 -47.34
C GLY A 677 13.44 39.96 -46.92
N LYS A 678 13.62 39.55 -45.66
CA LYS A 678 13.04 38.30 -45.15
C LYS A 678 11.83 38.64 -44.32
N THR A 679 10.70 38.07 -44.69
CA THR A 679 9.45 38.20 -43.92
C THR A 679 9.60 37.53 -42.54
N ILE A 680 8.57 37.63 -41.72
CA ILE A 680 8.59 36.99 -40.39
C ILE A 680 8.70 35.49 -40.58
N LEU A 681 7.75 34.94 -41.32
CA LEU A 681 7.76 33.51 -41.64
C LEU A 681 9.04 33.09 -42.36
N ASP A 682 9.61 33.99 -43.17
CA ASP A 682 10.91 33.73 -43.81
C ASP A 682 12.03 33.51 -42.78
N PHE A 683 11.99 34.24 -41.66
CA PHE A 683 12.97 34.05 -40.56
C PHE A 683 12.78 32.79 -39.75
N LEU A 684 11.53 32.45 -39.49
CA LEU A 684 11.21 31.25 -38.73
C LEU A 684 11.80 30.00 -39.39
N LYS A 685 11.83 29.98 -40.72
CA LYS A 685 12.34 28.84 -41.49
C LYS A 685 13.84 28.69 -41.40
N SER A 686 14.55 29.75 -41.79
CA SER A 686 16.00 29.77 -41.76
C SER A 686 16.42 31.03 -41.04
N ASP A 687 17.05 30.86 -39.88
CA ASP A 687 17.71 31.96 -39.20
C ASP A 687 19.16 31.71 -38.81
N GLY A 688 19.65 30.48 -39.09
CA GLY A 688 21.06 30.15 -39.03
C GLY A 688 21.38 29.44 -37.73
N PHE A 689 22.53 29.78 -37.15
CA PHE A 689 22.89 29.34 -35.80
C PHE A 689 21.92 29.97 -34.78
N ALA A 690 21.69 31.28 -34.93
CA ALA A 690 20.74 32.03 -34.10
C ALA A 690 19.30 31.85 -34.57
N ASN A 691 18.49 31.09 -33.81
CA ASN A 691 17.14 30.68 -34.21
C ASN A 691 16.08 31.38 -33.40
N ARG A 692 15.66 32.55 -33.92
CA ARG A 692 14.70 33.44 -33.28
C ARG A 692 13.26 32.96 -33.35
N ASN A 693 12.43 33.50 -32.47
CA ASN A 693 11.01 33.11 -32.37
C ASN A 693 10.09 34.30 -32.57
N PHE A 694 8.84 34.06 -32.92
CA PHE A 694 8.00 35.13 -33.38
C PHE A 694 7.89 36.23 -32.34
N MET A 695 7.73 35.86 -31.09
CA MET A 695 7.60 36.89 -30.06
C MET A 695 8.90 37.67 -30.07
N GLN A 696 10.02 36.97 -30.22
CA GLN A 696 11.32 37.63 -30.26
C GLN A 696 11.43 38.54 -31.45
N LEU A 697 10.93 38.09 -32.59
CA LEU A 697 11.12 38.84 -33.80
C LEU A 697 10.44 40.20 -33.69
N ILE A 698 9.24 40.23 -33.12
CA ILE A 698 8.59 41.49 -32.88
C ILE A 698 9.35 42.36 -31.88
N HIS A 699 9.77 41.76 -30.77
CA HIS A 699 10.53 42.50 -29.76
C HIS A 699 11.91 42.94 -30.24
N ASP A 700 12.59 42.02 -30.90
CA ASP A 700 13.94 42.23 -31.47
C ASP A 700 14.00 43.53 -32.26
N ASP A 701 14.78 44.48 -31.74
CA ASP A 701 14.93 45.82 -32.33
C ASP A 701 15.98 45.90 -33.41
N SER A 702 16.72 44.82 -33.64
CA SER A 702 17.64 44.74 -34.79
C SER A 702 16.92 44.54 -36.14
N LEU A 703 15.60 44.27 -36.13
CA LEU A 703 14.81 44.06 -37.37
C LEU A 703 13.67 45.07 -37.59
N THR A 704 13.26 45.14 -38.86
CA THR A 704 12.27 46.09 -39.38
C THR A 704 10.81 45.79 -38.94
N PHE A 705 10.54 44.65 -38.30
CA PHE A 705 9.15 44.24 -37.97
C PHE A 705 8.58 45.03 -36.77
N LYS A 706 9.36 45.10 -35.68
CA LYS A 706 9.01 45.88 -34.47
C LYS A 706 8.60 47.33 -34.76
N GLU A 707 9.43 47.93 -35.59
CA GLU A 707 9.34 49.35 -35.96
C GLU A 707 8.18 49.64 -36.92
N ASP A 708 8.00 48.83 -37.96
CA ASP A 708 6.82 48.91 -38.82
C ASP A 708 5.52 48.66 -38.03
N ILE A 709 5.54 47.77 -37.03
CA ILE A 709 4.35 47.57 -36.17
C ILE A 709 3.99 48.87 -35.48
N GLN A 710 4.97 49.44 -34.77
CA GLN A 710 4.84 50.77 -34.14
C GLN A 710 4.31 51.77 -35.18
N LYS A 711 5.00 51.84 -36.31
CA LYS A 711 4.61 52.68 -37.46
C LYS A 711 3.22 52.35 -38.02
N ALA A 712 2.77 51.12 -37.79
CA ALA A 712 1.46 50.63 -38.26
C ALA A 712 0.31 50.91 -37.31
N GLN A 713 0.60 50.97 -36.01
CA GLN A 713 -0.44 51.38 -35.06
C GLN A 713 -0.51 52.89 -35.20
N VAL A 714 -1.55 53.33 -35.91
CA VAL A 714 -1.70 54.69 -36.39
C VAL A 714 -3.04 55.31 -36.04
N SER A 715 -4.11 54.50 -35.99
CA SER A 715 -5.38 54.96 -35.45
C SER A 715 -6.01 56.07 -36.31
N ASP A 719 -6.63 60.34 -33.66
CA ASP A 719 -7.60 61.35 -34.07
C ASP A 719 -8.33 62.06 -32.87
N SER A 720 -9.61 61.73 -32.61
CA SER A 720 -10.37 62.28 -31.47
C SER A 720 -10.11 61.47 -30.18
N LEU A 721 -10.65 61.91 -29.05
CA LEU A 721 -10.27 61.29 -27.78
C LEU A 721 -10.79 59.87 -27.60
N HIS A 722 -12.11 59.75 -27.54
CA HIS A 722 -12.73 58.51 -27.17
C HIS A 722 -12.35 57.48 -28.18
N GLU A 723 -12.17 57.91 -29.42
CA GLU A 723 -11.69 57.01 -30.42
C GLU A 723 -10.33 56.54 -29.97
N HIS A 724 -9.53 57.47 -29.45
CA HIS A 724 -8.21 57.08 -29.00
C HIS A 724 -8.30 56.09 -27.87
N ILE A 725 -9.17 56.37 -26.92
CA ILE A 725 -9.39 55.45 -25.82
C ILE A 725 -9.97 54.14 -26.29
N ALA A 726 -10.90 54.23 -27.23
CA ALA A 726 -11.61 53.05 -27.65
C ALA A 726 -10.64 52.07 -28.24
N ASN A 727 -9.69 52.57 -29.00
CA ASN A 727 -8.83 51.75 -29.83
C ASN A 727 -7.97 50.74 -29.08
N LEU A 728 -7.42 51.12 -27.94
CA LEU A 728 -6.49 50.24 -27.25
C LEU A 728 -7.14 48.95 -26.78
N ALA A 729 -6.37 47.88 -26.87
CA ALA A 729 -6.79 46.59 -26.35
C ALA A 729 -6.78 46.63 -24.86
N GLY A 730 -7.60 45.77 -24.27
CA GLY A 730 -7.76 45.65 -22.81
C GLY A 730 -9.18 45.72 -22.34
N SER A 731 -9.40 45.23 -21.11
CA SER A 731 -10.73 45.08 -20.50
C SER A 731 -11.58 46.39 -20.51
N PRO A 732 -12.92 46.28 -20.44
CA PRO A 732 -13.68 47.56 -20.52
C PRO A 732 -13.50 48.42 -19.27
N ALA A 733 -13.35 47.74 -18.13
CA ALA A 733 -13.08 48.39 -16.86
C ALA A 733 -11.80 49.21 -16.90
N ILE A 734 -10.76 48.71 -17.59
CA ILE A 734 -9.46 49.41 -17.67
C ILE A 734 -9.47 50.55 -18.66
N LYS A 735 -10.41 50.56 -19.59
CA LYS A 735 -10.58 51.72 -20.47
C LYS A 735 -11.15 52.90 -19.72
N LYS A 736 -12.09 52.63 -18.81
CA LYS A 736 -12.66 53.63 -17.89
C LYS A 736 -11.59 54.27 -17.04
N GLY A 737 -10.69 53.46 -16.48
CA GLY A 737 -9.59 53.93 -15.65
C GLY A 737 -8.57 54.71 -16.43
N ILE A 738 -8.32 54.33 -17.67
CA ILE A 738 -7.40 55.08 -18.51
C ILE A 738 -7.97 56.45 -18.83
N LEU A 739 -9.26 56.47 -19.11
CA LEU A 739 -9.97 57.71 -19.30
C LEU A 739 -10.00 58.56 -18.04
N GLN A 740 -10.25 57.95 -16.88
CA GLN A 740 -10.23 58.67 -15.61
C GLN A 740 -8.84 59.09 -15.24
N THR A 741 -7.83 58.42 -15.75
CA THR A 741 -6.49 58.82 -15.45
C THR A 741 -6.21 60.13 -16.16
N VAL A 742 -6.50 60.18 -17.44
CA VAL A 742 -6.11 61.34 -18.23
C VAL A 742 -6.83 62.60 -17.77
N LYS A 743 -8.05 62.46 -17.26
CA LYS A 743 -8.80 63.61 -16.73
C LYS A 743 -8.16 64.16 -15.47
N VAL A 744 -7.68 63.26 -14.64
CA VAL A 744 -6.98 63.64 -13.43
C VAL A 744 -5.70 64.40 -13.75
N VAL A 745 -4.94 63.91 -14.72
CA VAL A 745 -3.72 64.59 -15.21
C VAL A 745 -4.05 66.01 -15.72
N ASP A 746 -5.17 66.14 -16.42
CA ASP A 746 -5.59 67.43 -16.95
C ASP A 746 -5.92 68.41 -15.84
N GLU A 747 -6.72 67.96 -14.87
CA GLU A 747 -7.02 68.73 -13.67
C GLU A 747 -5.74 69.13 -12.92
N LEU A 748 -4.82 68.17 -12.77
CA LEU A 748 -3.59 68.42 -12.06
C LEU A 748 -2.74 69.47 -12.76
N VAL A 749 -2.68 69.38 -14.08
CA VAL A 749 -1.91 70.34 -14.83
C VAL A 749 -2.53 71.69 -14.61
N LYS A 750 -3.85 71.74 -14.61
CA LYS A 750 -4.56 72.98 -14.39
C LYS A 750 -4.22 73.47 -13.00
N VAL A 751 -4.15 72.53 -12.07
CA VAL A 751 -3.88 72.84 -10.68
C VAL A 751 -2.53 73.49 -10.54
N MET A 752 -1.60 73.05 -11.37
CA MET A 752 -0.19 73.40 -11.25
C MET A 752 0.16 74.66 -12.02
N GLY A 753 -0.83 75.41 -12.45
CA GLY A 753 -0.57 76.64 -13.17
C GLY A 753 -0.51 76.45 -14.65
N ARG A 754 -0.90 75.26 -15.09
CA ARG A 754 -0.99 74.97 -16.50
C ARG A 754 0.40 74.68 -17.03
N HIS A 755 1.34 74.56 -16.11
CA HIS A 755 2.65 74.05 -16.42
C HIS A 755 2.58 72.57 -16.51
N LYS A 756 3.21 72.04 -17.55
CA LYS A 756 3.35 70.62 -17.72
C LYS A 756 4.43 70.14 -16.73
N PRO A 757 4.30 68.90 -16.24
CA PRO A 757 5.33 68.41 -15.33
C PRO A 757 6.65 68.11 -16.04
N GLU A 758 7.62 67.66 -15.27
CA GLU A 758 8.86 67.15 -15.83
C GLU A 758 8.62 65.72 -16.34
N ASN A 759 7.95 64.91 -15.51
CA ASN A 759 7.69 63.53 -15.85
C ASN A 759 6.40 63.00 -15.25
N ILE A 760 5.86 61.98 -15.91
CA ILE A 760 4.67 61.33 -15.43
C ILE A 760 5.01 59.86 -15.27
N VAL A 761 4.95 59.40 -14.04
CA VAL A 761 5.24 58.03 -13.76
C VAL A 761 3.95 57.28 -13.72
N ILE A 762 3.94 56.21 -14.50
CA ILE A 762 2.84 55.31 -14.59
C ILE A 762 3.23 53.98 -13.96
N GLU A 763 2.26 53.30 -13.39
CA GLU A 763 2.38 51.88 -13.10
C GLU A 763 0.95 51.41 -13.09
N MET A 764 0.71 50.12 -13.28
CA MET A 764 -0.67 49.64 -13.26
C MET A 764 -0.83 48.59 -12.19
N ALA A 765 -1.75 48.83 -11.24
CA ALA A 765 -1.93 47.98 -10.05
C ALA A 765 -2.64 46.75 -10.51
N ARG A 766 -2.38 45.63 -9.85
CA ARG A 766 -3.00 44.37 -10.22
C ARG A 766 -3.86 43.93 -9.06
N GLU A 767 -5.14 43.67 -9.35
CA GLU A 767 -6.07 43.22 -8.34
C GLU A 767 -6.84 42.03 -8.90
N ASN A 768 -6.11 40.93 -9.08
CA ASN A 768 -6.68 39.74 -9.71
C ASN A 768 -6.48 38.45 -8.90
N GLN A 769 -6.53 38.55 -7.57
CA GLN A 769 -6.25 37.40 -6.73
C GLN A 769 -7.51 36.54 -6.65
N THR A 770 -7.73 35.78 -7.71
CA THR A 770 -8.99 35.10 -7.94
C THR A 770 -9.34 34.10 -6.85
N THR A 771 -8.35 33.33 -6.42
CA THR A 771 -8.59 32.29 -5.44
C THR A 771 -8.15 32.72 -4.04
N GLN A 775 -5.91 28.34 -4.28
CA GLN A 775 -5.26 27.05 -4.34
C GLN A 775 -5.20 26.50 -5.76
N LYS A 776 -5.34 27.38 -6.74
CA LYS A 776 -5.18 26.94 -8.12
C LYS A 776 -3.75 26.45 -8.27
N ASN A 777 -2.85 27.19 -7.65
CA ASN A 777 -1.42 26.90 -7.68
C ASN A 777 -1.00 25.82 -6.68
N SER A 778 -1.77 25.63 -5.60
CA SER A 778 -1.41 24.67 -4.54
C SER A 778 -1.66 23.22 -4.97
N ARG A 779 -2.59 23.02 -5.90
CA ARG A 779 -2.75 21.73 -6.52
C ARG A 779 -1.65 21.48 -7.52
N GLU A 780 -1.38 22.48 -8.36
CA GLU A 780 -0.30 22.32 -9.32
C GLU A 780 1.00 21.98 -8.59
N ARG A 781 1.29 22.66 -7.48
CA ARG A 781 2.44 22.30 -6.64
C ARG A 781 2.39 20.80 -6.33
N MET A 782 1.30 20.31 -5.75
CA MET A 782 1.20 18.88 -5.49
C MET A 782 1.30 18.06 -6.78
N LYS A 783 0.63 18.52 -7.83
CA LYS A 783 0.63 17.79 -9.09
C LYS A 783 2.03 17.69 -9.62
N ARG A 784 2.80 18.77 -9.52
CA ARG A 784 4.17 18.76 -10.01
C ARG A 784 4.98 17.73 -9.25
N ILE A 785 4.80 17.67 -7.95
CA ILE A 785 5.55 16.75 -7.09
C ILE A 785 5.25 15.29 -7.40
N GLU A 786 3.97 14.97 -7.52
CA GLU A 786 3.57 13.59 -7.78
C GLU A 786 4.21 13.06 -9.04
N GLU A 787 3.92 13.73 -10.16
CA GLU A 787 4.51 13.35 -11.46
C GLU A 787 6.04 13.37 -11.39
N GLY A 788 6.60 14.37 -10.72
CA GLY A 788 8.04 14.39 -10.42
C GLY A 788 8.48 13.19 -9.60
N ILE A 789 7.89 13.02 -8.42
CA ILE A 789 8.29 11.94 -7.53
C ILE A 789 8.06 10.57 -8.15
N LYS A 790 7.09 10.48 -9.06
CA LYS A 790 6.88 9.27 -9.82
C LYS A 790 7.93 9.10 -10.90
N GLU A 791 8.31 10.18 -11.58
CA GLU A 791 9.35 10.08 -12.61
C GLU A 791 10.65 9.58 -12.02
N LEU A 792 10.98 10.03 -10.81
CA LEU A 792 12.21 9.59 -10.11
C LEU A 792 12.14 8.19 -9.49
N GLY A 793 10.94 7.64 -9.36
CA GLY A 793 10.75 6.35 -8.69
C GLY A 793 11.15 6.40 -7.22
N SER A 794 11.12 7.58 -6.62
CA SER A 794 11.39 7.68 -5.21
C SER A 794 10.16 7.34 -4.40
N GLN A 795 10.42 6.94 -3.16
CA GLN A 795 9.41 6.54 -2.20
C GLN A 795 9.06 7.67 -1.25
N ILE A 796 9.39 8.92 -1.60
CA ILE A 796 9.40 9.99 -0.60
C ILE A 796 8.00 10.30 -0.07
N LEU A 797 7.01 10.16 -0.94
CA LEU A 797 5.66 10.63 -0.62
C LEU A 797 4.94 9.64 0.24
N LYS A 798 5.24 8.37 -0.01
CA LYS A 798 4.81 7.31 0.88
C LYS A 798 5.43 7.58 2.26
N GLU A 799 6.75 7.60 2.32
CA GLU A 799 7.49 7.77 3.58
C GLU A 799 7.13 9.06 4.34
N HIS A 800 6.73 10.11 3.60
CA HIS A 800 6.33 11.37 4.18
C HIS A 800 5.06 11.87 3.52
N PRO A 801 3.91 11.65 4.19
CA PRO A 801 2.58 11.95 3.71
C PRO A 801 2.34 13.26 2.94
N VAL A 802 1.56 13.11 1.89
CA VAL A 802 1.24 14.17 0.94
C VAL A 802 0.06 14.98 1.47
N GLU A 803 0.14 16.30 1.36
CA GLU A 803 -1.02 17.18 1.60
C GLU A 803 -0.70 18.53 0.96
N ASN A 804 -1.59 19.01 0.10
CA ASN A 804 -1.23 20.13 -0.77
C ASN A 804 -1.47 21.52 -0.23
N THR A 805 -2.00 21.66 0.98
CA THR A 805 -2.24 22.99 1.54
C THR A 805 -1.03 23.48 2.35
N GLN A 806 -0.34 22.55 3.02
CA GLN A 806 0.92 22.87 3.65
C GLN A 806 2.06 22.98 2.62
N LEU A 807 1.76 22.71 1.33
CA LEU A 807 2.69 23.03 0.23
C LEU A 807 2.85 24.52 0.02
N GLN A 808 2.12 25.34 0.76
CA GLN A 808 2.38 26.78 0.79
C GLN A 808 3.57 27.27 1.64
N ASN A 809 4.14 26.41 2.49
CA ASN A 809 5.42 26.70 3.16
C ASN A 809 6.58 26.43 2.21
N GLU A 810 7.29 27.48 1.80
CA GLU A 810 8.26 27.34 0.72
C GLU A 810 9.36 26.36 1.10
N LYS A 811 9.85 26.48 2.31
CA LYS A 811 10.83 25.53 2.80
C LYS A 811 10.28 24.10 2.65
N LEU A 812 9.02 23.88 3.07
CA LEU A 812 8.36 22.59 2.91
C LEU A 812 8.24 22.24 1.44
N TYR A 813 7.96 23.25 0.59
CA TYR A 813 7.80 23.01 -0.83
C TYR A 813 9.12 22.56 -1.48
N LEU A 814 10.19 23.26 -1.14
CA LEU A 814 11.50 22.94 -1.72
C LEU A 814 12.05 21.61 -1.23
N TYR A 815 11.73 21.26 0.02
CA TYR A 815 12.09 19.93 0.58
C TYR A 815 11.69 18.87 -0.43
N TYR A 816 10.43 18.92 -0.83
CA TYR A 816 9.84 17.90 -1.70
C TYR A 816 10.45 17.98 -3.10
N LEU A 817 10.47 19.17 -3.69
CA LEU A 817 11.08 19.35 -5.02
C LEU A 817 12.51 18.83 -5.15
N GLN A 818 13.25 18.84 -4.04
CA GLN A 818 14.61 18.31 -4.01
C GLN A 818 14.67 16.86 -3.49
N ASN A 819 13.51 16.24 -3.33
CA ASN A 819 13.39 14.83 -2.95
C ASN A 819 13.91 14.55 -1.54
N GLY A 820 13.82 15.55 -0.69
CA GLY A 820 14.32 15.47 0.68
C GLY A 820 15.83 15.46 0.81
N ARG A 821 16.54 16.10 -0.12
CA ARG A 821 18.00 16.19 -0.09
C ARG A 821 18.49 17.64 -0.09
N ASP A 822 19.75 17.84 0.28
CA ASP A 822 20.40 19.16 0.22
C ASP A 822 20.68 19.44 -1.25
N MET A 823 20.47 20.67 -1.67
CA MET A 823 20.70 21.01 -3.07
C MET A 823 22.16 21.26 -3.42
N TYR A 824 22.97 21.49 -2.39
CA TYR A 824 24.39 21.73 -2.57
C TYR A 824 25.27 20.61 -2.04
N VAL A 825 24.68 19.51 -1.60
CA VAL A 825 25.48 18.41 -1.09
C VAL A 825 24.75 17.09 -1.22
N ASP A 826 25.47 15.98 -1.22
CA ASP A 826 24.82 14.69 -1.29
C ASP A 826 24.43 14.37 0.12
N GLN A 827 23.45 15.11 0.62
CA GLN A 827 23.04 15.01 2.00
C GLN A 827 21.55 14.92 2.01
N GLU A 828 21.00 14.18 2.96
CA GLU A 828 19.58 14.23 3.20
C GLU A 828 19.26 15.48 4.02
N LEU A 829 18.03 15.93 3.94
CA LEU A 829 17.51 16.90 4.89
C LEU A 829 16.56 16.20 5.85
N ASP A 830 16.30 16.84 6.98
CA ASP A 830 15.36 16.34 7.94
C ASP A 830 14.10 17.16 7.77
N ILE A 831 12.99 16.49 7.49
CA ILE A 831 11.76 17.20 7.18
C ILE A 831 11.33 18.03 8.39
N ASN A 832 11.52 17.48 9.57
CA ASN A 832 11.21 18.17 10.82
C ASN A 832 12.02 19.43 11.09
N ARG A 833 13.29 19.39 10.70
CA ARG A 833 14.28 20.37 11.12
C ARG A 833 14.52 21.50 10.12
N LEU A 834 13.56 21.73 9.24
CA LEU A 834 13.70 22.73 8.20
C LEU A 834 13.91 24.10 8.81
N SER A 835 13.46 24.29 10.03
CA SER A 835 13.55 25.60 10.64
C SER A 835 15.02 25.98 10.65
N ASP A 836 15.86 24.98 10.89
CA ASP A 836 17.30 25.19 10.93
C ASP A 836 17.90 25.65 9.59
N TYR A 837 17.39 25.10 8.49
CA TYR A 837 17.96 25.32 7.16
C TYR A 837 17.75 26.71 6.58
N ASP A 838 18.58 27.06 5.59
CA ASP A 838 18.51 28.37 4.93
C ASP A 838 18.04 28.16 3.50
N VAL A 839 17.21 29.07 3.03
CA VAL A 839 16.85 29.11 1.63
C VAL A 839 17.71 30.13 0.93
N ASP A 840 18.29 29.72 -0.18
CA ASP A 840 19.33 30.48 -0.85
C ASP A 840 18.82 30.83 -2.23
N HIS A 841 19.17 32.01 -2.71
CA HIS A 841 18.88 32.41 -4.06
C HIS A 841 20.07 32.10 -4.96
N ILE A 842 19.82 31.44 -6.06
CA ILE A 842 20.90 30.91 -6.91
C ILE A 842 21.65 32.06 -7.58
N VAL A 843 20.90 32.97 -8.19
CA VAL A 843 21.44 34.18 -8.73
C VAL A 843 21.24 35.22 -7.66
N PRO A 844 22.34 35.70 -7.08
CA PRO A 844 22.17 36.48 -5.88
C PRO A 844 21.27 37.70 -6.09
N GLN A 845 20.72 38.19 -4.99
CA GLN A 845 19.81 39.30 -4.97
C GLN A 845 20.51 40.52 -5.52
N SER A 846 21.79 40.64 -5.23
CA SER A 846 22.53 41.81 -5.66
C SER A 846 22.52 41.93 -7.16
N PHE A 847 22.69 40.83 -7.87
CA PHE A 847 22.62 40.87 -9.32
C PHE A 847 21.24 41.22 -9.90
N LEU A 848 20.20 40.61 -9.34
CA LEU A 848 18.83 40.88 -9.75
C LEU A 848 17.88 40.48 -8.63
N LYS A 849 16.68 41.05 -8.62
CA LYS A 849 15.70 40.63 -7.64
C LYS A 849 14.79 39.60 -8.25
N ASP A 850 15.03 38.37 -7.87
CA ASP A 850 14.25 37.22 -8.26
C ASP A 850 14.02 36.46 -6.95
N ASP A 851 12.76 36.38 -6.54
CA ASP A 851 12.38 35.64 -5.35
C ASP A 851 11.62 34.38 -5.69
N SER A 852 11.59 34.05 -6.97
CA SER A 852 10.80 32.93 -7.46
C SER A 852 11.36 31.62 -6.97
N ILE A 853 10.50 30.61 -6.90
CA ILE A 853 10.94 29.29 -6.48
C ILE A 853 11.94 28.79 -7.51
N ASP A 854 11.84 29.31 -8.71
CA ASP A 854 12.72 28.93 -9.78
C ASP A 854 14.14 29.25 -9.38
N ASN A 855 14.32 30.35 -8.68
CA ASN A 855 15.65 30.83 -8.30
C ASN A 855 16.05 30.55 -6.87
N LYS A 856 15.37 29.66 -6.19
CA LYS A 856 15.66 29.39 -4.79
C LYS A 856 15.97 27.92 -4.54
N VAL A 857 16.81 27.66 -3.53
CA VAL A 857 17.11 26.30 -3.11
C VAL A 857 17.23 26.15 -1.62
N LEU A 858 17.01 24.94 -1.14
CA LEU A 858 17.07 24.61 0.27
C LEU A 858 18.40 23.91 0.54
N THR A 859 19.16 24.47 1.49
CA THR A 859 20.38 23.85 1.92
C THR A 859 20.50 24.01 3.43
N ARG A 860 21.18 23.06 4.05
CA ARG A 860 21.42 23.06 5.50
C ARG A 860 22.07 24.39 5.98
N SER A 861 22.89 24.98 5.12
CA SER A 861 23.46 26.30 5.37
C SER A 861 23.91 26.89 4.04
N ASP A 862 23.47 28.11 3.77
CA ASP A 862 23.83 28.85 2.53
C ASP A 862 25.33 28.93 2.24
N LYS A 863 26.16 28.65 3.26
CA LYS A 863 27.60 28.42 3.09
C LYS A 863 27.97 27.27 2.13
N ASN A 864 27.07 26.31 1.90
CA ASN A 864 27.40 25.15 1.06
C ASN A 864 27.51 25.49 -0.41
N ARG A 865 27.11 26.70 -0.77
CA ARG A 865 27.03 27.14 -2.16
C ARG A 865 28.36 27.43 -2.82
N GLY A 866 29.34 27.77 -2.00
CA GLY A 866 30.59 28.28 -2.51
C GLY A 866 30.82 29.64 -1.94
N LYS A 867 32.08 30.06 -2.06
CA LYS A 867 32.59 31.27 -1.44
C LYS A 867 32.21 32.54 -2.22
N SER A 868 31.66 32.36 -3.42
CA SER A 868 31.60 33.44 -4.40
C SER A 868 30.56 34.50 -4.07
N ASP A 869 30.54 35.54 -4.88
CA ASP A 869 29.39 36.43 -5.00
C ASP A 869 28.63 36.14 -6.30
N ASN A 870 29.04 35.08 -6.97
CA ASN A 870 28.52 34.60 -8.22
C ASN A 870 27.42 33.57 -7.99
N VAL A 871 27.17 32.79 -9.02
CA VAL A 871 26.34 31.61 -8.91
C VAL A 871 27.22 30.65 -8.14
N PRO A 872 26.61 29.45 -7.73
CA PRO A 872 27.46 28.65 -6.84
C PRO A 872 28.73 28.07 -7.47
N SER A 873 29.67 27.66 -6.63
CA SER A 873 31.04 27.34 -7.02
C SER A 873 31.21 26.18 -7.95
N GLU A 874 32.26 26.26 -8.76
CA GLU A 874 32.53 25.29 -9.82
C GLU A 874 32.57 23.89 -9.25
N GLU A 875 32.94 23.80 -7.99
CA GLU A 875 33.06 22.53 -7.31
C GLU A 875 31.68 21.91 -7.10
N VAL A 876 30.78 22.66 -6.47
CA VAL A 876 29.43 22.19 -6.22
C VAL A 876 28.80 21.78 -7.53
N VAL A 877 28.97 22.60 -8.56
CA VAL A 877 28.43 22.30 -9.88
C VAL A 877 28.89 20.93 -10.37
N LYS A 878 30.19 20.70 -10.39
CA LYS A 878 30.68 19.43 -10.90
C LYS A 878 30.20 18.26 -10.02
N LYS A 879 30.01 18.49 -8.73
CA LYS A 879 29.54 17.42 -7.81
C LYS A 879 28.06 17.02 -7.90
N MET A 880 27.23 17.96 -8.26
CA MET A 880 25.79 17.76 -8.24
C MET A 880 25.14 17.69 -9.64
N LYS A 881 25.85 18.16 -10.67
CA LYS A 881 25.32 18.31 -12.03
C LYS A 881 24.52 17.09 -12.48
N ASN A 882 25.08 15.90 -12.29
CA ASN A 882 24.33 14.66 -12.53
C ASN A 882 23.02 14.68 -11.77
N TYR A 883 23.11 14.92 -10.47
CA TYR A 883 21.94 14.87 -9.61
C TYR A 883 20.90 15.87 -10.04
N TRP A 884 21.36 17.09 -10.32
CA TRP A 884 20.50 18.11 -10.89
C TRP A 884 19.89 17.75 -12.25
N ARG A 885 20.64 17.02 -13.07
CA ARG A 885 20.18 16.57 -14.39
C ARG A 885 18.97 15.63 -14.26
N GLN A 886 18.97 14.82 -13.22
CA GLN A 886 17.88 13.88 -13.01
C GLN A 886 16.63 14.64 -12.69
N LEU A 887 16.77 15.67 -11.87
CA LEU A 887 15.63 16.49 -11.47
C LEU A 887 15.01 17.22 -12.65
N LEU A 888 15.86 17.74 -13.52
CA LEU A 888 15.42 18.46 -14.71
C LEU A 888 14.70 17.55 -15.67
N ASN A 889 15.24 16.36 -15.89
CA ASN A 889 14.57 15.38 -16.72
C ASN A 889 13.23 15.02 -16.09
N ALA A 890 13.15 15.05 -14.76
CA ALA A 890 11.91 14.78 -14.04
C ALA A 890 11.04 16.02 -13.81
N LYS A 891 11.47 17.18 -14.29
CA LYS A 891 10.70 18.43 -14.24
C LYS A 891 10.49 19.01 -12.84
N LEU A 892 11.29 18.57 -11.88
CA LEU A 892 11.27 19.17 -10.56
C LEU A 892 11.95 20.53 -10.55
N ILE A 893 12.93 20.71 -11.45
CA ILE A 893 13.53 22.00 -11.69
C ILE A 893 13.45 22.35 -13.17
N THR A 894 13.18 23.63 -13.41
CA THR A 894 13.19 24.15 -14.75
C THR A 894 14.59 24.24 -15.37
N GLN A 895 14.60 24.41 -16.68
CA GLN A 895 15.80 24.51 -17.51
C GLN A 895 16.65 25.72 -17.16
N ARG A 896 15.96 26.84 -17.06
CA ARG A 896 16.54 28.08 -16.61
C ARG A 896 17.25 27.91 -15.26
N LYS A 897 16.64 27.11 -14.38
CA LYS A 897 17.18 26.88 -13.04
C LYS A 897 18.43 26.04 -13.09
N PHE A 898 18.37 24.98 -13.88
CA PHE A 898 19.54 24.13 -14.14
C PHE A 898 20.67 25.00 -14.66
N ASP A 899 20.38 25.84 -15.64
CA ASP A 899 21.43 26.63 -16.27
C ASP A 899 22.04 27.58 -15.28
N ASN A 900 21.22 28.20 -14.45
CA ASN A 900 21.70 29.18 -13.49
C ASN A 900 22.62 28.58 -12.45
N LEU A 901 22.28 27.38 -11.99
CA LEU A 901 23.13 26.68 -11.05
C LEU A 901 24.47 26.40 -11.70
N THR A 902 24.41 26.05 -12.98
CA THR A 902 25.55 25.55 -13.73
C THR A 902 26.25 26.66 -14.50
N LYS A 903 25.92 27.91 -14.20
CA LYS A 903 26.51 29.03 -14.88
C LYS A 903 28.01 29.06 -14.65
N ALA A 904 28.44 28.67 -13.46
CA ALA A 904 29.85 28.77 -13.13
C ALA A 904 30.64 27.95 -14.12
N GLU A 905 30.10 26.81 -14.50
CA GLU A 905 30.68 25.98 -15.54
C GLU A 905 30.99 26.84 -16.74
N ARG A 906 30.11 27.79 -17.01
CA ARG A 906 30.16 28.61 -18.20
C ARG A 906 30.85 29.94 -17.92
N GLY A 907 31.54 30.00 -16.79
CA GLY A 907 32.27 31.20 -16.41
C GLY A 907 31.45 32.15 -15.59
N GLY A 908 30.23 31.76 -15.28
CA GLY A 908 29.41 32.56 -14.40
C GLY A 908 28.73 33.73 -15.06
N LEU A 909 28.28 34.66 -14.24
CA LEU A 909 27.46 35.76 -14.68
C LEU A 909 28.23 36.74 -15.54
N SER A 910 27.88 36.78 -16.81
CA SER A 910 28.54 37.63 -17.78
C SER A 910 27.96 39.04 -17.75
N GLU A 911 28.57 39.91 -18.55
CA GLU A 911 27.99 41.21 -18.85
C GLU A 911 26.65 41.02 -19.57
N LEU A 912 26.61 40.07 -20.48
CA LEU A 912 25.41 39.79 -21.23
C LEU A 912 24.30 39.33 -20.31
N ASP A 913 24.63 38.49 -19.34
CA ASP A 913 23.68 38.05 -18.34
C ASP A 913 23.15 39.29 -17.61
N LYS A 914 24.08 40.09 -17.09
CA LYS A 914 23.72 41.26 -16.28
C LYS A 914 22.86 42.26 -17.07
N ALA A 915 23.30 42.60 -18.27
CA ALA A 915 22.52 43.46 -19.15
C ALA A 915 21.10 42.94 -19.36
N GLY A 916 20.93 41.63 -19.23
CA GLY A 916 19.63 40.98 -19.29
C GLY A 916 18.79 41.18 -18.05
N PHE A 917 19.42 41.17 -16.87
CA PHE A 917 18.68 41.40 -15.62
C PHE A 917 18.17 42.83 -15.57
N ILE A 918 18.92 43.72 -16.18
CA ILE A 918 18.59 45.12 -16.21
C ILE A 918 17.34 45.35 -17.04
N LYS A 919 17.35 44.84 -18.28
CA LYS A 919 16.15 44.81 -19.13
C LYS A 919 14.97 44.22 -18.37
N ARG A 920 15.21 43.11 -17.70
CA ARG A 920 14.16 42.42 -17.01
C ARG A 920 13.45 43.34 -16.01
N GLN A 921 14.23 44.13 -15.29
CA GLN A 921 13.71 44.94 -14.18
C GLN A 921 12.98 46.21 -14.61
N LEU A 922 13.49 46.85 -15.67
CA LEU A 922 12.97 48.14 -16.13
C LEU A 922 11.74 48.04 -16.99
N VAL A 923 11.89 47.36 -18.12
CA VAL A 923 10.88 47.40 -19.16
C VAL A 923 9.61 46.72 -18.71
N GLU A 924 8.49 47.41 -18.91
CA GLU A 924 7.16 46.93 -18.57
C GLU A 924 6.72 46.08 -19.77
N THR A 925 6.30 44.86 -19.44
CA THR A 925 6.07 43.84 -20.44
C THR A 925 4.69 43.95 -21.00
N ARG A 926 3.76 44.59 -20.27
CA ARG A 926 2.34 44.62 -20.65
C ARG A 926 2.11 45.70 -21.72
N GLN A 927 1.55 45.31 -22.86
CA GLN A 927 1.49 46.21 -24.02
C GLN A 927 0.54 47.37 -23.75
N ILE A 928 -0.43 47.15 -22.86
CA ILE A 928 -1.48 48.11 -22.56
C ILE A 928 -1.00 49.35 -21.81
N THR A 929 0.10 49.26 -21.09
CA THR A 929 0.62 50.45 -20.42
C THR A 929 1.33 51.31 -21.43
N LYS A 930 1.84 50.71 -22.49
CA LYS A 930 2.53 51.45 -23.53
C LYS A 930 1.57 52.32 -24.32
N HIS A 931 0.41 51.77 -24.59
CA HIS A 931 -0.65 52.55 -25.19
C HIS A 931 -1.07 53.70 -24.28
N VAL A 932 -1.21 53.42 -22.98
CA VAL A 932 -1.57 54.46 -22.01
C VAL A 932 -0.51 55.54 -22.03
N ALA A 933 0.75 55.12 -22.17
CA ALA A 933 1.85 56.08 -22.26
C ALA A 933 1.75 56.98 -23.47
N GLN A 934 1.50 56.36 -24.63
CA GLN A 934 1.41 57.06 -25.89
C GLN A 934 0.42 58.18 -25.82
N ILE A 935 -0.78 57.88 -25.33
CA ILE A 935 -1.85 58.89 -25.19
C ILE A 935 -1.37 60.06 -24.36
N LEU A 936 -0.89 59.79 -23.16
CA LEU A 936 -0.45 60.86 -22.30
C LEU A 936 0.72 61.62 -22.88
N ASP A 937 1.67 60.91 -23.49
CA ASP A 937 2.77 61.60 -24.12
C ASP A 937 2.20 62.43 -25.24
N SER A 938 1.26 61.87 -25.97
CA SER A 938 0.65 62.58 -27.09
C SER A 938 -0.11 63.80 -26.62
N ARG A 939 -0.89 63.64 -25.56
CA ARG A 939 -1.63 64.76 -25.02
C ARG A 939 -0.74 65.83 -24.43
N MET A 940 0.25 65.41 -23.65
CA MET A 940 1.17 66.36 -23.02
C MET A 940 2.08 67.09 -23.99
N ASN A 941 2.63 66.35 -24.94
CA ASN A 941 3.60 66.93 -25.85
C ASN A 941 2.92 67.33 -27.14
N THR A 942 2.89 68.63 -27.38
CA THR A 942 2.14 69.22 -28.49
C THR A 942 2.98 70.09 -29.45
N LYS A 943 4.13 70.58 -29.01
CA LYS A 943 4.92 71.53 -29.77
C LYS A 943 6.00 70.82 -30.60
N TYR A 944 6.28 71.39 -31.76
CA TYR A 944 7.40 70.98 -32.60
C TYR A 944 8.37 72.13 -32.74
N ASP A 945 9.63 71.79 -33.00
CA ASP A 945 10.71 72.78 -33.08
C ASP A 945 10.81 73.35 -34.51
N GLU A 946 11.84 74.15 -34.77
CA GLU A 946 12.04 74.75 -36.10
C GLU A 946 12.52 73.77 -37.19
N ASN A 947 12.70 72.48 -36.87
CA ASN A 947 12.93 71.45 -37.90
C ASN A 947 11.80 70.44 -38.00
N ASP A 948 10.70 70.68 -37.27
CA ASP A 948 9.57 69.74 -37.14
C ASP A 948 9.90 68.43 -36.37
N LYS A 949 10.91 68.49 -35.50
CA LYS A 949 11.11 67.47 -34.48
C LYS A 949 10.16 67.78 -33.32
N LEU A 950 9.54 66.73 -32.78
CA LEU A 950 8.66 66.87 -31.62
C LEU A 950 9.50 67.32 -30.42
N ILE A 951 8.99 68.31 -29.70
CA ILE A 951 9.61 68.79 -28.49
C ILE A 951 8.98 68.06 -27.31
N ARG A 952 9.73 67.14 -26.71
CA ARG A 952 9.19 66.36 -25.59
C ARG A 952 9.49 67.17 -24.32
N GLU A 953 8.48 67.88 -23.85
CA GLU A 953 8.56 68.68 -22.63
C GLU A 953 8.34 67.81 -21.40
N VAL A 954 7.53 66.78 -21.56
CA VAL A 954 7.22 65.87 -20.49
C VAL A 954 7.67 64.48 -20.88
N LYS A 955 8.38 63.83 -19.97
CA LYS A 955 8.84 62.47 -20.17
C LYS A 955 7.89 61.54 -19.43
N VAL A 956 7.25 60.66 -20.16
CA VAL A 956 6.25 59.79 -19.59
C VAL A 956 6.88 58.40 -19.36
N ILE A 957 6.96 58.02 -18.09
CA ILE A 957 7.72 56.85 -17.67
C ILE A 957 6.79 55.79 -17.13
N THR A 958 7.08 54.56 -17.52
CA THR A 958 6.33 53.42 -17.10
C THR A 958 7.26 52.52 -16.31
N LEU A 959 6.77 52.10 -15.15
CA LEU A 959 7.53 51.31 -14.20
C LEU A 959 6.87 49.99 -14.08
N LYS A 960 7.63 48.94 -13.81
CA LYS A 960 7.01 47.70 -13.42
C LYS A 960 6.48 47.92 -12.01
N SER A 961 5.36 47.30 -11.69
CA SER A 961 4.74 47.49 -10.38
C SER A 961 5.72 46.99 -9.34
N LYS A 962 6.53 46.03 -9.73
CA LYS A 962 7.37 45.32 -8.81
C LYS A 962 8.34 46.26 -8.11
N LEU A 963 8.88 47.22 -8.83
CA LEU A 963 9.95 48.01 -8.26
C LEU A 963 9.46 48.75 -7.04
N VAL A 964 8.29 49.35 -7.13
CA VAL A 964 7.70 50.01 -5.98
C VAL A 964 7.33 49.03 -4.89
N SER A 965 6.76 47.90 -5.28
CA SER A 965 6.32 46.91 -4.31
C SER A 965 7.51 46.37 -3.57
N ASP A 966 8.60 46.13 -4.30
CA ASP A 966 9.89 45.75 -3.71
C ASP A 966 10.41 46.86 -2.80
N PHE A 967 10.28 48.10 -3.25
CA PHE A 967 10.77 49.24 -2.51
C PHE A 967 10.06 49.40 -1.19
N ARG A 968 8.76 49.18 -1.17
CA ARG A 968 8.01 49.29 0.08
C ARG A 968 8.52 48.25 1.06
N LYS A 969 8.68 47.03 0.56
CA LYS A 969 9.12 45.93 1.37
C LYS A 969 10.53 46.14 1.88
N ASP A 970 11.37 46.69 1.02
CA ASP A 970 12.77 46.90 1.37
C ASP A 970 12.96 47.88 2.51
N PHE A 971 12.22 48.97 2.51
CA PHE A 971 12.43 50.02 3.50
C PHE A 971 11.37 50.15 4.58
N GLN A 972 10.47 49.17 4.65
CA GLN A 972 9.47 49.15 5.70
C GLN A 972 8.32 50.11 5.50
N PHE A 973 8.12 50.57 4.27
CA PHE A 973 6.92 51.32 3.95
C PHE A 973 5.85 50.32 3.61
N TYR A 974 5.38 49.60 4.62
CA TYR A 974 4.50 48.46 4.45
C TYR A 974 3.10 48.84 4.05
N LYS A 975 2.38 47.91 3.43
CA LYS A 975 1.05 48.21 2.96
C LYS A 975 0.05 47.20 3.49
N VAL A 976 -1.08 47.68 3.98
CA VAL A 976 -2.16 46.85 4.49
C VAL A 976 -3.52 47.35 3.96
N ARG A 977 -3.92 46.86 2.81
CA ARG A 977 -5.15 47.37 2.14
C ARG A 977 -6.36 47.44 3.04
N GLU A 978 -6.48 46.52 3.99
CA GLU A 978 -7.69 46.38 4.78
C GLU A 978 -7.96 47.58 5.65
N ILE A 979 -6.97 48.42 5.84
CA ILE A 979 -7.14 49.61 6.68
C ILE A 979 -8.00 50.68 6.02
N ASN A 980 -7.60 51.14 4.83
CA ASN A 980 -8.32 52.24 4.15
C ASN A 980 -8.06 52.23 2.63
N ASN A 981 -8.17 53.38 1.96
CA ASN A 981 -7.94 53.51 0.51
C ASN A 981 -6.74 54.37 0.11
N TYR A 982 -5.99 54.87 1.07
CA TYR A 982 -4.89 55.82 0.81
C TYR A 982 -3.76 55.20 -0.01
N HIS A 983 -3.48 53.94 0.29
CA HIS A 983 -2.38 53.21 -0.33
C HIS A 983 -2.42 53.28 -1.82
N HIS A 984 -3.60 53.43 -2.40
CA HIS A 984 -3.66 53.66 -3.82
C HIS A 984 -2.87 54.91 -4.17
N ALA A 985 -3.05 55.96 -3.38
CA ALA A 985 -2.40 57.22 -3.65
C ALA A 985 -0.94 57.14 -3.28
N HIS A 986 -0.66 56.49 -2.17
CA HIS A 986 0.71 56.33 -1.78
C HIS A 986 1.50 55.64 -2.89
N ASP A 987 0.98 54.54 -3.41
CA ASP A 987 1.66 53.80 -4.47
C ASP A 987 2.05 54.73 -5.59
N ALA A 988 1.14 55.63 -5.97
CA ALA A 988 1.42 56.61 -7.03
C ALA A 988 2.60 57.49 -6.65
N TYR A 989 2.53 58.11 -5.48
CA TYR A 989 3.67 58.84 -4.95
C TYR A 989 5.00 58.08 -5.06
N LEU A 990 5.01 56.82 -4.62
CA LEU A 990 6.23 56.05 -4.53
C LEU A 990 6.77 55.72 -5.88
N ASN A 991 5.90 55.55 -6.87
CA ASN A 991 6.35 55.42 -8.26
C ASN A 991 7.02 56.69 -8.72
N ALA A 992 6.31 57.80 -8.55
CA ALA A 992 6.84 59.10 -8.92
C ALA A 992 8.23 59.34 -8.37
N VAL A 993 8.49 58.80 -7.21
CA VAL A 993 9.77 58.97 -6.55
C VAL A 993 10.80 58.04 -7.12
N VAL A 994 10.44 56.78 -7.24
CA VAL A 994 11.39 55.79 -7.70
C VAL A 994 11.68 56.05 -9.15
N GLY A 995 10.65 56.42 -9.90
CA GLY A 995 10.81 56.70 -11.31
C GLY A 995 11.74 57.84 -11.64
N THR A 996 11.57 58.94 -10.93
CA THR A 996 12.33 60.15 -11.23
C THR A 996 13.79 59.99 -10.79
N ALA A 997 13.98 59.41 -9.62
CA ALA A 997 15.32 59.05 -9.18
C ALA A 997 16.04 58.31 -10.30
N LEU A 998 15.44 57.20 -10.72
CA LEU A 998 15.99 56.37 -11.79
C LEU A 998 16.28 57.15 -13.06
N ILE A 999 15.37 58.03 -13.44
CA ILE A 999 15.62 58.79 -14.66
C ILE A 999 16.76 59.82 -14.47
N LYS A 1000 17.06 60.21 -13.23
CA LYS A 1000 18.23 61.07 -12.97
C LYS A 1000 19.51 60.26 -12.95
N LYS A 1001 19.51 59.16 -12.18
CA LYS A 1001 20.72 58.34 -12.00
C LYS A 1001 21.13 57.54 -13.25
N TYR A 1002 20.17 57.11 -14.08
CA TYR A 1002 20.48 56.37 -15.32
C TYR A 1002 19.76 56.92 -16.56
N PRO A 1003 20.19 58.09 -17.06
CA PRO A 1003 19.53 58.71 -18.20
C PRO A 1003 19.75 57.98 -19.51
N LYS A 1004 20.91 57.36 -19.69
CA LYS A 1004 21.18 56.57 -20.90
C LYS A 1004 20.23 55.35 -21.05
N LEU A 1005 19.70 54.87 -19.92
CA LEU A 1005 18.68 53.80 -19.91
C LEU A 1005 17.25 54.23 -20.29
N GLU A 1006 17.15 55.45 -20.79
CA GLU A 1006 15.88 56.10 -21.05
C GLU A 1006 15.09 55.30 -22.04
N SER A 1007 15.77 54.76 -23.04
CA SER A 1007 15.09 54.12 -24.13
C SER A 1007 14.27 52.98 -23.60
N GLU A 1008 14.80 52.28 -22.61
CA GLU A 1008 14.06 51.18 -22.01
C GLU A 1008 12.78 51.58 -21.31
N PHE A 1009 12.81 52.66 -20.53
CA PHE A 1009 11.63 53.02 -19.74
C PHE A 1009 10.97 54.36 -19.98
N VAL A 1010 11.29 55.06 -21.06
CA VAL A 1010 10.58 56.29 -21.37
C VAL A 1010 9.94 56.21 -22.73
N TYR A 1011 8.66 56.54 -22.81
CA TYR A 1011 8.00 56.51 -24.10
C TYR A 1011 8.63 57.55 -24.95
N GLY A 1012 8.91 57.20 -26.20
CA GLY A 1012 9.55 58.11 -27.12
C GLY A 1012 10.45 57.34 -28.04
N ASP A 1013 11.22 58.05 -28.86
CA ASP A 1013 12.28 57.43 -29.65
C ASP A 1013 13.60 58.05 -29.22
N TYR A 1014 14.48 57.19 -28.71
CA TYR A 1014 15.73 57.59 -28.08
C TYR A 1014 16.91 56.74 -28.58
N LYS A 1015 18.14 57.11 -28.19
CA LYS A 1015 19.34 56.36 -28.58
C LYS A 1015 19.42 55.10 -27.74
N VAL A 1016 19.37 53.96 -28.41
CA VAL A 1016 19.47 52.69 -27.74
C VAL A 1016 20.94 52.43 -27.48
N TYR A 1017 21.28 52.09 -26.25
CA TYR A 1017 22.66 51.97 -25.86
C TYR A 1017 22.92 50.52 -25.50
N ASP A 1018 24.02 49.96 -26.00
CA ASP A 1018 24.34 48.59 -25.62
C ASP A 1018 24.58 48.66 -24.12
N VAL A 1019 23.88 47.80 -23.40
CA VAL A 1019 23.88 47.83 -21.96
C VAL A 1019 25.26 47.52 -21.43
N ARG A 1020 25.95 46.62 -22.11
CA ARG A 1020 27.21 46.08 -21.63
C ARG A 1020 28.18 47.22 -21.46
N LYS A 1021 28.13 48.20 -22.33
CA LYS A 1021 29.08 49.28 -22.27
C LYS A 1021 28.94 49.92 -20.91
N MET A 1022 27.70 50.00 -20.44
CA MET A 1022 27.43 50.59 -19.13
C MET A 1022 28.12 49.81 -18.04
N ILE A 1023 28.08 48.49 -18.16
CA ILE A 1023 28.60 47.59 -17.13
C ILE A 1023 30.12 47.64 -16.93
N ALA A 1024 30.53 47.61 -15.66
CA ALA A 1024 31.93 47.48 -15.26
C ALA A 1024 32.38 46.02 -15.25
N LYS A 1025 33.60 45.81 -15.76
CA LYS A 1025 34.21 44.47 -15.79
C LYS A 1025 34.56 43.93 -14.39
N SER A 1026 34.76 44.81 -13.41
CA SER A 1026 35.17 44.39 -12.06
C SER A 1026 34.60 45.29 -10.97
N GLU A 1027 34.66 44.79 -9.74
CA GLU A 1027 34.26 45.54 -8.53
C GLU A 1027 35.07 46.82 -8.38
N GLN A 1028 36.39 46.68 -8.54
CA GLN A 1028 37.33 47.79 -8.46
C GLN A 1028 37.09 48.82 -9.57
N GLU A 1029 36.58 48.37 -10.73
CA GLU A 1029 36.24 49.26 -11.85
C GLU A 1029 35.02 50.14 -11.54
N ILE A 1030 34.14 49.64 -10.66
CA ILE A 1030 33.05 50.44 -10.08
C ILE A 1030 32.02 50.84 -11.15
N THR A 1034 34.69 56.93 -13.30
CA THR A 1034 34.67 56.57 -14.71
C THR A 1034 33.25 56.31 -15.14
N ALA A 1035 33.02 56.26 -16.45
CA ALA A 1035 31.67 56.11 -16.97
C ALA A 1035 31.24 54.65 -17.05
N LYS A 1036 31.10 54.02 -15.89
CA LYS A 1036 30.51 52.69 -15.80
C LYS A 1036 29.36 52.70 -14.80
N TYR A 1037 28.16 52.37 -15.28
CA TYR A 1037 26.98 52.46 -14.43
C TYR A 1037 26.98 51.49 -13.26
N PHE A 1038 27.33 50.24 -13.50
CA PHE A 1038 27.27 49.24 -12.43
C PHE A 1038 28.09 47.98 -12.66
N PHE A 1039 28.45 47.31 -11.58
CA PHE A 1039 29.04 46.00 -11.65
C PHE A 1039 28.09 44.98 -11.05
N TYR A 1040 27.10 45.47 -10.33
CA TYR A 1040 26.10 44.62 -9.74
C TYR A 1040 24.78 44.99 -10.39
N SER A 1041 24.09 43.99 -10.90
CA SER A 1041 22.92 44.21 -11.72
C SER A 1041 21.75 44.92 -11.07
N ASN A 1042 21.45 44.59 -9.81
CA ASN A 1042 20.18 45.03 -9.28
C ASN A 1042 20.13 46.55 -9.22
N ILE A 1043 19.34 47.11 -10.13
CA ILE A 1043 19.30 48.57 -10.39
C ILE A 1043 18.83 49.47 -9.26
N MET A 1044 18.17 48.86 -8.29
CA MET A 1044 17.66 49.54 -7.11
C MET A 1044 18.69 49.61 -5.98
N ASN A 1045 19.93 49.22 -6.27
CA ASN A 1045 20.98 49.15 -5.27
C ASN A 1045 21.33 50.50 -4.65
N PHE A 1046 21.31 51.55 -5.47
CA PHE A 1046 21.76 52.88 -5.03
C PHE A 1046 20.90 53.53 -3.92
N PHE A 1047 19.70 53.01 -3.69
CA PHE A 1047 18.92 53.41 -2.52
C PHE A 1047 19.50 52.89 -1.20
N LYS A 1048 20.06 51.70 -1.23
CA LYS A 1048 20.44 51.02 0.02
C LYS A 1048 21.76 51.57 0.52
N THR A 1049 21.93 51.62 1.84
CA THR A 1049 23.18 52.09 2.44
C THR A 1049 24.26 51.01 2.31
N GLU A 1050 23.95 49.83 2.83
CA GLU A 1050 24.85 48.67 2.80
C GLU A 1050 24.13 47.54 2.12
N ILE A 1051 24.75 46.90 1.13
CA ILE A 1051 24.14 45.73 0.47
C ILE A 1051 24.93 44.49 0.84
N THR A 1052 24.22 43.40 1.07
CA THR A 1052 24.90 42.16 1.39
C THR A 1052 25.07 41.39 0.09
N LEU A 1053 26.19 40.68 -0.05
CA LEU A 1053 26.47 39.80 -1.20
C LEU A 1053 26.05 38.37 -0.86
N ALA A 1054 26.18 37.46 -1.82
CA ALA A 1054 25.82 36.03 -1.60
C ALA A 1054 26.62 35.27 -0.52
N ASN A 1055 27.70 35.87 -0.02
CA ASN A 1055 28.63 35.23 0.93
C ASN A 1055 28.79 36.05 2.22
N GLY A 1056 27.74 36.73 2.68
CA GLY A 1056 27.83 37.49 3.92
C GLY A 1056 28.61 38.80 3.87
N GLU A 1057 29.50 38.99 2.91
CA GLU A 1057 30.19 40.27 2.78
C GLU A 1057 29.23 41.44 2.60
N ILE A 1058 29.70 42.62 2.97
CA ILE A 1058 28.87 43.81 3.00
C ILE A 1058 29.54 44.89 2.19
N ARG A 1059 28.88 45.33 1.12
CA ARG A 1059 29.36 46.46 0.31
C ARG A 1059 28.55 47.73 0.59
N LYS A 1060 29.22 48.76 1.07
CA LYS A 1060 28.54 50.00 1.46
C LYS A 1060 28.40 50.94 0.28
N ARG A 1061 27.49 51.90 0.45
CA ARG A 1061 27.25 52.98 -0.51
C ARG A 1061 27.09 54.34 0.19
N PRO A 1062 27.45 55.43 -0.50
CA PRO A 1062 27.40 56.76 0.12
C PRO A 1062 25.99 57.22 0.42
N LEU A 1063 25.81 57.97 1.51
CA LEU A 1063 24.52 58.56 1.80
C LEU A 1063 23.94 59.33 0.62
N ILE A 1064 24.81 59.98 -0.14
CA ILE A 1064 24.40 60.90 -1.16
C ILE A 1064 24.86 60.40 -2.53
N GLU A 1065 24.02 59.66 -3.22
CA GLU A 1065 24.38 59.21 -4.56
C GLU A 1065 24.23 60.39 -5.49
N THR A 1066 24.94 60.35 -6.60
CA THR A 1066 24.78 61.34 -7.67
C THR A 1066 25.13 60.75 -9.03
N ASN A 1067 24.50 61.22 -10.09
CA ASN A 1067 24.91 60.75 -11.39
C ASN A 1067 26.30 61.30 -11.57
N GLY A 1068 27.23 60.47 -12.01
CA GLY A 1068 28.58 60.97 -12.18
C GLY A 1068 28.69 62.00 -13.27
N GLU A 1069 28.09 61.72 -14.42
CA GLU A 1069 28.20 62.65 -15.54
C GLU A 1069 27.49 63.98 -15.38
N THR A 1070 26.22 63.97 -14.98
CA THR A 1070 25.54 65.22 -14.68
C THR A 1070 26.06 65.84 -13.42
N GLY A 1071 26.27 65.00 -12.43
CA GLY A 1071 26.57 65.45 -11.09
C GLY A 1071 25.29 65.80 -10.38
N GLU A 1072 24.15 65.57 -11.04
CA GLU A 1072 22.88 65.91 -10.43
C GLU A 1072 22.78 65.04 -9.20
N ILE A 1073 22.14 65.53 -8.16
CA ILE A 1073 22.04 64.78 -6.93
C ILE A 1073 20.71 64.05 -6.92
N VAL A 1074 20.78 62.73 -6.82
CA VAL A 1074 19.62 61.85 -6.96
C VAL A 1074 18.99 61.44 -5.61
N TRP A 1075 19.77 61.19 -4.57
CA TRP A 1075 19.19 60.63 -3.32
C TRP A 1075 20.11 60.81 -2.10
N ASP A 1076 19.56 61.32 -1.00
CA ASP A 1076 20.30 61.36 0.26
C ASP A 1076 19.68 60.28 1.09
N LYS A 1077 20.44 59.23 1.37
CA LYS A 1077 19.83 58.09 2.00
C LYS A 1077 19.28 58.44 3.38
N GLY A 1078 20.03 59.17 4.17
CA GLY A 1078 19.50 59.63 5.44
C GLY A 1078 18.41 60.67 5.42
N ARG A 1079 18.59 61.72 4.64
CA ARG A 1079 17.58 62.79 4.55
C ARG A 1079 16.28 62.44 3.83
N ASP A 1080 16.43 61.83 2.66
CA ASP A 1080 15.31 61.58 1.76
C ASP A 1080 14.25 60.57 2.21
N PHE A 1081 14.68 59.52 2.88
CA PHE A 1081 13.73 58.52 3.35
C PHE A 1081 12.78 59.19 4.31
N ALA A 1082 13.30 60.10 5.11
CA ALA A 1082 12.48 60.85 6.05
C ALA A 1082 11.32 61.48 5.31
N THR A 1083 11.60 62.11 4.17
CA THR A 1083 10.57 62.83 3.39
C THR A 1083 9.45 61.88 2.98
N VAL A 1084 9.84 60.65 2.62
CA VAL A 1084 8.91 59.59 2.22
C VAL A 1084 8.05 59.15 3.39
N ARG A 1085 8.66 58.87 4.53
CA ARG A 1085 7.94 58.47 5.74
C ARG A 1085 6.93 59.55 6.16
N LYS A 1086 7.38 60.80 6.04
CA LYS A 1086 6.56 61.99 6.31
C LYS A 1086 5.32 62.05 5.42
N VAL A 1087 5.52 61.91 4.12
CA VAL A 1087 4.40 61.90 3.17
C VAL A 1087 3.41 60.81 3.52
N LEU A 1088 3.88 59.63 3.85
CA LEU A 1088 2.98 58.50 4.04
C LEU A 1088 2.12 58.63 5.28
N SER A 1089 2.68 59.20 6.34
CA SER A 1089 1.90 59.42 7.55
C SER A 1089 1.04 60.72 7.54
N MET A 1090 0.98 61.46 6.43
CA MET A 1090 0.14 62.66 6.38
C MET A 1090 -1.30 62.24 6.48
N PRO A 1091 -2.11 62.94 7.29
CA PRO A 1091 -3.54 62.58 7.46
C PRO A 1091 -4.58 63.04 6.36
N GLN A 1092 -4.28 64.12 5.65
CA GLN A 1092 -5.19 64.66 4.64
C GLN A 1092 -4.79 64.15 3.27
N VAL A 1093 -5.51 63.11 2.81
CA VAL A 1093 -5.43 62.60 1.44
C VAL A 1093 -6.82 62.68 0.78
N ASN A 1094 -6.81 62.99 -0.51
CA ASN A 1094 -8.04 63.25 -1.27
C ASN A 1094 -8.60 61.98 -1.87
N ILE A 1095 -9.70 61.54 -1.30
CA ILE A 1095 -10.33 60.30 -1.70
C ILE A 1095 -11.73 60.63 -2.17
N VAL A 1096 -11.89 60.54 -3.51
CA VAL A 1096 -13.11 60.91 -4.22
C VAL A 1096 -13.78 59.68 -4.75
N LYS A 1097 -15.01 59.41 -4.36
CA LYS A 1097 -15.72 58.33 -5.02
C LYS A 1097 -16.45 58.96 -6.15
N LYS A 1098 -16.11 58.53 -7.36
CA LYS A 1098 -16.82 58.96 -8.54
C LYS A 1098 -18.29 58.63 -8.33
N THR A 1099 -19.10 59.67 -8.36
CA THR A 1099 -20.55 59.54 -8.26
C THR A 1099 -21.13 59.18 -9.63
N GLU A 1100 -22.18 58.35 -9.62
CA GLU A 1100 -22.67 57.69 -10.84
C GLU A 1100 -24.20 57.57 -10.85
N VAL A 1101 -24.81 57.95 -11.97
CA VAL A 1101 -26.22 57.67 -12.18
C VAL A 1101 -26.30 56.23 -12.61
N GLN A 1102 -27.18 55.45 -12.00
CA GLN A 1102 -27.33 54.04 -12.36
C GLN A 1102 -27.98 53.92 -13.72
N THR A 1103 -27.58 52.89 -14.46
CA THR A 1103 -28.12 52.62 -15.77
C THR A 1103 -28.34 51.15 -15.86
N GLY A 1104 -29.30 50.78 -16.67
CA GLY A 1104 -29.59 49.37 -16.91
C GLY A 1104 -31.03 48.96 -16.69
N GLY A 1105 -31.22 47.80 -16.04
CA GLY A 1105 -32.54 47.26 -15.79
C GLY A 1105 -33.32 48.13 -14.84
N PHE A 1106 -34.63 48.17 -15.04
CA PHE A 1106 -35.52 48.94 -14.18
C PHE A 1106 -35.60 48.38 -12.77
N SER A 1107 -35.52 47.06 -12.65
CA SER A 1107 -35.69 46.36 -11.38
C SER A 1107 -35.21 44.93 -11.49
N LYS A 1108 -35.25 44.21 -10.37
CA LYS A 1108 -35.09 42.76 -10.38
C LYS A 1108 -35.92 42.15 -11.51
N GLU A 1109 -35.57 40.97 -11.96
CA GLU A 1109 -36.24 40.34 -13.09
C GLU A 1109 -37.15 39.19 -12.71
N SER A 1110 -37.41 39.03 -11.44
CA SER A 1110 -38.28 37.99 -11.00
C SER A 1110 -39.75 38.43 -11.15
N ILE A 1111 -40.47 37.83 -12.07
CA ILE A 1111 -41.92 38.05 -12.14
C ILE A 1111 -42.57 37.34 -10.95
N LEU A 1112 -43.15 38.12 -10.06
CA LEU A 1112 -43.66 37.58 -8.80
C LEU A 1112 -45.16 37.33 -8.85
N PRO A 1113 -45.66 36.48 -7.94
CA PRO A 1113 -47.10 36.29 -7.89
C PRO A 1113 -47.82 37.41 -7.14
N LYS A 1114 -49.11 37.51 -7.42
CA LYS A 1114 -49.91 38.68 -7.04
C LYS A 1114 -49.90 39.02 -5.53
N ARG A 1115 -49.90 40.31 -5.23
CA ARG A 1115 -49.93 40.75 -3.85
C ARG A 1115 -50.92 41.88 -3.67
N ASN A 1116 -51.45 42.02 -2.46
CA ASN A 1116 -52.24 43.18 -2.12
C ASN A 1116 -51.33 44.38 -2.20
N SER A 1117 -50.08 44.19 -1.79
CA SER A 1117 -49.13 45.28 -1.65
C SER A 1117 -48.92 46.00 -2.97
N ASP A 1118 -48.83 47.32 -2.89
CA ASP A 1118 -48.78 48.16 -4.07
C ASP A 1118 -47.38 48.46 -4.54
N LYS A 1119 -46.39 47.89 -3.87
CA LYS A 1119 -45.00 48.06 -4.26
C LYS A 1119 -44.65 47.47 -5.63
N LEU A 1120 -45.23 46.32 -5.95
CA LEU A 1120 -44.87 45.57 -7.15
C LEU A 1120 -45.18 46.36 -8.40
N ILE A 1121 -44.37 46.18 -9.46
CA ILE A 1121 -44.50 46.98 -10.67
C ILE A 1121 -45.03 46.21 -11.87
N ALA A 1122 -46.10 46.73 -12.47
CA ALA A 1122 -46.85 46.06 -13.55
C ALA A 1122 -45.98 45.81 -14.74
N ARG A 1123 -46.26 44.71 -15.43
CA ARG A 1123 -45.47 44.35 -16.61
C ARG A 1123 -46.02 44.94 -17.91
N LYS A 1124 -47.27 45.40 -17.88
CA LYS A 1124 -47.90 46.10 -19.00
C LYS A 1124 -48.73 47.16 -18.34
N LYS A 1125 -48.85 48.31 -18.98
CA LYS A 1125 -49.46 49.46 -18.31
C LYS A 1125 -50.78 49.14 -17.61
N ASP A 1126 -51.55 48.25 -18.22
CA ASP A 1126 -52.91 47.98 -17.75
C ASP A 1126 -52.99 46.86 -16.72
N TRP A 1127 -51.86 46.27 -16.34
CA TRP A 1127 -51.87 45.06 -15.55
C TRP A 1127 -51.59 45.33 -14.09
N ASP A 1128 -52.65 45.65 -13.35
CA ASP A 1128 -52.58 45.83 -11.89
C ASP A 1128 -51.99 44.60 -11.15
N PRO A 1129 -50.80 44.76 -10.56
CA PRO A 1129 -50.19 43.65 -9.84
C PRO A 1129 -50.99 43.04 -8.68
N LYS A 1130 -52.00 43.72 -8.15
CA LYS A 1130 -52.96 43.09 -7.23
C LYS A 1130 -53.70 41.93 -7.92
N LYS A 1131 -53.82 42.03 -9.24
CA LYS A 1131 -54.47 41.02 -10.10
C LYS A 1131 -53.47 40.10 -10.84
N TYR A 1132 -52.35 40.65 -11.35
CA TYR A 1132 -51.49 39.90 -12.29
C TYR A 1132 -50.02 39.66 -11.87
N GLY A 1133 -49.65 40.08 -10.67
CA GLY A 1133 -48.25 39.98 -10.25
C GLY A 1133 -47.36 40.93 -11.03
N GLY A 1134 -46.07 40.95 -10.67
CA GLY A 1134 -45.14 41.87 -11.28
C GLY A 1134 -43.77 41.89 -10.62
N PHE A 1135 -42.90 42.79 -11.07
CA PHE A 1135 -41.57 42.99 -10.51
C PHE A 1135 -41.56 43.73 -9.16
N ASP A 1136 -40.59 43.43 -8.31
CA ASP A 1136 -40.57 43.94 -6.94
C ASP A 1136 -39.72 45.16 -6.60
N SER A 1137 -38.45 45.18 -6.99
CA SER A 1137 -37.60 46.30 -6.61
C SER A 1137 -37.05 47.01 -7.83
N PRO A 1138 -37.24 48.40 -7.84
CA PRO A 1138 -36.80 49.04 -9.06
C PRO A 1138 -35.58 49.89 -8.82
N THR A 1139 -34.58 49.77 -9.67
CA THR A 1139 -33.35 50.50 -9.46
C THR A 1139 -33.55 52.01 -9.56
N VAL A 1140 -32.99 52.72 -8.60
CA VAL A 1140 -33.03 54.17 -8.50
C VAL A 1140 -31.92 54.73 -9.34
N ALA A 1141 -32.28 55.58 -10.29
CA ALA A 1141 -31.31 56.14 -11.22
C ALA A 1141 -30.49 57.19 -10.50
N TYR A 1142 -31.19 58.18 -9.96
CA TYR A 1142 -30.63 59.10 -8.97
C TYR A 1142 -31.73 59.61 -8.06
N SER A 1143 -31.35 60.10 -6.91
CA SER A 1143 -32.29 60.71 -5.99
C SER A 1143 -32.29 62.21 -6.27
N VAL A 1144 -33.21 62.91 -5.62
CA VAL A 1144 -33.46 64.31 -5.88
C VAL A 1144 -34.03 64.97 -4.64
N LEU A 1145 -33.29 65.92 -4.11
CA LEU A 1145 -33.78 66.67 -2.98
C LEU A 1145 -34.99 67.46 -3.41
N VAL A 1146 -36.08 67.28 -2.68
CA VAL A 1146 -37.29 68.03 -2.96
C VAL A 1146 -37.70 68.86 -1.76
N VAL A 1147 -37.93 70.15 -1.99
CA VAL A 1147 -38.48 71.00 -0.96
C VAL A 1147 -39.81 71.55 -1.42
N ALA A 1148 -40.85 71.23 -0.66
CA ALA A 1148 -42.21 71.60 -1.03
C ALA A 1148 -43.10 71.37 0.17
N LYS A 1149 -44.37 71.75 0.03
CA LYS A 1149 -45.35 71.54 1.08
C LYS A 1149 -46.42 70.57 0.63
N VAL A 1150 -46.80 69.65 1.51
CA VAL A 1150 -47.77 68.62 1.16
C VAL A 1150 -48.84 68.42 2.21
N GLU A 1151 -49.97 67.84 1.82
CA GLU A 1151 -51.06 67.59 2.75
C GLU A 1151 -50.59 66.64 3.82
N LYS A 1152 -51.02 66.86 5.06
CA LYS A 1152 -50.50 66.13 6.20
C LYS A 1152 -51.55 65.38 6.99
N GLY A 1153 -52.79 65.87 6.97
CA GLY A 1153 -53.89 65.25 7.72
C GLY A 1153 -55.22 65.36 7.01
N LYS A 1154 -56.27 64.86 7.66
CA LYS A 1154 -57.64 64.89 7.11
C LYS A 1154 -58.07 66.30 6.64
N SER A 1155 -57.55 67.33 7.29
CA SER A 1155 -57.74 68.71 6.87
C SER A 1155 -57.24 69.03 5.45
N LYS A 1156 -56.22 68.32 4.99
CA LYS A 1156 -55.53 68.62 3.73
C LYS A 1156 -54.72 69.94 3.82
N LYS A 1157 -54.16 70.21 5.00
CA LYS A 1157 -53.41 71.44 5.24
C LYS A 1157 -51.98 71.23 4.76
N LEU A 1158 -51.41 72.24 4.10
CA LEU A 1158 -50.01 72.17 3.59
C LEU A 1158 -48.94 72.25 4.69
N LYS A 1159 -48.33 71.12 5.03
CA LYS A 1159 -47.09 71.12 5.82
C LYS A 1159 -45.86 71.22 4.90
N SER A 1160 -44.96 72.15 5.19
CA SER A 1160 -43.66 72.18 4.50
C SER A 1160 -42.83 70.94 4.82
N VAL A 1161 -42.31 70.32 3.77
CA VAL A 1161 -41.35 69.21 3.90
C VAL A 1161 -40.10 69.51 3.11
N LYS A 1162 -39.03 68.89 3.57
CA LYS A 1162 -37.77 68.85 2.87
C LYS A 1162 -37.43 67.37 2.87
N GLU A 1163 -37.59 66.74 1.70
CA GLU A 1163 -37.48 65.31 1.57
C GLU A 1163 -36.56 64.96 0.44
N LEU A 1164 -36.29 63.67 0.37
CA LEU A 1164 -35.36 63.09 -0.55
C LEU A 1164 -36.08 62.04 -1.38
N LEU A 1165 -36.14 62.24 -2.70
CA LEU A 1165 -36.89 61.35 -3.58
C LEU A 1165 -36.04 60.55 -4.58
N GLY A 1166 -36.22 59.22 -4.58
CA GLY A 1166 -35.57 58.31 -5.53
C GLY A 1166 -36.28 58.25 -6.88
N ILE A 1167 -35.59 58.68 -7.92
CA ILE A 1167 -36.09 58.65 -9.29
C ILE A 1167 -35.69 57.31 -9.91
N THR A 1168 -36.68 56.47 -10.21
CA THR A 1168 -36.37 55.16 -10.83
C THR A 1168 -35.90 55.35 -12.25
N ILE A 1169 -35.14 54.37 -12.73
CA ILE A 1169 -34.57 54.43 -14.07
C ILE A 1169 -35.69 54.57 -15.07
N MET A 1170 -36.76 53.85 -14.80
CA MET A 1170 -37.95 53.93 -15.64
C MET A 1170 -38.59 55.33 -15.60
N GLU A 1171 -38.73 55.91 -14.40
CA GLU A 1171 -39.30 57.27 -14.27
C GLU A 1171 -38.42 58.40 -14.83
N ARG A 1172 -37.14 58.15 -15.06
CA ARG A 1172 -36.22 59.23 -15.43
C ARG A 1172 -36.68 60.08 -16.59
N SER A 1173 -37.03 59.41 -17.69
CA SER A 1173 -37.58 60.04 -18.89
C SER A 1173 -38.60 61.08 -18.50
N SER A 1174 -39.58 60.59 -17.74
CA SER A 1174 -40.76 61.34 -17.40
C SER A 1174 -40.36 62.58 -16.60
N PHE A 1175 -39.73 62.37 -15.45
CA PHE A 1175 -39.30 63.43 -14.56
C PHE A 1175 -38.35 64.38 -15.27
N GLU A 1176 -37.55 63.91 -16.20
CA GLU A 1176 -36.59 64.81 -16.89
C GLU A 1176 -37.17 65.62 -18.04
N LYS A 1177 -38.38 65.30 -18.46
CA LYS A 1177 -39.06 66.15 -19.40
C LYS A 1177 -39.71 67.32 -18.65
N ASN A 1178 -40.51 67.01 -17.62
CA ASN A 1178 -41.33 67.99 -16.87
C ASN A 1178 -41.22 67.75 -15.36
N PRO A 1179 -40.10 68.17 -14.77
CA PRO A 1179 -39.78 67.79 -13.38
C PRO A 1179 -40.79 68.18 -12.31
N ILE A 1180 -41.54 69.24 -12.56
CA ILE A 1180 -42.46 69.77 -11.56
C ILE A 1180 -43.74 68.96 -11.64
N ASP A 1181 -44.26 68.91 -12.85
CA ASP A 1181 -45.47 68.20 -13.21
C ASP A 1181 -45.43 66.77 -12.66
N PHE A 1182 -44.28 66.12 -12.91
CA PHE A 1182 -43.94 64.78 -12.39
C PHE A 1182 -43.99 64.77 -10.86
N LEU A 1183 -43.31 65.74 -10.24
CA LEU A 1183 -43.33 65.86 -8.81
C LEU A 1183 -44.69 66.24 -8.28
N GLU A 1184 -45.43 67.02 -9.05
CA GLU A 1184 -46.74 67.45 -8.60
C GLU A 1184 -47.71 66.29 -8.64
N ALA A 1185 -47.62 65.45 -9.66
CA ALA A 1185 -48.44 64.23 -9.76
C ALA A 1185 -48.09 63.17 -8.69
N LYS A 1186 -46.85 63.21 -8.21
CA LYS A 1186 -46.41 62.40 -7.08
C LYS A 1186 -46.57 63.13 -5.74
N GLY A 1187 -47.50 64.07 -5.65
CA GLY A 1187 -47.99 64.55 -4.36
C GLY A 1187 -47.47 65.87 -3.84
N TYR A 1188 -46.24 66.20 -4.16
CA TYR A 1188 -45.70 67.48 -3.69
C TYR A 1188 -46.47 68.63 -4.38
N LYS A 1189 -46.66 69.75 -3.68
CA LYS A 1189 -47.22 70.98 -4.30
C LYS A 1189 -46.39 72.16 -3.80
N GLU A 1190 -46.47 73.30 -4.48
CA GLU A 1190 -45.68 74.45 -4.10
C GLU A 1190 -44.20 74.12 -4.21
N VAL A 1191 -43.85 73.32 -5.20
CA VAL A 1191 -42.46 72.95 -5.44
C VAL A 1191 -41.65 74.16 -5.86
N LYS A 1192 -40.40 74.22 -5.44
CA LYS A 1192 -39.53 75.31 -5.86
C LYS A 1192 -38.51 74.78 -6.84
N LYS A 1193 -38.54 75.29 -8.06
CA LYS A 1193 -37.72 74.79 -9.15
C LYS A 1193 -36.23 74.96 -8.94
N ASP A 1194 -35.82 76.10 -8.40
CA ASP A 1194 -34.42 76.38 -8.19
C ASP A 1194 -33.82 75.40 -7.19
N LEU A 1195 -34.62 75.08 -6.18
CA LEU A 1195 -34.16 74.27 -5.07
C LEU A 1195 -33.75 72.85 -5.43
N ILE A 1196 -34.46 72.22 -6.35
CA ILE A 1196 -34.25 70.80 -6.58
C ILE A 1196 -32.83 70.53 -7.02
N ILE A 1197 -32.23 69.50 -6.42
CA ILE A 1197 -30.85 69.17 -6.69
C ILE A 1197 -30.73 67.70 -7.06
N LYS A 1198 -29.99 67.40 -8.12
CA LYS A 1198 -29.77 66.02 -8.51
C LYS A 1198 -28.78 65.38 -7.56
N LEU A 1199 -29.09 64.19 -7.06
CA LEU A 1199 -28.20 63.52 -6.08
C LEU A 1199 -27.93 62.03 -6.40
N PRO A 1200 -26.92 61.74 -7.26
CA PRO A 1200 -26.70 60.36 -7.68
C PRO A 1200 -26.10 59.52 -6.58
N LYS A 1201 -25.71 58.30 -6.91
CA LYS A 1201 -25.13 57.42 -5.90
C LYS A 1201 -23.76 57.94 -5.46
N TYR A 1202 -23.48 57.77 -4.17
CA TYR A 1202 -22.24 58.15 -3.51
C TYR A 1202 -22.09 59.64 -3.32
N SER A 1203 -23.21 60.37 -3.30
CA SER A 1203 -23.16 61.81 -3.11
C SER A 1203 -22.66 62.05 -1.68
N LEU A 1204 -21.85 63.08 -1.47
CA LEU A 1204 -21.14 63.25 -0.21
C LEU A 1204 -21.71 64.34 0.65
N PHE A 1205 -21.97 63.99 1.91
CA PHE A 1205 -22.33 64.96 2.94
C PHE A 1205 -21.35 64.92 4.08
N GLU A 1206 -21.09 66.08 4.66
CA GLU A 1206 -20.33 66.18 5.90
C GLU A 1206 -21.26 66.60 7.01
N LEU A 1207 -21.28 65.81 8.08
CA LEU A 1207 -22.02 66.12 9.29
C LEU A 1207 -21.16 66.89 10.27
N GLU A 1208 -21.68 67.09 11.47
CA GLU A 1208 -20.93 67.76 12.52
C GLU A 1208 -19.74 66.92 12.93
N ASN A 1209 -18.64 67.58 13.27
CA ASN A 1209 -17.47 66.89 13.78
C ASN A 1209 -16.68 66.12 12.75
N GLY A 1210 -16.89 66.45 11.49
CA GLY A 1210 -16.11 65.87 10.41
C GLY A 1210 -16.66 64.53 9.96
N ARG A 1211 -17.73 64.09 10.61
CA ARG A 1211 -18.37 62.85 10.23
C ARG A 1211 -18.98 63.07 8.87
N LYS A 1212 -18.89 62.08 7.99
CA LYS A 1212 -19.42 62.21 6.64
C LYS A 1212 -20.18 60.96 6.22
N ARG A 1213 -21.10 61.13 5.27
CA ARG A 1213 -21.95 60.02 4.76
C ARG A 1213 -22.03 60.07 3.24
N MET A 1214 -22.23 58.92 2.62
CA MET A 1214 -22.42 58.82 1.16
C MET A 1214 -23.78 58.19 0.84
N LEU A 1215 -24.43 58.70 -0.20
CA LEU A 1215 -25.80 58.36 -0.48
C LEU A 1215 -25.85 57.08 -1.29
N ALA A 1216 -26.39 56.02 -0.71
CA ALA A 1216 -26.54 54.75 -1.44
C ALA A 1216 -27.87 54.72 -2.21
N SER A 1217 -28.93 55.13 -1.53
CA SER A 1217 -30.24 55.26 -2.15
C SER A 1217 -30.95 56.47 -1.55
N ALA A 1218 -32.23 56.59 -1.90
CA ALA A 1218 -33.07 57.62 -1.29
C ALA A 1218 -33.31 57.45 0.22
N GLY A 1219 -33.02 56.27 0.75
CA GLY A 1219 -33.24 56.00 2.15
C GLY A 1219 -32.03 55.52 2.92
N GLU A 1220 -30.85 55.46 2.30
CA GLU A 1220 -29.72 54.80 2.94
C GLU A 1220 -28.38 55.46 2.64
N LEU A 1221 -27.51 55.45 3.65
CA LEU A 1221 -26.19 56.02 3.53
C LEU A 1221 -25.14 54.98 3.62
N GLN A 1222 -23.96 55.32 3.11
CA GLN A 1222 -22.73 54.58 3.30
C GLN A 1222 -21.76 55.42 4.11
N LYS A 1223 -20.86 54.77 4.87
CA LYS A 1223 -19.80 55.48 5.62
C LYS A 1223 -18.91 56.24 4.65
N GLY A 1224 -18.66 57.51 4.95
CA GLY A 1224 -17.96 58.42 4.05
C GLY A 1224 -16.56 58.81 4.52
N ASN A 1225 -16.14 58.30 5.67
CA ASN A 1225 -14.86 58.67 6.26
C ASN A 1225 -13.74 57.63 6.06
N GLU A 1226 -12.49 58.10 6.01
CA GLU A 1226 -11.29 57.26 5.90
C GLU A 1226 -10.46 57.40 7.17
N LEU A 1227 -9.88 56.29 7.62
CA LEU A 1227 -9.13 56.25 8.87
C LEU A 1227 -7.65 56.26 8.56
N ALA A 1228 -7.06 57.44 8.56
CA ALA A 1228 -5.61 57.56 8.42
C ALA A 1228 -4.97 57.16 9.74
N LEU A 1229 -4.50 55.92 9.83
CA LEU A 1229 -3.78 55.46 11.03
C LEU A 1229 -2.33 55.95 10.96
N PRO A 1230 -1.71 56.24 12.13
CA PRO A 1230 -0.29 56.54 12.09
C PRO A 1230 0.52 55.44 11.43
N SER A 1231 1.58 55.87 10.71
CA SER A 1231 2.50 55.01 9.97
C SER A 1231 3.14 53.90 10.82
N LYS A 1232 3.40 54.18 12.09
CA LYS A 1232 4.07 53.23 12.97
C LYS A 1232 3.20 52.01 13.25
N TYR A 1233 1.91 52.21 13.48
CA TYR A 1233 1.03 51.10 13.73
C TYR A 1233 0.83 50.27 12.47
N VAL A 1234 1.01 50.89 11.31
CA VAL A 1234 0.81 50.21 10.01
C VAL A 1234 1.73 49.01 9.82
N ASN A 1235 3.00 49.30 9.94
CA ASN A 1235 4.04 48.33 9.74
C ASN A 1235 4.01 47.37 10.90
N PHE A 1236 3.56 47.86 12.08
CA PHE A 1236 3.35 46.97 13.19
C PHE A 1236 2.35 45.90 12.80
N LEU A 1237 1.23 46.31 12.21
CA LEU A 1237 0.22 45.35 11.86
C LEU A 1237 0.62 44.49 10.67
N TYR A 1238 1.58 44.94 9.88
CA TYR A 1238 2.09 44.11 8.81
C TYR A 1238 2.92 43.00 9.39
N LEU A 1239 3.95 43.39 10.12
CA LEU A 1239 4.91 42.45 10.65
C LEU A 1239 4.21 41.44 11.56
N ALA A 1240 3.34 41.95 12.41
CA ALA A 1240 2.62 41.13 13.36
C ALA A 1240 1.90 39.96 12.70
N SER A 1241 1.12 40.29 11.68
CA SER A 1241 0.34 39.30 10.98
C SER A 1241 1.15 38.55 9.94
N HIS A 1242 2.43 38.89 9.77
CA HIS A 1242 3.35 38.05 9.01
C HIS A 1242 4.31 37.24 9.89
N TYR A 1243 4.03 37.18 11.20
CA TYR A 1243 5.02 36.71 12.17
C TYR A 1243 5.76 35.42 11.78
N GLU A 1244 5.04 34.42 11.24
CA GLU A 1244 5.67 33.13 10.91
C GLU A 1244 6.31 33.14 9.51
N LYS A 1245 5.52 33.40 8.48
CA LYS A 1245 6.06 33.37 7.13
C LYS A 1245 6.71 34.70 6.74
N LEU A 1246 7.77 35.05 7.43
CA LEU A 1246 8.49 36.29 7.17
C LEU A 1246 9.23 36.43 5.85
N LYS A 1247 9.82 35.36 5.36
CA LYS A 1247 10.57 35.44 4.11
C LYS A 1247 11.68 36.49 4.18
N GLY A 1248 12.42 36.52 5.27
CA GLY A 1248 13.55 37.41 5.45
C GLY A 1248 14.72 36.68 6.09
N SER A 1249 15.93 37.22 5.94
CA SER A 1249 17.15 36.57 6.45
C SER A 1249 17.08 36.41 7.95
N PRO A 1250 17.60 35.29 8.46
CA PRO A 1250 17.25 34.90 9.84
C PRO A 1250 17.54 35.98 10.91
N GLU A 1251 18.68 36.63 10.73
CA GLU A 1251 19.20 37.57 11.70
C GLU A 1251 18.33 38.82 11.85
N ASP A 1252 17.67 39.30 10.79
CA ASP A 1252 16.69 40.39 10.94
C ASP A 1252 15.26 39.87 11.07
N ASN A 1253 15.04 38.65 10.56
CA ASN A 1253 13.76 37.96 10.73
C ASN A 1253 13.52 37.70 12.22
N GLU A 1254 14.59 37.49 12.96
CA GLU A 1254 14.55 37.61 14.41
C GLU A 1254 14.41 39.09 14.85
N GLN A 1255 15.22 40.00 14.27
CA GLN A 1255 15.21 41.45 14.62
C GLN A 1255 13.85 42.14 14.59
N LYS A 1256 13.02 41.70 13.65
CA LYS A 1256 11.67 42.23 13.51
C LYS A 1256 10.72 41.62 14.55
N GLN A 1257 10.92 40.35 14.87
CA GLN A 1257 10.06 39.68 15.86
C GLN A 1257 10.23 40.23 17.28
N LEU A 1258 11.45 40.64 17.63
CA LEU A 1258 11.72 41.43 18.85
C LEU A 1258 10.84 42.67 18.87
N PHE A 1259 10.92 43.43 17.77
CA PHE A 1259 10.19 44.67 17.62
C PHE A 1259 8.70 44.45 17.91
N VAL A 1260 8.16 43.35 17.43
CA VAL A 1260 6.75 43.03 17.70
C VAL A 1260 6.54 42.68 19.18
N GLU A 1261 7.42 41.85 19.73
CA GLU A 1261 7.31 41.43 21.13
C GLU A 1261 7.49 42.65 22.03
N GLN A 1262 8.42 43.53 21.68
CA GLN A 1262 8.68 44.78 22.41
C GLN A 1262 7.67 45.89 22.18
N HIS A 1263 6.73 45.69 21.25
CA HIS A 1263 5.67 46.67 21.05
C HIS A 1263 4.27 46.06 21.08
N LYS A 1264 4.04 45.00 21.86
CA LYS A 1264 2.66 44.45 21.99
C LYS A 1264 1.70 45.40 22.69
N HIS A 1265 2.23 46.38 23.41
CA HIS A 1265 1.46 47.56 23.87
C HIS A 1265 0.90 48.46 22.75
N TYR A 1266 1.40 48.30 21.52
CA TYR A 1266 0.80 48.93 20.31
C TYR A 1266 -0.55 48.32 20.00
N LEU A 1267 -0.77 47.05 20.36
CA LEU A 1267 -2.09 46.42 20.20
C LEU A 1267 -3.17 47.24 20.89
N ASP A 1268 -2.96 47.54 22.17
CA ASP A 1268 -3.95 48.28 22.94
C ASP A 1268 -4.11 49.72 22.37
N GLU A 1269 -2.99 50.33 22.00
CA GLU A 1269 -2.99 51.70 21.44
C GLU A 1269 -3.79 51.78 20.13
N ILE A 1270 -3.69 50.72 19.33
CA ILE A 1270 -4.44 50.54 18.09
C ILE A 1270 -5.95 50.48 18.33
N ILE A 1271 -6.37 49.64 19.29
CA ILE A 1271 -7.79 49.53 19.56
C ILE A 1271 -8.35 50.90 19.96
N GLU A 1272 -7.59 51.66 20.74
CA GLU A 1272 -8.07 52.98 21.15
C GLU A 1272 -8.09 53.97 19.99
N GLN A 1273 -7.17 53.80 19.04
CA GLN A 1273 -7.26 54.48 17.74
C GLN A 1273 -8.62 54.22 17.09
N ILE A 1274 -8.96 52.95 16.97
CA ILE A 1274 -10.24 52.56 16.40
C ILE A 1274 -11.37 53.05 17.28
N SER A 1275 -11.24 52.88 18.61
CA SER A 1275 -12.30 53.23 19.55
C SER A 1275 -12.71 54.67 19.41
N GLU A 1276 -11.75 55.60 19.51
CA GLU A 1276 -12.07 57.03 19.37
C GLU A 1276 -12.67 57.35 17.97
N PHE A 1277 -12.23 56.61 16.96
CA PHE A 1277 -12.73 56.79 15.59
C PHE A 1277 -14.22 56.43 15.43
N SER A 1278 -14.61 55.28 15.97
CA SER A 1278 -15.98 54.79 15.85
C SER A 1278 -16.95 55.60 16.69
N LYS A 1279 -16.54 55.99 17.87
CA LYS A 1279 -17.42 56.83 18.67
C LYS A 1279 -17.66 58.12 17.91
N ARG A 1280 -16.61 58.69 17.35
CA ARG A 1280 -16.77 59.96 16.62
C ARG A 1280 -17.58 59.93 15.34
N VAL A 1281 -17.34 58.95 14.48
CA VAL A 1281 -17.98 58.94 13.17
C VAL A 1281 -18.92 57.77 12.89
N ILE A 1282 -18.46 56.55 13.17
CA ILE A 1282 -19.26 55.38 12.89
C ILE A 1282 -20.53 55.36 13.70
N LEU A 1283 -20.43 55.78 14.96
CA LEU A 1283 -21.61 55.97 15.78
C LEU A 1283 -22.46 54.73 15.85
N ALA A 1284 -21.82 53.58 16.04
CA ALA A 1284 -22.53 52.33 16.19
C ALA A 1284 -22.05 51.71 17.49
N ASP A 1285 -22.56 52.25 18.58
CA ASP A 1285 -22.04 51.99 19.92
C ASP A 1285 -22.14 50.54 20.33
N ALA A 1286 -23.25 49.90 19.99
CA ALA A 1286 -23.45 48.55 20.46
C ALA A 1286 -22.36 47.66 19.91
N ASN A 1287 -22.03 47.84 18.64
CA ASN A 1287 -20.99 47.03 18.02
C ASN A 1287 -19.62 47.26 18.62
N LEU A 1288 -19.24 48.50 18.86
CA LEU A 1288 -17.94 48.81 19.45
C LEU A 1288 -17.83 48.29 20.89
N ASP A 1289 -18.92 48.37 21.66
CA ASP A 1289 -19.00 47.69 22.98
C ASP A 1289 -18.70 46.20 22.81
N LYS A 1290 -19.33 45.60 21.79
CA LYS A 1290 -19.22 44.16 21.58
C LYS A 1290 -17.81 43.71 21.20
N VAL A 1291 -17.12 44.52 20.42
CA VAL A 1291 -15.72 44.22 20.11
C VAL A 1291 -14.80 44.59 21.26
N LEU A 1292 -15.11 45.68 21.96
CA LEU A 1292 -14.26 46.12 23.08
C LEU A 1292 -14.13 45.02 24.15
N SER A 1293 -15.21 44.29 24.39
CA SER A 1293 -15.14 43.11 25.24
C SER A 1293 -14.34 41.99 24.56
N ALA A 1294 -14.64 41.75 23.28
CA ALA A 1294 -14.03 40.64 22.51
C ALA A 1294 -12.50 40.67 22.45
N TYR A 1295 -11.89 41.84 22.31
CA TYR A 1295 -10.43 41.98 22.38
C TYR A 1295 -9.91 41.72 23.81
N ASN A 1296 -10.71 42.05 24.85
CA ASN A 1296 -10.41 41.62 26.23
C ASN A 1296 -10.35 40.09 26.33
N LYS A 1297 -11.31 39.45 25.69
CA LYS A 1297 -11.49 38.00 25.77
C LYS A 1297 -10.34 37.22 25.13
N HIS A 1298 -9.43 37.88 24.40
CA HIS A 1298 -8.32 37.20 23.75
C HIS A 1298 -6.99 37.92 23.90
N ARG A 1299 -6.87 38.83 24.88
CA ARG A 1299 -5.64 39.63 25.11
C ARG A 1299 -4.39 38.76 25.27
N ASP A 1300 -4.61 37.50 25.64
CA ASP A 1300 -3.57 36.51 25.89
C ASP A 1300 -3.38 35.49 24.74
N LYS A 1301 -4.30 35.45 23.77
CA LYS A 1301 -4.03 34.78 22.51
C LYS A 1301 -2.79 35.36 21.83
N PRO A 1302 -2.16 34.62 20.90
CA PRO A 1302 -0.92 35.06 20.21
C PRO A 1302 -1.01 36.42 19.50
N ILE A 1303 0.11 37.14 19.42
CA ILE A 1303 0.15 38.44 18.74
C ILE A 1303 -0.11 38.28 17.23
N ARG A 1304 0.32 37.17 16.62
CA ARG A 1304 0.07 36.92 15.17
C ARG A 1304 -1.40 36.65 14.88
N GLU A 1305 -2.10 36.12 15.87
CA GLU A 1305 -3.53 35.89 15.77
C GLU A 1305 -4.33 37.11 16.16
N GLN A 1306 -3.91 37.78 17.24
CA GLN A 1306 -4.60 38.99 17.71
C GLN A 1306 -4.55 40.10 16.67
N ALA A 1307 -3.41 40.24 15.99
CA ALA A 1307 -3.26 41.23 14.91
C ALA A 1307 -4.13 40.91 13.72
N GLU A 1308 -3.96 39.70 13.17
CA GLU A 1308 -4.72 39.26 12.00
C GLU A 1308 -6.23 39.42 12.12
N ASN A 1309 -6.75 39.33 13.33
CA ASN A 1309 -8.13 39.67 13.58
C ASN A 1309 -8.33 41.16 13.73
N ILE A 1310 -7.36 41.88 14.30
CA ILE A 1310 -7.42 43.36 14.34
C ILE A 1310 -7.59 43.96 12.93
N ILE A 1311 -7.25 43.18 11.91
CA ILE A 1311 -7.34 43.66 10.56
C ILE A 1311 -8.76 43.52 9.98
N HIS A 1312 -9.48 42.50 10.41
CA HIS A 1312 -10.90 42.37 10.05
C HIS A 1312 -11.68 43.56 10.61
N LEU A 1313 -11.47 43.85 11.89
CA LEU A 1313 -12.11 44.99 12.57
C LEU A 1313 -12.14 46.28 11.77
N PHE A 1314 -11.17 46.47 10.88
CA PHE A 1314 -11.20 47.63 9.98
C PHE A 1314 -12.42 47.78 9.08
N THR A 1315 -13.13 46.69 8.87
CA THR A 1315 -14.30 46.74 8.03
C THR A 1315 -15.23 47.72 8.68
N LEU A 1316 -15.22 47.76 10.01
CA LEU A 1316 -16.12 48.65 10.70
C LEU A 1316 -15.86 50.09 10.34
N THR A 1317 -14.60 50.48 10.23
CA THR A 1317 -14.29 51.86 9.93
C THR A 1317 -14.15 52.14 8.45
N ASN A 1318 -14.28 51.11 7.63
CA ASN A 1318 -14.06 51.27 6.21
C ASN A 1318 -15.07 52.19 5.58
N LEU A 1319 -14.64 52.85 4.53
CA LEU A 1319 -15.51 53.67 3.71
C LEU A 1319 -16.49 52.76 2.99
N GLY A 1320 -17.67 53.27 2.70
CA GLY A 1320 -18.66 52.50 1.98
C GLY A 1320 -19.57 51.72 2.87
N ALA A 1321 -20.52 51.00 2.29
CA ALA A 1321 -21.56 50.39 3.08
C ALA A 1321 -21.01 49.38 4.05
N PRO A 1322 -21.59 49.40 5.24
CA PRO A 1322 -21.22 48.57 6.38
C PRO A 1322 -21.41 47.11 6.04
N ALA A 1323 -20.51 46.27 6.52
CA ALA A 1323 -20.56 44.84 6.25
C ALA A 1323 -20.44 44.10 7.55
N ALA A 1324 -20.76 42.81 7.51
CA ALA A 1324 -20.70 41.97 8.70
C ALA A 1324 -19.26 41.46 8.80
N PHE A 1325 -18.76 41.28 10.02
CA PHE A 1325 -17.39 40.85 10.23
C PHE A 1325 -17.25 40.18 11.57
N LYS A 1326 -16.18 39.43 11.75
CA LYS A 1326 -15.98 38.65 12.96
C LYS A 1326 -14.60 38.85 13.56
N TYR A 1327 -14.52 38.81 14.88
CA TYR A 1327 -13.23 38.73 15.54
C TYR A 1327 -13.18 37.36 16.16
N PHE A 1328 -12.25 36.53 15.69
CA PHE A 1328 -12.20 35.16 16.13
C PHE A 1328 -13.56 34.52 15.89
N ASP A 1329 -14.08 33.80 16.86
CA ASP A 1329 -15.42 33.23 16.69
C ASP A 1329 -16.47 34.31 16.61
N THR A 1330 -16.31 35.32 17.44
CA THR A 1330 -17.35 36.32 17.68
C THR A 1330 -17.71 37.11 16.43
N THR A 1331 -19.01 37.32 16.22
CA THR A 1331 -19.51 37.94 14.99
C THR A 1331 -20.33 39.20 15.20
N ILE A 1332 -19.99 40.27 14.49
CA ILE A 1332 -20.65 41.58 14.61
C ILE A 1332 -21.62 41.72 13.43
N ASP A 1333 -22.87 42.07 13.76
CA ASP A 1333 -23.91 42.44 12.80
C ASP A 1333 -23.79 43.91 12.41
N ARG A 1334 -23.83 44.20 11.11
CA ARG A 1334 -23.59 45.55 10.61
C ARG A 1334 -24.61 46.56 11.09
N LYS A 1335 -24.17 47.80 11.35
CA LYS A 1335 -25.12 48.84 11.77
C LYS A 1335 -25.49 49.69 10.56
N ARG A 1336 -26.70 49.56 10.02
CA ARG A 1336 -27.05 50.21 8.74
C ARG A 1336 -27.63 51.62 8.95
N TYR A 1337 -27.16 52.60 8.17
CA TYR A 1337 -27.59 53.99 8.32
C TYR A 1337 -28.78 54.25 7.42
N THR A 1338 -29.96 54.02 7.99
CA THR A 1338 -31.18 53.95 7.22
C THR A 1338 -31.98 55.24 7.20
N SER A 1339 -31.51 56.26 7.90
CA SER A 1339 -32.19 57.55 7.89
C SER A 1339 -31.39 58.49 7.05
N THR A 1340 -32.02 59.08 6.05
CA THR A 1340 -31.41 60.13 5.27
C THR A 1340 -31.90 61.50 5.74
N LYS A 1341 -32.53 61.57 6.90
CA LYS A 1341 -33.02 62.84 7.43
C LYS A 1341 -31.94 63.84 7.81
N GLU A 1342 -30.87 63.37 8.42
CA GLU A 1342 -29.85 64.28 8.91
C GLU A 1342 -29.21 65.05 7.77
N VAL A 1343 -29.07 64.39 6.64
CA VAL A 1343 -28.37 64.93 5.50
C VAL A 1343 -29.04 66.21 5.05
N LEU A 1344 -30.35 66.25 5.16
CA LEU A 1344 -31.11 67.35 4.61
C LEU A 1344 -30.67 68.67 5.21
N ASP A 1345 -30.36 68.67 6.50
CA ASP A 1345 -29.85 69.88 7.13
C ASP A 1345 -28.34 69.94 7.13
N ALA A 1346 -27.69 68.96 6.53
CA ALA A 1346 -26.24 68.85 6.54
C ALA A 1346 -25.58 69.66 5.44
N THR A 1347 -24.29 69.43 5.25
CA THR A 1347 -23.53 70.11 4.21
C THR A 1347 -23.18 69.19 3.07
N LEU A 1348 -23.57 69.56 1.85
CA LEU A 1348 -23.22 68.83 0.66
C LEU A 1348 -21.80 69.17 0.30
N ILE A 1349 -21.15 68.40 -0.55
CA ILE A 1349 -19.82 68.79 -1.06
C ILE A 1349 -19.58 68.22 -2.43
N HIS A 1350 -19.58 69.11 -3.42
CA HIS A 1350 -19.31 68.71 -4.79
C HIS A 1350 -17.83 68.73 -4.98
N GLN A 1351 -17.28 67.68 -5.58
CA GLN A 1351 -15.84 67.54 -5.77
C GLN A 1351 -15.50 67.34 -7.20
N SER A 1352 -14.44 67.99 -7.65
CA SER A 1352 -13.83 67.65 -8.92
C SER A 1352 -13.18 66.26 -8.82
N ILE A 1353 -12.59 65.78 -9.91
CA ILE A 1353 -12.11 64.39 -9.97
C ILE A 1353 -11.04 64.09 -8.91
N THR A 1354 -10.16 65.06 -8.71
CA THR A 1354 -9.11 64.97 -7.70
C THR A 1354 -9.62 65.18 -6.29
N GLY A 1355 -10.75 65.88 -6.18
CA GLY A 1355 -11.32 66.28 -4.89
C GLY A 1355 -10.69 67.56 -4.39
N LEU A 1356 -9.92 68.22 -5.26
CA LEU A 1356 -9.15 69.40 -4.91
C LEU A 1356 -9.98 70.66 -5.02
N TYR A 1357 -10.71 70.80 -6.12
CA TYR A 1357 -11.72 71.86 -6.26
C TYR A 1357 -13.05 71.35 -5.74
N GLU A 1358 -13.57 71.97 -4.70
CA GLU A 1358 -14.88 71.61 -4.16
C GLU A 1358 -15.81 72.81 -4.11
N THR A 1359 -17.10 72.51 -3.99
CA THR A 1359 -18.11 73.53 -3.78
C THR A 1359 -19.01 73.10 -2.61
N ARG A 1360 -19.02 73.89 -1.54
CA ARG A 1360 -19.72 73.52 -0.30
C ARG A 1360 -21.04 74.26 -0.12
N ILE A 1361 -22.10 73.45 0.05
CA ILE A 1361 -23.48 73.89 0.06
C ILE A 1361 -24.09 73.44 1.39
N ASP A 1362 -24.30 74.38 2.29
CA ASP A 1362 -24.98 74.11 3.54
C ASP A 1362 -26.46 73.94 3.25
N LEU A 1363 -26.98 72.73 3.45
CA LEU A 1363 -28.41 72.45 3.20
C LEU A 1363 -29.36 72.96 4.28
N SER A 1364 -28.87 73.34 5.45
CA SER A 1364 -29.75 73.88 6.47
C SER A 1364 -30.16 75.33 6.20
N GLN A 1365 -29.64 75.96 5.14
CA GLN A 1365 -30.17 77.25 4.67
C GLN A 1365 -31.35 77.11 3.68
N LEU A 1366 -31.79 75.90 3.37
CA LEU A 1366 -33.05 75.71 2.63
C LEU A 1366 -34.21 75.47 3.57
N GLY A 1367 -35.42 75.66 3.07
CA GLY A 1367 -36.63 75.68 3.88
C GLY A 1367 -37.31 77.03 3.82
N GLY A 1368 -36.59 78.05 3.29
CA GLY A 1368 -37.09 79.43 3.18
C GLY A 1368 -37.00 80.05 1.78
N ASP A 1369 -37.13 81.38 1.72
CA ASP A 1369 -37.38 82.12 0.47
C ASP A 1369 -36.21 82.97 -0.02
N SER C 1 -7.84 -83.68 17.26
CA SER C 1 -8.58 -82.40 17.53
C SER C 1 -9.34 -81.87 16.30
N MET C 2 -10.13 -80.82 16.52
CA MET C 2 -10.74 -80.03 15.43
C MET C 2 -10.44 -78.53 15.51
N ASP C 3 -10.30 -77.98 16.71
CA ASP C 3 -10.58 -76.56 16.92
C ASP C 3 -9.63 -75.68 16.16
N LYS C 4 -10.17 -74.98 15.17
CA LYS C 4 -9.43 -74.02 14.41
C LYS C 4 -9.86 -72.65 14.91
N LYS C 5 -10.42 -72.54 16.11
CA LYS C 5 -10.49 -71.25 16.78
C LYS C 5 -9.12 -70.99 17.39
N TYR C 6 -8.59 -69.81 17.13
CA TYR C 6 -7.28 -69.36 17.60
C TYR C 6 -7.43 -67.89 17.89
N SER C 7 -6.42 -67.27 18.46
CA SER C 7 -6.32 -65.80 18.46
C SER C 7 -4.91 -65.35 18.04
N ILE C 8 -4.71 -64.04 17.81
CA ILE C 8 -3.43 -63.48 17.34
C ILE C 8 -2.94 -62.34 18.23
N GLY C 9 -1.63 -62.24 18.45
CA GLY C 9 -1.02 -61.11 19.17
C GLY C 9 -0.03 -60.35 18.32
N LEU C 10 0.12 -59.05 18.56
CA LEU C 10 0.90 -58.19 17.66
C LEU C 10 1.68 -57.13 18.43
N ASP C 11 2.97 -57.03 18.22
CA ASP C 11 3.79 -56.03 18.89
C ASP C 11 4.36 -55.15 17.86
N ILE C 12 3.70 -54.04 17.65
CA ILE C 12 3.88 -53.15 16.53
C ILE C 12 4.88 -52.01 16.82
N GLY C 13 5.81 -51.81 15.90
CA GLY C 13 6.82 -50.77 16.04
C GLY C 13 7.30 -50.25 14.71
N THR C 14 8.29 -49.39 14.78
CA THR C 14 8.85 -48.76 13.61
C THR C 14 9.92 -49.59 13.00
N ASN C 15 10.49 -50.54 13.74
CA ASN C 15 11.47 -51.42 13.18
C ASN C 15 11.12 -52.89 13.27
N SER C 16 10.02 -53.25 13.91
CA SER C 16 9.65 -54.63 14.05
C SER C 16 8.16 -54.81 14.20
N VAL C 17 7.70 -56.04 13.94
CA VAL C 17 6.31 -56.43 14.16
C VAL C 17 6.26 -57.87 14.68
N GLY C 18 6.21 -58.00 16.00
CA GLY C 18 5.92 -59.27 16.60
C GLY C 18 4.51 -59.76 16.30
N TRP C 19 4.41 -61.06 15.99
CA TRP C 19 3.13 -61.73 15.81
C TRP C 19 3.19 -63.15 16.39
N ALA C 20 2.08 -63.63 16.94
CA ALA C 20 1.99 -64.97 17.51
C ALA C 20 0.57 -65.54 17.40
N VAL C 21 0.47 -66.86 17.19
CA VAL C 21 -0.83 -67.57 17.14
C VAL C 21 -1.00 -68.48 18.35
N ILE C 22 -2.20 -68.48 18.93
CA ILE C 22 -2.50 -69.30 20.12
C ILE C 22 -3.83 -70.09 20.03
N THR C 23 -3.90 -71.26 20.68
CA THR C 23 -5.15 -72.05 20.86
C THR C 23 -5.74 -71.72 22.22
N ASP C 24 -6.90 -72.32 22.54
CA ASP C 24 -7.59 -72.09 23.84
C ASP C 24 -6.66 -72.25 25.04
N GLU C 25 -5.63 -73.07 24.86
CA GLU C 25 -4.75 -73.40 25.95
C GLU C 25 -3.46 -72.63 25.93
N TYR C 26 -3.46 -71.45 25.31
CA TYR C 26 -2.30 -70.57 25.27
C TYR C 26 -1.07 -71.26 24.69
N LYS C 27 -1.30 -72.23 23.82
CA LYS C 27 -0.22 -72.92 23.18
C LYS C 27 -0.07 -72.27 21.84
N VAL C 28 1.15 -72.31 21.31
CA VAL C 28 1.42 -71.84 19.97
C VAL C 28 1.45 -73.05 19.06
N PRO C 29 0.55 -73.09 18.07
CA PRO C 29 0.47 -74.30 17.26
C PRO C 29 1.71 -74.57 16.44
N SER C 30 1.61 -75.55 15.56
CA SER C 30 2.61 -75.83 14.58
C SER C 30 1.92 -76.47 13.38
N LYS C 31 2.41 -76.19 12.17
CA LYS C 31 1.94 -76.88 10.95
C LYS C 31 3.13 -77.25 10.04
N LYS C 32 2.88 -78.16 9.09
CA LYS C 32 3.82 -78.45 7.99
C LYS C 32 3.59 -77.46 6.89
N PHE C 33 4.64 -76.89 6.33
CA PHE C 33 4.50 -75.92 5.27
C PHE C 33 5.18 -76.38 4.03
N LYS C 34 4.35 -76.53 3.01
CA LYS C 34 4.77 -76.73 1.63
C LYS C 34 5.98 -75.85 1.26
N VAL C 35 6.95 -76.45 0.58
CA VAL C 35 8.21 -75.80 0.20
C VAL C 35 8.34 -75.90 -1.32
N LEU C 36 8.29 -74.75 -1.98
CA LEU C 36 8.32 -74.67 -3.44
C LEU C 36 9.75 -74.61 -3.92
N GLY C 37 9.96 -74.46 -5.23
CA GLY C 37 11.31 -74.31 -5.79
C GLY C 37 11.84 -75.54 -6.50
N ASN C 38 13.15 -75.81 -6.37
CA ASN C 38 13.82 -76.88 -7.14
C ASN C 38 14.63 -77.88 -6.34
N THR C 39 14.60 -77.78 -5.00
CA THR C 39 15.40 -78.69 -4.18
C THR C 39 14.58 -79.93 -3.92
N ASP C 40 15.23 -80.93 -3.32
CA ASP C 40 14.54 -82.14 -2.84
C ASP C 40 13.60 -81.86 -1.65
N ARG C 41 13.86 -80.83 -0.85
CA ARG C 41 13.01 -80.49 0.30
C ARG C 41 11.66 -79.88 -0.09
N HIS C 42 10.56 -80.57 0.26
CA HIS C 42 9.22 -80.16 -0.18
C HIS C 42 8.21 -79.82 0.95
N SER C 43 8.61 -80.01 2.22
CA SER C 43 7.99 -79.28 3.33
C SER C 43 8.93 -79.17 4.54
N ILE C 44 8.59 -78.25 5.46
CA ILE C 44 9.18 -78.22 6.81
C ILE C 44 8.11 -77.82 7.81
N LYS C 45 8.36 -78.07 9.09
CA LYS C 45 7.44 -77.62 10.13
C LYS C 45 7.94 -76.35 10.71
N LYS C 46 7.05 -75.39 10.92
CA LYS C 46 7.36 -74.13 11.58
C LYS C 46 6.29 -73.71 12.61
N ASN C 47 6.72 -73.09 13.70
CA ASN C 47 5.82 -72.62 14.75
C ASN C 47 5.06 -71.38 14.29
N LEU C 48 3.83 -71.23 14.75
CA LEU C 48 3.03 -70.09 14.38
C LEU C 48 3.32 -68.93 15.30
N ILE C 49 4.52 -68.39 15.09
CA ILE C 49 5.06 -67.27 15.84
C ILE C 49 6.22 -66.70 15.06
N GLY C 50 6.49 -65.44 15.29
CA GLY C 50 7.67 -64.82 14.76
C GLY C 50 7.55 -63.32 14.72
N ALA C 51 8.32 -62.73 13.83
CA ALA C 51 8.32 -61.31 13.68
C ALA C 51 8.90 -60.97 12.34
N LEU C 52 8.64 -59.73 11.96
CA LEU C 52 9.16 -59.12 10.77
C LEU C 52 10.02 -57.95 11.20
N LEU C 53 11.15 -57.82 10.55
CA LEU C 53 12.07 -56.76 10.84
C LEU C 53 12.28 -55.94 9.56
N PHE C 54 12.44 -54.63 9.73
CA PHE C 54 12.56 -53.70 8.61
C PHE C 54 13.21 -52.38 9.01
N ASP C 55 13.93 -51.79 8.06
CA ASP C 55 14.55 -50.47 8.22
C ASP C 55 13.42 -49.44 8.30
N SER C 56 13.57 -48.40 9.14
CA SER C 56 12.45 -47.45 9.39
C SER C 56 12.02 -46.75 8.10
N GLY C 57 10.74 -46.40 7.99
CA GLY C 57 10.23 -45.66 6.81
C GLY C 57 10.43 -44.15 6.98
N GLU C 58 10.80 -43.43 5.92
CA GLU C 58 11.29 -42.03 6.09
C GLU C 58 10.36 -40.93 5.61
N THR C 59 10.59 -39.72 6.14
CA THR C 59 9.72 -38.55 5.88
C THR C 59 10.17 -37.84 4.59
N ALA C 60 9.40 -36.84 4.19
CA ALA C 60 9.64 -36.15 2.93
C ALA C 60 10.40 -34.84 3.06
N GLU C 61 10.85 -34.50 4.28
CA GLU C 61 11.65 -33.31 4.42
C GLU C 61 12.91 -33.54 3.61
N ALA C 62 13.78 -34.46 3.98
CA ALA C 62 15.12 -34.47 3.32
C ALA C 62 15.04 -34.44 1.77
N THR C 63 13.96 -35.01 1.22
CA THR C 63 13.62 -34.85 -0.19
C THR C 63 13.33 -33.41 -0.54
N ARG C 64 12.35 -32.80 0.14
CA ARG C 64 12.07 -31.37 -0.01
C ARG C 64 13.34 -30.55 -0.01
N LEU C 65 14.18 -30.70 0.99
CA LEU C 65 15.39 -29.89 1.09
C LEU C 65 16.26 -30.04 -0.15
N LYS C 66 16.42 -31.27 -0.61
CA LYS C 66 17.10 -31.53 -1.87
C LYS C 66 16.37 -30.88 -3.03
N ARG C 67 15.07 -30.58 -2.85
CA ARG C 67 14.22 -30.02 -3.90
C ARG C 67 14.38 -28.55 -3.98
N THR C 68 14.09 -27.82 -2.93
CA THR C 68 14.19 -26.39 -3.07
C THR C 68 15.60 -26.04 -3.56
N ALA C 69 16.61 -26.70 -3.02
CA ALA C 69 17.98 -26.48 -3.50
C ALA C 69 18.04 -26.49 -5.01
N ARG C 70 17.40 -27.48 -5.61
CA ARG C 70 17.36 -27.62 -7.06
C ARG C 70 16.68 -26.45 -7.74
N ARG C 71 15.73 -25.85 -7.07
CA ARG C 71 15.07 -24.70 -7.63
C ARG C 71 16.01 -23.52 -7.53
N ARG C 72 16.57 -23.28 -6.36
CA ARG C 72 17.34 -22.05 -6.15
C ARG C 72 18.56 -21.95 -7.01
N TYR C 73 19.20 -23.08 -7.27
CA TYR C 73 20.31 -23.14 -8.21
C TYR C 73 19.90 -22.92 -9.68
N THR C 74 18.73 -23.43 -10.03
CA THR C 74 18.18 -23.26 -11.35
C THR C 74 17.80 -21.81 -11.62
N ARG C 75 17.11 -21.20 -10.67
CA ARG C 75 16.65 -19.83 -10.83
C ARG C 75 17.80 -18.80 -10.83
N ARG C 76 18.81 -19.05 -9.99
CA ARG C 76 20.04 -18.23 -10.03
C ARG C 76 20.70 -18.33 -11.39
N LYS C 77 20.73 -19.52 -11.95
CA LYS C 77 21.28 -19.70 -13.29
C LYS C 77 20.48 -18.86 -14.25
N ASN C 78 19.20 -18.64 -13.94
CA ASN C 78 18.34 -17.87 -14.82
C ASN C 78 18.42 -16.38 -14.70
N ARG C 79 18.86 -15.83 -13.57
CA ARG C 79 19.10 -14.40 -13.48
C ARG C 79 20.24 -14.01 -14.40
N ILE C 80 21.19 -14.92 -14.59
CA ILE C 80 22.34 -14.70 -15.43
C ILE C 80 21.98 -14.83 -16.86
N CYS C 81 21.33 -15.92 -17.24
CA CYS C 81 20.84 -16.04 -18.60
C CYS C 81 20.00 -14.85 -19.02
N TYR C 82 19.25 -14.27 -18.09
CA TYR C 82 18.50 -13.06 -18.39
C TYR C 82 19.43 -11.91 -18.73
N LEU C 83 20.46 -11.74 -17.92
CA LEU C 83 21.43 -10.68 -18.15
C LEU C 83 22.17 -10.84 -19.49
N GLN C 84 22.75 -12.00 -19.72
CA GLN C 84 23.46 -12.26 -20.96
C GLN C 84 22.55 -12.15 -22.21
N GLU C 85 21.26 -12.39 -22.02
CA GLU C 85 20.28 -12.09 -23.07
C GLU C 85 20.37 -10.62 -23.45
N ILE C 86 20.29 -9.76 -22.44
CA ILE C 86 20.28 -8.30 -22.64
C ILE C 86 21.56 -7.79 -23.31
N PHE C 87 22.69 -8.41 -23.01
CA PHE C 87 23.98 -7.91 -23.49
C PHE C 87 24.47 -8.53 -24.80
N SER C 88 23.72 -9.50 -25.32
CA SER C 88 24.20 -10.43 -26.35
C SER C 88 24.70 -9.77 -27.64
N ASN C 89 23.81 -8.99 -28.26
CA ASN C 89 24.06 -8.29 -29.51
C ASN C 89 25.24 -7.37 -29.41
N GLU C 90 25.22 -6.52 -28.40
CA GLU C 90 26.27 -5.52 -28.20
C GLU C 90 27.57 -6.11 -27.71
N MET C 91 27.51 -7.34 -27.19
CA MET C 91 28.71 -8.05 -26.83
C MET C 91 29.30 -8.79 -28.01
N ALA C 92 28.48 -9.17 -29.00
CA ALA C 92 29.02 -9.71 -30.26
C ALA C 92 29.98 -8.70 -30.93
N LYS C 93 29.58 -7.44 -30.92
CA LYS C 93 30.41 -6.41 -31.51
C LYS C 93 31.74 -6.23 -30.80
N VAL C 94 31.74 -6.16 -29.48
CA VAL C 94 33.00 -6.12 -28.74
C VAL C 94 33.77 -7.43 -28.75
N ASP C 95 33.07 -8.52 -28.48
CA ASP C 95 33.69 -9.84 -28.42
C ASP C 95 32.70 -10.95 -28.78
N ASP C 96 32.94 -11.66 -29.88
CA ASP C 96 32.01 -12.69 -30.31
C ASP C 96 31.91 -13.85 -29.35
N SER C 97 33.04 -14.26 -28.80
CA SER C 97 33.10 -15.47 -28.00
C SER C 97 33.15 -15.29 -26.47
N PHE C 98 32.94 -14.09 -25.97
CA PHE C 98 33.16 -13.86 -24.54
C PHE C 98 32.25 -14.69 -23.65
N PHE C 99 30.96 -14.74 -23.95
CA PHE C 99 30.09 -15.57 -23.17
C PHE C 99 30.38 -17.04 -23.32
N HIS C 100 30.87 -17.44 -24.48
CA HIS C 100 31.29 -18.80 -24.64
C HIS C 100 32.48 -19.11 -23.75
N ARG C 101 33.38 -18.15 -23.63
CA ARG C 101 34.56 -18.35 -22.80
C ARG C 101 34.19 -18.56 -21.35
N LEU C 102 33.21 -17.81 -20.88
CA LEU C 102 32.74 -17.92 -19.51
C LEU C 102 32.14 -19.29 -19.26
N GLU C 103 31.43 -19.80 -20.26
CA GLU C 103 30.68 -21.03 -20.16
C GLU C 103 31.59 -22.21 -19.89
N GLU C 104 32.75 -22.18 -20.53
CA GLU C 104 33.66 -23.30 -20.51
C GLU C 104 34.85 -23.07 -19.60
N SER C 105 34.69 -22.19 -18.63
CA SER C 105 35.81 -21.83 -17.79
C SER C 105 36.32 -23.06 -17.09
N PHE C 106 35.41 -23.91 -16.68
CA PHE C 106 35.73 -25.06 -15.84
C PHE C 106 36.71 -26.02 -16.49
N LEU C 107 36.53 -26.22 -17.80
CA LEU C 107 37.19 -27.30 -18.52
C LEU C 107 38.69 -27.11 -18.56
N VAL C 108 39.41 -28.16 -18.91
CA VAL C 108 40.86 -28.08 -19.00
C VAL C 108 41.24 -27.62 -20.41
N GLU C 109 42.37 -26.92 -20.52
CA GLU C 109 42.88 -26.38 -21.80
C GLU C 109 42.79 -27.40 -22.92
N GLU C 110 43.13 -28.65 -22.61
CA GLU C 110 42.90 -29.76 -23.54
C GLU C 110 41.51 -29.67 -24.13
N ASP C 111 40.53 -29.42 -23.28
CA ASP C 111 39.13 -29.51 -23.64
C ASP C 111 38.43 -28.18 -23.97
N LYS C 112 39.07 -27.03 -23.74
CA LYS C 112 38.45 -25.74 -24.10
C LYS C 112 38.40 -25.49 -25.61
N LYS C 113 37.19 -25.20 -26.10
CA LYS C 113 36.95 -24.91 -27.52
C LYS C 113 37.15 -23.42 -27.89
N HIS C 114 37.61 -22.61 -26.93
CA HIS C 114 37.95 -21.20 -27.15
C HIS C 114 39.17 -20.87 -26.30
N GLU C 115 39.79 -19.73 -26.54
CA GLU C 115 41.06 -19.42 -25.89
C GLU C 115 40.94 -19.51 -24.39
N ARG C 116 42.02 -19.95 -23.76
CA ARG C 116 42.06 -20.34 -22.36
C ARG C 116 41.77 -19.20 -21.41
N HIS C 117 41.94 -17.96 -21.84
CA HIS C 117 41.72 -16.85 -20.94
C HIS C 117 40.33 -16.24 -21.04
N PRO C 118 39.60 -16.28 -19.84
CA PRO C 118 38.17 -16.00 -20.01
C PRO C 118 37.73 -14.60 -20.40
N ILE C 119 38.25 -13.56 -19.76
CA ILE C 119 37.70 -12.22 -19.93
C ILE C 119 38.08 -11.70 -21.33
N PHE C 120 39.39 -11.68 -21.60
CA PHE C 120 39.88 -10.99 -22.78
C PHE C 120 40.20 -11.90 -23.96
N GLY C 121 40.80 -13.05 -23.70
CA GLY C 121 41.17 -13.99 -24.77
C GLY C 121 42.61 -13.87 -25.26
N ASN C 122 43.46 -13.22 -24.45
CA ASN C 122 44.91 -13.18 -24.65
C ASN C 122 45.54 -12.97 -23.31
N ILE C 123 46.66 -13.61 -23.08
CA ILE C 123 47.27 -13.56 -21.76
C ILE C 123 47.57 -12.15 -21.27
N VAL C 124 47.87 -11.23 -22.19
CA VAL C 124 48.33 -9.89 -21.83
C VAL C 124 47.27 -9.12 -21.04
N ASP C 125 46.12 -8.93 -21.70
CA ASP C 125 45.01 -8.18 -21.11
C ASP C 125 44.45 -8.81 -19.84
N GLU C 126 44.60 -10.13 -19.66
CA GLU C 126 44.13 -10.78 -18.44
C GLU C 126 45.07 -10.48 -17.31
N VAL C 127 46.35 -10.73 -17.52
CA VAL C 127 47.33 -10.44 -16.47
C VAL C 127 47.13 -9.04 -15.95
N ALA C 128 46.97 -8.10 -16.88
CA ALA C 128 46.86 -6.69 -16.55
C ALA C 128 45.52 -6.33 -15.90
N TYR C 129 44.45 -7.04 -16.26
CA TYR C 129 43.19 -6.87 -15.55
C TYR C 129 43.33 -7.29 -14.11
N HIS C 130 43.96 -8.42 -13.87
CA HIS C 130 44.02 -8.94 -12.52
C HIS C 130 44.94 -8.11 -11.65
N GLU C 131 45.90 -7.42 -12.25
CA GLU C 131 46.80 -6.59 -11.48
C GLU C 131 46.09 -5.31 -11.07
N LYS C 132 45.36 -4.69 -12.00
CA LYS C 132 44.64 -3.45 -11.67
C LYS C 132 43.41 -3.71 -10.79
N TYR C 133 42.84 -4.90 -10.88
CA TYR C 133 41.67 -5.24 -10.11
C TYR C 133 41.87 -6.62 -9.50
N PRO C 134 42.54 -6.68 -8.34
CA PRO C 134 42.83 -7.96 -7.67
C PRO C 134 41.62 -8.73 -7.14
N THR C 135 40.56 -8.00 -6.86
CA THR C 135 39.32 -8.57 -6.41
C THR C 135 38.24 -7.87 -7.20
N ILE C 136 37.22 -8.62 -7.57
CA ILE C 136 36.04 -8.04 -8.20
C ILE C 136 35.50 -6.79 -7.50
N TYR C 137 35.84 -6.57 -6.23
CA TYR C 137 35.42 -5.37 -5.49
C TYR C 137 36.20 -4.10 -5.88
N HIS C 138 37.45 -4.26 -6.34
CA HIS C 138 38.22 -3.16 -6.91
C HIS C 138 37.53 -2.63 -8.17
N LEU C 139 37.14 -3.54 -9.06
CA LEU C 139 36.37 -3.19 -10.26
C LEU C 139 35.03 -2.60 -9.90
N ARG C 140 34.33 -3.22 -8.94
CA ARG C 140 33.03 -2.73 -8.54
C ARG C 140 33.12 -1.30 -8.04
N LYS C 141 34.17 -1.00 -7.30
CA LYS C 141 34.33 0.35 -6.84
C LYS C 141 34.57 1.27 -8.05
N LYS C 142 35.59 0.95 -8.84
CA LYS C 142 35.98 1.81 -9.96
C LYS C 142 34.83 2.05 -10.91
N LEU C 143 34.07 1.01 -11.19
CA LEU C 143 32.92 1.18 -12.06
C LEU C 143 31.84 2.03 -11.43
N VAL C 144 31.69 1.96 -10.10
CA VAL C 144 30.73 2.80 -9.41
C VAL C 144 31.18 4.27 -9.34
N ASP C 145 32.47 4.55 -9.17
CA ASP C 145 32.91 5.93 -8.92
C ASP C 145 33.32 6.67 -10.13
N SER C 146 34.24 6.09 -10.91
CA SER C 146 34.74 6.80 -12.09
C SER C 146 33.66 7.12 -13.12
N THR C 147 34.07 7.98 -14.04
CA THR C 147 33.23 8.51 -15.10
C THR C 147 33.67 8.09 -16.51
N ASP C 148 34.83 7.44 -16.63
CA ASP C 148 35.32 6.99 -17.92
C ASP C 148 34.41 5.98 -18.53
N LYS C 149 34.41 5.96 -19.86
CA LYS C 149 33.90 4.81 -20.57
C LYS C 149 34.74 3.60 -20.14
N ALA C 150 34.01 2.54 -19.82
CA ALA C 150 34.57 1.32 -19.30
C ALA C 150 34.17 0.18 -20.22
N ASP C 151 35.02 -0.84 -20.21
CA ASP C 151 34.96 -1.93 -21.16
C ASP C 151 33.65 -2.67 -20.98
N LEU C 152 32.89 -2.88 -22.07
CA LEU C 152 31.62 -3.59 -21.96
C LEU C 152 31.72 -4.94 -21.23
N ARG C 153 32.88 -5.58 -21.27
CA ARG C 153 33.09 -6.83 -20.56
C ARG C 153 33.16 -6.59 -19.09
N LEU C 154 33.96 -5.63 -18.67
CA LEU C 154 34.11 -5.40 -17.23
C LEU C 154 32.84 -4.92 -16.59
N ILE C 155 32.05 -4.16 -17.33
CA ILE C 155 30.72 -3.82 -16.87
C ILE C 155 29.91 -5.09 -16.54
N TYR C 156 30.04 -6.13 -17.36
CA TYR C 156 29.23 -7.36 -17.21
C TYR C 156 29.63 -8.11 -15.96
N LEU C 157 30.92 -8.14 -15.67
CA LEU C 157 31.37 -8.91 -14.57
C LEU C 157 30.93 -8.31 -13.25
N ALA C 158 30.93 -6.99 -13.15
CA ALA C 158 30.42 -6.36 -11.93
C ALA C 158 28.97 -6.72 -11.69
N LEU C 159 28.17 -6.62 -12.74
CA LEU C 159 26.74 -6.77 -12.57
C LEU C 159 26.41 -8.21 -12.24
N ALA C 160 26.92 -9.13 -13.05
CA ALA C 160 26.74 -10.56 -12.81
C ALA C 160 27.16 -10.96 -11.40
N HIS C 161 28.26 -10.40 -10.94
CA HIS C 161 28.68 -10.67 -9.59
C HIS C 161 27.73 -10.10 -8.54
N MET C 162 26.96 -9.09 -8.92
CA MET C 162 26.01 -8.51 -8.01
C MET C 162 24.70 -9.29 -8.06
N ILE C 163 24.31 -9.73 -9.25
CA ILE C 163 23.09 -10.52 -9.35
C ILE C 163 23.27 -11.96 -8.87
N LYS C 164 24.44 -12.55 -9.12
CA LYS C 164 24.66 -13.98 -8.83
C LYS C 164 24.76 -14.23 -7.33
N PHE C 165 25.17 -13.18 -6.61
CA PHE C 165 25.33 -13.22 -5.18
C PHE C 165 24.71 -11.97 -4.58
N ARG C 166 23.40 -11.96 -4.61
CA ARG C 166 22.64 -10.72 -4.43
C ARG C 166 22.23 -10.35 -3.01
N GLY C 167 22.86 -10.92 -1.98
CA GLY C 167 22.40 -10.73 -0.60
C GLY C 167 20.94 -11.08 -0.31
N HIS C 168 20.49 -10.68 0.86
CA HIS C 168 19.27 -11.18 1.41
C HIS C 168 18.09 -10.28 1.22
N PHE C 169 16.92 -10.91 1.30
CA PHE C 169 15.63 -10.24 1.17
C PHE C 169 14.87 -10.11 2.46
N LEU C 170 15.56 -10.29 3.58
CA LEU C 170 15.02 -10.06 4.90
C LEU C 170 14.47 -8.68 5.24
N ILE C 171 14.80 -7.63 4.48
CA ILE C 171 14.25 -6.31 4.77
C ILE C 171 13.36 -5.84 3.65
N GLU C 172 12.23 -5.32 4.07
CA GLU C 172 11.16 -4.93 3.20
C GLU C 172 11.41 -3.50 2.79
N GLY C 173 11.34 -3.24 1.49
CA GLY C 173 11.42 -1.88 0.95
C GLY C 173 12.83 -1.33 0.89
N ASP C 174 12.93 -0.01 0.91
CA ASP C 174 14.21 0.70 1.04
C ASP C 174 14.76 0.59 2.45
N LEU C 175 16.08 0.52 2.54
CA LEU C 175 16.76 0.51 3.81
C LEU C 175 16.61 1.90 4.46
N ASN C 176 16.63 1.93 5.80
CA ASN C 176 16.53 3.17 6.58
C ASN C 176 16.99 2.90 8.01
N PRO C 177 17.23 3.94 8.81
CA PRO C 177 17.59 3.67 10.20
C PRO C 177 16.67 2.71 10.94
N ASP C 178 15.37 2.89 10.77
CA ASP C 178 14.43 2.08 11.52
C ASP C 178 14.47 0.61 11.20
N ASN C 179 15.02 0.24 10.05
CA ASN C 179 15.23 -1.18 9.74
C ASN C 179 16.68 -1.63 9.51
N SER C 180 17.61 -0.69 9.34
CA SER C 180 19.02 -1.03 9.10
C SER C 180 20.00 -0.52 10.15
N ASP C 181 19.60 0.40 11.03
CA ASP C 181 20.58 1.00 11.96
C ASP C 181 20.63 0.38 13.32
N VAL C 182 21.78 0.55 13.96
CA VAL C 182 22.12 -0.19 15.15
C VAL C 182 21.38 0.32 16.36
N ASP C 183 21.41 1.63 16.56
CA ASP C 183 20.59 2.29 17.58
C ASP C 183 19.10 1.94 17.49
N LYS C 184 18.50 2.12 16.32
CA LYS C 184 17.07 1.85 16.13
C LYS C 184 16.73 0.41 16.53
N LEU C 185 17.46 -0.51 15.90
CA LEU C 185 17.39 -1.93 16.25
C LEU C 185 17.50 -2.18 17.73
N PHE C 186 18.41 -1.46 18.36
CA PHE C 186 18.70 -1.56 19.77
C PHE C 186 17.52 -1.17 20.60
N ILE C 187 16.99 0.01 20.37
CA ILE C 187 15.87 0.49 21.16
C ILE C 187 14.72 -0.52 21.11
N GLN C 188 14.30 -0.85 19.89
CA GLN C 188 13.23 -1.84 19.72
C GLN C 188 13.49 -3.11 20.53
N LEU C 189 14.74 -3.50 20.69
CA LEU C 189 15.11 -4.61 21.57
C LEU C 189 14.76 -4.34 23.00
N VAL C 190 15.01 -3.13 23.48
CA VAL C 190 14.69 -2.83 24.87
C VAL C 190 13.17 -2.77 25.08
N GLN C 191 12.49 -2.19 24.11
CA GLN C 191 11.06 -2.02 24.21
C GLN C 191 10.36 -3.38 24.20
N THR C 192 10.89 -4.34 23.41
CA THR C 192 10.40 -5.72 23.48
C THR C 192 10.76 -6.37 24.82
N TYR C 193 11.84 -5.91 25.47
CA TYR C 193 12.21 -6.37 26.83
C TYR C 193 11.24 -5.88 27.87
N ASN C 194 10.88 -4.61 27.76
CA ASN C 194 9.99 -3.97 28.73
C ASN C 194 8.53 -4.39 28.61
N GLN C 195 8.04 -4.68 27.40
CA GLN C 195 6.75 -5.36 27.29
C GLN C 195 6.73 -6.63 28.17
N LEU C 196 7.74 -7.47 28.01
CA LEU C 196 7.82 -8.72 28.77
C LEU C 196 8.22 -8.52 30.23
N PHE C 197 8.77 -7.36 30.54
CA PHE C 197 9.07 -7.02 31.92
C PHE C 197 8.64 -5.62 32.26
N GLU C 198 7.34 -5.41 32.40
CA GLU C 198 6.84 -4.11 32.78
C GLU C 198 7.37 -3.79 34.17
N GLU C 199 7.42 -4.80 35.02
CA GLU C 199 7.78 -4.61 36.41
C GLU C 199 9.18 -4.05 36.63
N ASN C 200 10.17 -4.58 35.91
CA ASN C 200 11.54 -4.13 36.10
C ASN C 200 12.23 -3.82 34.78
N PRO C 201 11.72 -2.71 34.10
CA PRO C 201 12.34 -2.51 32.78
C PRO C 201 13.71 -1.91 32.89
N ILE C 202 14.53 -2.12 31.87
CA ILE C 202 15.82 -1.46 31.73
C ILE C 202 15.62 -0.02 31.30
N ASN C 203 16.53 0.87 31.67
CA ASN C 203 16.46 2.25 31.19
C ASN C 203 17.68 2.65 30.36
N ALA C 204 17.45 3.00 29.10
CA ALA C 204 18.54 3.26 28.17
C ALA C 204 18.57 4.66 27.57
N SER C 205 17.92 5.63 28.21
CA SER C 205 17.69 6.91 27.56
C SER C 205 18.97 7.64 27.16
N GLY C 206 19.95 7.65 28.05
CA GLY C 206 21.20 8.31 27.76
C GLY C 206 22.06 7.71 26.67
N VAL C 207 22.12 6.40 26.65
CA VAL C 207 23.20 5.64 26.03
C VAL C 207 23.35 5.79 24.53
N ASP C 208 24.61 5.87 24.10
CA ASP C 208 24.98 5.82 22.69
C ASP C 208 25.32 4.41 22.30
N ALA C 209 24.31 3.64 21.95
CA ALA C 209 24.47 2.23 21.59
C ALA C 209 25.30 1.98 20.35
N LYS C 210 25.10 2.78 19.32
CA LYS C 210 25.75 2.56 18.04
C LYS C 210 27.25 2.67 18.14
N ALA C 211 27.74 3.64 18.89
CA ALA C 211 29.17 3.79 19.10
C ALA C 211 29.79 2.65 19.90
N ILE C 212 29.12 2.24 20.97
CA ILE C 212 29.60 1.13 21.77
C ILE C 212 29.56 -0.22 21.06
N LEU C 213 28.45 -0.48 20.40
CA LEU C 213 28.25 -1.77 19.69
C LEU C 213 28.94 -1.87 18.35
N SER C 214 29.15 -0.76 17.65
CA SER C 214 29.81 -0.82 16.37
C SER C 214 31.29 -0.54 16.51
N ALA C 215 31.76 -0.12 17.69
CA ALA C 215 33.19 0.19 17.89
C ALA C 215 34.07 -1.00 17.55
N ARG C 216 35.34 -0.69 17.25
CA ARG C 216 36.25 -1.71 16.77
C ARG C 216 37.00 -2.37 17.93
N LEU C 217 36.27 -3.13 18.73
CA LEU C 217 36.84 -3.95 19.80
C LEU C 217 36.23 -5.35 19.85
N SER C 218 36.74 -6.18 20.75
CA SER C 218 36.27 -7.55 20.89
C SER C 218 34.81 -7.59 21.31
N LYS C 219 34.11 -8.59 20.76
CA LYS C 219 32.68 -8.82 21.06
C LYS C 219 32.47 -8.73 22.56
N SER C 220 33.29 -9.47 23.29
CA SER C 220 33.19 -9.55 24.73
C SER C 220 33.58 -8.26 25.42
N ARG C 221 34.37 -7.40 24.76
CA ARG C 221 34.65 -6.06 25.29
C ARG C 221 33.40 -5.18 25.16
N ARG C 222 32.80 -5.18 23.99
CA ARG C 222 31.66 -4.31 23.77
C ARG C 222 30.46 -4.72 24.63
N LEU C 223 30.39 -6.00 25.01
CA LEU C 223 29.36 -6.43 25.97
C LEU C 223 29.55 -5.79 27.33
N GLU C 224 30.81 -5.66 27.74
CA GLU C 224 31.16 -5.11 29.06
C GLU C 224 30.87 -3.63 29.10
N ASN C 225 31.06 -2.99 27.95
CA ASN C 225 30.87 -1.57 27.81
C ASN C 225 29.40 -1.23 27.83
N LEU C 226 28.57 -2.00 27.14
CA LEU C 226 27.16 -1.67 27.10
C LEU C 226 26.52 -1.89 28.47
N ILE C 227 26.78 -3.04 29.08
CA ILE C 227 26.25 -3.33 30.40
C ILE C 227 26.75 -2.36 31.48
N ALA C 228 27.94 -1.83 31.27
CA ALA C 228 28.48 -0.79 32.16
C ALA C 228 27.68 0.50 32.16
N GLN C 229 26.88 0.72 31.13
CA GLN C 229 26.00 1.87 31.05
C GLN C 229 24.57 1.61 31.59
N LEU C 230 24.39 0.47 32.26
CA LEU C 230 23.09 0.00 32.73
C LEU C 230 23.21 -0.43 34.19
N PRO C 231 23.35 0.57 35.09
CA PRO C 231 23.51 0.28 36.51
C PRO C 231 22.41 -0.67 37.04
N GLY C 232 22.84 -1.75 37.68
CA GLY C 232 21.94 -2.80 38.18
C GLY C 232 21.66 -3.91 37.18
N GLU C 233 22.39 -3.90 36.06
CA GLU C 233 22.35 -4.97 35.08
C GLU C 233 23.68 -5.69 35.08
N LYS C 234 23.60 -7.00 35.26
CA LYS C 234 24.76 -7.89 35.35
C LYS C 234 25.11 -8.28 33.92
N LYS C 235 26.40 -8.41 33.64
CA LYS C 235 26.85 -8.86 32.33
C LYS C 235 26.18 -10.18 31.88
N ASN C 236 25.86 -11.06 32.83
CA ASN C 236 25.12 -12.29 32.51
C ASN C 236 23.63 -12.24 32.86
N GLY C 237 23.09 -11.03 32.96
CA GLY C 237 21.68 -10.81 33.20
C GLY C 237 20.92 -11.15 31.96
N LEU C 238 19.60 -11.24 32.04
CA LEU C 238 18.84 -11.65 30.88
C LEU C 238 19.06 -10.69 29.76
N PHE C 239 19.05 -9.39 30.04
CA PHE C 239 19.38 -8.43 28.99
C PHE C 239 20.83 -8.61 28.56
N GLY C 240 21.69 -8.79 29.54
CA GLY C 240 23.11 -8.84 29.27
C GLY C 240 23.49 -10.00 28.38
N ASN C 241 22.89 -11.16 28.63
CA ASN C 241 23.12 -12.31 27.79
C ASN C 241 22.61 -11.99 26.41
N LEU C 242 21.50 -11.26 26.35
CA LEU C 242 20.85 -10.95 25.09
C LEU C 242 21.73 -10.15 24.16
N ILE C 243 22.42 -9.15 24.69
CA ILE C 243 23.29 -8.35 23.84
C ILE C 243 24.39 -9.24 23.31
N ALA C 244 24.95 -10.05 24.19
CA ALA C 244 25.95 -11.03 23.79
C ALA C 244 25.45 -11.86 22.63
N LEU C 245 24.22 -12.35 22.75
CA LEU C 245 23.64 -13.07 21.64
C LEU C 245 23.79 -12.25 20.38
N SER C 246 23.56 -10.95 20.50
CA SER C 246 23.61 -10.04 19.37
C SER C 246 25.02 -9.68 18.91
N LEU C 247 26.00 -9.92 19.73
CA LEU C 247 27.34 -9.64 19.31
C LEU C 247 27.99 -10.81 18.58
N GLY C 248 27.39 -11.99 18.64
CA GLY C 248 27.94 -13.21 18.05
C GLY C 248 28.59 -14.13 19.06
N LEU C 249 28.28 -13.90 20.34
CA LEU C 249 28.75 -14.76 21.43
C LEU C 249 27.82 -15.93 21.57
N THR C 250 28.07 -16.75 22.60
CA THR C 250 27.26 -17.93 22.92
C THR C 250 26.80 -17.89 24.38
N PRO C 251 25.75 -17.15 24.71
CA PRO C 251 25.29 -17.11 26.10
C PRO C 251 24.46 -18.30 26.51
N ASN C 252 24.38 -18.49 27.83
CA ASN C 252 23.73 -19.63 28.45
C ASN C 252 22.55 -19.10 29.25
N PHE C 253 21.36 -19.35 28.78
CA PHE C 253 20.19 -18.80 29.43
C PHE C 253 19.68 -19.66 30.60
N LYS C 254 20.38 -20.76 30.90
CA LYS C 254 20.03 -21.64 32.02
C LYS C 254 19.71 -20.89 33.30
N SER C 255 20.70 -20.15 33.77
CA SER C 255 20.61 -19.47 35.04
C SER C 255 19.53 -18.38 35.03
N ASN C 256 19.32 -17.78 33.87
CA ASN C 256 18.32 -16.72 33.73
C ASN C 256 16.91 -17.20 33.99
N PHE C 257 16.63 -18.45 33.63
CA PHE C 257 15.28 -19.02 33.76
C PHE C 257 15.22 -20.24 34.73
N ASP C 258 16.28 -20.50 35.47
CA ASP C 258 16.31 -21.56 36.49
C ASP C 258 16.17 -22.96 35.95
N LEU C 259 16.74 -23.17 34.76
CA LEU C 259 16.52 -24.43 34.03
C LEU C 259 17.41 -25.50 34.61
N ALA C 260 16.98 -26.74 34.50
CA ALA C 260 17.74 -27.89 34.96
C ALA C 260 18.98 -28.03 34.11
N GLU C 261 18.74 -28.08 32.80
CA GLU C 261 19.79 -28.27 31.83
C GLU C 261 20.09 -26.95 31.20
N ASP C 262 21.39 -26.68 31.04
CA ASP C 262 21.79 -25.43 30.42
C ASP C 262 21.34 -25.33 28.96
N ALA C 263 21.18 -24.08 28.52
CA ALA C 263 20.80 -23.79 27.16
C ALA C 263 21.61 -22.59 26.68
N LYS C 264 22.74 -22.93 26.07
CA LYS C 264 23.59 -21.97 25.40
C LYS C 264 23.01 -21.71 24.04
N LEU C 265 23.02 -20.45 23.62
CA LEU C 265 22.53 -20.07 22.30
C LEU C 265 23.59 -19.29 21.56
N GLN C 266 23.88 -19.70 20.32
CA GLN C 266 24.86 -19.01 19.47
C GLN C 266 24.21 -18.68 18.13
N LEU C 267 24.30 -17.44 17.68
CA LEU C 267 23.60 -17.07 16.47
C LEU C 267 24.17 -17.63 15.18
N SER C 268 25.48 -17.89 15.14
CA SER C 268 26.12 -18.45 13.94
C SER C 268 25.78 -19.91 13.73
N LYS C 269 25.64 -20.65 14.76
CA LYS C 269 25.50 -22.08 14.62
C LYS C 269 24.27 -22.43 13.83
N ASP C 270 24.49 -23.25 12.87
CA ASP C 270 23.48 -24.05 12.16
C ASP C 270 22.44 -24.71 13.05
N THR C 271 22.82 -25.14 14.25
CA THR C 271 21.86 -25.75 15.20
C THR C 271 20.82 -24.74 15.77
N TYR C 272 21.16 -23.46 15.71
CA TYR C 272 20.49 -22.42 16.49
C TYR C 272 18.98 -22.47 16.47
N ASP C 273 18.39 -22.64 15.30
CA ASP C 273 16.95 -22.42 15.14
C ASP C 273 16.18 -23.34 16.05
N ASP C 274 16.34 -24.64 15.85
CA ASP C 274 15.70 -25.56 16.76
C ASP C 274 16.41 -25.61 18.12
N ASP C 275 17.66 -25.13 18.22
CA ASP C 275 18.26 -24.82 19.56
C ASP C 275 17.39 -23.82 20.31
N LEU C 276 16.74 -22.93 19.56
CA LEU C 276 15.85 -21.94 20.14
C LEU C 276 14.51 -22.52 20.44
N ASP C 277 13.98 -23.31 19.53
CA ASP C 277 12.70 -23.93 19.76
C ASP C 277 12.74 -24.83 20.98
N ASN C 278 13.81 -25.59 21.15
CA ASN C 278 14.04 -26.34 22.38
C ASN C 278 14.02 -25.49 23.67
N LEU C 279 14.44 -24.24 23.58
CA LEU C 279 14.36 -23.31 24.71
C LEU C 279 12.99 -22.69 24.89
N LEU C 280 12.41 -22.23 23.79
CA LEU C 280 11.09 -21.67 23.83
C LEU C 280 10.08 -22.74 24.16
N ALA C 281 10.41 -24.00 23.88
CA ALA C 281 9.63 -25.12 24.41
C ALA C 281 9.34 -24.87 25.89
N GLN C 282 10.40 -24.55 26.62
CA GLN C 282 10.33 -24.52 28.07
C GLN C 282 9.76 -23.22 28.59
N ILE C 283 10.32 -22.11 28.15
CA ILE C 283 10.06 -20.84 28.82
C ILE C 283 8.82 -20.09 28.36
N GLY C 284 8.17 -20.58 27.30
CA GLY C 284 6.95 -19.96 26.75
C GLY C 284 7.19 -19.38 25.37
N ASP C 285 6.17 -19.44 24.50
CA ASP C 285 6.26 -18.84 23.16
C ASP C 285 5.91 -17.35 23.18
N GLN C 286 5.93 -16.79 24.39
CA GLN C 286 5.73 -15.37 24.64
C GLN C 286 7.01 -14.58 24.35
N TYR C 287 8.15 -15.21 24.64
CA TYR C 287 9.48 -14.61 24.49
C TYR C 287 10.00 -14.50 23.04
N ALA C 288 9.27 -15.05 22.06
CA ALA C 288 9.82 -15.24 20.71
C ALA C 288 10.06 -13.95 19.92
N ASP C 289 9.47 -12.85 20.38
CA ASP C 289 9.64 -11.55 19.74
C ASP C 289 10.94 -10.90 20.20
N LEU C 290 11.33 -11.23 21.44
CA LEU C 290 12.59 -10.77 22.01
C LEU C 290 13.78 -11.33 21.21
N PHE C 291 13.91 -12.65 21.17
CA PHE C 291 15.01 -13.24 20.45
C PHE C 291 14.99 -12.90 18.96
N LEU C 292 13.82 -12.61 18.42
CA LEU C 292 13.77 -12.12 17.04
C LEU C 292 14.32 -10.70 16.95
N ALA C 293 14.13 -9.92 18.00
CA ALA C 293 14.65 -8.55 18.06
C ALA C 293 16.15 -8.55 18.21
N ALA C 294 16.69 -9.52 18.94
CA ALA C 294 18.12 -9.66 18.99
C ALA C 294 18.66 -9.96 17.59
N LYS C 295 18.12 -10.98 16.93
CA LYS C 295 18.62 -11.41 15.59
C LYS C 295 18.62 -10.27 14.62
N ASN C 296 17.61 -9.41 14.69
CA ASN C 296 17.55 -8.26 13.82
C ASN C 296 18.73 -7.35 14.13
N LEU C 297 18.91 -7.01 15.40
CA LEU C 297 20.08 -6.23 15.83
C LEU C 297 21.39 -6.89 15.40
N SER C 298 21.52 -8.18 15.69
CA SER C 298 22.69 -8.92 15.29
C SER C 298 23.02 -8.59 13.85
N ASP C 299 22.01 -8.68 12.99
CA ASP C 299 22.25 -8.45 11.58
C ASP C 299 22.68 -7.02 11.30
N ALA C 300 22.23 -6.06 12.11
CA ALA C 300 22.64 -4.68 11.92
C ALA C 300 24.06 -4.41 12.39
N ILE C 301 24.52 -5.10 13.42
CA ILE C 301 25.88 -4.89 13.92
C ILE C 301 26.87 -5.55 12.97
N LEU C 302 26.53 -6.73 12.49
CA LEU C 302 27.35 -7.41 11.48
C LEU C 302 27.41 -6.60 10.20
N LEU C 303 26.27 -6.07 9.77
CA LEU C 303 26.20 -5.27 8.55
C LEU C 303 26.99 -3.99 8.73
N SER C 304 27.02 -3.49 9.96
CA SER C 304 27.77 -2.28 10.28
C SER C 304 29.24 -2.51 10.32
N ASP C 305 29.68 -3.70 10.72
CA ASP C 305 31.11 -3.96 10.75
C ASP C 305 31.66 -4.39 9.42
N ILE C 306 30.81 -4.98 8.59
CA ILE C 306 31.23 -5.47 7.30
C ILE C 306 31.69 -4.32 6.43
N LEU C 307 30.96 -3.21 6.48
CA LEU C 307 31.41 -2.03 5.81
C LEU C 307 31.71 -0.99 6.85
N ARG C 308 32.95 -0.52 6.90
CA ARG C 308 33.26 0.55 7.81
C ARG C 308 32.49 1.73 7.26
N VAL C 309 31.80 2.44 8.14
CA VAL C 309 31.00 3.57 7.70
C VAL C 309 31.79 4.82 7.99
N ASN C 310 32.13 5.54 6.94
CA ASN C 310 32.98 6.72 7.08
C ASN C 310 32.54 7.85 6.18
N THR C 311 32.91 9.06 6.58
CA THR C 311 32.64 10.21 5.74
C THR C 311 33.78 10.32 4.74
N GLU C 312 33.89 9.35 3.84
CA GLU C 312 34.80 9.51 2.70
C GLU C 312 33.96 9.23 1.45
N ILE C 313 32.70 9.69 1.49
CA ILE C 313 31.56 9.09 0.78
C ILE C 313 31.98 8.65 -0.63
N THR C 314 31.58 7.41 -0.90
CA THR C 314 31.62 6.78 -2.20
C THR C 314 30.17 6.44 -2.50
N LYS C 315 29.88 6.07 -3.72
CA LYS C 315 28.59 5.52 -4.02
C LYS C 315 28.58 3.98 -3.81
N ALA C 316 29.77 3.42 -3.53
CA ALA C 316 29.98 1.99 -3.37
C ALA C 316 30.62 1.70 -2.01
N PRO C 317 29.83 1.78 -0.93
CA PRO C 317 30.40 1.54 0.40
C PRO C 317 31.00 0.15 0.61
N LEU C 318 30.34 -0.88 0.05
CA LEU C 318 30.65 -2.29 0.35
C LEU C 318 31.91 -2.71 -0.35
N SER C 319 31.92 -2.50 -1.67
CA SER C 319 33.08 -2.81 -2.52
C SER C 319 34.30 -2.06 -2.01
N ALA C 320 34.08 -0.83 -1.54
CA ALA C 320 35.14 -0.07 -0.88
C ALA C 320 35.60 -0.73 0.41
N SER C 321 34.64 -1.12 1.23
CA SER C 321 34.98 -1.78 2.48
C SER C 321 35.89 -2.97 2.19
N MET C 322 35.45 -3.84 1.28
CA MET C 322 36.23 -5.04 0.94
C MET C 322 37.63 -4.67 0.48
N ILE C 323 37.76 -3.61 -0.29
CA ILE C 323 39.07 -3.18 -0.72
C ILE C 323 39.95 -2.86 0.51
N LYS C 324 39.37 -2.25 1.55
CA LYS C 324 40.14 -1.96 2.77
C LYS C 324 40.62 -3.21 3.51
N ARG C 325 39.77 -4.22 3.61
CA ARG C 325 40.13 -5.50 4.23
C ARG C 325 41.09 -6.32 3.35
N TYR C 326 41.11 -6.01 2.05
CA TYR C 326 42.08 -6.57 1.14
C TYR C 326 43.45 -6.00 1.44
N ASP C 327 43.51 -4.70 1.61
CA ASP C 327 44.78 -4.04 1.83
C ASP C 327 45.29 -4.21 3.25
N GLU C 328 44.40 -4.30 4.24
CA GLU C 328 44.83 -4.53 5.62
C GLU C 328 45.35 -5.95 5.76
N HIS C 329 44.74 -6.86 5.02
CA HIS C 329 45.19 -8.24 4.90
C HIS C 329 46.62 -8.22 4.40
N HIS C 330 46.87 -7.54 3.28
CA HIS C 330 48.23 -7.46 2.68
C HIS C 330 49.30 -6.95 3.68
N GLN C 331 49.03 -5.80 4.27
CA GLN C 331 49.94 -5.19 5.25
C GLN C 331 50.29 -6.16 6.36
N ASP C 332 49.26 -6.74 6.94
CA ASP C 332 49.44 -7.62 8.05
C ASP C 332 50.01 -8.96 7.63
N LEU C 333 49.83 -9.33 6.37
CA LEU C 333 50.48 -10.53 5.87
C LEU C 333 51.98 -10.27 5.70
N THR C 334 52.34 -9.06 5.31
CA THR C 334 53.75 -8.67 5.11
C THR C 334 54.42 -8.64 6.49
N LEU C 335 53.81 -7.92 7.42
CA LEU C 335 54.28 -7.87 8.80
C LEU C 335 54.38 -9.24 9.45
N LEU C 336 53.50 -10.17 9.10
CA LEU C 336 53.57 -11.54 9.68
C LEU C 336 54.77 -12.31 9.21
N LYS C 337 54.94 -12.38 7.89
CA LYS C 337 56.11 -13.02 7.32
C LYS C 337 57.41 -12.41 7.87
N ALA C 338 57.42 -11.08 8.01
CA ALA C 338 58.56 -10.38 8.62
C ALA C 338 58.80 -10.90 10.04
N LEU C 339 57.78 -10.76 10.88
CA LEU C 339 57.90 -11.14 12.29
C LEU C 339 58.37 -12.59 12.44
N VAL C 340 57.80 -13.52 11.67
CA VAL C 340 58.20 -14.92 11.72
C VAL C 340 59.59 -15.15 11.12
N ARG C 341 59.90 -14.47 10.04
CA ARG C 341 61.25 -14.60 9.50
C ARG C 341 62.28 -14.26 10.56
N GLN C 342 62.03 -13.14 11.23
CA GLN C 342 62.91 -12.55 12.24
C GLN C 342 63.05 -13.44 13.46
N GLN C 343 61.94 -13.99 13.96
CA GLN C 343 61.96 -14.63 15.27
C GLN C 343 61.86 -16.16 15.20
N LEU C 344 60.93 -16.71 14.43
CA LEU C 344 60.65 -18.16 14.44
C LEU C 344 60.73 -18.79 13.05
N PRO C 345 61.90 -18.75 12.42
CA PRO C 345 62.01 -19.19 11.03
C PRO C 345 62.21 -20.68 10.77
N GLU C 346 62.10 -21.54 11.78
CA GLU C 346 61.94 -22.99 11.54
C GLU C 346 60.50 -23.27 11.14
N LYS C 347 59.60 -22.42 11.63
CA LYS C 347 58.19 -22.51 11.34
C LYS C 347 57.76 -21.82 10.03
N TYR C 348 58.58 -20.96 9.43
CA TYR C 348 58.08 -20.22 8.31
C TYR C 348 57.65 -21.19 7.24
N LYS C 349 58.40 -22.26 7.04
CA LYS C 349 58.02 -23.24 6.04
C LYS C 349 56.69 -23.88 6.35
N GLU C 350 56.47 -24.27 7.60
CA GLU C 350 55.22 -24.92 7.97
C GLU C 350 54.05 -23.99 7.82
N ILE C 351 54.23 -22.76 8.30
CA ILE C 351 53.15 -21.80 8.31
C ILE C 351 52.64 -21.39 6.94
N PHE C 352 53.56 -21.13 6.02
CA PHE C 352 53.17 -20.64 4.72
C PHE C 352 53.26 -21.64 3.60
N PHE C 353 54.02 -22.72 3.80
CA PHE C 353 54.14 -23.71 2.76
C PHE C 353 53.40 -25.00 3.04
N ASP C 354 52.88 -25.13 4.26
CA ASP C 354 52.19 -26.36 4.62
C ASP C 354 50.70 -26.18 4.46
N GLN C 355 50.16 -26.75 3.40
CA GLN C 355 48.73 -26.72 3.16
C GLN C 355 48.02 -27.52 4.23
N SER C 356 48.67 -28.59 4.67
CA SER C 356 48.09 -29.50 5.64
C SER C 356 47.79 -28.86 6.99
N LYS C 357 48.67 -27.99 7.46
CA LYS C 357 48.48 -27.39 8.75
C LYS C 357 47.52 -26.25 8.60
N ASN C 358 47.08 -25.74 9.73
CA ASN C 358 46.16 -24.65 9.78
C ASN C 358 46.85 -23.29 9.83
N GLY C 359 48.10 -23.20 9.38
CA GLY C 359 48.72 -21.90 9.13
C GLY C 359 48.11 -21.21 7.93
N TYR C 360 48.70 -20.08 7.51
CA TYR C 360 48.19 -19.34 6.33
C TYR C 360 48.07 -20.26 5.13
N ALA C 361 48.98 -21.22 5.03
CA ALA C 361 49.01 -22.13 3.93
C ALA C 361 47.70 -22.92 3.87
N GLY C 362 47.34 -23.58 4.97
CA GLY C 362 46.05 -24.26 5.07
C GLY C 362 44.85 -23.34 4.93
N TYR C 363 44.96 -22.16 5.53
CA TYR C 363 43.88 -21.16 5.46
C TYR C 363 43.45 -20.87 4.03
N ILE C 364 44.44 -20.54 3.21
CA ILE C 364 44.18 -20.11 1.87
C ILE C 364 43.97 -21.31 1.00
N ASP C 365 44.93 -22.22 1.04
CA ASP C 365 45.04 -23.29 0.05
C ASP C 365 44.51 -24.65 0.54
N GLY C 366 44.15 -24.72 1.82
CA GLY C 366 43.77 -25.98 2.45
C GLY C 366 42.34 -26.08 2.96
N GLY C 367 41.56 -25.02 2.84
CA GLY C 367 40.17 -25.01 3.31
C GLY C 367 40.04 -25.01 4.82
N ALA C 368 41.09 -24.57 5.49
CA ALA C 368 41.02 -24.30 6.92
C ALA C 368 40.12 -23.10 7.06
N SER C 369 39.43 -23.01 8.19
CA SER C 369 38.48 -21.94 8.39
C SER C 369 39.15 -20.78 9.04
N GLN C 370 38.50 -19.62 8.97
CA GLN C 370 38.98 -18.45 9.67
C GLN C 370 39.22 -18.76 11.13
N GLU C 371 38.29 -19.49 11.75
CA GLU C 371 38.38 -19.76 13.17
C GLU C 371 39.47 -20.74 13.47
N GLU C 372 39.60 -21.78 12.65
CA GLU C 372 40.66 -22.77 12.84
C GLU C 372 42.03 -22.10 12.65
N PHE C 373 42.15 -21.28 11.63
CA PHE C 373 43.40 -20.58 11.39
C PHE C 373 43.80 -19.71 12.58
N TYR C 374 42.86 -18.96 13.14
CA TYR C 374 43.18 -18.18 14.36
C TYR C 374 43.59 -19.07 15.54
N LYS C 375 43.01 -20.25 15.61
CA LYS C 375 43.31 -21.25 16.63
C LYS C 375 44.76 -21.75 16.47
N PHE C 376 45.19 -21.91 15.22
CA PHE C 376 46.57 -22.28 14.92
C PHE C 376 47.59 -21.23 15.33
N ILE C 377 47.36 -19.98 14.93
CA ILE C 377 48.39 -18.93 15.02
C ILE C 377 48.41 -18.10 16.31
N LYS C 378 47.42 -18.25 17.17
CA LYS C 378 47.40 -17.50 18.45
C LYS C 378 48.55 -17.79 19.45
N PRO C 379 48.89 -19.08 19.68
CA PRO C 379 50.04 -19.33 20.57
C PRO C 379 51.34 -18.81 19.99
N ILE C 380 51.44 -18.81 18.67
CA ILE C 380 52.64 -18.41 17.95
C ILE C 380 52.80 -16.91 18.08
N LEU C 381 51.70 -16.19 17.88
CA LEU C 381 51.71 -14.74 18.07
C LEU C 381 52.07 -14.34 19.50
N GLU C 382 51.65 -15.17 20.44
CA GLU C 382 51.97 -14.93 21.85
C GLU C 382 53.43 -15.22 22.19
N LYS C 383 54.08 -16.08 21.41
CA LYS C 383 55.51 -16.38 21.57
C LYS C 383 56.45 -15.25 21.10
N MET C 384 56.04 -14.43 20.11
CA MET C 384 56.93 -13.44 19.51
C MET C 384 56.75 -12.04 20.12
N ASP C 385 57.80 -11.21 20.01
CA ASP C 385 57.72 -9.77 20.32
C ASP C 385 57.02 -9.00 19.18
N GLY C 386 56.43 -7.86 19.49
CA GLY C 386 55.88 -6.97 18.46
C GLY C 386 54.70 -7.50 17.65
N THR C 387 53.86 -8.29 18.31
CA THR C 387 52.62 -8.80 17.73
C THR C 387 51.40 -8.13 18.35
N GLU C 388 51.60 -7.09 19.14
CA GLU C 388 50.52 -6.48 19.94
C GLU C 388 49.39 -6.11 19.03
N GLU C 389 49.72 -5.31 18.01
CA GLU C 389 48.82 -4.97 16.91
C GLU C 389 48.03 -6.17 16.40
N LEU C 390 48.77 -7.21 16.02
CA LEU C 390 48.18 -8.35 15.33
C LEU C 390 47.24 -9.15 16.23
N LEU C 391 47.65 -9.31 17.48
CA LEU C 391 46.81 -9.99 18.48
C LEU C 391 45.50 -9.24 18.76
N VAL C 392 45.56 -7.91 18.82
CA VAL C 392 44.36 -7.08 18.94
C VAL C 392 43.38 -7.35 17.79
N LYS C 393 43.90 -7.52 16.59
CA LYS C 393 43.05 -7.81 15.43
C LYS C 393 42.42 -9.20 15.52
N LEU C 394 43.18 -10.16 16.04
CA LEU C 394 42.68 -11.53 16.21
C LEU C 394 41.52 -11.62 17.19
N ASN C 395 41.72 -11.14 18.40
CA ASN C 395 40.68 -11.21 19.40
C ASN C 395 39.48 -10.45 18.90
N ARG C 396 39.74 -9.35 18.21
CA ARG C 396 38.69 -8.57 17.59
C ARG C 396 38.11 -9.34 16.42
N GLU C 397 38.80 -10.39 16.02
CA GLU C 397 38.34 -11.23 14.93
C GLU C 397 38.22 -10.43 13.66
N ASP C 398 39.15 -9.49 13.49
CA ASP C 398 39.27 -8.69 12.27
C ASP C 398 40.59 -8.88 11.58
N LEU C 399 41.22 -10.04 11.73
CA LEU C 399 42.54 -10.25 11.16
C LEU C 399 42.55 -11.16 9.95
N LEU C 400 43.21 -10.71 8.89
CA LEU C 400 43.47 -11.53 7.73
C LEU C 400 42.20 -12.15 7.18
N ARG C 401 41.15 -11.36 7.14
CA ARG C 401 39.88 -11.82 6.62
C ARG C 401 39.88 -11.94 5.11
N LYS C 402 39.07 -12.86 4.60
CA LYS C 402 38.78 -12.99 3.19
C LYS C 402 37.56 -12.15 2.86
N GLN C 403 37.29 -11.92 1.58
CA GLN C 403 36.14 -11.12 1.24
C GLN C 403 34.92 -12.02 1.24
N ARG C 404 35.01 -13.13 0.52
CA ARG C 404 33.92 -14.06 0.48
C ARG C 404 34.01 -14.96 1.68
N THR C 405 32.99 -14.87 2.53
CA THR C 405 33.02 -15.49 3.84
C THR C 405 31.61 -15.56 4.42
N PHE C 406 31.55 -15.97 5.68
CA PHE C 406 30.31 -16.36 6.33
C PHE C 406 29.49 -15.22 6.92
N ASP C 407 30.06 -14.02 7.03
CA ASP C 407 29.27 -12.89 7.53
C ASP C 407 28.20 -12.44 6.54
N ASN C 408 28.56 -12.52 5.26
CA ASN C 408 27.79 -11.90 4.18
C ASN C 408 26.32 -12.30 4.07
N GLY C 409 25.93 -13.32 4.83
CA GLY C 409 24.54 -13.55 5.12
C GLY C 409 23.82 -12.26 5.50
N SER C 410 24.47 -11.40 6.29
CA SER C 410 23.83 -10.20 6.82
C SER C 410 23.88 -8.97 5.90
N ILE C 411 24.14 -9.17 4.61
CA ILE C 411 24.16 -8.08 3.64
C ILE C 411 22.89 -8.11 2.84
N PRO C 412 22.16 -6.99 2.82
CA PRO C 412 20.92 -6.98 2.09
C PRO C 412 21.09 -6.82 0.61
N HIS C 413 20.24 -7.51 -0.13
CA HIS C 413 20.20 -7.32 -1.56
C HIS C 413 20.14 -5.88 -1.89
N GLN C 414 19.58 -5.09 -0.99
CA GLN C 414 19.48 -3.68 -1.20
C GLN C 414 20.85 -3.00 -1.40
N ILE C 415 21.88 -3.49 -0.74
CA ILE C 415 23.16 -2.83 -0.92
C ILE C 415 23.78 -3.11 -2.27
N HIS C 416 23.69 -4.33 -2.73
CA HIS C 416 24.21 -4.66 -4.03
C HIS C 416 23.43 -3.83 -5.02
N LEU C 417 22.15 -3.66 -4.76
CA LEU C 417 21.29 -2.89 -5.63
C LEU C 417 21.70 -1.45 -5.74
N GLY C 418 22.13 -0.85 -4.64
CA GLY C 418 22.62 0.50 -4.71
C GLY C 418 23.87 0.64 -5.56
N GLU C 419 24.82 -0.26 -5.38
CA GLU C 419 26.04 -0.28 -6.18
C GLU C 419 25.75 -0.61 -7.62
N LEU C 420 24.88 -1.58 -7.82
CA LEU C 420 24.54 -2.03 -9.15
C LEU C 420 23.89 -0.88 -9.87
N HIS C 421 23.12 -0.10 -9.14
CA HIS C 421 22.43 1.03 -9.73
C HIS C 421 23.37 2.09 -10.25
N ALA C 422 24.40 2.40 -9.47
CA ALA C 422 25.30 3.49 -9.84
C ALA C 422 26.07 3.22 -11.10
N ILE C 423 26.58 2.01 -11.24
CA ILE C 423 27.32 1.62 -12.42
C ILE C 423 26.50 1.84 -13.65
N LEU C 424 25.23 1.49 -13.59
CA LEU C 424 24.35 1.68 -14.73
C LEU C 424 24.25 3.16 -15.09
N ARG C 425 24.12 4.04 -14.10
CA ARG C 425 23.99 5.46 -14.38
C ARG C 425 25.29 6.05 -14.95
N ARG C 426 26.46 5.55 -14.52
CA ARG C 426 27.71 5.99 -15.14
C ARG C 426 27.81 5.74 -16.63
N GLN C 427 27.39 4.60 -17.09
CA GLN C 427 27.67 4.25 -18.47
C GLN C 427 26.43 4.32 -19.36
N GLU C 428 25.27 4.68 -18.81
CA GLU C 428 24.06 4.62 -19.64
C GLU C 428 24.04 5.69 -20.75
N ASP C 429 24.95 6.65 -20.66
CA ASP C 429 25.17 7.62 -21.73
C ASP C 429 26.21 7.17 -22.75
N PHE C 430 27.19 6.33 -22.35
CA PHE C 430 28.10 5.70 -23.34
C PHE C 430 27.49 4.47 -24.01
N TYR C 431 26.44 3.90 -23.42
CA TYR C 431 25.85 2.68 -23.92
C TYR C 431 24.35 2.82 -23.88
N PRO C 432 23.76 3.28 -24.99
CA PRO C 432 22.31 3.46 -25.06
C PRO C 432 21.43 2.30 -24.56
N PHE C 433 21.82 1.09 -24.91
CA PHE C 433 21.02 -0.08 -24.56
C PHE C 433 21.08 -0.38 -23.06
N LEU C 434 21.95 0.28 -22.33
CA LEU C 434 21.90 0.26 -20.87
C LEU C 434 20.92 1.30 -20.26
N LYS C 435 20.82 2.47 -20.87
CA LYS C 435 19.76 3.39 -20.48
C LYS C 435 18.39 2.75 -20.77
N ASP C 436 18.25 2.05 -21.90
CA ASP C 436 16.96 1.39 -22.27
C ASP C 436 16.61 0.24 -21.35
N ASN C 437 17.63 -0.45 -20.85
CA ASN C 437 17.45 -1.60 -19.97
C ASN C 437 17.90 -1.35 -18.53
N ARG C 438 17.97 -0.10 -18.08
CA ARG C 438 18.39 0.16 -16.69
C ARG C 438 17.45 -0.54 -15.74
N GLU C 439 16.17 -0.33 -15.97
CA GLU C 439 15.19 -0.84 -15.04
C GLU C 439 14.96 -2.36 -15.23
N LYS C 440 15.10 -2.87 -16.45
CA LYS C 440 15.01 -4.33 -16.67
C LYS C 440 16.07 -5.06 -15.81
N ILE C 441 17.20 -4.41 -15.65
CA ILE C 441 18.34 -4.97 -14.96
C ILE C 441 18.27 -4.80 -13.46
N GLU C 442 17.62 -3.76 -12.95
CA GLU C 442 17.40 -3.68 -11.52
C GLU C 442 16.36 -4.75 -11.15
N LYS C 443 15.36 -4.94 -12.02
CA LYS C 443 14.32 -5.90 -11.73
C LYS C 443 14.90 -7.28 -11.53
N ILE C 444 15.77 -7.71 -12.42
CA ILE C 444 16.45 -9.01 -12.26
C ILE C 444 16.94 -9.20 -10.81
N LEU C 445 17.51 -8.15 -10.24
CA LEU C 445 18.13 -8.27 -8.96
C LEU C 445 17.09 -8.27 -7.87
N THR C 446 16.08 -7.41 -7.97
CA THR C 446 15.09 -7.25 -6.86
C THR C 446 13.93 -8.22 -6.91
N PHE C 447 13.74 -8.88 -8.07
CA PHE C 447 12.64 -9.80 -8.23
C PHE C 447 12.89 -11.07 -7.49
N ARG C 448 11.90 -11.49 -6.74
CA ARG C 448 11.98 -12.74 -6.06
C ARG C 448 10.58 -13.28 -6.12
N ILE C 449 10.44 -14.56 -6.45
CA ILE C 449 9.12 -15.11 -6.61
C ILE C 449 8.43 -15.08 -5.28
N PRO C 450 7.06 -14.74 -5.32
CA PRO C 450 6.47 -14.56 -3.99
C PRO C 450 6.25 -15.87 -3.28
N TYR C 451 6.05 -15.80 -1.97
CA TYR C 451 5.91 -17.00 -1.18
C TYR C 451 4.72 -17.75 -1.72
N TYR C 452 3.62 -17.03 -1.93
CA TYR C 452 2.35 -17.62 -2.38
C TYR C 452 2.34 -18.22 -3.76
N VAL C 453 3.06 -17.61 -4.68
CA VAL C 453 3.01 -18.02 -6.07
C VAL C 453 3.48 -19.44 -6.39
N GLY C 454 4.58 -19.88 -5.79
CA GLY C 454 5.01 -21.24 -5.96
C GLY C 454 5.69 -21.48 -7.29
N PRO C 455 5.97 -22.83 -7.58
CA PRO C 455 6.59 -23.01 -8.90
C PRO C 455 5.65 -22.62 -10.02
N LEU C 456 6.18 -22.02 -11.06
CA LEU C 456 5.40 -21.55 -12.19
C LEU C 456 5.16 -22.68 -13.16
N ALA C 457 4.35 -23.62 -12.71
CA ALA C 457 4.07 -24.84 -13.42
C ALA C 457 3.11 -24.63 -14.56
N ARG C 458 2.98 -25.65 -15.39
CA ARG C 458 2.00 -25.67 -16.47
C ARG C 458 1.22 -27.00 -16.48
N GLY C 459 0.83 -27.42 -15.28
CA GLY C 459 0.15 -28.69 -15.08
C GLY C 459 1.13 -29.84 -15.02
N ASN C 460 2.41 -29.53 -15.11
CA ASN C 460 3.43 -30.58 -15.09
C ASN C 460 4.30 -30.69 -13.84
N SER C 461 3.95 -29.93 -12.79
CA SER C 461 4.60 -30.06 -11.50
C SER C 461 3.52 -30.43 -10.52
N ARG C 462 3.71 -31.50 -9.76
CA ARG C 462 2.72 -31.93 -8.78
C ARG C 462 2.54 -30.89 -7.70
N PHE C 463 3.64 -30.28 -7.29
CA PHE C 463 3.67 -29.29 -6.22
C PHE C 463 2.91 -27.98 -6.44
N ALA C 464 2.96 -27.44 -7.65
CA ALA C 464 2.51 -26.09 -7.96
C ALA C 464 1.02 -25.82 -7.86
N TRP C 465 0.66 -24.62 -7.41
CA TRP C 465 -0.73 -24.19 -7.40
C TRP C 465 -0.99 -22.89 -8.16
N MET C 466 0.03 -22.30 -8.74
CA MET C 466 -0.08 -20.96 -9.29
C MET C 466 -1.00 -20.92 -10.48
N THR C 467 -1.65 -19.78 -10.68
CA THR C 467 -2.60 -19.60 -11.77
C THR C 467 -2.16 -18.53 -12.77
N ARG C 468 -2.11 -18.91 -14.03
CA ARG C 468 -1.81 -18.01 -15.12
C ARG C 468 -3.02 -17.18 -15.43
N LYS C 469 -2.83 -15.97 -15.95
CA LYS C 469 -3.90 -15.28 -16.65
C LYS C 469 -3.63 -15.32 -18.14
N SER C 470 -2.39 -15.60 -18.51
CA SER C 470 -2.02 -15.74 -19.91
C SER C 470 -1.03 -16.88 -20.02
N GLU C 471 -1.10 -17.65 -21.09
CA GLU C 471 -0.11 -18.70 -21.29
C GLU C 471 1.08 -18.23 -22.10
N GLU C 472 1.94 -17.42 -21.51
CA GLU C 472 3.16 -17.01 -22.18
C GLU C 472 4.32 -17.01 -21.21
N THR C 473 5.54 -17.17 -21.70
CA THR C 473 6.66 -17.37 -20.77
C THR C 473 6.74 -16.32 -19.69
N ILE C 474 6.81 -16.81 -18.46
CA ILE C 474 6.87 -15.96 -17.27
C ILE C 474 8.28 -15.46 -17.06
N THR C 475 8.41 -14.17 -16.80
CA THR C 475 9.70 -13.54 -16.64
C THR C 475 9.59 -12.41 -15.63
N PRO C 476 10.71 -12.06 -14.98
CA PRO C 476 10.72 -11.01 -13.95
C PRO C 476 10.02 -9.68 -14.29
N TRP C 477 9.82 -9.41 -15.59
CA TRP C 477 9.31 -8.14 -16.08
C TRP C 477 7.84 -8.21 -16.40
N ASN C 478 7.39 -9.33 -16.94
CA ASN C 478 5.96 -9.51 -17.17
C ASN C 478 5.20 -10.12 -16.00
N PHE C 479 5.86 -10.21 -14.84
CA PHE C 479 5.39 -11.10 -13.79
C PHE C 479 4.00 -10.72 -13.29
N GLU C 480 3.86 -9.49 -12.86
CA GLU C 480 2.60 -9.06 -12.28
C GLU C 480 1.50 -9.15 -13.31
N GLU C 481 1.80 -8.69 -14.53
CA GLU C 481 0.85 -8.80 -15.62
C GLU C 481 0.54 -10.21 -16.10
N VAL C 482 1.56 -11.03 -16.25
CA VAL C 482 1.37 -12.40 -16.72
C VAL C 482 0.61 -13.33 -15.80
N VAL C 483 0.89 -13.26 -14.50
CA VAL C 483 0.43 -14.26 -13.56
C VAL C 483 -0.63 -13.76 -12.63
N ASP C 484 -1.76 -14.45 -12.55
CA ASP C 484 -2.81 -14.03 -11.65
C ASP C 484 -2.27 -14.19 -10.26
N LYS C 485 -2.39 -13.13 -9.46
CA LYS C 485 -1.89 -13.18 -8.08
C LYS C 485 -2.97 -13.32 -6.99
N GLY C 486 -4.23 -13.03 -7.30
CA GLY C 486 -5.32 -13.14 -6.33
C GLY C 486 -5.69 -14.59 -6.18
N ALA C 487 -5.94 -15.24 -7.31
CA ALA C 487 -6.23 -16.67 -7.36
C ALA C 487 -5.09 -17.52 -6.80
N SER C 488 -3.87 -17.20 -7.21
CA SER C 488 -2.69 -17.89 -6.72
C SER C 488 -2.68 -17.88 -5.20
N ALA C 489 -2.73 -16.70 -4.63
CA ALA C 489 -2.81 -16.52 -3.18
C ALA C 489 -3.95 -17.31 -2.56
N GLN C 490 -5.11 -17.34 -3.23
CA GLN C 490 -6.23 -18.09 -2.68
C GLN C 490 -5.92 -19.58 -2.62
N SER C 491 -5.43 -20.13 -3.72
CA SER C 491 -5.09 -21.53 -3.77
C SER C 491 -3.97 -21.82 -2.80
N PHE C 492 -3.04 -20.90 -2.66
CA PHE C 492 -1.95 -21.10 -1.72
C PHE C 492 -2.59 -21.22 -0.36
N ILE C 493 -3.58 -20.37 -0.11
CA ILE C 493 -4.19 -20.34 1.21
C ILE C 493 -4.86 -21.65 1.53
N GLU C 494 -5.60 -22.20 0.58
CA GLU C 494 -6.24 -23.49 0.77
C GLU C 494 -5.23 -24.59 0.93
N ARG C 495 -4.20 -24.56 0.10
CA ARG C 495 -3.16 -25.59 0.10
C ARG C 495 -2.33 -25.63 1.37
N MET C 496 -1.97 -24.46 1.87
CA MET C 496 -0.93 -24.32 2.89
C MET C 496 -1.43 -24.19 4.33
N THR C 497 -2.71 -24.44 4.55
CA THR C 497 -3.23 -24.47 5.89
C THR C 497 -3.59 -25.90 6.23
N ASN C 498 -3.05 -26.37 7.35
CA ASN C 498 -3.30 -27.72 7.82
C ASN C 498 -4.69 -27.92 8.41
N PHE C 499 -5.13 -29.17 8.46
CA PHE C 499 -6.45 -29.50 8.89
C PHE C 499 -6.33 -30.14 10.26
N ASP C 500 -7.34 -29.88 11.09
CA ASP C 500 -7.41 -30.47 12.41
C ASP C 500 -7.33 -32.00 12.22
N LYS C 501 -6.48 -32.70 12.92
CA LYS C 501 -6.56 -34.10 12.76
C LYS C 501 -7.83 -34.54 13.41
N ASN C 502 -8.22 -33.87 14.49
CA ASN C 502 -9.48 -34.18 15.13
C ASN C 502 -10.65 -33.95 14.19
N LEU C 503 -10.60 -32.86 13.43
CA LEU C 503 -11.67 -32.52 12.49
C LEU C 503 -11.17 -32.18 11.10
N PRO C 504 -10.87 -33.28 10.26
CA PRO C 504 -10.34 -32.89 8.95
C PRO C 504 -11.39 -32.22 8.08
N ASN C 505 -10.91 -31.49 7.08
CA ASN C 505 -11.70 -30.59 6.23
C ASN C 505 -12.04 -29.24 6.91
N GLU C 506 -11.75 -29.09 8.20
CA GLU C 506 -11.66 -27.78 8.81
C GLU C 506 -10.20 -27.47 8.95
N LYS C 507 -9.86 -26.21 8.75
CA LYS C 507 -8.49 -25.70 8.75
C LYS C 507 -8.09 -25.53 10.20
N VAL C 508 -6.82 -25.38 10.50
CA VAL C 508 -6.41 -25.08 11.88
C VAL C 508 -6.23 -23.61 12.09
N LEU C 509 -6.64 -23.12 13.25
CA LEU C 509 -6.52 -21.71 13.55
C LEU C 509 -5.05 -21.34 13.63
N PRO C 510 -4.71 -20.04 13.47
CA PRO C 510 -3.39 -19.57 13.83
C PRO C 510 -3.04 -19.79 15.28
N LYS C 511 -1.76 -19.73 15.59
CA LYS C 511 -1.28 -19.97 16.95
C LYS C 511 -1.55 -18.78 17.86
N HIS C 512 -1.88 -17.65 17.26
CA HIS C 512 -2.17 -16.46 18.03
C HIS C 512 -3.64 -16.04 17.85
N SER C 513 -4.50 -16.97 17.42
CA SER C 513 -5.91 -16.66 17.25
C SER C 513 -6.52 -16.27 18.60
N LEU C 514 -7.34 -15.23 18.60
CA LEU C 514 -7.98 -14.79 19.85
C LEU C 514 -8.83 -15.92 20.40
N LEU C 515 -9.43 -16.73 19.52
CA LEU C 515 -10.29 -17.84 19.94
C LEU C 515 -9.46 -18.92 20.58
N TYR C 516 -8.36 -19.28 19.92
CA TYR C 516 -7.42 -20.24 20.47
C TYR C 516 -6.91 -19.79 21.84
N GLU C 517 -6.57 -18.50 21.94
CA GLU C 517 -6.05 -17.93 23.19
C GLU C 517 -7.17 -17.68 24.23
N TYR C 518 -8.40 -17.41 23.79
CA TYR C 518 -9.57 -17.41 24.71
C TYR C 518 -9.85 -18.83 25.18
N PHE C 519 -9.64 -19.78 24.28
CA PHE C 519 -9.90 -21.20 24.54
C PHE C 519 -8.91 -21.82 25.49
N THR C 520 -7.68 -21.38 25.35
CA THR C 520 -6.62 -22.02 26.04
C THR C 520 -6.47 -21.49 27.45
N VAL C 521 -6.81 -20.22 27.67
CA VAL C 521 -6.90 -19.64 29.03
C VAL C 521 -8.08 -20.27 29.77
N TYR C 522 -9.22 -20.47 29.11
CA TYR C 522 -10.40 -21.06 29.76
C TYR C 522 -10.14 -22.52 30.12
N ASN C 523 -9.34 -23.22 29.33
CA ASN C 523 -9.08 -24.62 29.62
C ASN C 523 -8.24 -24.82 30.88
N GLU C 524 -7.22 -24.00 31.00
CA GLU C 524 -6.34 -23.94 32.17
C GLU C 524 -7.17 -23.42 33.37
N LEU C 525 -7.82 -22.25 33.20
CA LEU C 525 -8.62 -21.58 34.27
C LEU C 525 -9.58 -22.55 34.99
N THR C 526 -10.05 -23.58 34.28
CA THR C 526 -11.17 -24.40 34.79
C THR C 526 -10.87 -25.39 35.93
N LYS C 527 -9.62 -25.50 36.37
CA LYS C 527 -9.26 -26.40 37.48
C LYS C 527 -8.83 -25.75 38.80
N VAL C 528 -8.92 -24.43 38.88
CA VAL C 528 -8.44 -23.67 40.05
C VAL C 528 -9.45 -23.66 41.23
N LYS C 529 -8.95 -23.88 42.46
CA LYS C 529 -9.74 -23.83 43.72
C LYS C 529 -9.29 -22.70 44.68
N TYR C 530 -10.15 -22.31 45.64
CA TYR C 530 -9.77 -21.28 46.64
C TYR C 530 -10.40 -21.46 48.02
N VAL C 531 -9.79 -20.79 49.02
CA VAL C 531 -10.26 -20.75 50.41
C VAL C 531 -9.79 -19.45 51.13
N THR C 532 -10.70 -18.76 51.78
CA THR C 532 -10.33 -17.60 52.58
C THR C 532 -10.71 -17.92 54.02
N GLU C 533 -10.79 -16.91 54.86
CA GLU C 533 -11.20 -17.15 56.25
C GLU C 533 -12.61 -17.71 56.22
N GLY C 534 -12.90 -18.64 57.12
CA GLY C 534 -14.18 -19.33 57.10
C GLY C 534 -14.53 -20.09 55.84
N MET C 535 -13.59 -20.84 55.28
CA MET C 535 -13.90 -21.67 54.11
C MET C 535 -14.03 -23.15 54.47
N ARG C 536 -15.22 -23.70 54.26
CA ARG C 536 -15.54 -25.11 54.54
C ARG C 536 -14.84 -26.16 53.68
N LYS C 537 -14.77 -25.91 52.37
CA LYS C 537 -14.12 -26.83 51.44
C LYS C 537 -13.57 -26.04 50.28
N PRO C 538 -12.55 -26.56 49.59
CA PRO C 538 -11.89 -25.67 48.59
C PRO C 538 -12.75 -25.51 47.34
N ALA C 539 -13.43 -24.37 47.22
CA ALA C 539 -14.47 -24.16 46.19
C ALA C 539 -13.89 -24.11 44.78
N PHE C 540 -14.69 -24.53 43.77
CA PHE C 540 -14.42 -24.31 42.33
C PHE C 540 -14.88 -22.91 41.90
N LEU C 541 -14.47 -22.47 40.72
CA LEU C 541 -14.87 -21.15 40.23
C LEU C 541 -16.28 -21.19 39.63
N SER C 542 -17.07 -20.19 40.01
CA SER C 542 -18.29 -19.83 39.30
C SER C 542 -17.92 -19.38 37.88
N GLY C 543 -18.79 -19.71 36.91
CA GLY C 543 -18.72 -19.10 35.58
C GLY C 543 -18.59 -17.58 35.69
N GLU C 544 -19.36 -16.98 36.61
CA GLU C 544 -19.35 -15.52 36.88
C GLU C 544 -17.98 -14.95 37.22
N GLN C 545 -17.21 -15.70 38.01
CA GLN C 545 -15.88 -15.30 38.48
C GLN C 545 -14.80 -15.71 37.47
N LYS C 546 -15.11 -16.68 36.62
CA LYS C 546 -14.28 -16.93 35.46
C LYS C 546 -14.33 -15.67 34.59
N LYS C 547 -15.56 -15.24 34.29
CA LYS C 547 -15.82 -14.13 33.37
C LYS C 547 -15.24 -12.79 33.82
N ALA C 548 -15.32 -12.48 35.12
CA ALA C 548 -14.79 -11.21 35.67
C ALA C 548 -13.26 -11.21 35.84
N ILE C 549 -12.73 -12.39 36.21
CA ILE C 549 -11.32 -12.70 36.39
C ILE C 549 -10.55 -12.57 35.09
N VAL C 550 -11.17 -13.07 34.02
CA VAL C 550 -10.65 -12.88 32.69
C VAL C 550 -10.89 -11.44 32.28
N ASP C 551 -12.09 -10.97 32.56
CA ASP C 551 -12.49 -9.64 32.16
C ASP C 551 -11.68 -8.59 32.89
N LEU C 552 -11.47 -8.80 34.19
CA LEU C 552 -10.80 -7.80 35.00
C LEU C 552 -9.32 -8.05 35.16
N LEU C 553 -8.91 -9.31 35.23
CA LEU C 553 -7.50 -9.61 35.40
C LEU C 553 -6.80 -10.00 34.12
N PHE C 554 -7.37 -10.95 33.39
CA PHE C 554 -6.72 -11.41 32.18
C PHE C 554 -6.62 -10.34 31.11
N LYS C 555 -7.70 -9.59 30.90
CA LYS C 555 -7.67 -8.50 29.96
C LYS C 555 -6.70 -7.41 30.42
N THR C 556 -6.66 -7.17 31.72
CA THR C 556 -5.80 -6.16 32.30
C THR C 556 -4.32 -6.46 32.10
N ASN C 557 -3.96 -7.73 32.19
CA ASN C 557 -2.56 -8.14 32.20
C ASN C 557 -2.13 -9.03 31.05
N ARG C 558 -0.93 -8.79 30.54
CA ARG C 558 -0.34 -9.65 29.54
C ARG C 558 -0.13 -11.03 30.16
N LYS C 559 0.36 -11.02 31.40
CA LYS C 559 0.55 -12.25 32.15
C LYS C 559 -0.03 -12.11 33.54
N VAL C 560 -0.82 -13.10 33.94
CA VAL C 560 -1.54 -13.04 35.21
C VAL C 560 -0.94 -14.05 36.18
N THR C 561 -0.89 -13.62 37.43
CA THR C 561 -0.21 -14.35 38.47
C THR C 561 -1.12 -14.53 39.67
N VAL C 562 -0.71 -15.49 40.49
CA VAL C 562 -1.45 -15.90 41.67
C VAL C 562 -1.52 -14.72 42.67
N LYS C 563 -0.48 -13.88 42.67
CA LYS C 563 -0.42 -12.66 43.51
C LYS C 563 -1.49 -11.61 43.18
N GLN C 564 -1.54 -11.19 41.92
CA GLN C 564 -2.54 -10.24 41.51
C GLN C 564 -3.93 -10.85 41.65
N LEU C 565 -4.09 -12.09 41.21
CA LEU C 565 -5.39 -12.72 41.29
C LEU C 565 -5.81 -12.93 42.73
N LYS C 566 -4.87 -13.42 43.54
CA LYS C 566 -5.18 -13.76 44.90
C LYS C 566 -5.62 -12.51 45.63
N GLU C 567 -4.91 -11.41 45.36
CA GLU C 567 -5.23 -10.16 46.02
C GLU C 567 -6.08 -9.21 45.19
N ASP C 568 -5.70 -8.97 43.94
CA ASP C 568 -6.37 -7.90 43.20
C ASP C 568 -7.84 -8.20 43.01
N TYR C 569 -8.15 -9.43 42.61
CA TYR C 569 -9.55 -9.79 42.42
C TYR C 569 -10.32 -9.82 43.74
N PHE C 570 -9.74 -10.45 44.76
CA PHE C 570 -10.45 -10.63 46.01
C PHE C 570 -10.72 -9.32 46.74
N LYS C 571 -9.69 -8.48 46.84
CA LYS C 571 -9.85 -7.18 47.47
C LYS C 571 -10.75 -6.25 46.66
N LYS C 572 -10.55 -6.25 45.35
CA LYS C 572 -11.32 -5.37 44.50
C LYS C 572 -12.79 -5.73 44.50
N ILE C 573 -13.08 -7.01 44.40
CA ILE C 573 -14.47 -7.47 44.37
C ILE C 573 -14.82 -8.51 45.42
N GLU C 574 -13.89 -9.39 45.75
CA GLU C 574 -14.15 -10.39 46.77
C GLU C 574 -14.36 -9.78 48.15
N CYS C 575 -13.57 -8.75 48.45
CA CYS C 575 -13.61 -8.09 49.76
C CYS C 575 -12.88 -8.95 50.79
N PHE C 576 -12.15 -9.93 50.29
CA PHE C 576 -11.45 -10.90 51.14
C PHE C 576 -10.20 -10.40 51.86
N ASP C 577 -9.88 -11.11 52.94
CA ASP C 577 -8.85 -10.76 53.93
C ASP C 577 -7.50 -11.44 53.65
N SER C 578 -7.54 -12.73 53.36
CA SER C 578 -6.38 -13.46 52.80
C SER C 578 -6.90 -14.72 52.09
N VAL C 579 -6.67 -14.84 50.79
CA VAL C 579 -7.30 -15.90 49.96
C VAL C 579 -6.27 -16.93 49.44
N GLU C 580 -6.44 -18.19 49.83
CA GLU C 580 -5.57 -19.27 49.38
C GLU C 580 -6.19 -20.08 48.22
N ILE C 581 -5.41 -20.32 47.17
CA ILE C 581 -5.88 -21.01 45.95
C ILE C 581 -5.07 -22.24 45.58
N SER C 582 -5.75 -23.30 45.15
CA SER C 582 -5.15 -24.61 44.89
C SER C 582 -4.78 -24.99 43.45
N GLY C 583 -5.00 -24.13 42.47
CA GLY C 583 -4.80 -24.54 41.08
C GLY C 583 -3.61 -24.12 40.21
N VAL C 584 -2.82 -23.17 40.67
CA VAL C 584 -1.79 -22.61 39.81
C VAL C 584 -0.37 -22.74 40.31
N GLU C 585 0.55 -22.71 39.36
CA GLU C 585 1.96 -22.60 39.62
C GLU C 585 2.07 -21.11 39.78
N ASP C 586 3.26 -20.55 39.67
CA ASP C 586 3.42 -19.14 39.97
C ASP C 586 2.51 -18.28 39.09
N ARG C 587 2.39 -18.65 37.82
CA ARG C 587 1.50 -17.91 36.91
C ARG C 587 0.88 -18.83 35.87
N PHE C 588 -0.23 -18.40 35.27
CA PHE C 588 -0.83 -19.15 34.19
C PHE C 588 0.06 -19.12 32.95
N ASN C 589 0.16 -20.26 32.27
CA ASN C 589 0.95 -20.33 31.05
C ASN C 589 0.30 -19.64 29.86
N ALA C 590 -1.01 -19.83 29.73
CA ALA C 590 -1.78 -19.16 28.70
C ALA C 590 -1.92 -17.68 29.00
N SER C 591 -2.02 -16.86 27.96
CA SER C 591 -2.36 -15.46 28.09
C SER C 591 -2.98 -14.95 26.82
N LEU C 592 -3.71 -13.85 26.91
CA LEU C 592 -4.37 -13.28 25.75
C LEU C 592 -3.46 -12.32 24.99
N GLY C 593 -2.46 -12.87 24.33
CA GLY C 593 -1.47 -12.05 23.65
C GLY C 593 -2.02 -11.22 22.51
N THR C 594 -2.90 -11.82 21.73
CA THR C 594 -3.50 -11.13 20.59
C THR C 594 -4.36 -9.97 21.07
N TYR C 595 -5.02 -10.16 22.20
CA TYR C 595 -5.89 -9.15 22.75
C TYR C 595 -5.06 -7.92 23.05
N HIS C 596 -3.86 -8.13 23.56
CA HIS C 596 -3.06 -7.02 24.01
C HIS C 596 -2.25 -6.41 22.89
N ASP C 597 -1.63 -7.27 22.08
CA ASP C 597 -1.06 -6.81 20.81
C ASP C 597 -2.05 -5.91 20.08
N LEU C 598 -3.30 -6.34 20.02
CA LEU C 598 -4.35 -5.55 19.34
C LEU C 598 -4.84 -4.34 20.13
N LEU C 599 -4.77 -4.45 21.46
CA LEU C 599 -5.11 -3.33 22.30
C LEU C 599 -4.14 -2.18 22.09
N LYS C 600 -2.83 -2.45 22.16
CA LYS C 600 -1.84 -1.38 21.96
C LYS C 600 -1.95 -0.71 20.58
N ILE C 601 -2.02 -1.54 19.53
CA ILE C 601 -2.20 -1.07 18.16
C ILE C 601 -3.58 -0.50 17.81
N ILE C 602 -4.63 -1.23 18.16
CA ILE C 602 -5.98 -0.81 17.81
C ILE C 602 -6.41 0.43 18.59
N LYS C 603 -6.08 0.45 19.87
CA LYS C 603 -6.25 1.62 20.72
C LYS C 603 -7.64 1.80 21.29
N ASP C 604 -8.57 0.93 20.96
CA ASP C 604 -9.91 1.04 21.53
C ASP C 604 -10.27 -0.24 22.29
N LYS C 605 -10.46 -0.13 23.60
CA LYS C 605 -10.81 -1.31 24.38
C LYS C 605 -12.16 -1.88 24.03
N ASP C 606 -13.13 -1.00 23.85
CA ASP C 606 -14.50 -1.42 23.61
C ASP C 606 -14.63 -2.17 22.29
N PHE C 607 -13.94 -1.67 21.28
CA PHE C 607 -14.05 -2.27 19.95
C PHE C 607 -13.54 -3.69 19.99
N LEU C 608 -12.45 -3.90 20.69
CA LEU C 608 -11.86 -5.21 20.71
C LEU C 608 -12.86 -6.16 21.32
N ASP C 609 -13.50 -5.69 22.38
CA ASP C 609 -14.40 -6.53 23.16
C ASP C 609 -15.65 -6.99 22.41
N ASN C 610 -16.18 -6.13 21.54
CA ASN C 610 -17.48 -6.39 20.97
C ASN C 610 -17.48 -7.75 20.30
N GLU C 611 -18.47 -8.54 20.64
CA GLU C 611 -18.60 -9.88 20.12
C GLU C 611 -18.80 -9.86 18.63
N GLU C 612 -19.54 -8.88 18.14
CA GLU C 612 -19.84 -8.80 16.73
C GLU C 612 -18.53 -8.68 15.99
N ASN C 613 -17.59 -8.02 16.62
CA ASN C 613 -16.30 -7.73 16.04
C ASN C 613 -15.48 -8.96 15.70
N GLU C 614 -15.72 -10.06 16.39
CA GLU C 614 -14.75 -11.12 16.45
C GLU C 614 -14.33 -11.69 15.11
N ASP C 615 -15.26 -11.89 14.19
CA ASP C 615 -14.90 -12.52 12.93
C ASP C 615 -13.89 -11.69 12.14
N ILE C 616 -14.06 -10.38 12.14
CA ILE C 616 -13.14 -9.45 11.48
C ILE C 616 -11.73 -9.62 12.06
N LEU C 617 -11.63 -9.57 13.38
CA LEU C 617 -10.34 -9.69 14.06
C LEU C 617 -9.60 -10.98 13.71
N GLU C 618 -10.31 -12.10 13.75
CA GLU C 618 -9.72 -13.37 13.41
C GLU C 618 -9.28 -13.45 11.95
N ASP C 619 -10.06 -12.89 11.02
CA ASP C 619 -9.58 -12.76 9.63
C ASP C 619 -8.29 -11.93 9.53
N ILE C 620 -8.17 -10.93 10.39
CA ILE C 620 -6.99 -10.10 10.43
C ILE C 620 -5.76 -10.90 10.86
N VAL C 621 -5.80 -11.49 12.06
CA VAL C 621 -4.68 -12.32 12.54
C VAL C 621 -4.37 -13.44 11.56
N LEU C 622 -5.43 -13.99 10.96
CA LEU C 622 -5.33 -15.03 9.92
C LEU C 622 -4.51 -14.59 8.72
N THR C 623 -4.71 -13.36 8.32
CA THR C 623 -3.98 -12.73 7.24
C THR C 623 -2.53 -12.43 7.65
N LEU C 624 -2.33 -12.01 8.88
CA LEU C 624 -0.99 -11.75 9.39
C LEU C 624 -0.21 -12.99 9.77
N THR C 625 -0.84 -14.17 9.78
CA THR C 625 -0.10 -15.42 9.95
C THR C 625 0.17 -16.10 8.60
N LEU C 626 -0.76 -15.97 7.66
CA LEU C 626 -0.52 -16.46 6.33
C LEU C 626 0.55 -15.68 5.60
N PHE C 627 0.58 -14.36 5.74
CA PHE C 627 1.35 -13.54 4.82
C PHE C 627 2.43 -12.64 5.42
N GLU C 628 3.57 -12.59 4.75
CA GLU C 628 4.62 -11.64 5.09
C GLU C 628 4.72 -10.49 4.09
N ASP C 629 4.09 -10.67 2.93
CA ASP C 629 4.18 -9.71 1.85
C ASP C 629 3.58 -8.41 2.32
N ARG C 630 4.27 -7.31 2.15
CA ARG C 630 3.72 -6.01 2.46
C ARG C 630 2.58 -5.78 1.52
N GLU C 631 2.80 -6.16 0.28
CA GLU C 631 1.83 -5.98 -0.78
C GLU C 631 0.56 -6.79 -0.63
N MET C 632 0.68 -8.02 -0.16
CA MET C 632 -0.46 -8.91 -0.05
C MET C 632 -1.22 -8.74 1.25
N ILE C 633 -0.62 -7.98 2.14
CA ILE C 633 -1.26 -7.55 3.40
C ILE C 633 -2.09 -6.27 3.17
N GLU C 634 -1.58 -5.41 2.30
CA GLU C 634 -2.28 -4.21 1.88
C GLU C 634 -3.63 -4.62 1.29
N GLU C 635 -3.60 -5.46 0.24
CA GLU C 635 -4.80 -5.96 -0.46
C GLU C 635 -5.81 -6.63 0.47
N ARG C 636 -5.32 -7.35 1.49
CA ARG C 636 -6.20 -8.15 2.35
C ARG C 636 -6.69 -7.36 3.58
N LEU C 637 -6.12 -6.19 3.89
CA LEU C 637 -6.73 -5.28 4.89
C LEU C 637 -7.44 -4.05 4.30
N LYS C 638 -7.44 -3.93 2.97
CA LYS C 638 -8.13 -2.86 2.22
C LYS C 638 -9.59 -2.61 2.66
N THR C 639 -10.33 -3.68 2.95
CA THR C 639 -11.74 -3.56 3.33
C THR C 639 -11.92 -3.03 4.74
N TYR C 640 -10.88 -3.13 5.59
CA TYR C 640 -10.93 -2.53 6.94
C TYR C 640 -10.33 -1.13 7.02
N ALA C 641 -10.25 -0.43 5.88
CA ALA C 641 -9.82 0.97 5.84
C ALA C 641 -10.83 1.91 6.48
N HIS C 642 -12.12 1.60 6.31
CA HIS C 642 -13.18 2.40 6.87
C HIS C 642 -13.19 2.38 8.40
N LEU C 643 -12.88 1.24 9.00
CA LEU C 643 -12.94 1.14 10.45
C LEU C 643 -11.84 1.86 11.18
N PHE C 644 -10.74 2.17 10.50
CA PHE C 644 -9.50 2.50 11.20
C PHE C 644 -8.80 3.67 10.57
N ASP C 645 -8.06 4.40 11.41
CA ASP C 645 -7.31 5.56 10.97
C ASP C 645 -5.99 5.15 10.31
N ASP C 646 -5.48 6.04 9.46
CA ASP C 646 -4.16 5.88 8.81
C ASP C 646 -2.97 5.82 9.82
N LYS C 647 -3.21 6.04 11.13
CA LYS C 647 -2.20 5.86 12.21
C LYS C 647 -2.13 4.42 12.74
N VAL C 648 -3.28 3.90 13.15
CA VAL C 648 -3.42 2.50 13.55
C VAL C 648 -3.23 1.53 12.35
N MET C 649 -3.63 1.94 11.16
CA MET C 649 -3.65 1.05 9.97
C MET C 649 -2.24 0.76 9.40
N LYS C 650 -1.36 1.76 9.40
CA LYS C 650 0.09 1.54 9.13
C LYS C 650 0.66 0.56 10.16
N GLN C 651 0.26 0.75 11.41
CA GLN C 651 0.80 -0.01 12.51
C GLN C 651 0.42 -1.50 12.47
N LEU C 652 -0.84 -1.80 12.12
CA LEU C 652 -1.25 -3.17 11.92
C LEU C 652 -0.32 -3.91 10.98
N LYS C 653 -0.23 -3.46 9.74
CA LYS C 653 0.63 -4.10 8.73
C LYS C 653 2.03 -4.50 9.24
N ARG C 654 2.60 -3.67 10.12
CA ARG C 654 3.93 -3.92 10.71
C ARG C 654 3.94 -4.89 11.89
N ARG C 655 2.76 -5.35 12.28
CA ARG C 655 2.61 -6.47 13.20
C ARG C 655 2.40 -7.73 12.38
N ARG C 656 3.23 -8.74 12.59
CA ARG C 656 3.15 -10.01 11.86
C ARG C 656 3.00 -11.13 12.90
N TYR C 657 2.73 -12.35 12.44
CA TYR C 657 2.68 -13.52 13.31
C TYR C 657 3.10 -14.78 12.58
N THR C 658 3.58 -15.77 13.33
CA THR C 658 3.83 -17.10 12.80
C THR C 658 3.30 -18.18 13.73
N GLY C 659 2.87 -19.29 13.16
CA GLY C 659 2.61 -20.51 13.91
C GLY C 659 1.19 -20.93 13.71
N TRP C 660 0.95 -22.20 13.98
CA TRP C 660 -0.38 -22.76 13.87
C TRP C 660 -0.64 -23.70 15.04
N GLY C 661 -1.89 -23.68 15.52
CA GLY C 661 -2.32 -24.55 16.61
C GLY C 661 -2.80 -25.90 16.13
N ARG C 662 -3.21 -26.74 17.04
CA ARG C 662 -3.61 -28.06 16.66
C ARG C 662 -5.11 -28.23 16.46
N LEU C 663 -5.89 -27.23 16.81
CA LEU C 663 -7.36 -27.31 16.69
C LEU C 663 -7.96 -26.39 15.61
N SER C 664 -9.23 -26.63 15.27
CA SER C 664 -9.98 -25.76 14.31
C SER C 664 -10.98 -24.88 15.02
N ARG C 665 -11.58 -23.95 14.28
CA ARG C 665 -12.64 -23.14 14.83
C ARG C 665 -13.84 -23.98 15.25
N LYS C 666 -14.19 -24.97 14.45
CA LYS C 666 -15.38 -25.78 14.69
C LYS C 666 -15.23 -26.70 15.90
N LEU C 667 -14.01 -27.12 16.18
CA LEU C 667 -13.77 -28.04 17.29
C LEU C 667 -13.96 -27.36 18.62
N ILE C 668 -13.34 -26.20 18.74
CA ILE C 668 -13.45 -25.35 19.88
C ILE C 668 -14.81 -24.71 20.02
N ASN C 669 -15.36 -24.30 18.89
CA ASN C 669 -16.77 -23.89 18.82
C ASN C 669 -17.73 -24.60 17.85
N GLY C 670 -17.26 -25.50 16.99
CA GLY C 670 -18.13 -26.12 16.00
C GLY C 670 -19.27 -27.08 16.32
N ILE C 671 -18.99 -28.07 17.16
CA ILE C 671 -19.89 -29.17 17.45
C ILE C 671 -20.54 -28.85 18.76
N ARG C 672 -21.65 -29.52 19.05
CA ARG C 672 -22.32 -29.39 20.32
C ARG C 672 -22.70 -30.75 20.86
N ASP C 673 -22.71 -30.89 22.18
CA ASP C 673 -23.21 -32.10 22.79
C ASP C 673 -24.67 -32.14 22.39
N LYS C 674 -25.14 -33.27 21.91
CA LYS C 674 -26.46 -33.28 21.32
C LYS C 674 -27.53 -32.93 22.34
N GLN C 675 -27.49 -33.55 23.51
CA GLN C 675 -28.44 -33.22 24.58
C GLN C 675 -28.26 -31.82 25.14
N SER C 676 -27.01 -31.46 25.43
CA SER C 676 -26.70 -30.15 25.96
C SER C 676 -26.90 -29.02 24.97
N GLY C 677 -26.58 -29.26 23.71
CA GLY C 677 -26.54 -28.19 22.75
C GLY C 677 -25.53 -27.17 23.26
N LYS C 678 -24.45 -27.67 23.82
CA LYS C 678 -23.39 -26.85 24.37
C LYS C 678 -22.11 -27.07 23.58
N THR C 679 -21.43 -26.00 23.19
CA THR C 679 -20.15 -26.21 22.49
C THR C 679 -19.01 -26.46 23.48
N ILE C 680 -17.90 -26.97 22.96
CA ILE C 680 -16.79 -27.34 23.86
C ILE C 680 -16.48 -26.21 24.83
N LEU C 681 -16.11 -25.08 24.23
CA LEU C 681 -15.75 -23.85 24.96
C LEU C 681 -16.89 -23.34 25.81
N ASP C 682 -18.13 -23.61 25.39
CA ASP C 682 -19.29 -23.34 26.25
C ASP C 682 -19.08 -24.02 27.62
N PHE C 683 -18.65 -25.29 27.59
CA PHE C 683 -18.49 -26.04 28.83
C PHE C 683 -17.40 -25.47 29.68
N LEU C 684 -16.29 -25.18 29.06
CA LEU C 684 -15.19 -24.60 29.78
C LEU C 684 -15.60 -23.35 30.57
N LYS C 685 -16.44 -22.55 29.94
CA LYS C 685 -17.02 -21.39 30.60
C LYS C 685 -17.96 -21.78 31.73
N SER C 686 -18.81 -22.78 31.50
CA SER C 686 -19.67 -23.24 32.58
C SER C 686 -20.01 -24.72 32.51
N ASP C 687 -19.44 -25.51 33.39
CA ASP C 687 -19.75 -26.92 33.46
C ASP C 687 -20.29 -27.37 34.81
N GLY C 688 -20.72 -26.41 35.61
CA GLY C 688 -21.33 -26.73 36.89
C GLY C 688 -20.49 -27.48 37.90
N PHE C 689 -21.04 -28.57 38.41
CA PHE C 689 -20.44 -29.27 39.53
C PHE C 689 -19.07 -29.79 39.21
N ALA C 690 -18.87 -30.30 37.99
CA ALA C 690 -17.54 -30.70 37.59
C ALA C 690 -17.03 -29.69 36.59
N ASN C 691 -15.99 -28.97 36.98
CA ASN C 691 -15.48 -27.88 36.18
C ASN C 691 -14.54 -28.45 35.16
N ARG C 692 -15.09 -29.23 34.22
CA ARG C 692 -14.31 -30.08 33.32
C ARG C 692 -13.35 -29.39 32.37
N ASN C 693 -12.19 -30.03 32.16
CA ASN C 693 -11.18 -29.61 31.20
C ASN C 693 -11.44 -30.09 29.76
N PHE C 694 -10.73 -29.52 28.79
CA PHE C 694 -10.93 -29.92 27.41
C PHE C 694 -10.62 -31.39 27.22
N MET C 695 -9.52 -31.86 27.81
CA MET C 695 -9.10 -33.22 27.57
C MET C 695 -10.17 -34.17 28.09
N GLN C 696 -10.75 -33.84 29.23
CA GLN C 696 -11.87 -34.62 29.71
C GLN C 696 -13.04 -34.50 28.76
N LEU C 697 -13.30 -33.30 28.25
CA LEU C 697 -14.49 -33.13 27.45
C LEU C 697 -14.45 -34.06 26.25
N ILE C 698 -13.31 -34.16 25.60
CA ILE C 698 -13.19 -35.07 24.47
C ILE C 698 -13.36 -36.51 24.93
N HIS C 699 -12.74 -36.82 26.07
CA HIS C 699 -12.74 -38.17 26.61
C HIS C 699 -14.09 -38.73 27.04
N ASP C 700 -14.92 -37.91 27.67
CA ASP C 700 -16.12 -38.39 28.34
C ASP C 700 -17.10 -39.03 27.36
N ASP C 701 -17.53 -40.24 27.71
CA ASP C 701 -18.47 -41.00 26.90
C ASP C 701 -19.87 -40.39 26.79
N SER C 702 -20.34 -39.81 27.88
CA SER C 702 -21.71 -39.30 27.94
C SER C 702 -21.95 -38.18 26.93
N LEU C 703 -20.98 -37.30 26.80
CA LEU C 703 -21.10 -36.14 25.94
C LEU C 703 -21.05 -36.50 24.46
N THR C 704 -21.61 -35.62 23.64
CA THR C 704 -21.69 -35.84 22.19
C THR C 704 -20.37 -35.67 21.39
N PHE C 705 -19.36 -34.98 21.95
CA PHE C 705 -18.17 -34.54 21.20
C PHE C 705 -17.30 -35.69 20.70
N LYS C 706 -16.77 -36.52 21.61
CA LYS C 706 -15.97 -37.73 21.20
C LYS C 706 -16.67 -38.55 20.12
N GLU C 707 -17.94 -38.83 20.40
CA GLU C 707 -18.85 -39.59 19.52
C GLU C 707 -18.77 -38.98 18.12
N ASP C 708 -18.98 -37.68 18.01
CA ASP C 708 -18.96 -37.07 16.69
C ASP C 708 -17.62 -37.21 15.99
N ILE C 709 -16.53 -37.10 16.72
CA ILE C 709 -15.21 -37.10 16.10
C ILE C 709 -14.81 -38.37 15.35
N GLN C 710 -15.15 -39.53 15.89
CA GLN C 710 -14.78 -40.76 15.22
C GLN C 710 -15.46 -40.75 13.88
N LYS C 711 -16.69 -40.28 13.87
CA LYS C 711 -17.45 -40.10 12.64
C LYS C 711 -16.75 -39.07 11.78
N ALA C 712 -16.08 -38.14 12.44
CA ALA C 712 -15.31 -37.12 11.73
C ALA C 712 -14.21 -37.75 10.91
N GLN C 713 -13.63 -38.82 11.43
CA GLN C 713 -12.39 -39.36 10.90
C GLN C 713 -12.66 -40.38 9.83
N VAL C 714 -13.88 -40.42 9.34
CA VAL C 714 -14.31 -41.40 8.35
C VAL C 714 -13.51 -41.34 7.05
N SER C 715 -13.20 -40.17 6.54
CA SER C 715 -12.52 -40.10 5.27
C SER C 715 -13.52 -40.54 4.22
N ASP C 719 -12.03 -45.42 2.37
CA ASP C 719 -12.16 -45.70 0.94
C ASP C 719 -11.33 -46.91 0.41
N SER C 720 -10.00 -46.76 0.41
CA SER C 720 -9.02 -47.75 -0.07
C SER C 720 -8.04 -48.05 1.05
N LEU C 721 -7.29 -49.14 0.89
CA LEU C 721 -6.31 -49.55 1.88
C LEU C 721 -5.30 -48.45 2.22
N HIS C 722 -4.59 -47.99 1.19
CA HIS C 722 -3.49 -47.05 1.38
C HIS C 722 -4.00 -45.75 1.94
N GLU C 723 -5.21 -45.39 1.51
CA GLU C 723 -5.84 -44.17 1.94
C GLU C 723 -5.95 -44.21 3.45
N HIS C 724 -6.53 -45.32 3.95
CA HIS C 724 -6.67 -45.54 5.38
C HIS C 724 -5.39 -45.36 6.18
N ILE C 725 -4.28 -45.64 5.54
CA ILE C 725 -2.97 -45.63 6.18
C ILE C 725 -2.30 -44.24 6.13
N ALA C 726 -2.52 -43.49 5.04
CA ALA C 726 -2.16 -42.08 5.04
C ALA C 726 -2.89 -41.33 6.20
N ASN C 727 -4.13 -41.74 6.42
CA ASN C 727 -5.09 -41.08 7.32
C ASN C 727 -4.74 -41.01 8.80
N LEU C 728 -4.12 -42.05 9.31
CA LEU C 728 -3.83 -42.12 10.74
C LEU C 728 -2.92 -40.99 11.15
N ALA C 729 -3.07 -40.54 12.38
CA ALA C 729 -2.32 -39.41 12.88
C ALA C 729 -0.96 -39.90 13.33
N GLY C 730 -0.15 -40.30 12.37
CA GLY C 730 1.11 -40.92 12.69
C GLY C 730 2.24 -40.56 11.75
N SER C 731 3.46 -40.74 12.24
CA SER C 731 4.63 -40.47 11.44
C SER C 731 4.72 -41.49 10.33
N PRO C 732 5.46 -41.11 9.21
CA PRO C 732 5.50 -42.13 8.16
C PRO C 732 6.17 -43.40 8.65
N ALA C 733 7.12 -43.27 9.56
CA ALA C 733 7.86 -44.42 10.00
C ALA C 733 6.93 -45.45 10.62
N ILE C 734 5.99 -44.99 11.43
CA ILE C 734 4.95 -45.87 12.00
C ILE C 734 3.97 -46.41 10.97
N LYS C 735 3.59 -45.57 10.02
CA LYS C 735 2.64 -45.93 8.98
C LYS C 735 3.19 -47.01 8.08
N LYS C 736 4.51 -47.07 7.96
CA LYS C 736 5.13 -48.20 7.30
C LYS C 736 4.78 -49.50 8.03
N GLY C 737 4.85 -49.47 9.35
CA GLY C 737 4.68 -50.65 10.19
C GLY C 737 3.24 -51.08 10.24
N ILE C 738 2.36 -50.15 10.51
CA ILE C 738 0.93 -50.47 10.59
C ILE C 738 0.46 -51.09 9.29
N LEU C 739 1.18 -50.81 8.22
CA LEU C 739 0.95 -51.48 6.97
C LEU C 739 1.48 -52.88 6.91
N GLN C 740 2.60 -53.12 7.58
CA GLN C 740 3.07 -54.46 7.78
C GLN C 740 2.16 -55.27 8.68
N THR C 741 1.66 -54.65 9.74
CA THR C 741 0.88 -55.38 10.70
C THR C 741 -0.37 -55.94 10.05
N VAL C 742 -1.04 -55.14 9.25
CA VAL C 742 -2.21 -55.63 8.55
C VAL C 742 -1.86 -56.71 7.57
N LYS C 743 -0.74 -56.53 6.89
CA LYS C 743 -0.39 -57.42 5.80
C LYS C 743 -0.22 -58.79 6.37
N VAL C 744 0.42 -58.86 7.53
CA VAL C 744 0.65 -60.13 8.18
C VAL C 744 -0.64 -60.79 8.53
N VAL C 745 -1.54 -60.01 9.09
CA VAL C 745 -2.72 -60.56 9.69
C VAL C 745 -3.49 -61.29 8.62
N ASP C 746 -3.51 -60.72 7.43
CA ASP C 746 -4.20 -61.35 6.33
C ASP C 746 -3.55 -62.69 6.05
N GLU C 747 -2.23 -62.75 6.12
CA GLU C 747 -1.54 -64.02 5.87
C GLU C 747 -1.87 -65.10 6.89
N LEU C 748 -1.91 -64.74 8.17
CA LEU C 748 -2.19 -65.73 9.19
C LEU C 748 -3.58 -66.26 9.01
N VAL C 749 -4.52 -65.37 8.76
CA VAL C 749 -5.89 -65.79 8.44
C VAL C 749 -5.90 -66.75 7.24
N LYS C 750 -5.07 -66.51 6.24
CA LYS C 750 -5.00 -67.40 5.10
C LYS C 750 -4.49 -68.76 5.52
N VAL C 751 -3.48 -68.76 6.37
CA VAL C 751 -2.87 -70.00 6.84
C VAL C 751 -3.86 -70.82 7.63
N MET C 752 -4.66 -70.15 8.46
CA MET C 752 -5.59 -70.87 9.30
C MET C 752 -6.91 -71.13 8.62
N GLY C 753 -6.87 -71.84 7.51
CA GLY C 753 -8.08 -72.31 6.86
C GLY C 753 -8.96 -71.14 6.46
N ARG C 754 -8.36 -69.99 6.26
CA ARG C 754 -9.14 -68.83 5.92
C ARG C 754 -10.19 -68.63 6.98
N HIS C 755 -9.82 -68.87 8.23
CA HIS C 755 -10.75 -68.69 9.33
C HIS C 755 -10.29 -67.54 10.17
N LYS C 756 -11.16 -66.58 10.41
CA LYS C 756 -10.82 -65.44 11.22
C LYS C 756 -10.66 -65.89 12.66
N PRO C 757 -9.72 -65.31 13.38
CA PRO C 757 -9.52 -65.66 14.78
C PRO C 757 -10.71 -65.24 15.65
N GLU C 758 -10.64 -65.54 16.94
CA GLU C 758 -11.60 -65.01 17.89
C GLU C 758 -11.17 -63.60 18.20
N ASN C 759 -9.93 -63.45 18.65
CA ASN C 759 -9.38 -62.16 19.02
C ASN C 759 -8.12 -61.83 18.26
N ILE C 760 -7.81 -60.53 18.25
CA ILE C 760 -6.54 -60.00 17.77
C ILE C 760 -6.12 -58.99 18.83
N VAL C 761 -4.93 -59.17 19.39
CA VAL C 761 -4.46 -58.27 20.41
C VAL C 761 -3.38 -57.39 19.82
N ILE C 762 -3.43 -56.12 20.21
CA ILE C 762 -2.50 -55.13 19.71
C ILE C 762 -1.78 -54.45 20.87
N GLU C 763 -0.48 -54.29 20.76
CA GLU C 763 0.26 -53.36 21.62
C GLU C 763 1.37 -52.79 20.76
N MET C 764 1.96 -51.69 21.19
CA MET C 764 2.98 -51.03 20.39
C MET C 764 4.19 -50.72 21.25
N ALA C 765 5.40 -50.95 20.75
CA ALA C 765 6.61 -50.62 21.53
C ALA C 765 6.85 -49.12 21.49
N ARG C 766 7.71 -48.61 22.36
CA ARG C 766 7.92 -47.16 22.41
C ARG C 766 9.21 -46.66 21.69
N GLU C 767 9.03 -45.52 20.98
CA GLU C 767 10.09 -44.63 20.43
C GLU C 767 10.59 -43.63 21.55
N ASN C 768 11.37 -42.58 21.23
CA ASN C 768 11.87 -41.58 22.24
C ASN C 768 12.81 -42.07 23.37
N GLN C 769 13.48 -43.21 23.18
CA GLN C 769 14.29 -43.85 24.22
C GLN C 769 15.74 -43.28 24.23
N THR C 770 15.89 -41.94 24.17
CA THR C 770 17.07 -41.28 23.55
C THR C 770 18.35 -41.11 24.40
N THR C 771 18.24 -40.38 25.52
CA THR C 771 19.43 -39.88 26.20
C THR C 771 20.16 -41.00 26.89
N GLN C 775 21.32 -38.98 32.93
CA GLN C 775 21.71 -37.64 32.54
C GLN C 775 20.53 -36.67 32.55
N LYS C 776 19.51 -36.89 31.70
CA LYS C 776 18.48 -35.86 31.46
C LYS C 776 17.59 -35.65 32.67
N ASN C 777 16.93 -36.74 33.05
CA ASN C 777 16.10 -36.73 34.25
C ASN C 777 16.93 -36.42 35.52
N SER C 778 18.21 -36.80 35.49
CA SER C 778 19.06 -36.76 36.67
C SER C 778 19.32 -35.33 37.19
N ARG C 779 19.47 -34.38 36.27
CA ARG C 779 19.62 -32.96 36.61
C ARG C 779 18.31 -32.38 37.16
N GLU C 780 17.19 -32.87 36.65
CA GLU C 780 15.87 -32.48 37.16
C GLU C 780 15.65 -32.88 38.63
N ARG C 781 16.23 -34.01 39.02
CA ARG C 781 16.23 -34.41 40.42
C ARG C 781 17.04 -33.46 41.29
N MET C 782 18.21 -33.07 40.79
CA MET C 782 19.06 -32.11 41.50
C MET C 782 18.29 -30.81 41.66
N LYS C 783 17.69 -30.35 40.56
CA LYS C 783 16.93 -29.10 40.58
C LYS C 783 15.84 -29.11 41.63
N ARG C 784 15.07 -30.19 41.70
CA ARG C 784 13.93 -30.28 42.64
C ARG C 784 14.40 -30.29 44.09
N ILE C 785 15.48 -31.00 44.33
CA ILE C 785 16.06 -31.03 45.66
C ILE C 785 16.57 -29.65 46.05
N GLU C 786 17.37 -29.04 45.17
CA GLU C 786 17.98 -27.72 45.41
C GLU C 786 16.94 -26.67 45.78
N GLU C 787 15.93 -26.52 44.93
CA GLU C 787 14.86 -25.55 45.20
C GLU C 787 14.04 -25.96 46.42
N GLY C 788 13.75 -27.26 46.56
CA GLY C 788 12.95 -27.79 47.68
C GLY C 788 13.64 -27.66 49.03
N ILE C 789 14.90 -28.09 49.09
CA ILE C 789 15.69 -27.94 50.31
C ILE C 789 15.74 -26.49 50.78
N LYS C 790 16.00 -25.58 49.83
CA LYS C 790 16.07 -24.15 50.13
C LYS C 790 14.72 -23.60 50.60
N GLU C 791 13.63 -24.08 50.01
CA GLU C 791 12.29 -23.60 50.36
C GLU C 791 11.89 -23.90 51.82
N LEU C 792 12.22 -25.10 52.32
CA LEU C 792 12.05 -25.43 53.75
C LEU C 792 12.97 -24.62 54.65
N GLY C 793 14.07 -24.13 54.09
CA GLY C 793 15.15 -23.52 54.85
C GLY C 793 16.04 -24.60 55.47
N SER C 794 16.15 -25.75 54.79
CA SER C 794 16.90 -26.88 55.35
C SER C 794 18.38 -26.79 55.04
N GLN C 795 19.21 -27.10 56.04
CA GLN C 795 20.67 -27.08 55.87
C GLN C 795 21.17 -28.44 55.39
N ILE C 796 20.28 -29.30 54.88
CA ILE C 796 20.64 -30.70 54.64
C ILE C 796 21.60 -30.90 53.47
N LEU C 797 21.77 -29.89 52.60
CA LEU C 797 22.70 -29.99 51.47
C LEU C 797 24.10 -29.54 51.84
N LYS C 798 24.18 -28.63 52.82
CA LYS C 798 25.43 -28.25 53.47
C LYS C 798 25.95 -29.39 54.34
N GLU C 799 25.07 -29.93 55.18
CA GLU C 799 25.39 -31.12 55.99
C GLU C 799 25.83 -32.35 55.18
N HIS C 800 25.31 -32.47 53.95
CA HIS C 800 25.62 -33.61 53.08
C HIS C 800 25.69 -33.14 51.63
N PRO C 801 26.91 -33.11 51.06
CA PRO C 801 27.17 -32.66 49.70
C PRO C 801 26.26 -33.21 48.62
N VAL C 802 26.02 -32.37 47.62
CA VAL C 802 25.17 -32.70 46.49
C VAL C 802 26.03 -33.29 45.37
N GLU C 803 25.48 -34.20 44.59
CA GLU C 803 26.04 -34.56 43.28
C GLU C 803 24.99 -35.36 42.53
N ASN C 804 24.71 -34.94 41.30
CA ASN C 804 23.53 -35.40 40.54
C ASN C 804 23.60 -36.81 39.97
N THR C 805 24.74 -37.48 40.05
CA THR C 805 24.84 -38.84 39.51
C THR C 805 24.56 -39.92 40.56
N GLN C 806 24.75 -39.62 41.86
CA GLN C 806 24.33 -40.57 42.88
C GLN C 806 22.85 -40.41 43.28
N LEU C 807 22.22 -39.33 42.79
CA LEU C 807 20.76 -39.12 42.93
C LEU C 807 19.91 -40.13 42.14
N GLN C 808 20.55 -40.96 41.30
CA GLN C 808 19.89 -42.13 40.68
C GLN C 808 19.58 -43.30 41.64
N ASN C 809 20.21 -43.33 42.81
CA ASN C 809 19.76 -44.22 43.88
C ASN C 809 18.41 -43.74 44.45
N GLU C 810 17.37 -44.55 44.30
CA GLU C 810 16.00 -44.17 44.74
C GLU C 810 15.88 -43.91 46.24
N LYS C 811 16.51 -44.75 47.05
CA LYS C 811 16.54 -44.50 48.49
C LYS C 811 17.18 -43.14 48.80
N LEU C 812 18.32 -42.87 48.16
CA LEU C 812 19.07 -41.61 48.37
C LEU C 812 18.22 -40.42 47.97
N TYR C 813 17.60 -40.52 46.80
CA TYR C 813 16.72 -39.49 46.29
C TYR C 813 15.56 -39.20 47.28
N LEU C 814 14.91 -40.25 47.76
CA LEU C 814 13.86 -40.12 48.79
C LEU C 814 14.40 -39.65 50.12
N TYR C 815 15.66 -39.97 50.42
CA TYR C 815 16.28 -39.47 51.65
C TYR C 815 16.23 -37.96 51.67
N TYR C 816 16.68 -37.37 50.58
CA TYR C 816 16.72 -35.92 50.47
C TYR C 816 15.31 -35.35 50.34
N LEU C 817 14.48 -35.96 49.50
CA LEU C 817 13.09 -35.48 49.27
C LEU C 817 12.29 -35.34 50.58
N GLN C 818 12.58 -36.19 51.56
CA GLN C 818 11.95 -36.12 52.88
C GLN C 818 12.80 -35.37 53.92
N ASN C 819 13.75 -34.56 53.48
CA ASN C 819 14.60 -33.76 54.38
C ASN C 819 15.43 -34.63 55.33
N GLY C 820 15.79 -35.83 54.88
CA GLY C 820 16.42 -36.85 55.74
C GLY C 820 15.66 -37.20 57.02
N ARG C 821 14.32 -37.26 56.96
CA ARG C 821 13.45 -37.64 58.10
C ARG C 821 12.57 -38.87 57.79
N ASP C 822 12.12 -39.59 58.82
CA ASP C 822 11.16 -40.70 58.65
C ASP C 822 9.81 -40.08 58.19
N MET C 823 9.36 -40.49 57.00
CA MET C 823 8.12 -40.01 56.44
C MET C 823 6.97 -40.24 57.43
N TYR C 824 6.98 -41.40 58.07
CA TYR C 824 5.89 -41.86 58.94
C TYR C 824 6.01 -41.49 60.42
N VAL C 825 7.23 -41.41 60.93
CA VAL C 825 7.46 -41.08 62.35
C VAL C 825 8.22 -39.76 62.43
N ASP C 826 8.05 -39.07 63.55
CA ASP C 826 8.78 -37.84 63.79
C ASP C 826 10.19 -38.15 64.26
N GLN C 827 11.02 -38.59 63.32
CA GLN C 827 12.40 -39.07 63.57
C GLN C 827 13.31 -38.70 62.40
N GLU C 828 14.61 -38.64 62.65
CA GLU C 828 15.59 -38.53 61.57
C GLU C 828 15.90 -39.91 60.96
N LEU C 829 16.60 -39.90 59.82
CA LEU C 829 17.22 -41.09 59.25
C LEU C 829 18.72 -40.82 59.04
N ASP C 830 19.50 -41.89 59.02
CA ASP C 830 20.94 -41.79 58.82
C ASP C 830 21.29 -42.21 57.41
N ILE C 831 22.08 -41.40 56.72
CA ILE C 831 22.40 -41.68 55.33
C ILE C 831 23.17 -42.99 55.16
N ASN C 832 24.15 -43.23 56.02
CA ASN C 832 24.95 -44.44 55.93
C ASN C 832 24.13 -45.70 56.18
N ARG C 833 23.21 -45.59 57.12
CA ARG C 833 22.46 -46.72 57.65
C ARG C 833 21.19 -46.93 56.84
N LEU C 834 21.12 -46.23 55.71
CA LEU C 834 19.93 -46.21 54.89
C LEU C 834 19.57 -47.60 54.42
N SER C 835 20.57 -48.43 54.17
CA SER C 835 20.34 -49.69 53.51
C SER C 835 19.35 -50.53 54.28
N ASP C 836 19.41 -50.46 55.60
CA ASP C 836 18.49 -51.22 56.46
C ASP C 836 17.04 -50.82 56.26
N TYR C 837 16.80 -49.52 56.08
CA TYR C 837 15.44 -48.94 56.04
C TYR C 837 14.61 -49.49 54.88
N ASP C 838 13.29 -49.31 54.98
CA ASP C 838 12.34 -49.89 54.03
C ASP C 838 11.74 -48.79 53.12
N VAL C 839 11.68 -49.04 51.80
CA VAL C 839 10.90 -48.20 50.86
C VAL C 839 9.49 -48.78 50.81
N ASP C 840 8.48 -47.94 51.07
CA ASP C 840 7.08 -48.37 51.23
C ASP C 840 6.10 -47.77 50.18
N HIS C 841 5.29 -48.63 49.53
CA HIS C 841 4.26 -48.16 48.58
C HIS C 841 3.03 -47.61 49.33
N ILE C 842 2.57 -46.43 48.94
CA ILE C 842 1.52 -45.70 49.69
C ILE C 842 0.15 -46.25 49.31
N VAL C 843 -0.06 -46.44 48.02
CA VAL C 843 -1.08 -47.33 47.51
C VAL C 843 -0.34 -48.67 47.36
N PRO C 844 -0.79 -49.74 48.07
CA PRO C 844 -0.06 -51.02 47.99
C PRO C 844 -0.28 -51.78 46.69
N GLN C 845 0.64 -52.70 46.40
CA GLN C 845 0.63 -53.42 45.13
C GLN C 845 -0.72 -54.08 44.81
N SER C 846 -1.38 -54.57 45.85
CA SER C 846 -2.68 -55.21 45.75
C SER C 846 -3.74 -54.41 44.99
N PHE C 847 -3.65 -53.08 45.04
CA PHE C 847 -4.63 -52.26 44.36
C PHE C 847 -4.14 -51.76 43.05
N LEU C 848 -2.84 -51.46 42.96
CA LEU C 848 -2.35 -50.83 41.76
C LEU C 848 -0.87 -50.93 41.60
N LYS C 849 -0.41 -51.34 40.42
CA LYS C 849 1.01 -51.37 40.16
C LYS C 849 1.43 -49.97 39.74
N ASP C 850 1.87 -49.22 40.75
CA ASP C 850 2.48 -47.91 40.59
C ASP C 850 3.80 -48.04 41.35
N ASP C 851 4.90 -48.26 40.63
CA ASP C 851 6.22 -48.35 41.24
C ASP C 851 7.01 -47.01 41.26
N SER C 852 6.38 -45.89 40.93
CA SER C 852 7.10 -44.62 40.77
C SER C 852 7.34 -43.94 42.11
N ILE C 853 8.20 -42.92 42.09
CA ILE C 853 8.53 -42.16 43.28
C ILE C 853 7.31 -41.42 43.78
N ASP C 854 6.43 -41.07 42.85
CA ASP C 854 5.09 -40.56 43.18
C ASP C 854 4.33 -41.34 44.28
N ASN C 855 4.53 -42.66 44.33
CA ASN C 855 3.82 -43.56 45.23
C ASN C 855 4.78 -44.35 46.15
N LYS C 856 5.97 -43.81 46.40
CA LYS C 856 6.98 -44.42 47.26
C LYS C 856 7.44 -43.43 48.31
N VAL C 857 7.91 -43.96 49.43
CA VAL C 857 8.51 -43.18 50.54
C VAL C 857 9.60 -44.00 51.23
N LEU C 858 10.39 -43.37 52.08
CA LEU C 858 11.43 -44.07 52.86
C LEU C 858 11.18 -43.91 54.35
N THR C 859 11.12 -45.04 55.07
CA THR C 859 10.93 -45.07 56.52
C THR C 859 11.88 -46.13 57.11
N ARG C 860 12.14 -46.04 58.41
CA ARG C 860 13.03 -46.98 59.10
C ARG C 860 12.46 -48.40 59.09
N SER C 861 11.16 -48.50 59.33
CA SER C 861 10.42 -49.76 59.34
C SER C 861 9.06 -49.53 58.69
N ASP C 862 8.82 -50.27 57.61
CA ASP C 862 7.54 -50.21 56.89
C ASP C 862 6.31 -50.47 57.78
N LYS C 863 6.52 -51.20 58.86
CA LYS C 863 5.50 -51.31 59.91
C LYS C 863 5.09 -49.96 60.51
N ASN C 864 5.87 -48.90 60.28
CA ASN C 864 5.49 -47.56 60.70
C ASN C 864 4.25 -46.98 59.99
N ARG C 865 3.84 -47.58 58.88
CA ARG C 865 2.67 -47.11 58.09
C ARG C 865 1.29 -47.27 58.79
N GLY C 866 1.18 -48.30 59.64
CA GLY C 866 -0.10 -48.79 60.14
C GLY C 866 -0.28 -50.25 59.73
N LYS C 867 -1.05 -50.98 60.53
CA LYS C 867 -1.32 -52.41 60.29
C LYS C 867 -2.36 -52.67 59.19
N SER C 868 -2.77 -51.62 58.46
CA SER C 868 -3.87 -51.73 57.51
C SER C 868 -3.40 -52.31 56.19
N ASP C 869 -4.38 -52.79 55.42
CA ASP C 869 -4.18 -53.14 54.01
C ASP C 869 -4.27 -51.90 53.08
N ASN C 870 -4.44 -50.72 53.66
CA ASN C 870 -4.89 -49.50 52.98
C ASN C 870 -3.72 -48.54 52.78
N VAL C 871 -4.04 -47.28 52.49
CA VAL C 871 -3.11 -46.18 52.72
C VAL C 871 -2.71 -46.15 54.20
N PRO C 872 -1.63 -45.43 54.52
CA PRO C 872 -1.22 -45.39 55.93
C PRO C 872 -2.27 -44.74 56.85
N SER C 873 -2.15 -45.01 58.14
CA SER C 873 -3.29 -44.94 59.08
C SER C 873 -3.70 -43.53 59.51
N GLU C 874 -4.97 -43.40 59.90
CA GLU C 874 -5.54 -42.13 60.38
C GLU C 874 -4.68 -41.54 61.50
N GLU C 875 -4.27 -42.39 62.44
CA GLU C 875 -3.40 -41.96 63.52
C GLU C 875 -2.04 -41.45 63.01
N VAL C 876 -1.46 -42.15 62.04
CA VAL C 876 -0.24 -41.68 61.35
C VAL C 876 -0.51 -40.36 60.59
N VAL C 877 -1.71 -40.23 60.01
CA VAL C 877 -2.09 -39.00 59.30
C VAL C 877 -2.04 -37.78 60.24
N LYS C 878 -2.76 -37.84 61.36
CA LYS C 878 -2.83 -36.70 62.30
C LYS C 878 -1.47 -36.33 62.89
N LYS C 879 -0.63 -37.33 63.15
CA LYS C 879 0.71 -37.10 63.70
C LYS C 879 1.73 -36.52 62.71
N MET C 880 1.53 -36.73 61.41
CA MET C 880 2.50 -36.29 60.39
C MET C 880 2.03 -35.18 59.39
N LYS C 881 0.72 -34.91 59.36
CA LYS C 881 0.12 -34.05 58.31
C LYS C 881 0.89 -32.74 58.01
N ASN C 882 1.30 -32.04 59.08
CA ASN C 882 1.94 -30.72 58.97
C ASN C 882 3.31 -30.76 58.30
N TYR C 883 4.13 -31.73 58.69
CA TYR C 883 5.45 -31.97 58.06
C TYR C 883 5.27 -32.30 56.57
N TRP C 884 4.30 -33.17 56.28
CA TRP C 884 3.90 -33.46 54.90
C TRP C 884 3.51 -32.17 54.15
N ARG C 885 2.69 -31.32 54.77
CA ARG C 885 2.34 -30.01 54.17
C ARG C 885 3.60 -29.17 53.89
N GLN C 886 4.55 -29.20 54.81
CA GLN C 886 5.84 -28.54 54.59
C GLN C 886 6.52 -29.09 53.33
N LEU C 887 6.49 -30.41 53.16
CA LEU C 887 7.07 -31.04 51.97
C LEU C 887 6.29 -30.76 50.68
N LEU C 888 4.97 -30.56 50.77
CA LEU C 888 4.18 -30.21 49.58
C LEU C 888 4.41 -28.77 49.17
N ASN C 889 4.50 -27.84 50.13
CA ASN C 889 4.77 -26.43 49.82
C ASN C 889 6.08 -26.24 49.08
N ALA C 890 7.11 -26.95 49.56
CA ALA C 890 8.45 -26.91 49.01
C ALA C 890 8.60 -27.85 47.80
N LYS C 891 7.52 -28.51 47.40
CA LYS C 891 7.44 -29.33 46.17
C LYS C 891 8.34 -30.56 46.20
N LEU C 892 8.60 -31.08 47.40
CA LEU C 892 9.33 -32.36 47.54
C LEU C 892 8.38 -33.55 47.46
N ILE C 893 7.08 -33.27 47.46
CA ILE C 893 6.08 -34.27 47.16
C ILE C 893 4.99 -33.64 46.34
N THR C 894 4.66 -34.28 45.23
CA THR C 894 3.53 -33.87 44.41
C THR C 894 2.22 -33.91 45.16
N GLN C 895 1.28 -33.13 44.66
CA GLN C 895 -0.07 -33.06 45.19
C GLN C 895 -0.73 -34.43 45.23
N ARG C 896 -0.79 -35.11 44.09
CA ARG C 896 -1.30 -36.49 44.03
C ARG C 896 -0.74 -37.33 45.19
N LYS C 897 0.57 -37.24 45.39
CA LYS C 897 1.24 -37.98 46.48
C LYS C 897 0.76 -37.56 47.87
N PHE C 898 0.32 -36.31 48.02
CA PHE C 898 -0.23 -35.85 49.29
C PHE C 898 -1.65 -36.29 49.52
N ASP C 899 -2.44 -36.48 48.45
CA ASP C 899 -3.80 -37.02 48.61
C ASP C 899 -3.78 -38.47 49.07
N ASN C 900 -2.78 -39.22 48.61
CA ASN C 900 -2.67 -40.61 48.97
C ASN C 900 -2.15 -40.81 50.39
N LEU C 901 -1.16 -40.01 50.81
CA LEU C 901 -0.66 -40.06 52.20
C LEU C 901 -1.74 -39.76 53.24
N THR C 902 -2.67 -38.87 52.89
CA THR C 902 -3.69 -38.42 53.81
C THR C 902 -5.04 -39.11 53.68
N LYS C 903 -5.11 -40.17 52.88
CA LYS C 903 -6.42 -40.70 52.46
C LYS C 903 -7.18 -41.38 53.61
N ALA C 904 -6.44 -41.81 54.64
CA ALA C 904 -7.05 -42.34 55.86
C ALA C 904 -8.05 -41.37 56.45
N GLU C 905 -7.73 -40.09 56.40
CA GLU C 905 -8.58 -39.02 56.96
C GLU C 905 -10.00 -39.03 56.43
N ARG C 906 -10.14 -39.26 55.12
CA ARG C 906 -11.42 -39.12 54.43
C ARG C 906 -12.04 -40.49 54.13
N GLY C 907 -11.89 -41.44 55.06
CA GLY C 907 -12.47 -42.77 54.90
C GLY C 907 -11.54 -43.82 54.30
N GLY C 908 -10.62 -43.42 53.42
CA GLY C 908 -9.64 -44.36 52.84
C GLY C 908 -9.88 -44.64 51.35
N LEU C 909 -9.58 -45.86 50.92
CA LEU C 909 -9.67 -46.20 49.50
C LEU C 909 -11.08 -46.52 49.09
N SER C 910 -11.65 -45.65 48.27
CA SER C 910 -13.05 -45.70 47.94
C SER C 910 -13.28 -46.42 46.66
N GLU C 911 -14.57 -46.66 46.39
CA GLU C 911 -15.03 -47.23 45.14
C GLU C 911 -14.62 -46.35 43.95
N LEU C 912 -14.54 -45.04 44.13
CA LEU C 912 -14.14 -44.14 43.03
C LEU C 912 -12.64 -44.22 42.74
N ASP C 913 -11.83 -44.38 43.77
CA ASP C 913 -10.39 -44.46 43.58
C ASP C 913 -10.07 -45.73 42.83
N LYS C 914 -10.58 -46.84 43.35
CA LYS C 914 -10.26 -48.16 42.83
C LYS C 914 -10.80 -48.38 41.41
N ALA C 915 -11.98 -47.84 41.12
CA ALA C 915 -12.43 -47.86 39.75
C ALA C 915 -11.48 -46.98 38.94
N GLY C 916 -10.92 -45.94 39.55
CA GLY C 916 -9.85 -45.18 38.92
C GLY C 916 -8.72 -46.10 38.52
N PHE C 917 -8.13 -46.78 39.50
CA PHE C 917 -6.97 -47.65 39.26
C PHE C 917 -7.16 -48.67 38.16
N ILE C 918 -8.35 -49.25 38.07
CA ILE C 918 -8.62 -50.27 37.06
C ILE C 918 -8.69 -49.66 35.67
N LYS C 919 -9.40 -48.54 35.56
CA LYS C 919 -9.34 -47.72 34.34
C LYS C 919 -7.88 -47.42 33.98
N ARG C 920 -7.12 -46.99 34.98
CA ARG C 920 -5.73 -46.61 34.81
C ARG C 920 -4.90 -47.73 34.22
N GLN C 921 -5.17 -48.97 34.59
CA GLN C 921 -4.35 -50.10 34.15
C GLN C 921 -4.72 -50.64 32.81
N LEU C 922 -6.01 -50.71 32.50
CA LEU C 922 -6.47 -51.24 31.21
C LEU C 922 -6.31 -50.28 30.06
N VAL C 923 -6.80 -49.06 30.26
CA VAL C 923 -7.19 -48.21 29.14
C VAL C 923 -5.97 -47.66 28.41
N GLU C 924 -5.98 -47.83 27.09
CA GLU C 924 -4.90 -47.37 26.27
C GLU C 924 -5.07 -45.91 26.00
N THR C 925 -4.07 -45.13 26.38
CA THR C 925 -4.15 -43.68 26.27
C THR C 925 -4.00 -43.21 24.84
N ARG C 926 -3.11 -43.85 24.09
CA ARG C 926 -2.57 -43.32 22.83
C ARG C 926 -3.62 -43.32 21.74
N GLN C 927 -3.58 -42.26 20.95
CA GLN C 927 -4.53 -42.11 19.88
C GLN C 927 -4.23 -43.10 18.77
N ILE C 928 -2.96 -43.29 18.49
CA ILE C 928 -2.57 -44.08 17.33
C ILE C 928 -3.09 -45.51 17.35
N THR C 929 -3.13 -46.11 18.53
CA THR C 929 -3.40 -47.55 18.66
C THR C 929 -4.88 -47.83 18.38
N LYS C 930 -5.69 -46.86 18.78
CA LYS C 930 -7.11 -46.90 18.61
C LYS C 930 -7.48 -46.87 17.12
N HIS C 931 -6.83 -45.96 16.39
CA HIS C 931 -6.93 -45.86 14.91
C HIS C 931 -6.55 -47.15 14.22
N VAL C 932 -5.49 -47.80 14.72
CA VAL C 932 -4.99 -49.07 14.18
C VAL C 932 -6.09 -50.09 14.37
N ALA C 933 -6.66 -50.11 15.57
CA ALA C 933 -7.71 -51.07 15.92
C ALA C 933 -8.86 -51.02 14.94
N GLN C 934 -9.41 -49.82 14.78
CA GLN C 934 -10.50 -49.56 13.85
C GLN C 934 -10.28 -50.14 12.45
N ILE C 935 -9.04 -50.10 11.96
CA ILE C 935 -8.72 -50.55 10.61
C ILE C 935 -8.88 -52.02 10.52
N LEU C 936 -8.46 -52.69 11.58
CA LEU C 936 -8.57 -54.13 11.65
C LEU C 936 -10.02 -54.58 11.80
N ASP C 937 -10.75 -53.96 12.71
CA ASP C 937 -12.13 -54.32 12.90
C ASP C 937 -12.91 -54.11 11.60
N SER C 938 -12.72 -52.93 10.99
CA SER C 938 -13.27 -52.59 9.66
C SER C 938 -13.12 -53.77 8.72
N ARG C 939 -11.92 -54.32 8.75
CA ARG C 939 -11.55 -55.39 7.86
C ARG C 939 -12.15 -56.74 8.18
N MET C 940 -12.08 -57.12 9.45
CA MET C 940 -12.44 -58.48 9.87
C MET C 940 -13.95 -58.74 10.06
N ASN C 941 -14.76 -57.70 10.22
CA ASN C 941 -16.17 -57.87 10.53
C ASN C 941 -16.96 -57.18 9.46
N THR C 942 -17.35 -57.97 8.46
CA THR C 942 -17.90 -57.43 7.22
C THR C 942 -19.40 -57.67 7.05
N LYS C 943 -19.99 -58.50 7.90
CA LYS C 943 -21.41 -58.79 7.79
C LYS C 943 -22.16 -57.97 8.84
N TYR C 944 -23.38 -57.58 8.48
CA TYR C 944 -24.33 -57.01 9.43
C TYR C 944 -25.52 -57.94 9.46
N ASP C 945 -26.24 -57.94 10.58
CA ASP C 945 -27.38 -58.84 10.75
C ASP C 945 -28.63 -58.20 10.14
N GLU C 946 -29.74 -58.94 10.18
CA GLU C 946 -30.98 -58.41 9.60
C GLU C 946 -31.59 -57.20 10.33
N ASN C 947 -30.92 -56.74 11.38
CA ASN C 947 -31.31 -55.53 12.09
C ASN C 947 -30.22 -54.44 11.99
N ASP C 948 -29.41 -54.49 10.92
CA ASP C 948 -28.32 -53.52 10.67
C ASP C 948 -27.41 -53.27 11.88
N LYS C 949 -27.23 -54.32 12.68
CA LYS C 949 -26.27 -54.35 13.77
C LYS C 949 -25.13 -55.23 13.26
N LEU C 950 -23.94 -54.63 13.20
CA LEU C 950 -22.73 -55.29 12.72
C LEU C 950 -22.48 -56.59 13.46
N ILE C 951 -22.05 -57.59 12.71
CA ILE C 951 -21.70 -58.89 13.27
C ILE C 951 -20.21 -58.88 13.57
N ARG C 952 -19.84 -58.59 14.82
CA ARG C 952 -18.43 -58.51 15.20
C ARG C 952 -17.98 -59.94 15.48
N GLU C 953 -17.48 -60.58 14.42
CA GLU C 953 -16.97 -61.96 14.48
C GLU C 953 -15.60 -62.03 15.15
N VAL C 954 -14.82 -60.96 15.02
CA VAL C 954 -13.48 -60.87 15.58
C VAL C 954 -13.41 -59.66 16.52
N LYS C 955 -12.97 -59.89 17.76
CA LYS C 955 -12.90 -58.81 18.73
C LYS C 955 -11.48 -58.33 18.83
N VAL C 956 -11.24 -57.12 18.37
CA VAL C 956 -9.86 -56.60 18.35
C VAL C 956 -9.59 -55.92 19.70
N ILE C 957 -8.43 -56.19 20.29
CA ILE C 957 -8.14 -55.79 21.67
C ILE C 957 -6.86 -54.99 21.76
N THR C 958 -6.87 -53.93 22.54
CA THR C 958 -5.67 -53.15 22.75
C THR C 958 -5.26 -53.21 24.20
N LEU C 959 -3.99 -53.44 24.43
CA LEU C 959 -3.44 -53.60 25.76
C LEU C 959 -2.43 -52.54 26.07
N LYS C 960 -2.46 -52.07 27.31
CA LYS C 960 -1.34 -51.33 27.81
C LYS C 960 -0.14 -52.28 27.93
N SER C 961 1.00 -51.80 27.49
CA SER C 961 2.21 -52.60 27.49
C SER C 961 2.81 -52.76 28.87
N LYS C 962 2.43 -51.89 29.81
CA LYS C 962 2.82 -52.05 31.21
C LYS C 962 2.31 -53.36 31.74
N LEU C 963 1.18 -53.82 31.21
CA LEU C 963 0.65 -55.08 31.64
C LEU C 963 1.66 -56.14 31.31
N VAL C 964 1.97 -56.29 30.03
CA VAL C 964 2.84 -57.38 29.61
C VAL C 964 4.22 -57.22 30.24
N SER C 965 4.73 -56.00 30.32
CA SER C 965 5.94 -55.78 31.09
C SER C 965 5.78 -56.38 32.48
N ASP C 966 4.79 -55.93 33.23
CA ASP C 966 4.55 -56.36 34.63
C ASP C 966 4.47 -57.86 34.77
N PHE C 967 3.63 -58.45 33.94
CA PHE C 967 3.55 -59.90 33.81
C PHE C 967 4.94 -60.53 33.71
N ARG C 968 5.78 -60.01 32.82
CA ARG C 968 7.12 -60.57 32.68
C ARG C 968 7.87 -60.54 34.01
N LYS C 969 7.73 -59.46 34.74
CA LYS C 969 8.54 -59.23 35.93
C LYS C 969 7.91 -59.90 37.14
N ASP C 970 6.59 -60.01 37.18
CA ASP C 970 5.96 -60.74 38.27
C ASP C 970 6.32 -62.21 38.18
N PHE C 971 6.16 -62.80 37.01
CA PHE C 971 6.30 -64.24 36.85
C PHE C 971 7.63 -64.69 36.30
N GLN C 972 8.55 -63.76 36.12
CA GLN C 972 9.90 -64.09 35.75
C GLN C 972 10.15 -64.62 34.35
N PHE C 973 9.30 -64.25 33.41
CA PHE C 973 9.62 -64.42 32.02
C PHE C 973 10.39 -63.20 31.55
N TYR C 974 11.63 -63.09 31.99
CA TYR C 974 12.43 -61.89 31.77
C TYR C 974 12.82 -61.68 30.33
N LYS C 975 13.07 -60.43 29.97
CA LYS C 975 13.43 -60.08 28.60
C LYS C 975 14.83 -59.51 28.49
N VAL C 976 15.61 -60.08 27.57
CA VAL C 976 16.91 -59.56 27.20
C VAL C 976 16.96 -59.43 25.67
N ARG C 977 16.99 -58.18 25.21
CA ARG C 977 16.88 -57.87 23.79
C ARG C 977 18.16 -58.14 23.04
N GLU C 978 19.24 -58.19 23.80
CA GLU C 978 20.58 -58.36 23.25
C GLU C 978 20.77 -59.70 22.58
N ILE C 979 20.21 -60.74 23.18
CA ILE C 979 20.46 -62.09 22.73
C ILE C 979 20.02 -62.33 21.29
N ASN C 980 18.81 -61.91 20.97
CA ASN C 980 18.22 -62.13 19.67
C ASN C 980 16.96 -61.31 19.50
N ASN C 981 16.34 -61.40 18.34
CA ASN C 981 15.12 -60.64 18.05
C ASN C 981 13.84 -61.37 18.41
N TYR C 982 13.93 -62.56 18.98
CA TYR C 982 12.75 -63.34 19.31
C TYR C 982 11.79 -62.55 20.20
N HIS C 983 12.36 -61.75 21.09
CA HIS C 983 11.60 -60.94 22.01
C HIS C 983 10.49 -60.09 21.43
N HIS C 984 10.52 -59.82 20.13
CA HIS C 984 9.40 -59.12 19.51
C HIS C 984 8.28 -60.10 19.29
N ALA C 985 8.62 -61.28 18.82
CA ALA C 985 7.63 -62.37 18.69
C ALA C 985 7.03 -62.69 20.06
N HIS C 986 7.91 -62.88 21.05
CA HIS C 986 7.50 -63.23 22.38
C HIS C 986 6.54 -62.23 22.91
N ASP C 987 6.84 -60.95 22.79
CA ASP C 987 5.89 -59.95 23.22
C ASP C 987 4.53 -60.09 22.56
N ALA C 988 4.48 -60.44 21.29
CA ALA C 988 3.19 -60.62 20.64
C ALA C 988 2.43 -61.76 21.25
N TYR C 989 3.13 -62.85 21.52
CA TYR C 989 2.49 -64.00 22.12
C TYR C 989 1.99 -63.67 23.50
N LEU C 990 2.83 -63.00 24.27
CA LEU C 990 2.46 -62.65 25.61
C LEU C 990 1.26 -61.71 25.60
N ASN C 991 1.21 -60.82 24.62
CA ASN C 991 0.06 -59.96 24.49
C ASN C 991 -1.18 -60.76 24.19
N ALA C 992 -1.07 -61.76 23.33
CA ALA C 992 -2.23 -62.56 23.01
C ALA C 992 -2.70 -63.28 24.23
N VAL C 993 -1.77 -63.81 24.99
CA VAL C 993 -2.09 -64.56 26.17
C VAL C 993 -2.76 -63.72 27.24
N VAL C 994 -2.24 -62.55 27.54
CA VAL C 994 -2.86 -61.72 28.56
C VAL C 994 -4.19 -61.18 28.13
N GLY C 995 -4.26 -60.76 26.87
CA GLY C 995 -5.48 -60.17 26.38
C GLY C 995 -6.59 -61.18 26.39
N THR C 996 -6.27 -62.39 26.00
CA THR C 996 -7.24 -63.47 25.91
C THR C 996 -7.82 -63.86 27.26
N ALA C 997 -6.98 -63.86 28.28
CA ALA C 997 -7.34 -64.23 29.63
C ALA C 997 -8.18 -63.12 30.20
N LEU C 998 -7.74 -61.88 30.02
CA LEU C 998 -8.47 -60.76 30.58
C LEU C 998 -9.91 -60.71 30.13
N ILE C 999 -10.15 -60.93 28.84
CA ILE C 999 -11.51 -60.85 28.30
C ILE C 999 -12.42 -62.09 28.57
N LYS C 1000 -11.86 -63.14 29.17
CA LYS C 1000 -12.66 -64.26 29.63
C LYS C 1000 -12.95 -64.16 31.11
N LYS C 1001 -12.12 -63.45 31.88
CA LYS C 1001 -12.31 -63.25 33.32
C LYS C 1001 -13.19 -62.02 33.61
N TYR C 1002 -13.13 -61.04 32.73
CA TYR C 1002 -13.83 -59.81 33.00
C TYR C 1002 -14.54 -59.30 31.75
N PRO C 1003 -15.54 -60.05 31.27
CA PRO C 1003 -16.19 -59.65 30.03
C PRO C 1003 -16.88 -58.32 30.14
N LYS C 1004 -17.44 -58.02 31.33
CA LYS C 1004 -18.03 -56.70 31.57
C LYS C 1004 -17.05 -55.58 31.32
N LEU C 1005 -15.75 -55.87 31.29
CA LEU C 1005 -14.74 -54.87 30.95
C LEU C 1005 -14.46 -54.65 29.44
N GLU C 1006 -15.28 -55.23 28.59
CA GLU C 1006 -15.04 -55.17 27.17
C GLU C 1006 -14.99 -53.74 26.66
N SER C 1007 -15.92 -52.90 27.10
CA SER C 1007 -16.02 -51.58 26.52
C SER C 1007 -14.74 -50.84 26.77
N GLU C 1008 -14.15 -51.04 27.94
CA GLU C 1008 -12.95 -50.33 28.31
C GLU C 1008 -11.73 -50.62 27.44
N PHE C 1009 -11.52 -51.86 27.06
CA PHE C 1009 -10.37 -52.17 26.20
C PHE C 1009 -10.63 -52.96 24.94
N VAL C 1010 -11.81 -52.84 24.34
CA VAL C 1010 -12.08 -53.53 23.10
C VAL C 1010 -12.72 -52.60 22.10
N TYR C 1011 -12.58 -52.90 20.81
CA TYR C 1011 -13.15 -52.02 19.82
C TYR C 1011 -14.50 -52.53 19.43
N GLY C 1012 -15.47 -51.65 19.60
CA GLY C 1012 -16.88 -52.01 19.54
C GLY C 1012 -17.66 -51.21 20.58
N ASP C 1013 -18.93 -51.00 20.27
CA ASP C 1013 -19.87 -50.34 21.18
C ASP C 1013 -20.50 -51.46 22.01
N TYR C 1014 -20.30 -51.43 23.32
CA TYR C 1014 -20.86 -52.45 24.22
C TYR C 1014 -21.57 -51.78 25.41
N LYS C 1015 -22.13 -52.57 26.32
CA LYS C 1015 -22.64 -52.00 27.58
C LYS C 1015 -21.46 -51.45 28.40
N VAL C 1016 -21.42 -50.12 28.50
CA VAL C 1016 -20.50 -49.45 29.43
C VAL C 1016 -21.00 -49.68 30.86
N TYR C 1017 -20.28 -50.52 31.60
CA TYR C 1017 -20.60 -50.73 32.99
C TYR C 1017 -19.86 -49.73 33.87
N ASP C 1018 -20.63 -49.01 34.68
CA ASP C 1018 -20.09 -48.19 35.77
C ASP C 1018 -19.25 -49.14 36.60
N VAL C 1019 -17.98 -48.81 36.64
CA VAL C 1019 -16.98 -49.69 37.17
C VAL C 1019 -17.05 -49.71 38.69
N ARG C 1020 -17.47 -48.61 39.32
CA ARG C 1020 -17.76 -48.61 40.78
C ARG C 1020 -18.69 -49.75 41.17
N LYS C 1021 -19.69 -50.00 40.33
CA LYS C 1021 -20.65 -51.08 40.55
C LYS C 1021 -20.01 -52.47 40.63
N MET C 1022 -18.78 -52.62 40.12
CA MET C 1022 -18.04 -53.89 40.14
C MET C 1022 -16.92 -54.00 41.16
N ILE C 1023 -16.88 -53.09 42.12
CA ILE C 1023 -15.96 -53.23 43.22
C ILE C 1023 -16.72 -53.66 44.45
N ALA C 1024 -16.25 -54.74 45.08
CA ALA C 1024 -16.82 -55.22 46.32
C ALA C 1024 -16.48 -54.28 47.46
N LYS C 1025 -17.50 -53.91 48.23
CA LYS C 1025 -17.31 -53.14 49.46
C LYS C 1025 -16.37 -53.86 50.43
N SER C 1026 -16.23 -55.18 50.30
CA SER C 1026 -15.41 -55.96 51.19
C SER C 1026 -14.83 -57.22 50.51
N GLU C 1027 -13.76 -57.75 51.10
CA GLU C 1027 -13.08 -58.96 50.61
C GLU C 1027 -14.06 -60.13 50.61
N GLN C 1028 -14.67 -60.36 51.77
CA GLN C 1028 -15.67 -61.41 51.98
C GLN C 1028 -16.85 -61.31 51.01
N GLU C 1029 -17.17 -60.10 50.52
CA GLU C 1029 -18.19 -59.91 49.48
C GLU C 1029 -17.78 -60.46 48.10
N ILE C 1030 -16.46 -60.47 47.86
CA ILE C 1030 -15.86 -61.18 46.72
C ILE C 1030 -16.37 -60.64 45.38
N THR C 1034 -21.35 -64.09 42.69
CA THR C 1034 -21.72 -62.78 42.15
C THR C 1034 -20.56 -62.21 41.33
N ALA C 1035 -20.89 -61.50 40.24
CA ALA C 1035 -19.88 -60.84 39.42
C ALA C 1035 -19.72 -59.37 39.85
N LYS C 1036 -19.12 -59.18 41.02
CA LYS C 1036 -18.57 -57.89 41.40
C LYS C 1036 -17.10 -58.18 41.55
N TYR C 1037 -16.33 -57.74 40.57
CA TYR C 1037 -15.03 -58.32 40.29
C TYR C 1037 -13.92 -58.21 41.31
N PHE C 1038 -13.76 -57.05 41.94
CA PHE C 1038 -12.56 -56.83 42.73
C PHE C 1038 -12.82 -56.26 44.09
N PHE C 1039 -12.00 -56.67 45.05
CA PHE C 1039 -11.78 -55.89 46.25
C PHE C 1039 -10.37 -55.34 46.23
N TYR C 1040 -9.54 -55.88 45.36
CA TYR C 1040 -8.17 -55.41 45.27
C TYR C 1040 -7.91 -54.84 43.90
N SER C 1041 -7.37 -53.64 43.87
CA SER C 1041 -7.38 -52.82 42.68
C SER C 1041 -6.66 -53.43 41.51
N ASN C 1042 -5.53 -54.07 41.76
CA ASN C 1042 -4.77 -54.62 40.65
C ASN C 1042 -5.62 -55.66 39.95
N ILE C 1043 -5.68 -55.55 38.63
CA ILE C 1043 -6.36 -56.56 37.76
C ILE C 1043 -5.54 -57.81 37.46
N MET C 1044 -4.22 -57.67 37.51
CA MET C 1044 -3.31 -58.78 37.31
C MET C 1044 -3.24 -59.76 38.48
N ASN C 1045 -4.01 -59.50 39.54
CA ASN C 1045 -4.03 -60.32 40.74
C ASN C 1045 -4.49 -61.73 40.54
N PHE C 1046 -5.48 -61.95 39.70
CA PHE C 1046 -5.89 -63.33 39.49
C PHE C 1046 -4.77 -64.26 38.97
N PHE C 1047 -3.73 -63.71 38.36
CA PHE C 1047 -2.62 -64.53 37.91
C PHE C 1047 -1.75 -65.07 39.02
N LYS C 1048 -1.75 -64.41 40.17
CA LYS C 1048 -0.92 -64.83 41.28
C LYS C 1048 -1.61 -65.92 42.08
N THR C 1049 -0.81 -66.80 42.64
CA THR C 1049 -1.24 -67.81 43.57
C THR C 1049 -1.36 -67.11 44.94
N GLU C 1050 -0.31 -66.37 45.30
CA GLU C 1050 -0.27 -65.54 46.49
C GLU C 1050 -0.04 -64.09 46.12
N ILE C 1051 -0.75 -63.19 46.81
CA ILE C 1051 -0.54 -61.76 46.70
C ILE C 1051 -0.32 -61.25 48.11
N THR C 1052 0.51 -60.24 48.29
CA THR C 1052 0.84 -59.76 49.63
C THR C 1052 0.23 -58.40 49.91
N LEU C 1053 -0.54 -58.29 50.98
CA LEU C 1053 -1.13 -57.00 51.37
C LEU C 1053 -0.03 -56.10 51.90
N ALA C 1054 -0.41 -54.90 52.33
CA ALA C 1054 0.52 -53.98 52.98
C ALA C 1054 1.04 -54.52 54.31
N ASN C 1055 0.15 -55.14 55.07
CA ASN C 1055 0.49 -55.67 56.39
C ASN C 1055 1.52 -56.78 56.28
N GLY C 1056 1.63 -57.34 55.09
CA GLY C 1056 2.46 -58.50 54.85
C GLY C 1056 1.64 -59.77 54.96
N GLU C 1057 0.39 -59.61 55.34
CA GLU C 1057 -0.51 -60.74 55.38
C GLU C 1057 -0.60 -61.21 53.95
N ILE C 1058 -0.71 -62.50 53.74
CA ILE C 1058 -0.77 -63.02 52.38
C ILE C 1058 -2.14 -63.61 52.11
N ARG C 1059 -2.76 -63.20 51.01
CA ARG C 1059 -4.01 -63.80 50.58
C ARG C 1059 -3.73 -64.80 49.47
N LYS C 1060 -4.27 -66.01 49.63
CA LYS C 1060 -4.04 -67.08 48.68
C LYS C 1060 -5.23 -67.20 47.76
N ARG C 1061 -4.95 -67.64 46.54
CA ARG C 1061 -5.99 -67.85 45.56
C ARG C 1061 -5.89 -69.28 45.12
N PRO C 1062 -7.00 -69.81 44.58
CA PRO C 1062 -6.95 -71.13 44.01
C PRO C 1062 -5.89 -71.29 42.91
N LEU C 1063 -5.66 -72.52 42.49
CA LEU C 1063 -4.77 -72.81 41.37
C LEU C 1063 -5.43 -72.65 40.04
N ILE C 1064 -6.71 -72.39 40.04
CA ILE C 1064 -7.44 -72.22 38.82
C ILE C 1064 -8.35 -71.00 39.02
N GLU C 1065 -8.34 -70.13 38.03
CA GLU C 1065 -9.25 -69.01 38.00
C GLU C 1065 -10.22 -69.31 36.88
N THR C 1066 -11.49 -69.00 37.13
CA THR C 1066 -12.53 -69.18 36.11
C THR C 1066 -13.36 -67.97 36.13
N ASN C 1067 -14.13 -67.82 35.06
CA ASN C 1067 -15.22 -66.90 35.06
C ASN C 1067 -16.39 -67.51 35.82
N GLY C 1068 -16.71 -66.94 36.99
CA GLY C 1068 -17.77 -67.44 37.87
C GLY C 1068 -19.12 -67.55 37.16
N GLU C 1069 -19.60 -66.44 36.61
CA GLU C 1069 -20.87 -66.41 35.85
C GLU C 1069 -20.99 -67.47 34.75
N THR C 1070 -19.86 -67.92 34.20
CA THR C 1070 -19.86 -68.80 33.04
C THR C 1070 -19.41 -70.25 33.30
N GLY C 1071 -18.61 -70.49 34.33
CA GLY C 1071 -18.02 -71.81 34.57
C GLY C 1071 -16.79 -72.17 33.77
N GLU C 1072 -16.48 -71.41 32.70
CA GLU C 1072 -15.27 -71.59 31.85
C GLU C 1072 -14.00 -71.32 32.67
N ILE C 1073 -12.92 -72.01 32.30
CA ILE C 1073 -11.60 -71.84 32.90
C ILE C 1073 -10.78 -70.83 32.11
N VAL C 1074 -10.32 -69.76 32.77
CA VAL C 1074 -9.38 -68.83 32.12
C VAL C 1074 -7.92 -69.35 32.26
N TRP C 1075 -7.49 -69.60 33.49
CA TRP C 1075 -6.09 -69.81 33.82
C TRP C 1075 -5.96 -70.94 34.84
N ASP C 1076 -5.10 -71.91 34.52
CA ASP C 1076 -4.81 -72.97 35.45
C ASP C 1076 -3.40 -72.66 35.86
N LYS C 1077 -3.20 -72.36 37.13
CA LYS C 1077 -1.92 -71.86 37.55
C LYS C 1077 -0.83 -72.87 37.34
N GLY C 1078 -1.08 -74.12 37.66
CA GLY C 1078 -0.09 -75.14 37.39
C GLY C 1078 0.20 -75.49 35.94
N ARG C 1079 -0.83 -75.73 35.15
CA ARG C 1079 -0.61 -76.05 33.76
C ARG C 1079 -0.14 -74.89 32.91
N ASP C 1080 -0.84 -73.76 33.06
CA ASP C 1080 -0.72 -72.65 32.12
C ASP C 1080 0.58 -71.88 32.07
N PHE C 1081 1.15 -71.56 33.22
CA PHE C 1081 2.48 -70.90 33.25
C PHE C 1081 3.56 -71.75 32.60
N ALA C 1082 3.39 -73.06 32.65
CA ALA C 1082 4.31 -73.97 31.99
C ALA C 1082 4.27 -73.81 30.49
N THR C 1083 3.09 -73.67 29.93
CA THR C 1083 2.97 -73.58 28.49
C THR C 1083 3.73 -72.37 27.97
N VAL C 1084 3.75 -71.26 28.72
CA VAL C 1084 4.39 -69.99 28.27
C VAL C 1084 5.89 -70.08 28.21
N ARG C 1085 6.47 -70.54 29.31
CA ARG C 1085 7.88 -70.85 29.37
C ARG C 1085 8.31 -71.70 28.18
N LYS C 1086 7.49 -72.71 27.87
CA LYS C 1086 7.72 -73.63 26.74
C LYS C 1086 7.68 -72.92 25.39
N VAL C 1087 6.81 -71.93 25.23
CA VAL C 1087 6.74 -71.17 23.99
C VAL C 1087 7.96 -70.28 23.86
N LEU C 1088 8.23 -69.48 24.90
CA LEU C 1088 9.38 -68.58 24.91
C LEU C 1088 10.66 -69.33 24.58
N SER C 1089 10.82 -70.45 25.26
CA SER C 1089 12.01 -71.27 25.13
C SER C 1089 12.25 -71.82 23.73
N MET C 1090 11.20 -72.21 23.03
CA MET C 1090 11.40 -73.01 21.85
C MET C 1090 12.29 -72.32 20.86
N PRO C 1091 13.26 -73.15 20.26
CA PRO C 1091 14.24 -72.42 19.46
C PRO C 1091 13.74 -71.73 18.21
N GLN C 1092 12.86 -72.39 17.47
CA GLN C 1092 12.54 -71.90 16.14
C GLN C 1092 11.41 -70.92 16.17
N VAL C 1093 11.69 -69.72 15.72
CA VAL C 1093 10.73 -68.65 15.59
C VAL C 1093 10.95 -68.09 14.21
N ASN C 1094 9.91 -67.56 13.61
CA ASN C 1094 9.99 -66.99 12.27
C ASN C 1094 10.37 -65.52 12.20
N ILE C 1095 11.66 -65.26 12.02
CA ILE C 1095 12.14 -63.90 11.94
C ILE C 1095 12.55 -63.67 10.50
N VAL C 1096 11.87 -62.70 9.91
CA VAL C 1096 12.05 -62.36 8.51
C VAL C 1096 12.49 -60.92 8.45
N LYS C 1097 13.64 -60.71 7.80
CA LYS C 1097 14.08 -59.35 7.43
C LYS C 1097 13.63 -58.95 6.04
N LYS C 1098 12.82 -57.89 6.02
CA LYS C 1098 12.17 -57.39 4.83
C LYS C 1098 13.22 -56.97 3.82
N THR C 1099 13.13 -57.57 2.62
CA THR C 1099 14.09 -57.34 1.53
C THR C 1099 13.58 -56.25 0.60
N GLU C 1100 14.33 -55.16 0.51
CA GLU C 1100 13.86 -53.96 -0.16
C GLU C 1100 14.96 -53.26 -0.96
N VAL C 1101 14.53 -52.78 -2.12
CA VAL C 1101 15.38 -52.04 -3.05
C VAL C 1101 15.82 -50.79 -2.34
N GLN C 1102 17.02 -50.31 -2.63
CA GLN C 1102 17.38 -48.99 -2.14
C GLN C 1102 16.91 -47.95 -3.18
N THR C 1103 16.36 -46.84 -2.68
CA THR C 1103 15.97 -45.68 -3.49
C THR C 1103 16.52 -44.43 -2.82
N GLY C 1104 16.62 -43.33 -3.56
CA GLY C 1104 17.14 -42.05 -3.02
C GLY C 1104 18.36 -41.48 -3.74
N GLY C 1105 19.30 -40.92 -2.99
CA GLY C 1105 20.48 -40.35 -3.60
C GLY C 1105 21.33 -41.36 -4.32
N PHE C 1106 21.89 -40.95 -5.45
CA PHE C 1106 22.72 -41.82 -6.26
C PHE C 1106 23.99 -42.24 -5.57
N SER C 1107 24.63 -41.30 -4.89
CA SER C 1107 25.95 -41.52 -4.31
C SER C 1107 26.29 -40.47 -3.27
N LYS C 1108 27.40 -40.67 -2.56
CA LYS C 1108 27.80 -39.75 -1.51
C LYS C 1108 28.03 -38.37 -2.09
N GLU C 1109 27.60 -37.34 -1.34
CA GLU C 1109 27.64 -35.95 -1.77
C GLU C 1109 29.01 -35.25 -1.98
N SER C 1110 29.98 -35.50 -1.12
CA SER C 1110 31.24 -34.80 -1.16
C SER C 1110 31.79 -34.90 -2.58
N ILE C 1111 32.09 -33.73 -3.17
CA ILE C 1111 32.79 -33.65 -4.45
C ILE C 1111 34.29 -33.78 -4.17
N LEU C 1112 34.89 -34.81 -4.74
CA LEU C 1112 36.25 -35.15 -4.39
C LEU C 1112 37.20 -34.70 -5.50
N PRO C 1113 38.43 -34.32 -5.13
CA PRO C 1113 39.49 -34.04 -6.09
C PRO C 1113 39.66 -35.11 -7.17
N LYS C 1114 40.28 -34.73 -8.28
CA LYS C 1114 40.58 -35.69 -9.35
C LYS C 1114 41.43 -36.87 -8.86
N ARG C 1115 41.05 -38.07 -9.27
CA ARG C 1115 41.86 -39.26 -9.09
C ARG C 1115 41.85 -40.01 -10.41
N ASN C 1116 42.98 -40.65 -10.73
CA ASN C 1116 43.03 -41.63 -11.83
C ASN C 1116 42.37 -42.95 -11.43
N SER C 1117 41.81 -43.00 -10.22
CA SER C 1117 40.81 -43.99 -9.86
C SER C 1117 39.56 -43.88 -10.75
N ASP C 1118 39.28 -44.91 -11.55
CA ASP C 1118 38.07 -44.91 -12.38
C ASP C 1118 36.80 -45.33 -11.61
N LYS C 1119 36.88 -45.37 -10.29
CA LYS C 1119 35.76 -45.78 -9.43
C LYS C 1119 34.89 -44.58 -9.01
N LEU C 1120 35.38 -43.36 -9.22
CA LEU C 1120 34.59 -42.14 -8.96
C LEU C 1120 33.52 -41.95 -10.01
N ILE C 1121 32.64 -40.96 -9.80
CA ILE C 1121 31.45 -40.73 -10.63
C ILE C 1121 31.30 -39.30 -11.12
N ALA C 1122 31.21 -39.15 -12.44
CA ALA C 1122 31.30 -37.86 -13.12
C ALA C 1122 30.06 -36.99 -12.91
N ARG C 1123 30.31 -35.70 -12.77
CA ARG C 1123 29.27 -34.74 -12.40
C ARG C 1123 28.44 -34.21 -13.58
N LYS C 1124 28.89 -34.51 -14.79
CA LYS C 1124 28.19 -34.22 -16.00
C LYS C 1124 28.73 -35.18 -17.05
N LYS C 1125 28.05 -35.32 -18.17
CA LYS C 1125 28.38 -36.39 -19.10
C LYS C 1125 29.80 -36.28 -19.64
N ASP C 1126 30.24 -35.06 -19.95
CA ASP C 1126 31.55 -34.88 -20.56
C ASP C 1126 32.68 -34.57 -19.58
N TRP C 1127 32.38 -34.54 -18.29
CA TRP C 1127 33.39 -34.26 -17.30
C TRP C 1127 33.90 -35.58 -16.78
N ASP C 1128 35.21 -35.75 -16.82
CA ASP C 1128 35.80 -37.01 -16.41
C ASP C 1128 36.35 -36.90 -15.01
N PRO C 1129 36.05 -37.97 -14.17
CA PRO C 1129 36.48 -37.75 -12.79
C PRO C 1129 37.97 -37.55 -12.66
N LYS C 1130 38.76 -38.25 -13.46
CA LYS C 1130 40.20 -38.15 -13.32
C LYS C 1130 40.66 -36.72 -13.59
N LYS C 1131 40.14 -36.10 -14.63
CA LYS C 1131 40.47 -34.70 -14.90
C LYS C 1131 39.93 -33.67 -13.91
N TYR C 1132 38.66 -33.79 -13.53
CA TYR C 1132 37.96 -32.76 -12.76
C TYR C 1132 37.51 -33.10 -11.35
N GLY C 1133 37.52 -34.38 -11.03
CA GLY C 1133 36.96 -34.84 -9.76
C GLY C 1133 35.58 -35.44 -9.93
N GLY C 1134 34.90 -35.77 -8.84
CA GLY C 1134 33.65 -36.51 -8.92
C GLY C 1134 33.11 -37.06 -7.61
N PHE C 1135 32.17 -38.00 -7.70
CA PHE C 1135 31.54 -38.61 -6.51
C PHE C 1135 32.00 -40.05 -6.25
N ASP C 1136 32.45 -40.32 -5.04
CA ASP C 1136 33.03 -41.61 -4.68
C ASP C 1136 32.13 -42.82 -4.74
N SER C 1137 30.90 -42.71 -4.25
CA SER C 1137 30.09 -43.90 -4.09
C SER C 1137 28.79 -43.94 -4.86
N PRO C 1138 28.69 -45.00 -5.78
CA PRO C 1138 27.33 -45.19 -6.29
C PRO C 1138 26.56 -45.90 -5.21
N THR C 1139 25.23 -45.84 -5.24
CA THR C 1139 24.44 -46.58 -4.26
C THR C 1139 23.63 -47.63 -4.99
N VAL C 1140 23.75 -48.87 -4.53
CA VAL C 1140 23.31 -50.02 -5.26
C VAL C 1140 21.87 -50.14 -4.93
N ALA C 1141 21.01 -50.17 -5.95
CA ALA C 1141 19.57 -50.31 -5.73
C ALA C 1141 19.25 -51.74 -5.32
N TYR C 1142 19.65 -52.67 -6.18
CA TYR C 1142 19.65 -54.08 -5.86
C TYR C 1142 20.71 -54.75 -6.67
N SER C 1143 21.21 -55.87 -6.18
CA SER C 1143 22.20 -56.69 -6.90
C SER C 1143 21.44 -57.62 -7.86
N VAL C 1144 22.17 -58.27 -8.77
CA VAL C 1144 21.55 -59.18 -9.76
C VAL C 1144 22.53 -60.28 -10.13
N LEU C 1145 22.02 -61.49 -10.27
CA LEU C 1145 22.86 -62.63 -10.59
C LEU C 1145 22.85 -62.88 -12.09
N VAL C 1146 24.02 -62.93 -12.67
CA VAL C 1146 24.14 -63.11 -14.11
C VAL C 1146 24.90 -64.37 -14.44
N VAL C 1147 24.35 -65.19 -15.31
CA VAL C 1147 25.10 -66.32 -15.83
C VAL C 1147 25.31 -66.12 -17.33
N ALA C 1148 26.56 -65.93 -17.72
CA ALA C 1148 26.88 -65.73 -19.14
C ALA C 1148 28.36 -65.94 -19.40
N LYS C 1149 28.71 -66.13 -20.67
CA LYS C 1149 30.09 -66.23 -21.09
C LYS C 1149 30.82 -64.88 -21.12
N VAL C 1150 32.13 -64.93 -20.90
CA VAL C 1150 32.99 -63.75 -20.89
C VAL C 1150 34.28 -64.01 -21.67
N GLU C 1151 34.94 -62.95 -22.11
CA GLU C 1151 36.19 -63.11 -22.88
C GLU C 1151 37.36 -63.49 -21.98
N LYS C 1152 38.17 -64.41 -22.48
CA LYS C 1152 39.31 -65.00 -21.76
C LYS C 1152 40.68 -64.50 -22.29
N GLY C 1153 40.83 -63.18 -22.44
CA GLY C 1153 42.08 -62.51 -22.91
C GLY C 1153 42.00 -61.75 -24.26
N LYS C 1154 43.15 -61.30 -24.77
CA LYS C 1154 43.21 -60.83 -26.18
C LYS C 1154 42.83 -61.97 -27.15
N SER C 1155 43.12 -63.21 -26.73
CA SER C 1155 42.59 -64.45 -27.33
C SER C 1155 41.05 -64.52 -27.48
N LYS C 1156 40.31 -63.83 -26.61
CA LYS C 1156 38.85 -63.74 -26.69
C LYS C 1156 38.11 -65.10 -26.67
N LYS C 1157 38.67 -66.12 -26.00
CA LYS C 1157 37.94 -67.39 -25.75
C LYS C 1157 36.75 -67.11 -24.84
N LEU C 1158 35.81 -68.06 -24.73
CA LEU C 1158 34.63 -67.87 -23.85
C LEU C 1158 34.59 -68.86 -22.69
N LYS C 1159 34.96 -68.38 -21.51
CA LYS C 1159 34.69 -69.09 -20.28
C LYS C 1159 33.23 -68.80 -19.88
N SER C 1160 32.54 -69.84 -19.39
CA SER C 1160 31.23 -69.69 -18.73
C SER C 1160 31.41 -69.01 -17.40
N VAL C 1161 30.43 -68.19 -17.00
CA VAL C 1161 30.52 -67.44 -15.73
C VAL C 1161 29.15 -67.25 -15.06
N LYS C 1162 29.19 -67.21 -13.72
CA LYS C 1162 28.04 -67.07 -12.84
C LYS C 1162 28.47 -66.01 -11.82
N GLU C 1163 27.87 -64.81 -11.92
CA GLU C 1163 28.33 -63.62 -11.20
C GLU C 1163 27.22 -62.81 -10.60
N LEU C 1164 27.59 -61.94 -9.66
CA LEU C 1164 26.67 -61.16 -8.84
C LEU C 1164 26.99 -59.66 -8.96
N LEU C 1165 26.13 -58.95 -9.70
CA LEU C 1165 26.42 -57.60 -10.17
C LEU C 1165 25.56 -56.53 -9.51
N GLY C 1166 26.20 -55.53 -8.90
CA GLY C 1166 25.49 -54.41 -8.26
C GLY C 1166 24.96 -53.38 -9.24
N ILE C 1167 23.63 -53.33 -9.35
CA ILE C 1167 22.93 -52.31 -10.14
C ILE C 1167 22.76 -51.07 -9.26
N THR C 1168 23.28 -49.93 -9.76
CA THR C 1168 23.13 -48.65 -9.10
C THR C 1168 21.77 -48.05 -9.39
N ILE C 1169 21.37 -47.13 -8.51
CA ILE C 1169 20.14 -46.35 -8.62
C ILE C 1169 20.12 -45.60 -9.96
N MET C 1170 21.28 -45.05 -10.27
CA MET C 1170 21.47 -44.33 -11.51
C MET C 1170 21.34 -45.26 -12.71
N GLU C 1171 22.08 -46.38 -12.69
CA GLU C 1171 22.03 -47.44 -13.75
C GLU C 1171 20.66 -48.06 -13.97
N ARG C 1172 19.80 -47.95 -12.97
CA ARG C 1172 18.60 -48.76 -12.91
C ARG C 1172 17.73 -48.65 -14.13
N SER C 1173 17.24 -47.46 -14.43
CA SER C 1173 16.32 -47.29 -15.55
C SER C 1173 16.87 -47.85 -16.84
N SER C 1174 18.17 -47.67 -17.06
CA SER C 1174 18.84 -48.13 -18.26
C SER C 1174 18.73 -49.63 -18.39
N PHE C 1175 19.06 -50.32 -17.31
CA PHE C 1175 19.06 -51.77 -17.32
C PHE C 1175 17.64 -52.38 -17.35
N GLU C 1176 16.66 -51.71 -16.76
CA GLU C 1176 15.29 -52.25 -16.75
C GLU C 1176 14.60 -52.06 -18.11
N LYS C 1177 15.06 -51.08 -18.88
CA LYS C 1177 14.58 -50.87 -20.24
C LYS C 1177 15.09 -51.96 -21.22
N ASN C 1178 16.42 -52.11 -21.29
CA ASN C 1178 17.11 -53.02 -22.23
C ASN C 1178 18.10 -53.86 -21.45
N PRO C 1179 17.61 -54.91 -20.80
CA PRO C 1179 18.44 -55.56 -19.79
C PRO C 1179 19.63 -56.37 -20.32
N ILE C 1180 19.56 -56.82 -21.56
CA ILE C 1180 20.62 -57.63 -22.14
C ILE C 1180 21.58 -56.74 -22.89
N ASP C 1181 21.05 -55.70 -23.50
CA ASP C 1181 21.85 -54.69 -24.17
C ASP C 1181 22.76 -53.98 -23.14
N PHE C 1182 22.19 -53.65 -21.98
CA PHE C 1182 22.94 -53.11 -20.84
C PHE C 1182 23.99 -54.12 -20.44
N LEU C 1183 23.56 -55.38 -20.30
CA LEU C 1183 24.46 -56.42 -19.87
C LEU C 1183 25.56 -56.72 -20.91
N GLU C 1184 25.19 -56.69 -22.19
CA GLU C 1184 26.19 -56.90 -23.22
C GLU C 1184 27.19 -55.77 -23.10
N ALA C 1185 26.69 -54.59 -22.77
CA ALA C 1185 27.49 -53.38 -22.73
C ALA C 1185 28.60 -53.51 -21.72
N LYS C 1186 28.32 -54.21 -20.63
CA LYS C 1186 29.31 -54.40 -19.58
C LYS C 1186 30.22 -55.57 -19.93
N GLY C 1187 30.01 -56.12 -21.12
CA GLY C 1187 30.84 -57.20 -21.63
C GLY C 1187 30.37 -58.61 -21.42
N TYR C 1188 29.19 -58.77 -20.84
CA TYR C 1188 28.59 -60.10 -20.74
C TYR C 1188 28.10 -60.58 -22.11
N LYS C 1189 28.19 -61.88 -22.37
CA LYS C 1189 27.77 -62.44 -23.64
C LYS C 1189 27.06 -63.77 -23.47
N GLU C 1190 26.20 -64.15 -24.41
CA GLU C 1190 25.45 -65.43 -24.22
C GLU C 1190 24.67 -65.42 -22.90
N VAL C 1191 23.95 -64.32 -22.69
CA VAL C 1191 23.21 -64.07 -21.47
C VAL C 1191 21.94 -64.94 -21.45
N LYS C 1192 21.58 -65.44 -20.27
CA LYS C 1192 20.42 -66.34 -20.12
C LYS C 1192 19.24 -65.68 -19.38
N LYS C 1193 18.34 -65.11 -20.18
CA LYS C 1193 17.30 -64.15 -19.74
C LYS C 1193 16.49 -64.55 -18.52
N ASP C 1194 15.99 -65.78 -18.51
CA ASP C 1194 15.18 -66.25 -17.40
C ASP C 1194 15.98 -66.79 -16.22
N LEU C 1195 17.29 -66.61 -16.24
CA LEU C 1195 18.12 -66.86 -15.07
C LEU C 1195 18.78 -65.58 -14.53
N ILE C 1196 18.19 -64.43 -14.85
CA ILE C 1196 18.64 -63.17 -14.32
C ILE C 1196 17.76 -62.87 -13.11
N ILE C 1197 18.36 -62.88 -11.91
CA ILE C 1197 17.61 -62.90 -10.63
C ILE C 1197 17.85 -61.68 -9.72
N LYS C 1198 16.85 -60.82 -9.57
CA LYS C 1198 16.91 -59.65 -8.66
C LYS C 1198 17.24 -60.07 -7.22
N LEU C 1199 18.23 -59.42 -6.59
CA LEU C 1199 18.64 -59.77 -5.24
C LEU C 1199 18.73 -58.57 -4.29
N PRO C 1200 17.58 -57.98 -3.96
CA PRO C 1200 17.63 -56.78 -3.12
C PRO C 1200 18.33 -56.99 -1.77
N LYS C 1201 18.60 -55.91 -1.07
CA LYS C 1201 19.30 -55.96 0.23
C LYS C 1201 18.63 -56.89 1.22
N TYR C 1202 19.45 -57.64 1.95
CA TYR C 1202 19.03 -58.60 2.96
C TYR C 1202 18.48 -59.92 2.39
N SER C 1203 18.67 -60.20 1.10
CA SER C 1203 18.30 -61.51 0.51
C SER C 1203 19.03 -62.62 1.24
N LEU C 1204 18.41 -63.81 1.24
CA LEU C 1204 18.76 -64.87 2.18
C LEU C 1204 19.38 -66.07 1.50
N PHE C 1205 20.53 -66.51 1.98
CA PHE C 1205 21.13 -67.69 1.42
C PHE C 1205 21.40 -68.68 2.53
N GLU C 1206 21.04 -69.94 2.33
CA GLU C 1206 21.34 -70.93 3.33
C GLU C 1206 22.62 -71.65 2.98
N LEU C 1207 23.60 -71.45 3.83
CA LEU C 1207 24.90 -72.05 3.70
C LEU C 1207 24.83 -73.49 4.22
N GLU C 1208 25.90 -74.26 4.00
CA GLU C 1208 25.98 -75.62 4.47
C GLU C 1208 25.96 -75.68 5.99
N ASN C 1209 25.36 -76.71 6.56
CA ASN C 1209 25.38 -76.90 7.99
C ASN C 1209 24.41 -76.01 8.77
N GLY C 1210 23.42 -75.47 8.07
CA GLY C 1210 22.43 -74.64 8.71
C GLY C 1210 22.85 -73.19 8.87
N ARG C 1211 23.99 -72.85 8.28
CA ARG C 1211 24.42 -71.46 8.27
C ARG C 1211 23.60 -70.69 7.27
N LYS C 1212 23.19 -69.50 7.63
CA LYS C 1212 22.46 -68.62 6.72
C LYS C 1212 23.18 -67.29 6.62
N ARG C 1213 23.21 -66.74 5.41
CA ARG C 1213 23.80 -65.44 5.15
C ARG C 1213 22.85 -64.55 4.38
N MET C 1214 22.92 -63.27 4.72
CA MET C 1214 22.11 -62.21 4.12
C MET C 1214 22.94 -61.22 3.35
N LEU C 1215 22.31 -60.67 2.32
CA LEU C 1215 23.01 -59.91 1.31
C LEU C 1215 22.99 -58.43 1.61
N ALA C 1216 24.09 -57.90 2.11
CA ALA C 1216 24.20 -56.47 2.37
C ALA C 1216 24.49 -55.68 1.08
N SER C 1217 25.36 -56.22 0.23
CA SER C 1217 25.59 -55.63 -1.09
C SER C 1217 26.09 -56.72 -2.05
N ALA C 1218 26.40 -56.34 -3.28
CA ALA C 1218 26.96 -57.27 -4.28
C ALA C 1218 28.28 -57.97 -3.87
N GLY C 1219 28.93 -57.53 -2.79
CA GLY C 1219 30.17 -58.14 -2.29
C GLY C 1219 30.34 -58.32 -0.78
N GLU C 1220 29.28 -58.06 -0.02
CA GLU C 1220 29.31 -58.17 1.42
C GLU C 1220 28.07 -58.92 1.85
N LEU C 1221 28.25 -59.80 2.82
CA LEU C 1221 27.17 -60.58 3.39
C LEU C 1221 26.93 -60.16 4.85
N GLN C 1222 25.73 -60.35 5.34
CA GLN C 1222 25.42 -60.21 6.74
C GLN C 1222 25.11 -61.56 7.35
N LYS C 1223 25.41 -61.70 8.66
CA LYS C 1223 25.07 -62.89 9.44
C LYS C 1223 23.58 -63.13 9.27
N GLY C 1224 23.17 -64.37 9.06
CA GLY C 1224 21.74 -64.70 8.82
C GLY C 1224 21.08 -65.55 9.90
N ASN C 1225 21.85 -65.87 10.93
CA ASN C 1225 21.47 -66.84 11.93
C ASN C 1225 21.14 -66.11 13.25
N GLU C 1226 20.07 -66.60 13.90
CA GLU C 1226 19.58 -66.12 15.20
C GLU C 1226 19.93 -67.10 16.30
N LEU C 1227 20.47 -66.62 17.42
CA LEU C 1227 20.89 -67.48 18.53
C LEU C 1227 19.77 -67.77 19.53
N ALA C 1228 19.05 -68.87 19.35
CA ALA C 1228 18.00 -69.30 20.29
C ALA C 1228 18.64 -69.82 21.55
N LEU C 1229 18.52 -69.05 22.60
CA LEU C 1229 18.99 -69.47 23.89
C LEU C 1229 17.82 -70.01 24.73
N PRO C 1230 17.98 -71.21 25.33
CA PRO C 1230 16.98 -71.65 26.29
C PRO C 1230 16.53 -70.56 27.26
N SER C 1231 15.26 -70.64 27.61
CA SER C 1231 14.61 -69.67 28.45
C SER C 1231 15.23 -69.60 29.85
N LYS C 1232 15.60 -70.74 30.43
CA LYS C 1232 16.21 -70.75 31.76
C LYS C 1232 17.43 -69.83 31.80
N TYR C 1233 18.30 -69.94 30.79
CA TYR C 1233 19.55 -69.20 30.72
C TYR C 1233 19.33 -67.68 30.62
N VAL C 1234 18.23 -67.30 29.98
CA VAL C 1234 17.88 -65.89 29.79
C VAL C 1234 17.53 -65.19 31.11
N ASN C 1235 16.77 -65.87 31.95
CA ASN C 1235 16.39 -65.33 33.25
C ASN C 1235 17.59 -65.19 34.14
N PHE C 1236 18.60 -66.03 33.91
CA PHE C 1236 19.85 -66.00 34.67
C PHE C 1236 20.65 -64.77 34.33
N LEU C 1237 20.76 -64.47 33.03
CA LEU C 1237 21.52 -63.33 32.56
C LEU C 1237 20.88 -62.02 32.97
N TYR C 1238 19.56 -62.04 33.10
CA TYR C 1238 18.85 -60.89 33.57
C TYR C 1238 19.11 -60.69 35.05
N LEU C 1239 18.72 -61.65 35.88
CA LEU C 1239 18.83 -61.47 37.34
C LEU C 1239 20.23 -61.10 37.75
N ALA C 1240 21.19 -61.81 37.17
CA ALA C 1240 22.61 -61.61 37.48
C ALA C 1240 23.10 -60.24 37.07
N SER C 1241 22.76 -59.81 35.87
CA SER C 1241 23.15 -58.47 35.40
C SER C 1241 22.42 -57.33 36.10
N HIS C 1242 21.39 -57.67 36.85
CA HIS C 1242 20.55 -56.69 37.52
C HIS C 1242 20.75 -56.78 39.01
N TYR C 1243 21.83 -57.42 39.40
CA TYR C 1243 22.03 -57.80 40.77
C TYR C 1243 22.00 -56.56 41.63
N GLU C 1244 22.60 -55.49 41.14
CA GLU C 1244 22.69 -54.28 41.94
C GLU C 1244 21.33 -53.69 42.30
N LYS C 1245 20.43 -53.60 41.32
CA LYS C 1245 19.12 -53.02 41.58
C LYS C 1245 18.00 -53.96 41.17
N LEU C 1246 17.12 -54.30 42.09
CA LEU C 1246 16.05 -55.22 41.77
C LEU C 1246 14.61 -54.71 41.95
N LYS C 1247 14.40 -53.75 42.83
CA LYS C 1247 13.06 -53.23 43.03
C LYS C 1247 12.02 -54.31 43.38
N GLY C 1248 12.42 -55.24 44.25
CA GLY C 1248 11.51 -56.28 44.70
C GLY C 1248 11.69 -56.49 46.20
N SER C 1249 10.68 -57.05 46.87
CA SER C 1249 10.83 -57.23 48.32
C SER C 1249 12.24 -57.75 48.63
N PRO C 1250 12.88 -57.21 49.68
CA PRO C 1250 14.20 -57.73 50.07
C PRO C 1250 14.20 -59.23 50.43
N GLU C 1251 13.05 -59.78 50.82
CA GLU C 1251 12.95 -61.21 51.15
C GLU C 1251 13.06 -62.15 49.95
N ASP C 1252 12.58 -61.71 48.77
CA ASP C 1252 12.69 -62.50 47.51
C ASP C 1252 13.84 -62.07 46.60
N ASN C 1253 14.13 -60.77 46.59
CA ASN C 1253 15.36 -60.27 45.98
C ASN C 1253 16.62 -60.95 46.57
N GLU C 1254 16.57 -61.28 47.87
CA GLU C 1254 17.58 -62.12 48.52
C GLU C 1254 17.49 -63.58 48.07
N GLN C 1255 16.26 -64.05 47.81
CA GLN C 1255 16.03 -65.39 47.22
C GLN C 1255 16.47 -65.46 45.73
N LYS C 1256 16.37 -64.35 45.02
CA LYS C 1256 16.81 -64.24 43.61
C LYS C 1256 18.32 -64.20 43.41
N GLN C 1257 18.99 -63.52 44.32
CA GLN C 1257 20.45 -63.42 44.32
C GLN C 1257 21.13 -64.74 44.69
N LEU C 1258 20.52 -65.44 45.65
CA LEU C 1258 20.87 -66.83 45.94
C LEU C 1258 20.67 -67.72 44.70
N PHE C 1259 19.74 -67.35 43.83
CA PHE C 1259 19.53 -68.08 42.58
C PHE C 1259 20.70 -67.94 41.59
N VAL C 1260 21.25 -66.74 41.46
CA VAL C 1260 22.45 -66.60 40.59
C VAL C 1260 23.69 -67.22 41.23
N GLU C 1261 23.85 -67.01 42.55
CA GLU C 1261 24.96 -67.60 43.28
C GLU C 1261 24.96 -69.12 43.00
N GLN C 1262 23.82 -69.78 43.22
CA GLN C 1262 23.70 -71.24 42.97
C GLN C 1262 23.70 -71.66 41.49
N HIS C 1263 23.91 -70.72 40.57
CA HIS C 1263 23.86 -71.00 39.14
C HIS C 1263 25.03 -70.45 38.36
N LYS C 1264 26.15 -70.21 39.04
CA LYS C 1264 27.38 -69.77 38.39
C LYS C 1264 27.76 -70.70 37.22
N HIS C 1265 27.52 -72.00 37.39
CA HIS C 1265 27.77 -73.00 36.33
C HIS C 1265 27.00 -72.75 35.03
N TYR C 1266 25.90 -72.00 35.12
CA TYR C 1266 25.20 -71.48 33.94
C TYR C 1266 26.10 -70.78 32.92
N LEU C 1267 26.99 -69.93 33.42
CA LEU C 1267 27.98 -69.27 32.58
C LEU C 1267 28.65 -70.23 31.58
N ASP C 1268 29.21 -71.32 32.08
CA ASP C 1268 29.88 -72.29 31.20
C ASP C 1268 28.95 -72.94 30.20
N GLU C 1269 27.69 -73.15 30.60
CA GLU C 1269 26.67 -73.74 29.73
C GLU C 1269 26.26 -72.77 28.62
N ILE C 1270 26.17 -71.50 28.99
CA ILE C 1270 25.88 -70.45 28.03
C ILE C 1270 27.03 -70.35 27.01
N ILE C 1271 28.25 -70.21 27.50
CA ILE C 1271 29.38 -69.99 26.59
C ILE C 1271 29.41 -71.08 25.53
N GLU C 1272 29.15 -72.31 25.97
CA GLU C 1272 29.15 -73.47 25.09
C GLU C 1272 28.04 -73.29 24.07
N GLN C 1273 26.87 -72.89 24.55
CA GLN C 1273 25.76 -72.51 23.66
C GLN C 1273 26.27 -71.53 22.56
N ILE C 1274 27.00 -70.50 23.00
CA ILE C 1274 27.55 -69.52 22.07
C ILE C 1274 28.58 -70.14 21.16
N SER C 1275 29.58 -70.77 21.77
CA SER C 1275 30.72 -71.28 21.03
C SER C 1275 30.29 -72.29 19.97
N GLU C 1276 29.40 -73.20 20.34
CA GLU C 1276 28.92 -74.21 19.41
C GLU C 1276 28.22 -73.52 18.26
N PHE C 1277 27.48 -72.45 18.56
CA PHE C 1277 26.83 -71.65 17.52
C PHE C 1277 27.84 -71.00 16.58
N SER C 1278 28.73 -70.18 17.14
CA SER C 1278 29.57 -69.34 16.32
C SER C 1278 30.45 -70.17 15.42
N LYS C 1279 30.96 -71.28 15.94
CA LYS C 1279 31.73 -72.16 15.10
C LYS C 1279 30.84 -72.68 14.01
N ARG C 1280 29.62 -73.05 14.38
CA ARG C 1280 28.69 -73.58 13.42
C ARG C 1280 28.26 -72.59 12.35
N VAL C 1281 27.92 -71.37 12.75
CA VAL C 1281 27.44 -70.36 11.80
C VAL C 1281 28.21 -69.05 11.68
N ILE C 1282 28.86 -68.61 12.75
CA ILE C 1282 29.62 -67.38 12.69
C ILE C 1282 30.81 -67.48 11.76
N LEU C 1283 31.49 -68.63 11.81
CA LEU C 1283 32.68 -68.85 11.00
C LEU C 1283 33.75 -67.82 11.24
N ALA C 1284 33.90 -67.42 12.50
CA ALA C 1284 34.95 -66.51 12.89
C ALA C 1284 35.72 -67.14 14.03
N ASP C 1285 36.48 -68.16 13.71
CA ASP C 1285 37.18 -68.94 14.72
C ASP C 1285 38.22 -68.12 15.45
N ALA C 1286 38.96 -67.31 14.72
CA ALA C 1286 40.08 -66.62 15.33
C ALA C 1286 39.62 -65.70 16.44
N ASN C 1287 38.57 -64.94 16.19
CA ASN C 1287 38.02 -64.06 17.21
C ASN C 1287 37.42 -64.85 18.35
N LEU C 1288 36.73 -65.93 18.01
CA LEU C 1288 35.99 -66.70 18.98
C LEU C 1288 36.94 -67.23 20.02
N ASP C 1289 38.09 -67.69 19.57
CA ASP C 1289 39.09 -68.19 20.50
C ASP C 1289 39.53 -67.04 21.37
N LYS C 1290 39.72 -65.87 20.77
CA LYS C 1290 40.11 -64.68 21.52
C LYS C 1290 39.17 -64.45 22.71
N VAL C 1291 37.87 -64.71 22.50
CA VAL C 1291 36.90 -64.50 23.57
C VAL C 1291 36.99 -65.61 24.60
N LEU C 1292 37.07 -66.85 24.12
CA LEU C 1292 36.99 -67.99 25.01
C LEU C 1292 38.04 -67.87 26.11
N SER C 1293 39.23 -67.40 25.73
CA SER C 1293 40.37 -67.29 26.64
C SER C 1293 40.19 -66.16 27.65
N ALA C 1294 39.60 -65.07 27.20
CA ALA C 1294 39.29 -63.95 28.07
C ALA C 1294 38.16 -64.30 29.09
N TYR C 1295 37.35 -65.32 28.80
CA TYR C 1295 36.36 -65.83 29.78
C TYR C 1295 37.02 -66.64 30.89
N ASN C 1296 38.13 -67.31 30.56
CA ASN C 1296 38.91 -68.03 31.56
C ASN C 1296 39.72 -67.08 32.42
N LYS C 1297 40.25 -66.03 31.81
CA LYS C 1297 41.03 -65.03 32.53
C LYS C 1297 40.21 -64.27 33.58
N HIS C 1298 38.88 -64.42 33.56
CA HIS C 1298 38.01 -63.73 34.51
C HIS C 1298 37.00 -64.62 35.23
N ARG C 1299 37.18 -65.95 35.14
CA ARG C 1299 36.21 -66.90 35.74
C ARG C 1299 35.87 -66.60 37.19
N ASP C 1300 36.72 -65.85 37.89
CA ASP C 1300 36.51 -65.52 39.31
C ASP C 1300 36.01 -64.09 39.57
N LYS C 1301 35.78 -63.33 38.50
CA LYS C 1301 35.31 -61.95 38.61
C LYS C 1301 33.83 -61.98 38.95
N PRO C 1302 33.33 -60.95 39.67
CA PRO C 1302 31.98 -60.98 40.25
C PRO C 1302 30.90 -61.41 39.26
N ILE C 1303 29.91 -62.17 39.73
CA ILE C 1303 28.96 -62.75 38.80
C ILE C 1303 28.16 -61.63 38.11
N ARG C 1304 27.92 -60.49 38.78
CA ARG C 1304 27.39 -59.30 38.07
C ARG C 1304 28.26 -58.96 36.86
N GLU C 1305 29.55 -58.69 37.11
CA GLU C 1305 30.48 -58.22 36.06
C GLU C 1305 30.66 -59.22 34.91
N GLN C 1306 30.88 -60.49 35.24
CA GLN C 1306 30.94 -61.55 34.21
C GLN C 1306 29.71 -61.56 33.33
N ALA C 1307 28.55 -61.48 33.96
CA ALA C 1307 27.27 -61.55 33.23
C ALA C 1307 27.12 -60.39 32.26
N GLU C 1308 27.58 -59.23 32.69
CA GLU C 1308 27.41 -58.00 31.94
C GLU C 1308 28.18 -58.03 30.66
N ASN C 1309 29.35 -58.65 30.69
CA ASN C 1309 30.21 -58.79 29.52
C ASN C 1309 29.79 -59.94 28.61
N ILE C 1310 29.22 -60.98 29.21
CA ILE C 1310 28.54 -62.06 28.46
C ILE C 1310 27.39 -61.53 27.60
N ILE C 1311 26.80 -60.42 28.00
CA ILE C 1311 25.83 -59.78 27.15
C ILE C 1311 26.54 -59.18 25.92
N HIS C 1312 27.69 -58.55 26.13
CA HIS C 1312 28.40 -57.90 25.01
C HIS C 1312 28.73 -58.89 23.92
N LEU C 1313 29.12 -60.10 24.32
CA LEU C 1313 29.54 -61.13 23.37
C LEU C 1313 28.48 -61.45 22.34
N PHE C 1314 27.23 -61.16 22.67
CA PHE C 1314 26.11 -61.44 21.76
C PHE C 1314 26.18 -60.71 20.43
N THR C 1315 26.99 -59.65 20.33
CA THR C 1315 27.18 -58.95 19.05
C THR C 1315 28.07 -59.74 18.06
N LEU C 1316 28.72 -60.80 18.54
CA LEU C 1316 29.36 -61.75 17.64
C LEU C 1316 28.32 -62.60 16.93
N THR C 1317 27.33 -63.02 17.69
CA THR C 1317 26.30 -63.94 17.20
C THR C 1317 25.11 -63.26 16.56
N ASN C 1318 24.94 -61.97 16.87
CA ASN C 1318 23.80 -61.19 16.43
C ASN C 1318 23.53 -61.34 14.97
N LEU C 1319 22.28 -61.06 14.61
CA LEU C 1319 21.88 -61.06 13.24
C LEU C 1319 22.35 -59.76 12.66
N GLY C 1320 22.56 -59.75 11.35
CA GLY C 1320 22.86 -58.55 10.63
C GLY C 1320 24.33 -58.44 10.31
N ALA C 1321 24.82 -57.20 10.37
CA ALA C 1321 26.18 -56.85 9.99
C ALA C 1321 27.14 -57.07 11.14
N PRO C 1322 28.33 -57.59 10.86
CA PRO C 1322 29.29 -57.84 11.95
C PRO C 1322 29.78 -56.56 12.66
N ALA C 1323 30.02 -56.62 13.98
CA ALA C 1323 30.40 -55.43 14.74
C ALA C 1323 31.41 -55.69 15.84
N ALA C 1324 31.98 -54.58 16.32
CA ALA C 1324 33.06 -54.60 17.30
C ALA C 1324 32.50 -54.50 18.69
N PHE C 1325 33.16 -55.15 19.64
CA PHE C 1325 32.71 -55.14 21.02
C PHE C 1325 33.87 -55.36 21.98
N LYS C 1326 33.58 -55.40 23.27
CA LYS C 1326 34.60 -55.62 24.29
C LYS C 1326 34.12 -56.68 25.27
N TYR C 1327 35.03 -57.57 25.70
CA TYR C 1327 34.85 -58.42 26.90
C TYR C 1327 35.88 -57.92 27.92
N PHE C 1328 35.39 -57.18 28.92
CA PHE C 1328 36.24 -56.40 29.83
C PHE C 1328 37.17 -55.51 28.99
N ASP C 1329 38.48 -55.71 29.02
CA ASP C 1329 39.38 -54.90 28.21
C ASP C 1329 39.77 -55.53 26.88
N THR C 1330 39.69 -56.85 26.77
CA THR C 1330 39.92 -57.49 25.49
C THR C 1330 38.95 -56.88 24.45
N THR C 1331 39.44 -56.53 23.25
CA THR C 1331 38.65 -55.86 22.16
C THR C 1331 38.67 -56.66 20.83
N ILE C 1332 37.48 -57.10 20.39
CA ILE C 1332 37.35 -57.99 19.23
C ILE C 1332 36.94 -57.21 17.98
N ASP C 1333 37.82 -57.21 16.98
CA ASP C 1333 37.59 -56.47 15.73
C ASP C 1333 36.92 -57.42 14.74
N ARG C 1334 35.79 -56.97 14.20
CA ARG C 1334 34.87 -57.80 13.41
C ARG C 1334 35.57 -58.43 12.19
N LYS C 1335 35.46 -59.73 12.01
CA LYS C 1335 35.75 -60.40 10.70
C LYS C 1335 34.56 -60.09 9.81
N ARG C 1336 34.79 -59.49 8.65
CA ARG C 1336 33.69 -59.13 7.75
C ARG C 1336 33.55 -60.18 6.67
N TYR C 1337 32.33 -60.35 6.16
CA TYR C 1337 32.01 -61.43 5.21
C TYR C 1337 32.12 -60.93 3.79
N THR C 1338 33.37 -60.65 3.42
CA THR C 1338 33.71 -59.93 2.20
C THR C 1338 33.87 -60.87 0.99
N SER C 1339 33.28 -62.05 1.08
CA SER C 1339 33.27 -63.01 -0.02
C SER C 1339 31.84 -63.36 -0.24
N THR C 1340 31.39 -63.17 -1.46
CA THR C 1340 30.09 -63.61 -1.85
C THR C 1340 30.18 -64.89 -2.72
N LYS C 1341 31.36 -65.48 -2.92
CA LYS C 1341 31.53 -66.55 -3.93
C LYS C 1341 30.78 -67.83 -3.59
N GLU C 1342 30.84 -68.22 -2.32
CA GLU C 1342 30.21 -69.44 -1.84
C GLU C 1342 28.73 -69.36 -2.08
N VAL C 1343 28.18 -68.16 -1.92
CA VAL C 1343 26.75 -67.97 -1.97
C VAL C 1343 26.21 -68.41 -3.30
N LEU C 1344 26.99 -68.25 -4.35
CA LEU C 1344 26.49 -68.52 -5.68
C LEU C 1344 26.03 -69.96 -5.76
N ASP C 1345 26.77 -70.87 -5.14
CA ASP C 1345 26.44 -72.28 -5.21
C ASP C 1345 25.53 -72.75 -4.07
N ALA C 1346 25.14 -71.83 -3.20
CA ALA C 1346 24.33 -72.16 -2.04
C ALA C 1346 22.84 -72.20 -2.36
N THR C 1347 22.00 -72.30 -1.35
CA THR C 1347 20.57 -72.33 -1.56
C THR C 1347 19.91 -71.06 -1.10
N LEU C 1348 19.18 -70.42 -2.01
CA LEU C 1348 18.45 -69.17 -1.73
C LEU C 1348 17.11 -69.43 -1.06
N ILE C 1349 16.54 -68.42 -0.40
CA ILE C 1349 15.24 -68.58 0.22
C ILE C 1349 14.40 -67.35 -0.04
N HIS C 1350 13.30 -67.53 -0.77
CA HIS C 1350 12.26 -66.52 -0.79
C HIS C 1350 11.34 -66.81 0.37
N GLN C 1351 10.84 -65.77 1.04
CA GLN C 1351 9.96 -65.96 2.19
C GLN C 1351 8.68 -65.15 2.12
N SER C 1352 7.64 -65.66 2.77
CA SER C 1352 6.41 -64.92 2.97
C SER C 1352 6.68 -63.88 4.03
N ILE C 1353 5.86 -62.85 4.09
CA ILE C 1353 6.05 -61.82 5.11
C ILE C 1353 5.94 -62.52 6.44
N THR C 1354 5.01 -63.46 6.53
CA THR C 1354 4.87 -64.31 7.70
C THR C 1354 6.13 -65.12 7.89
N GLY C 1355 6.68 -65.56 6.76
CA GLY C 1355 7.85 -66.40 6.73
C GLY C 1355 7.47 -67.86 6.66
N LEU C 1356 6.19 -68.14 6.85
CA LEU C 1356 5.70 -69.49 6.75
C LEU C 1356 5.83 -70.05 5.34
N TYR C 1357 5.46 -69.23 4.36
CA TYR C 1357 5.43 -69.71 2.99
C TYR C 1357 6.74 -69.41 2.36
N GLU C 1358 7.41 -70.42 1.82
CA GLU C 1358 8.67 -70.18 1.18
C GLU C 1358 8.95 -71.01 -0.07
N THR C 1359 9.80 -70.45 -0.91
CA THR C 1359 10.27 -71.04 -2.16
C THR C 1359 11.81 -71.06 -2.11
N ARG C 1360 12.40 -72.25 -2.13
CA ARG C 1360 13.85 -72.41 -2.01
C ARG C 1360 14.40 -72.81 -3.35
N ILE C 1361 15.50 -72.18 -3.76
CA ILE C 1361 16.12 -72.47 -5.05
C ILE C 1361 17.60 -72.80 -4.82
N ASP C 1362 18.04 -73.96 -5.31
CA ASP C 1362 19.44 -74.41 -5.21
C ASP C 1362 20.25 -73.81 -6.36
N LEU C 1363 21.24 -72.98 -6.01
CA LEU C 1363 22.05 -72.27 -6.99
C LEU C 1363 23.22 -73.08 -7.57
N SER C 1364 23.55 -74.22 -6.96
CA SER C 1364 24.53 -75.12 -7.58
C SER C 1364 23.94 -75.79 -8.82
N GLN C 1365 22.61 -75.92 -8.88
CA GLN C 1365 21.95 -76.44 -10.07
C GLN C 1365 21.87 -75.43 -11.22
N LEU C 1366 22.34 -74.20 -11.01
CA LEU C 1366 22.60 -73.24 -12.10
C LEU C 1366 24.10 -73.17 -12.47
N GLY C 1367 24.38 -72.65 -13.67
CA GLY C 1367 25.60 -73.00 -14.40
C GLY C 1367 25.30 -74.23 -15.27
N GLY C 1368 24.03 -74.36 -15.67
CA GLY C 1368 23.50 -75.52 -16.39
C GLY C 1368 22.20 -75.14 -17.11
N ASP C 1369 21.57 -76.13 -17.76
CA ASP C 1369 20.49 -75.90 -18.76
C ASP C 1369 19.05 -76.08 -18.24
N THR E 2 14.26 -28.34 8.24
CA THR E 2 15.28 -27.44 7.72
C THR E 2 16.53 -27.59 8.51
N LEU E 3 16.76 -28.78 9.06
CA LEU E 3 17.99 -29.11 9.72
C LEU E 3 18.46 -30.43 9.19
N THR E 4 19.72 -30.48 8.81
CA THR E 4 20.32 -31.61 8.15
C THR E 4 19.87 -32.93 8.71
N ARG E 5 19.42 -33.84 7.87
CA ARG E 5 18.93 -35.12 8.33
C ARG E 5 19.86 -35.74 9.33
N ALA E 6 21.10 -35.89 8.87
CA ALA E 6 22.20 -36.42 9.64
C ALA E 6 22.53 -35.46 10.75
N GLN E 7 22.37 -34.20 10.43
CA GLN E 7 22.88 -33.13 11.26
C GLN E 7 22.25 -33.26 12.61
N LYS E 8 20.99 -33.66 12.64
CA LYS E 8 20.29 -33.77 13.91
C LYS E 8 20.98 -34.76 14.81
N LYS E 9 21.40 -35.89 14.26
CA LYS E 9 22.01 -36.92 15.09
C LYS E 9 23.29 -36.40 15.72
N TYR E 10 24.10 -35.71 14.94
CA TYR E 10 25.39 -35.27 15.40
C TYR E 10 25.10 -34.37 16.58
N ALA E 11 24.11 -33.52 16.42
CA ALA E 11 23.74 -32.66 17.51
C ALA E 11 23.27 -33.55 18.63
N GLU E 12 22.51 -34.57 18.26
CA GLU E 12 21.94 -35.43 19.26
C GLU E 12 23.09 -36.09 19.99
N ALA E 13 24.06 -36.55 19.22
CA ALA E 13 25.26 -37.10 19.81
C ALA E 13 25.95 -35.98 20.52
N MET E 14 25.96 -34.81 19.89
CA MET E 14 26.83 -33.75 20.35
C MET E 14 26.49 -33.33 21.75
N HIS E 15 25.21 -33.20 22.05
CA HIS E 15 24.83 -32.89 23.42
C HIS E 15 25.19 -34.03 24.34
N GLU E 16 24.90 -35.24 23.89
CA GLU E 16 25.12 -36.39 24.75
C GLU E 16 26.51 -36.23 25.30
N PHE E 17 27.42 -35.77 24.45
CA PHE E 17 28.80 -35.60 24.85
C PHE E 17 28.93 -34.58 25.96
N ILE E 18 28.20 -33.48 25.86
CA ILE E 18 28.33 -32.43 26.84
C ILE E 18 27.93 -33.00 28.19
N ASN E 19 26.94 -33.88 28.15
CA ASN E 19 26.38 -34.51 29.35
C ASN E 19 27.40 -35.35 30.08
N MET E 20 28.44 -35.76 29.38
CA MET E 20 29.53 -36.51 30.00
C MET E 20 30.05 -35.62 31.11
N VAL E 21 30.04 -34.32 30.84
CA VAL E 21 30.24 -33.28 31.85
C VAL E 21 31.69 -32.86 31.94
N ASP E 22 32.09 -31.99 31.03
CA ASP E 22 33.41 -31.38 31.08
C ASP E 22 33.25 -29.89 31.37
N ASP E 23 32.04 -29.38 31.23
CA ASP E 23 31.79 -27.97 31.51
C ASP E 23 32.74 -27.12 30.70
N PHE E 24 32.96 -27.54 29.45
CA PHE E 24 33.98 -26.92 28.59
C PHE E 24 33.86 -25.45 28.14
N GLU E 25 32.68 -25.03 27.71
CA GLU E 25 32.43 -23.60 27.47
C GLU E 25 32.91 -22.93 26.16
N GLU E 26 33.49 -23.66 25.21
CA GLU E 26 33.85 -23.07 23.92
C GLU E 26 32.99 -23.79 22.90
N SER E 27 32.16 -23.08 22.13
CA SER E 27 31.01 -23.82 21.58
C SER E 27 31.27 -24.72 20.36
N THR E 28 30.48 -25.79 20.25
CA THR E 28 30.84 -27.07 19.60
C THR E 28 30.96 -26.96 18.07
N PRO E 29 32.00 -27.59 17.46
CA PRO E 29 32.19 -27.33 16.02
C PRO E 29 31.29 -28.16 15.13
N ASP E 30 30.81 -27.56 14.03
CA ASP E 30 29.82 -28.17 13.14
C ASP E 30 30.40 -28.48 11.76
N PHE E 31 30.49 -29.75 11.42
CA PHE E 31 31.01 -30.14 10.12
C PHE E 31 30.04 -29.97 8.97
N ALA E 32 30.57 -29.87 7.75
CA ALA E 32 29.75 -29.59 6.58
C ALA E 32 28.80 -30.73 6.32
N LYS E 33 27.66 -30.44 5.72
CA LYS E 33 26.61 -31.43 5.61
C LYS E 33 27.03 -32.66 4.82
N GLU E 34 27.76 -32.47 3.74
CA GLU E 34 28.13 -33.59 2.90
C GLU E 34 28.99 -34.56 3.68
N VAL E 35 29.87 -34.02 4.50
CA VAL E 35 30.71 -34.84 5.36
C VAL E 35 29.83 -35.62 6.30
N LEU E 36 28.79 -34.98 6.78
CA LEU E 36 27.90 -35.58 7.76
C LEU E 36 27.07 -36.68 7.15
N HIS E 37 26.52 -36.45 5.96
CA HIS E 37 25.76 -37.48 5.29
C HIS E 37 26.69 -38.62 4.92
N ASP E 38 27.82 -38.24 4.37
CA ASP E 38 28.82 -39.19 3.93
C ASP E 38 29.48 -39.99 5.06
N SER E 39 29.76 -39.33 6.17
CA SER E 39 30.74 -39.80 7.14
C SER E 39 30.49 -41.14 7.77
N ASP E 40 29.24 -41.41 8.16
CA ASP E 40 28.81 -42.75 8.60
C ASP E 40 29.01 -43.13 10.08
N TYR E 41 29.66 -42.29 10.89
CA TYR E 41 29.84 -42.53 12.33
C TYR E 41 30.54 -41.35 12.98
N VAL E 42 30.26 -41.04 14.23
CA VAL E 42 30.82 -39.84 14.79
C VAL E 42 31.37 -39.95 16.16
N VAL E 43 32.68 -40.15 16.35
CA VAL E 43 33.23 -40.31 17.71
C VAL E 43 34.17 -39.25 18.32
N ILE E 44 34.40 -39.35 19.63
CA ILE E 44 35.24 -38.40 20.35
C ILE E 44 36.43 -39.05 21.04
N THR E 45 37.64 -38.55 20.77
CA THR E 45 38.85 -39.10 21.35
C THR E 45 39.36 -38.11 22.36
N LYS E 46 39.35 -38.48 23.64
CA LYS E 46 39.69 -37.52 24.66
C LYS E 46 41.11 -37.02 24.60
N ASN E 47 42.04 -37.95 24.50
CA ASN E 47 43.44 -37.61 24.53
C ASN E 47 43.79 -37.16 23.15
N GLU E 48 45.00 -36.67 22.94
CA GLU E 48 45.30 -36.06 21.68
C GLU E 48 45.36 -37.25 20.77
N LYS E 49 44.27 -38.01 20.81
CA LYS E 49 44.14 -39.14 19.90
C LYS E 49 43.17 -38.73 18.83
N TYR E 50 43.48 -38.84 17.54
CA TYR E 50 42.52 -38.28 16.67
C TYR E 50 41.87 -39.47 16.00
N ALA E 51 41.05 -40.16 16.77
CA ALA E 51 40.24 -41.25 16.26
C ALA E 51 41.01 -42.42 15.68
N VAL E 52 41.04 -43.54 16.38
CA VAL E 52 41.64 -44.76 15.90
C VAL E 52 40.77 -45.38 14.81
N ALA E 53 41.37 -45.77 13.69
CA ALA E 53 40.62 -46.38 12.61
C ALA E 53 40.00 -47.75 12.92
N LEU E 54 40.72 -48.62 13.60
CA LEU E 54 40.27 -49.98 13.89
C LEU E 54 40.45 -50.85 12.65
N CYS E 55 40.14 -52.13 12.73
CA CYS E 55 40.41 -53.01 11.60
C CYS E 55 39.43 -54.16 11.41
N SER E 56 39.39 -54.68 10.20
CA SER E 56 38.58 -55.84 9.89
C SER E 56 39.40 -56.94 9.23
N LEU E 57 39.36 -58.15 9.77
CA LEU E 57 39.84 -59.31 9.07
C LEU E 57 38.74 -59.83 8.20
N SER E 58 39.04 -60.14 6.96
CA SER E 58 38.02 -60.60 6.02
C SER E 58 37.83 -62.11 5.98
N THR E 59 36.61 -62.53 5.67
CA THR E 59 36.23 -63.94 5.68
C THR E 59 37.21 -64.70 4.80
N ASP E 60 37.60 -65.90 5.23
CA ASP E 60 38.53 -66.72 4.48
C ASP E 60 38.01 -66.98 3.07
N GLU E 63 44.73 -69.39 4.90
CA GLU E 63 44.06 -68.66 5.97
C GLU E 63 44.62 -67.25 6.06
N TYR E 64 44.59 -66.69 7.27
CA TYR E 64 45.08 -65.35 7.51
C TYR E 64 44.29 -64.30 6.78
N ASP E 65 43.47 -64.70 5.81
CA ASP E 65 42.48 -63.76 5.32
C ASP E 65 43.22 -62.54 4.78
N THR E 66 44.04 -61.95 5.63
CA THR E 66 44.84 -60.81 5.24
C THR E 66 45.69 -60.36 6.43
N ASN E 67 45.53 -61.03 7.56
CA ASN E 67 46.13 -60.58 8.80
C ASN E 67 45.52 -59.30 9.32
N LEU E 68 44.38 -58.91 8.77
CA LEU E 68 43.54 -57.83 9.30
C LEU E 68 43.82 -56.49 8.67
N TYR E 69 42.91 -56.01 7.84
CA TYR E 69 43.04 -54.71 7.20
C TYR E 69 42.55 -53.60 8.11
N LEU E 70 42.48 -52.38 7.58
CA LEU E 70 42.03 -51.22 8.35
C LEU E 70 40.61 -50.86 7.97
N ASP E 71 39.75 -50.70 8.96
CA ASP E 71 38.31 -50.61 8.69
C ASP E 71 37.81 -49.23 8.33
N GLU E 72 38.17 -48.27 9.15
CA GLU E 72 37.52 -46.98 9.11
C GLU E 72 38.41 -45.92 8.52
N LYS E 73 37.86 -45.13 7.63
CA LYS E 73 38.57 -44.04 7.01
C LYS E 73 38.16 -42.77 7.74
N LEU E 74 39.12 -41.90 8.06
CA LEU E 74 38.84 -40.71 8.89
C LEU E 74 38.22 -39.57 8.06
N VAL E 75 37.62 -38.59 8.74
CA VAL E 75 37.43 -37.23 8.22
C VAL E 75 37.96 -36.07 9.13
N ASP E 76 37.77 -34.83 8.68
CA ASP E 76 37.88 -33.59 9.47
C ASP E 76 37.39 -33.65 10.95
N TYR E 77 38.21 -33.10 11.86
CA TYR E 77 37.99 -33.14 13.32
C TYR E 77 38.39 -31.78 13.95
N SER E 78 37.77 -31.40 15.07
CA SER E 78 37.91 -30.04 15.63
C SER E 78 38.52 -30.08 17.03
N THR E 79 39.55 -29.29 17.27
CA THR E 79 40.26 -29.27 18.55
C THR E 79 39.44 -28.53 19.64
N VAL E 80 38.36 -29.16 20.10
CA VAL E 80 37.55 -28.58 21.19
C VAL E 80 38.31 -28.81 22.48
N ASP E 81 38.43 -27.79 23.33
CA ASP E 81 39.13 -27.91 24.63
C ASP E 81 38.17 -27.84 25.82
N VAL E 82 37.92 -29.00 26.45
CA VAL E 82 37.41 -29.05 27.83
C VAL E 82 38.49 -28.39 28.67
N ASN E 83 38.15 -27.91 29.86
CA ASN E 83 39.09 -27.13 30.69
C ASN E 83 40.48 -27.73 30.72
N GLY E 84 40.55 -28.97 31.15
CA GLY E 84 41.82 -29.64 31.34
C GLY E 84 42.63 -29.93 30.10
N VAL E 85 41.96 -30.42 29.07
CA VAL E 85 42.65 -30.90 27.89
C VAL E 85 41.77 -30.90 26.66
N THR E 86 42.40 -30.92 25.50
CA THR E 86 41.69 -30.94 24.25
C THR E 86 40.97 -32.25 24.02
N TYR E 87 39.77 -32.18 23.49
CA TYR E 87 39.06 -33.36 23.03
C TYR E 87 38.91 -33.18 21.55
N TYR E 88 39.31 -34.18 20.79
CA TYR E 88 39.22 -34.03 19.34
C TYR E 88 37.98 -34.76 18.87
N ILE E 89 37.00 -33.99 18.42
CA ILE E 89 35.82 -34.57 17.83
C ILE E 89 36.30 -35.26 16.57
N ASN E 90 35.84 -36.48 16.35
CA ASN E 90 36.26 -37.19 15.16
C ASN E 90 35.04 -37.67 14.43
N ILE E 91 35.00 -37.45 13.13
CA ILE E 91 34.00 -38.10 12.31
C ILE E 91 34.74 -39.23 11.65
N VAL E 92 34.19 -40.42 11.74
CA VAL E 92 34.81 -41.56 11.12
C VAL E 92 33.93 -41.97 9.99
N GLU E 93 34.51 -42.16 8.82
CA GLU E 93 33.75 -42.62 7.69
C GLU E 93 33.64 -44.10 7.88
N THR E 94 33.11 -44.80 6.88
CA THR E 94 33.02 -46.24 6.97
C THR E 94 33.82 -46.81 5.84
N ASN E 95 34.70 -47.75 6.12
CA ASN E 95 35.51 -48.31 5.06
C ASN E 95 34.57 -49.01 4.11
N ASP E 96 34.69 -48.72 2.82
CA ASP E 96 33.87 -49.39 1.84
C ASP E 96 34.47 -50.76 1.63
N ILE E 97 33.64 -51.74 1.28
CA ILE E 97 34.13 -53.11 1.17
C ILE E 97 35.20 -53.29 0.10
N ASP E 98 34.98 -52.68 -1.06
CA ASP E 98 35.88 -52.87 -2.19
C ASP E 98 37.28 -52.34 -1.91
N ASP E 99 37.35 -51.18 -1.27
CA ASP E 99 38.61 -50.60 -0.90
C ASP E 99 39.22 -51.38 0.24
N LEU E 100 40.55 -51.39 0.33
CA LEU E 100 41.22 -52.08 1.43
C LEU E 100 42.57 -51.49 1.87
N GLU E 101 42.97 -51.75 3.12
CA GLU E 101 44.32 -51.42 3.61
C GLU E 101 44.71 -52.21 4.87
N ILE E 102 46.00 -52.33 5.16
CA ILE E 102 46.46 -52.98 6.40
C ILE E 102 47.60 -52.25 7.14
N ALA E 103 47.48 -52.04 8.44
CA ALA E 103 48.57 -51.42 9.21
C ALA E 103 48.91 -52.14 10.51
N THR E 104 50.16 -52.54 10.66
CA THR E 104 50.60 -53.22 11.87
C THR E 104 50.56 -52.36 13.12
N ASP E 105 50.99 -51.12 13.00
CA ASP E 105 51.18 -50.24 14.15
C ASP E 105 49.90 -49.90 14.90
N GLU E 106 48.83 -49.66 14.17
CA GLU E 106 47.67 -48.98 14.72
C GLU E 106 47.10 -49.72 15.90
N ASP E 107 47.03 -51.04 15.79
CA ASP E 107 46.46 -51.84 16.87
C ASP E 107 46.89 -51.34 18.26
N GLU E 108 48.14 -50.93 18.41
CA GLU E 108 48.58 -50.41 19.70
C GLU E 108 47.82 -49.14 20.07
N MET E 109 47.58 -48.29 19.08
CA MET E 109 46.85 -47.03 19.27
C MET E 109 45.37 -47.24 19.66
N LYS E 110 44.68 -48.18 19.01
CA LYS E 110 43.27 -48.47 19.33
C LYS E 110 43.09 -48.95 20.79
N SER E 111 43.93 -49.87 21.25
CA SER E 111 43.85 -50.38 22.63
C SER E 111 44.11 -49.27 23.68
N GLY E 112 45.17 -48.48 23.48
CA GLY E 112 45.62 -47.48 24.48
C GLY E 112 45.04 -46.07 24.26
N ASN E 113 44.12 -45.93 23.31
CA ASN E 113 43.40 -44.67 23.08
C ASN E 113 42.00 -44.78 23.63
N GLN E 114 41.57 -43.80 24.41
CA GLN E 114 40.24 -43.82 25.00
C GLN E 114 39.28 -42.89 24.28
N GLU E 115 38.21 -43.45 23.72
CA GLU E 115 37.20 -42.63 23.05
C GLU E 115 35.98 -42.56 23.94
N ILE E 116 35.64 -41.36 24.36
CA ILE E 116 34.57 -41.19 25.33
C ILE E 116 33.20 -41.63 24.82
N ILE E 117 32.88 -41.32 23.57
CA ILE E 117 31.59 -41.67 23.03
C ILE E 117 31.61 -41.85 21.53
N LEU E 118 30.88 -42.84 21.05
CA LEU E 118 30.71 -43.04 19.63
C LEU E 118 29.23 -43.22 19.32
N LYS E 119 28.72 -42.50 18.34
CA LYS E 119 27.31 -42.60 17.96
C LYS E 119 27.17 -42.59 16.45
N SER E 120 26.10 -43.21 15.95
CA SER E 120 25.97 -43.44 14.52
C SER E 120 24.97 -42.50 13.87
N GLU E 121 25.27 -42.07 12.66
CA GLU E 121 24.39 -41.16 11.94
C GLU E 121 23.95 -41.74 10.61
N THR F 2 -24.23 32.57 -24.69
CA THR F 2 -23.07 32.99 -23.89
C THR F 2 -23.33 32.74 -22.42
N LEU F 3 -23.56 33.80 -21.65
CA LEU F 3 -23.65 33.62 -20.20
C LEU F 3 -24.00 34.88 -19.44
N THR F 4 -24.91 34.75 -18.48
CA THR F 4 -25.40 35.86 -17.67
C THR F 4 -24.28 36.46 -16.86
N ARG F 5 -24.26 37.77 -16.71
CA ARG F 5 -23.12 38.37 -16.01
C ARG F 5 -23.12 37.80 -14.61
N ALA F 6 -24.29 37.76 -14.00
CA ALA F 6 -24.42 37.19 -12.66
C ALA F 6 -24.11 35.72 -12.71
N GLN F 7 -24.57 35.06 -13.76
CA GLN F 7 -24.44 33.63 -13.81
C GLN F 7 -22.98 33.25 -13.79
N LYS F 8 -22.18 34.00 -14.54
CA LYS F 8 -20.79 33.62 -14.66
C LYS F 8 -20.08 33.79 -13.34
N LYS F 9 -20.40 34.85 -12.61
CA LYS F 9 -19.74 35.06 -11.34
C LYS F 9 -20.22 34.08 -10.30
N TYR F 10 -21.21 33.27 -10.64
CA TYR F 10 -21.60 32.18 -9.77
C TYR F 10 -20.90 30.90 -10.18
N ALA F 11 -20.80 30.64 -11.48
CA ALA F 11 -20.19 29.40 -11.94
C ALA F 11 -18.79 29.25 -11.35
N GLU F 12 -18.04 30.35 -11.35
CA GLU F 12 -16.72 30.38 -10.72
C GLU F 12 -16.86 30.13 -9.23
N ALA F 13 -17.86 30.75 -8.64
CA ALA F 13 -18.24 30.47 -7.25
C ALA F 13 -18.43 28.98 -7.03
N MET F 14 -19.08 28.35 -7.99
CA MET F 14 -19.25 26.91 -7.98
C MET F 14 -17.96 26.12 -8.08
N HIS F 15 -17.01 26.59 -8.89
CA HIS F 15 -15.69 25.95 -8.98
C HIS F 15 -15.02 25.95 -7.62
N GLU F 16 -15.02 27.10 -6.96
CA GLU F 16 -14.39 27.23 -5.65
C GLU F 16 -14.94 26.21 -4.61
N PHE F 17 -16.23 25.90 -4.68
CA PHE F 17 -16.79 24.94 -3.75
C PHE F 17 -16.28 23.51 -3.97
N ILE F 18 -16.15 23.10 -5.22
CA ILE F 18 -15.53 21.83 -5.51
C ILE F 18 -14.09 21.92 -5.04
N ASN F 19 -13.56 23.14 -5.03
CA ASN F 19 -12.21 23.39 -4.57
C ASN F 19 -12.10 22.94 -3.13
N MET F 20 -13.16 23.09 -2.36
CA MET F 20 -13.15 22.59 -1.00
C MET F 20 -12.93 21.09 -1.10
N VAL F 21 -13.60 20.47 -2.06
CA VAL F 21 -13.27 19.12 -2.48
C VAL F 21 -13.79 18.03 -1.57
N ASP F 22 -14.78 17.29 -2.05
CA ASP F 22 -15.09 15.98 -1.52
C ASP F 22 -15.11 14.97 -2.66
N ASP F 23 -14.62 15.38 -3.83
CA ASP F 23 -14.96 14.65 -5.07
C ASP F 23 -16.40 14.03 -4.99
N PHE F 24 -17.38 14.90 -4.76
CA PHE F 24 -18.77 14.52 -4.48
C PHE F 24 -19.50 13.73 -5.57
N GLU F 25 -19.34 14.12 -6.83
CA GLU F 25 -19.82 13.32 -7.98
C GLU F 25 -21.26 13.50 -8.48
N GLU F 26 -22.07 14.34 -7.85
CA GLU F 26 -23.40 14.65 -8.36
C GLU F 26 -23.29 16.10 -8.75
N SER F 27 -23.56 16.46 -10.00
CA SER F 27 -22.96 17.74 -10.43
C SER F 27 -23.80 18.98 -10.11
N THR F 28 -23.12 20.09 -9.81
CA THR F 28 -23.74 21.16 -8.99
C THR F 28 -24.82 21.92 -9.73
N PRO F 29 -25.87 22.39 -9.03
CA PRO F 29 -27.00 22.91 -9.79
C PRO F 29 -27.08 24.43 -9.82
N ASP F 30 -27.73 24.99 -10.84
CA ASP F 30 -27.87 26.42 -11.03
C ASP F 30 -29.35 26.83 -11.05
N PHE F 31 -29.64 27.93 -10.39
CA PHE F 31 -30.96 28.51 -10.37
C PHE F 31 -31.19 29.36 -11.60
N ALA F 32 -32.44 29.70 -11.89
CA ALA F 32 -32.77 30.38 -13.12
C ALA F 32 -32.06 31.70 -13.15
N LYS F 33 -31.80 32.22 -14.35
CA LYS F 33 -30.95 33.37 -14.50
C LYS F 33 -31.48 34.56 -13.74
N GLU F 34 -32.79 34.71 -13.78
CA GLU F 34 -33.45 35.85 -13.16
C GLU F 34 -33.23 35.88 -11.66
N VAL F 35 -33.30 34.71 -11.03
CA VAL F 35 -33.08 34.60 -9.60
C VAL F 35 -31.68 35.03 -9.25
N LEU F 36 -30.74 34.70 -10.11
CA LEU F 36 -29.34 34.98 -9.85
C LEU F 36 -28.99 36.44 -9.99
N HIS F 37 -29.50 37.10 -11.03
CA HIS F 37 -29.28 38.55 -11.20
C HIS F 37 -29.86 39.31 -10.00
N ASP F 38 -31.09 38.96 -9.62
CA ASP F 38 -31.78 39.60 -8.50
C ASP F 38 -31.11 39.31 -7.13
N SER F 39 -30.77 38.04 -6.91
CA SER F 39 -30.13 37.61 -5.67
C SER F 39 -28.73 38.27 -5.56
N ASP F 40 -28.31 38.65 -4.37
CA ASP F 40 -27.05 39.41 -4.22
C ASP F 40 -25.84 38.62 -3.76
N TYR F 41 -26.02 37.38 -3.30
CA TYR F 41 -24.95 36.67 -2.55
C TYR F 41 -25.17 35.18 -2.60
N VAL F 42 -24.09 34.43 -2.79
CA VAL F 42 -24.19 32.99 -2.80
C VAL F 42 -23.40 32.46 -1.65
N VAL F 43 -24.07 31.71 -0.78
CA VAL F 43 -23.42 31.13 0.36
C VAL F 43 -23.68 29.64 0.35
N ILE F 44 -22.67 28.86 0.70
CA ILE F 44 -22.84 27.43 0.89
C ILE F 44 -22.70 27.06 2.35
N THR F 45 -23.68 26.33 2.88
CA THR F 45 -23.64 25.88 4.26
C THR F 45 -23.56 24.37 4.33
N LYS F 46 -22.54 23.84 4.98
CA LYS F 46 -22.34 22.41 5.07
C LYS F 46 -23.06 21.79 6.24
N ASN F 47 -22.83 20.51 6.45
CA ASN F 47 -23.35 19.84 7.61
C ASN F 47 -24.86 19.95 7.75
N GLU F 48 -25.55 19.78 6.63
CA GLU F 48 -26.99 19.61 6.62
C GLU F 48 -27.82 20.73 7.27
N LYS F 49 -27.44 21.98 7.09
CA LYS F 49 -28.28 23.07 7.56
C LYS F 49 -28.45 24.21 6.55
N TYR F 50 -29.64 24.82 6.56
CA TYR F 50 -29.98 25.88 5.63
C TYR F 50 -29.18 27.15 5.89
N ALA F 51 -28.88 27.88 4.83
CA ALA F 51 -27.99 29.03 4.88
C ALA F 51 -28.52 30.32 5.55
N VAL F 52 -27.62 30.98 6.27
CA VAL F 52 -27.63 32.43 6.54
C VAL F 52 -28.90 33.04 7.14
N ALA F 53 -29.36 34.16 6.58
CA ALA F 53 -30.49 34.93 7.09
C ALA F 53 -30.14 35.89 8.24
N LEU F 54 -28.86 36.14 8.45
CA LEU F 54 -28.40 36.96 9.58
C LEU F 54 -28.92 38.41 9.59
N CYS F 55 -29.22 38.89 10.79
CA CYS F 55 -29.81 40.19 11.03
C CYS F 55 -28.87 41.37 10.77
N SER F 56 -29.47 42.54 10.61
CA SER F 56 -28.73 43.79 10.51
C SER F 56 -29.45 44.91 11.27
N LEU F 57 -28.79 45.48 12.26
CA LEU F 57 -29.45 46.48 13.12
C LEU F 57 -29.37 47.90 12.59
N SER F 58 -30.48 48.37 12.03
CA SER F 58 -30.54 49.70 11.45
C SER F 58 -30.48 50.78 12.52
N THR F 59 -30.01 51.96 12.15
CA THR F 59 -29.96 53.10 13.08
C THR F 59 -31.34 53.48 13.58
N ASN F 67 -34.96 46.20 18.36
CA ASN F 67 -33.62 46.64 17.99
C ASN F 67 -33.19 46.05 16.65
N LEU F 68 -32.55 44.89 16.69
CA LEU F 68 -32.09 44.22 15.48
C LEU F 68 -33.21 43.65 14.62
N TYR F 69 -33.06 43.76 13.30
CA TYR F 69 -34.03 43.17 12.38
C TYR F 69 -33.32 42.28 11.38
N LEU F 70 -34.03 41.33 10.78
CA LEU F 70 -33.43 40.46 9.77
C LEU F 70 -32.96 41.20 8.51
N ASP F 71 -31.80 40.81 8.00
CA ASP F 71 -31.16 41.49 6.86
C ASP F 71 -31.17 40.73 5.55
N GLU F 72 -30.92 39.46 5.62
CA GLU F 72 -30.72 38.69 4.38
C GLU F 72 -31.93 37.79 4.09
N LYS F 73 -32.44 37.83 2.88
CA LYS F 73 -33.63 37.09 2.54
C LYS F 73 -33.18 35.89 1.72
N LEU F 74 -33.70 34.70 2.02
CA LEU F 74 -33.29 33.48 1.31
C LEU F 74 -33.93 33.39 -0.08
N VAL F 75 -33.41 32.53 -0.97
CA VAL F 75 -34.18 31.89 -2.07
C VAL F 75 -33.97 30.34 -2.15
N ASP F 76 -34.31 29.68 -3.27
CA ASP F 76 -34.01 28.25 -3.47
C ASP F 76 -32.57 27.78 -3.21
N TYR F 77 -32.49 26.59 -2.63
CA TYR F 77 -31.25 25.93 -2.23
C TYR F 77 -31.40 24.47 -2.65
N SER F 78 -30.28 23.84 -2.94
CA SER F 78 -30.25 22.47 -3.40
C SER F 78 -29.41 21.67 -2.44
N THR F 79 -29.91 20.52 -2.01
CA THR F 79 -29.16 19.71 -1.07
C THR F 79 -28.17 18.84 -1.82
N VAL F 80 -27.12 19.45 -2.33
CA VAL F 80 -26.09 18.66 -2.98
C VAL F 80 -25.41 17.82 -1.92
N ASP F 81 -25.13 16.56 -2.23
CA ASP F 81 -24.66 15.63 -1.22
C ASP F 81 -23.21 15.20 -1.40
N VAL F 82 -22.40 15.51 -0.39
CA VAL F 82 -21.03 15.04 -0.30
C VAL F 82 -21.16 13.62 0.21
N ASN F 83 -20.08 12.87 0.22
CA ASN F 83 -20.19 11.45 0.50
C ASN F 83 -20.87 11.27 1.85
N GLY F 84 -20.53 12.11 2.82
CA GLY F 84 -21.24 12.01 4.08
C GLY F 84 -22.59 12.69 4.12
N VAL F 85 -22.63 13.98 3.78
CA VAL F 85 -23.77 14.81 4.22
C VAL F 85 -24.17 15.92 3.25
N THR F 86 -25.40 16.38 3.44
CA THR F 86 -26.01 17.40 2.63
C THR F 86 -25.24 18.70 2.77
N TYR F 87 -24.94 19.30 1.64
CA TYR F 87 -24.39 20.61 1.59
C TYR F 87 -25.42 21.29 0.74
N TYR F 88 -26.09 22.28 1.33
CA TYR F 88 -27.00 23.15 0.61
C TYR F 88 -26.17 24.15 -0.14
N ILE F 89 -26.61 24.55 -1.33
CA ILE F 89 -26.04 25.74 -1.92
C ILE F 89 -27.03 26.86 -1.73
N ASN F 90 -27.11 27.36 -0.51
CA ASN F 90 -28.07 28.39 -0.19
C ASN F 90 -27.76 29.64 -0.99
N ILE F 91 -28.80 30.29 -1.49
CA ILE F 91 -28.69 31.55 -2.21
C ILE F 91 -29.31 32.62 -1.34
N VAL F 92 -28.61 33.73 -1.18
CA VAL F 92 -29.09 34.77 -0.29
C VAL F 92 -29.40 36.00 -1.10
N GLU F 93 -30.59 36.56 -0.90
CA GLU F 93 -30.94 37.81 -1.53
C GLU F 93 -30.86 38.88 -0.47
N THR F 94 -30.05 39.90 -0.75
CA THR F 94 -29.89 41.01 0.17
C THR F 94 -31.21 41.69 0.34
N ASN F 95 -31.49 42.20 1.54
CA ASN F 95 -32.77 42.85 1.81
C ASN F 95 -32.92 44.32 1.42
N ASP F 96 -34.05 44.65 0.79
CA ASP F 96 -34.43 46.04 0.51
C ASP F 96 -34.74 46.72 1.84
N ILE F 97 -34.45 48.01 1.95
CA ILE F 97 -34.53 48.70 3.24
C ILE F 97 -35.88 48.82 3.96
N ASP F 98 -36.95 49.17 3.24
CA ASP F 98 -38.25 49.42 3.90
C ASP F 98 -38.86 48.19 4.56
N ASP F 99 -38.73 47.07 3.87
CA ASP F 99 -39.24 45.78 4.22
C ASP F 99 -38.20 45.24 5.19
N LEU F 100 -38.64 44.83 6.37
CA LEU F 100 -37.76 44.21 7.34
C LEU F 100 -38.57 43.50 8.42
N GLU F 101 -37.94 42.58 9.13
CA GLU F 101 -38.64 41.91 10.20
C GLU F 101 -37.77 42.02 11.44
N ILE F 102 -38.26 41.55 12.57
CA ILE F 102 -37.48 41.54 13.79
C ILE F 102 -37.23 40.11 14.28
N ALA F 103 -35.97 39.78 14.48
CA ALA F 103 -35.56 38.41 14.78
C ALA F 103 -35.81 38.01 16.22
N THR F 104 -35.90 36.71 16.49
CA THR F 104 -35.99 36.25 17.87
C THR F 104 -34.92 35.23 18.24
N ASP F 105 -35.23 33.96 18.01
CA ASP F 105 -34.33 32.85 18.28
C ASP F 105 -33.13 32.91 17.36
N GLU F 106 -33.32 33.51 16.19
CA GLU F 106 -32.39 33.37 15.09
C GLU F 106 -31.01 33.87 15.45
N ASP F 107 -30.90 34.83 16.35
CA ASP F 107 -29.57 35.35 16.64
C ASP F 107 -28.72 34.16 17.07
N GLU F 108 -29.34 33.24 17.81
CA GLU F 108 -28.73 31.95 18.17
C GLU F 108 -28.34 31.13 16.92
N MET F 109 -29.16 31.17 15.87
CA MET F 109 -28.91 30.43 14.64
C MET F 109 -27.66 30.90 13.90
N LYS F 110 -27.48 32.21 13.79
CA LYS F 110 -26.32 32.77 13.07
C LYS F 110 -24.99 32.37 13.73
N SER F 111 -24.96 32.41 15.07
CA SER F 111 -23.78 32.00 15.83
C SER F 111 -23.39 30.51 15.66
N GLY F 112 -24.38 29.62 15.72
CA GLY F 112 -24.14 28.16 15.67
C GLY F 112 -24.08 27.56 14.25
N ASN F 113 -24.17 28.39 13.21
CA ASN F 113 -23.92 27.94 11.83
C ASN F 113 -22.49 28.18 11.36
N GLN F 114 -21.91 27.15 10.75
CA GLN F 114 -20.63 27.24 10.09
C GLN F 114 -20.86 27.15 8.59
N GLU F 115 -20.43 28.17 7.84
CA GLU F 115 -20.58 28.17 6.40
C GLU F 115 -19.25 28.30 5.69
N ILE F 116 -18.98 27.40 4.75
CA ILE F 116 -17.69 27.39 4.08
C ILE F 116 -17.38 28.63 3.26
N ILE F 117 -18.34 29.10 2.48
CA ILE F 117 -18.08 30.25 1.60
C ILE F 117 -19.25 31.21 1.44
N LEU F 118 -18.92 32.49 1.36
CA LEU F 118 -19.86 33.49 0.88
C LEU F 118 -19.17 34.30 -0.20
N LYS F 119 -19.80 34.41 -1.37
CA LYS F 119 -19.18 35.14 -2.46
C LYS F 119 -20.09 36.25 -2.98
N SER F 120 -19.56 37.46 -3.09
CA SER F 120 -20.34 38.54 -3.65
C SER F 120 -20.62 38.18 -5.09
N GLU F 121 -21.80 38.55 -5.58
CA GLU F 121 -22.23 38.18 -6.92
C GLU F 121 -22.45 39.36 -7.84
N LEU F 122 -23.35 40.24 -7.46
CA LEU F 122 -23.73 41.32 -8.35
C LEU F 122 -22.47 42.11 -8.59
N LYS F 123 -21.64 42.26 -7.57
CA LYS F 123 -20.39 42.98 -7.71
C LYS F 123 -19.23 42.02 -7.95
#